data_7UDH
#
_entry.id   7UDH
#
_cell.length_a   258.330
_cell.length_b   144.670
_cell.length_c   105.060
_cell.angle_alpha   90.000
_cell.angle_beta   90.000
_cell.angle_gamma   90.000
#
_symmetry.space_group_name_H-M   'P 21 21 2'
#
loop_
_entity.id
_entity.type
_entity.pdbx_description
1 polymer 'Integrin alpha-IIb heavy chain'
2 polymer 'Isoform Beta-3C of Integrin beta-3'
3 polymer '10E5 Fab heavy chain'
4 polymer '10E5 Fab light chain'
5 branched alpha-D-mannopyranose-(1-3)-beta-D-mannopyranose-(1-4)-2-acetamido-2-deoxy-beta-D-glucopyranose-(1-4)-2-acetamido-2-deoxy-beta-D-glucopyranose
6 branched 2-acetamido-2-deoxy-beta-D-glucopyranose-(1-4)-2-acetamido-2-deoxy-beta-D-glucopyranose
7 branched alpha-D-mannopyranose-(1-3)-[alpha-D-mannopyranose-(1-6)]beta-D-mannopyranose-(1-4)-2-acetamido-2-deoxy-beta-D-glucopyranose-(1-4)-2-acetamido-2-deoxy-beta-D-glucopyranose
8 non-polymer 'SULFATE ION'
9 non-polymer 'CALCIUM ION'
10 non-polymer 'MANGANESE (II) ION'
11 non-polymer 2-acetamido-2-deoxy-beta-D-glucopyranose
12 non-polymer '(4-{[(5S)-3-(piperidin-4-yl)-4,5-dihydro-1,2-oxazol-5-yl]methyl}piperazin-1-yl)acetic acid'
13 non-polymer alpha-D-mannopyranose
14 non-polymer 'CHLORIDE ION'
15 water water
#
loop_
_entity_poly.entity_id
_entity_poly.type
_entity_poly.pdbx_seq_one_letter_code
_entity_poly.pdbx_strand_id
1 'polypeptide(L)'
;LNLDPVQLTFYAGPNGSQFGFSLDFHKDSHGRVAIVVGAPRTLGPSQEETGGVFLCPWRAEGGQCPSLLFDLRDETRNVG
SQTLQTFKARQGLGASVVSWSDVIVACAPWQHWNVLEKTEEAEKTPVGSCFLAQPESGRRAEYSPCRGNTLSRIYVENDF
SWDKRYCEAGFSSVVTQAGELVLGAPGGYYFLGLLAQAPVADIFSSYRPGILLWHVSSQSLSFDSSNPEYFDGYWGYSVA
VGEFDGDLNTTEYVVGAPTWSWTLGAVEILDSYYQRLHRLRGEQMASYFGHSVAVTDVNGDGRHDLLVGAPLYMESRADR
KLAEVGRVYLFLQPRGPHALGAPSLLLTGTQLYGRFGSAIAPLGDLDRDGYNDIAVAAPYGGPSGRGQVLVFLGQSEGLR
SRPSQVLDSPFPTGSAFGFSLRGAVDIDDNGYPDLIVGAYGANQVAVYRAQPVVKAS
;
A,C
2 'polypeptide(L)'
;GPNICTTRGVSSCQQCLAVSPMCAWCSDEALPLGSPRCDLKENLLKDNCAPESIEFPVSEARVLEDRPLSDKGSGDSSQV
TQVSPQRIALRLRPDDSKNFSIQVRQVEDYPVDIYYLMDLSYSMKDDLWSIQNLGTKLATQMRKLTSNLRIGFGAFVDKP
VSPYMYISPPEALENPCYDMKTTCLPMFGYKHVLTLTDQVTRFNEEVKKQSVSRNRDAPEGGFDAIMQATVCDEKIGWRN
DASHLLVFTTDAKTHIALDGRLAGIVQPNDGQCHVGSDNHYSASTTMDYPSLGLMTEKLSQKNINLIFAVTENVVNLYQN
YSELIPGTTVGVLSMDSSNVLQLIVDAYGKIRSKVELEVRDLPEELSLSFNATCLNNEVIPGLKSCMGLKIGDTVSFSIE
AKVRGCPQEKEKSFTIKPVGFKDSLIVQVTFDCDCACQAQAEPNSHRCNNGNGTFECGVCRCGPGWLGSQCE
;
B,D
3 'polypeptide(L)'
;EVQLQQSGAELVKPGASVKLSCTASGFNIKDTYVHWVKQRPEQGLEWIGRIDPANGYTKYDPKFQGKATITADTSSNTAY
LQLSSLTSEDTAVYYCVRPLYDYYAMDYWGQGTSVTVSSAKTTAPSVYPLAPVCGDTTGSSVTLGCLVKGYFPEPVTLTW
NSGSLSSGVHTFPAVLQSDLYTLSSSVTVTSSTWPSQSITCNVAHPASSTKVDKKIEPRGP
;
E,H
4 'polypeptide(L)'
;DILMTQSPSSMSVSLGDTVSITCHASQGISSNIGWLQQKPGKSFMGLIYYGTNLVDGVPSRFSGSGSGADYSLTISSLDS
EDFADYYCVQYAQLPYTFGGGTKLEIKRADAAPTVSIFPPSSEQLTSGGASVVCFLNNFYPKDINVKWKIDGSERQNGVL
NSWTDQDSKDSTYSMSSTLTLTKDEYERHNSYTCEATHKTSTSPIVKSFNRNEC
;
F,L
#
# COMPACT_ATOMS: atom_id res chain seq x y z
N LEU A 1 3.79 46.12 -13.70
CA LEU A 1 3.04 47.31 -14.11
C LEU A 1 3.96 48.46 -14.51
N ASN A 2 4.90 48.81 -13.63
CA ASN A 2 5.61 50.09 -13.73
C ASN A 2 7.12 49.90 -13.85
N LEU A 3 7.58 48.75 -14.32
CA LEU A 3 8.96 48.64 -14.77
C LEU A 3 9.10 49.36 -16.09
N ASP A 4 10.27 49.97 -16.31
CA ASP A 4 10.50 50.78 -17.50
C ASP A 4 11.10 49.91 -18.59
N PRO A 5 10.38 49.58 -19.66
CA PRO A 5 10.96 48.78 -20.75
C PRO A 5 11.56 49.60 -21.89
N VAL A 6 11.68 50.91 -21.73
CA VAL A 6 12.27 51.75 -22.79
C VAL A 6 13.75 51.96 -22.57
N GLN A 7 14.16 52.33 -21.37
CA GLN A 7 15.55 52.65 -21.06
C GLN A 7 16.11 51.57 -20.14
N LEU A 8 16.67 50.52 -20.74
CA LEU A 8 17.27 49.42 -20.00
C LEU A 8 18.74 49.67 -19.76
N THR A 9 19.31 48.85 -18.87
CA THR A 9 20.72 48.84 -18.57
C THR A 9 21.26 47.44 -18.86
N PHE A 10 22.35 47.36 -19.63
CA PHE A 10 22.92 46.08 -20.03
C PHE A 10 24.34 45.92 -19.50
N TYR A 11 24.59 44.76 -18.89
CA TYR A 11 25.92 44.30 -18.53
C TYR A 11 26.26 43.06 -19.36
N ALA A 12 27.51 42.92 -19.74
CA ALA A 12 27.92 41.84 -20.63
C ALA A 12 29.21 41.20 -20.14
N GLY A 13 29.31 39.88 -20.35
CA GLY A 13 30.51 39.14 -20.03
C GLY A 13 31.14 38.60 -21.30
N PRO A 14 32.19 37.79 -21.16
CA PRO A 14 32.87 37.26 -22.35
C PRO A 14 31.99 36.30 -23.12
N ASN A 15 32.25 36.25 -24.42
CA ASN A 15 31.54 35.33 -25.31
C ASN A 15 31.69 33.89 -24.83
N GLY A 16 30.59 33.14 -24.82
CA GLY A 16 30.61 31.74 -24.45
C GLY A 16 30.73 31.46 -22.97
N SER A 17 30.77 32.49 -22.13
CA SER A 17 30.97 32.33 -20.69
C SER A 17 29.68 32.04 -19.94
N GLN A 18 28.52 32.18 -20.58
CA GLN A 18 27.20 32.05 -19.94
C GLN A 18 27.03 33.04 -18.80
N PHE A 19 27.69 34.20 -18.93
CA PHE A 19 27.42 35.36 -18.08
C PHE A 19 25.91 35.60 -18.00
N GLY A 20 25.39 35.64 -16.78
CA GLY A 20 23.96 35.76 -16.55
C GLY A 20 23.25 34.47 -16.18
N PHE A 21 23.96 33.34 -16.14
CA PHE A 21 23.33 32.08 -15.73
C PHE A 21 22.71 32.19 -14.35
N SER A 22 23.40 32.88 -13.43
CA SER A 22 22.84 33.19 -12.12
C SER A 22 23.23 34.62 -11.78
N LEU A 23 22.48 35.22 -10.85
CA LEU A 23 22.73 36.60 -10.44
C LEU A 23 22.05 36.87 -9.11
N ASP A 24 22.51 37.93 -8.45
CA ASP A 24 21.88 38.39 -7.22
C ASP A 24 22.28 39.85 -7.02
N PHE A 25 21.47 40.56 -6.24
CA PHE A 25 21.86 41.86 -5.73
C PHE A 25 22.83 41.69 -4.56
N HIS A 26 23.87 42.52 -4.54
CA HIS A 26 24.82 42.54 -3.42
C HIS A 26 24.89 43.95 -2.86
N LYS A 27 24.82 44.06 -1.53
CA LYS A 27 25.00 45.32 -0.82
C LYS A 27 26.31 45.26 -0.04
N ASP A 28 27.15 46.28 -0.20
CA ASP A 28 28.37 46.33 0.59
C ASP A 28 28.05 46.84 2.00
N SER A 29 29.08 46.91 2.84
CA SER A 29 28.92 47.31 4.24
C SER A 29 28.35 48.71 4.40
N HIS A 30 28.29 49.50 3.33
CA HIS A 30 27.73 50.84 3.38
C HIS A 30 26.35 50.94 2.75
N GLY A 31 25.79 49.82 2.28
CA GLY A 31 24.46 49.83 1.68
C GLY A 31 24.42 50.07 0.19
N ARG A 32 25.58 50.20 -0.46
CA ARG A 32 25.61 50.45 -1.90
C ARG A 32 25.34 49.14 -2.64
N VAL A 33 24.34 49.15 -3.52
CA VAL A 33 23.89 47.95 -4.22
C VAL A 33 24.69 47.76 -5.50
N ALA A 34 25.17 46.54 -5.71
CA ALA A 34 25.83 46.09 -6.93
C ALA A 34 25.15 44.80 -7.40
N ILE A 35 25.59 44.26 -8.53
CA ILE A 35 25.04 43.01 -9.05
C ILE A 35 26.17 41.98 -9.14
N VAL A 36 26.00 40.86 -8.46
CA VAL A 36 26.92 39.72 -8.62
C VAL A 36 26.36 38.80 -9.69
N VAL A 37 27.19 38.46 -10.67
CA VAL A 37 26.76 37.69 -11.83
C VAL A 37 27.63 36.45 -11.95
N GLY A 38 27.00 35.29 -12.05
CA GLY A 38 27.72 34.05 -12.29
C GLY A 38 27.85 33.77 -13.78
N ALA A 39 29.01 33.24 -14.17
CA ALA A 39 29.33 32.94 -15.57
C ALA A 39 30.02 31.58 -15.63
N PRO A 40 29.24 30.49 -15.64
CA PRO A 40 29.80 29.17 -15.33
C PRO A 40 30.66 28.53 -16.42
N ARG A 41 30.84 29.16 -17.60
CA ARG A 41 31.78 28.61 -18.56
C ARG A 41 32.94 29.56 -18.86
N THR A 42 33.14 30.58 -18.03
CA THR A 42 34.30 31.46 -18.16
C THR A 42 35.60 30.64 -18.23
N LEU A 43 36.49 31.05 -19.12
CA LEU A 43 37.75 30.36 -19.28
C LEU A 43 38.66 30.62 -18.08
N GLY A 44 39.38 29.59 -17.65
CA GLY A 44 40.31 29.70 -16.57
C GLY A 44 41.73 29.94 -17.04
N PRO A 45 42.71 29.54 -16.23
CA PRO A 45 44.12 29.82 -16.58
C PRO A 45 44.65 28.90 -17.66
N SER A 46 44.33 27.61 -17.58
CA SER A 46 44.76 26.63 -18.57
C SER A 46 43.95 26.69 -19.85
N GLN A 47 43.31 27.84 -20.14
CA GLN A 47 42.42 28.03 -21.28
C GLN A 47 41.29 27.02 -21.29
N GLU A 48 40.99 26.43 -20.14
CA GLU A 48 39.90 25.48 -19.99
C GLU A 48 38.75 26.14 -19.26
N GLU A 49 37.53 25.77 -19.63
CA GLU A 49 36.35 26.28 -18.92
C GLU A 49 36.43 25.88 -17.45
N THR A 50 36.25 26.87 -16.58
CA THR A 50 36.09 26.62 -15.15
C THR A 50 34.97 27.44 -14.54
N GLY A 51 34.47 28.46 -15.23
CA GLY A 51 33.50 29.38 -14.66
C GLY A 51 34.17 30.53 -13.95
N GLY A 52 33.35 31.50 -13.57
CA GLY A 52 33.84 32.70 -12.95
C GLY A 52 32.68 33.54 -12.46
N VAL A 53 33.03 34.60 -11.73
CA VAL A 53 32.06 35.45 -11.05
C VAL A 53 32.43 36.90 -11.30
N PHE A 54 31.42 37.74 -11.49
CA PHE A 54 31.64 39.16 -11.73
C PHE A 54 30.82 39.98 -10.74
N LEU A 55 31.38 41.11 -10.32
CA LEU A 55 30.73 42.00 -9.37
C LEU A 55 30.56 43.36 -10.06
N CYS A 56 29.33 43.62 -10.52
CA CYS A 56 29.04 44.74 -11.39
C CYS A 56 28.61 45.95 -10.57
N PRO A 57 29.38 47.03 -10.54
CA PRO A 57 28.88 48.27 -9.92
C PRO A 57 27.67 48.80 -10.69
N TRP A 58 26.74 49.40 -9.95
CA TRP A 58 25.56 49.96 -10.60
C TRP A 58 25.94 51.21 -11.39
N ARG A 59 25.61 51.21 -12.68
CA ARG A 59 25.78 52.36 -13.56
C ARG A 59 24.65 52.30 -14.56
N ALA A 60 23.98 53.43 -14.80
CA ALA A 60 22.83 53.43 -15.70
C ALA A 60 23.22 52.95 -17.10
N GLU A 61 24.47 53.21 -17.50
CA GLU A 61 24.99 52.78 -18.80
C GLU A 61 25.41 51.32 -18.83
N GLY A 62 25.56 50.66 -17.68
CA GLY A 62 26.00 49.28 -17.67
C GLY A 62 27.43 49.14 -18.17
N GLY A 63 27.69 48.06 -18.91
CA GLY A 63 28.98 47.85 -19.54
C GLY A 63 29.65 46.57 -19.05
N GLN A 64 30.97 46.63 -18.88
CA GLN A 64 31.79 45.52 -18.42
C GLN A 64 31.96 45.57 -16.91
N CYS A 65 32.19 44.41 -16.31
CA CYS A 65 32.29 44.31 -14.85
C CYS A 65 33.64 43.72 -14.45
N PRO A 66 34.17 44.10 -13.29
CA PRO A 66 35.40 43.46 -12.80
C PRO A 66 35.11 42.07 -12.28
N SER A 67 36.14 41.22 -12.33
CA SER A 67 36.04 39.87 -11.82
C SER A 67 36.09 39.87 -10.29
N LEU A 68 35.36 38.92 -9.70
CA LEU A 68 35.53 38.56 -8.30
C LEU A 68 36.37 37.29 -8.29
N LEU A 69 37.62 37.42 -7.88
CA LEU A 69 38.61 36.36 -8.14
C LEU A 69 38.54 35.24 -7.12
N PHE A 70 38.61 34.01 -7.61
CA PHE A 70 38.69 32.81 -6.78
C PHE A 70 39.79 31.90 -7.32
N ASP A 71 40.33 31.07 -6.43
CA ASP A 71 41.41 30.15 -6.81
C ASP A 71 40.88 29.08 -7.76
N LEU A 72 41.43 29.05 -8.97
CA LEU A 72 41.00 28.12 -10.02
C LEU A 72 41.95 26.95 -10.21
N ARG A 73 42.94 26.78 -9.33
CA ARG A 73 43.96 25.74 -9.48
C ARG A 73 43.51 24.44 -8.81
N ASP A 74 43.73 23.33 -9.50
CA ASP A 74 43.52 22.03 -8.88
C ASP A 74 44.47 21.85 -7.71
N GLU A 75 44.01 21.13 -6.70
CA GLU A 75 44.75 20.96 -5.45
C GLU A 75 45.03 19.49 -5.20
N THR A 76 46.15 19.22 -4.54
CA THR A 76 46.53 17.87 -4.16
C THR A 76 47.11 17.91 -2.76
N ARG A 77 46.69 16.97 -1.91
CA ARG A 77 47.22 16.86 -0.56
C ARG A 77 47.51 15.40 -0.26
N ASN A 78 48.76 15.11 0.11
CA ASN A 78 49.14 13.78 0.55
C ASN A 78 49.15 13.80 2.08
N VAL A 79 48.25 13.02 2.70
CA VAL A 79 48.08 13.06 4.14
C VAL A 79 47.34 11.80 4.54
N GLY A 80 47.63 11.30 5.74
CA GLY A 80 47.00 10.09 6.22
C GLY A 80 47.18 8.90 5.30
N SER A 81 48.31 8.83 4.62
CA SER A 81 48.61 7.77 3.65
C SER A 81 47.60 7.74 2.51
N GLN A 82 46.95 8.88 2.24
CA GLN A 82 46.02 9.04 1.13
C GLN A 82 46.43 10.26 0.31
N THR A 83 45.86 10.35 -0.89
CA THR A 83 46.06 11.50 -1.78
C THR A 83 44.70 12.10 -2.10
N LEU A 84 44.50 13.35 -1.66
CA LEU A 84 43.25 14.08 -1.92
C LEU A 84 43.42 14.98 -3.14
N GLN A 85 42.37 15.04 -3.97
CA GLN A 85 42.44 15.75 -5.25
C GLN A 85 41.17 16.52 -5.52
N THR A 86 41.30 17.80 -5.87
CA THR A 86 40.20 18.56 -6.44
C THR A 86 40.47 18.79 -7.93
N PHE A 87 39.39 18.85 -8.71
CA PHE A 87 39.46 19.01 -10.15
C PHE A 87 38.48 20.10 -10.55
N LYS A 88 39.00 21.22 -11.06
CA LYS A 88 38.19 22.40 -11.30
C LYS A 88 37.82 22.58 -12.77
N ALA A 89 38.32 21.73 -13.66
CA ALA A 89 37.91 21.80 -15.06
C ALA A 89 36.42 21.54 -15.19
N ARG A 90 35.72 22.46 -15.88
CA ARG A 90 34.29 22.34 -16.17
C ARG A 90 33.46 22.24 -14.89
N GLN A 91 33.99 22.76 -13.77
CA GLN A 91 33.27 22.74 -12.50
C GLN A 91 32.06 23.66 -12.49
N GLY A 92 32.01 24.64 -13.40
CA GLY A 92 30.85 25.53 -13.47
C GLY A 92 30.75 26.54 -12.33
N LEU A 93 31.88 27.12 -11.93
CA LEU A 93 31.84 28.17 -10.91
C LEU A 93 30.95 29.31 -11.36
N GLY A 94 30.02 29.70 -10.49
CA GLY A 94 29.03 30.69 -10.85
C GLY A 94 27.73 30.12 -11.39
N ALA A 95 27.58 28.80 -11.42
CA ALA A 95 26.28 28.21 -11.76
C ALA A 95 25.21 28.60 -10.74
N SER A 96 25.63 29.07 -9.57
CA SER A 96 24.71 29.71 -8.63
C SER A 96 25.51 30.75 -7.88
N VAL A 97 24.88 31.88 -7.59
CA VAL A 97 25.44 32.92 -6.74
C VAL A 97 24.33 33.42 -5.84
N VAL A 98 24.69 33.78 -4.61
CA VAL A 98 23.76 34.40 -3.68
C VAL A 98 24.58 35.32 -2.78
N SER A 99 23.98 36.43 -2.40
CA SER A 99 24.62 37.39 -1.51
C SER A 99 23.88 37.47 -0.18
N TRP A 100 24.63 37.59 0.91
CA TRP A 100 24.05 37.81 2.23
C TRP A 100 24.99 38.72 3.01
N SER A 101 24.42 39.77 3.61
CA SER A 101 25.19 40.80 4.31
C SER A 101 26.24 41.34 3.32
N ASP A 102 27.52 41.38 3.68
CA ASP A 102 28.57 41.79 2.77
C ASP A 102 29.38 40.61 2.24
N VAL A 103 28.75 39.43 2.16
CA VAL A 103 29.41 38.20 1.75
C VAL A 103 28.74 37.70 0.48
N ILE A 104 29.54 37.13 -0.43
CA ILE A 104 29.05 36.54 -1.67
C ILE A 104 29.37 35.05 -1.65
N VAL A 105 28.39 34.23 -2.00
CA VAL A 105 28.56 32.78 -2.07
C VAL A 105 28.36 32.36 -3.50
N ALA A 106 29.41 31.82 -4.12
CA ALA A 106 29.40 31.40 -5.50
C ALA A 106 29.81 29.94 -5.55
N CYS A 107 29.03 29.13 -6.26
CA CYS A 107 29.19 27.69 -6.18
C CYS A 107 29.56 27.10 -7.53
N ALA A 108 30.29 25.98 -7.46
CA ALA A 108 30.74 25.22 -8.61
C ALA A 108 30.19 23.81 -8.45
N PRO A 109 28.95 23.56 -8.90
CA PRO A 109 28.31 22.27 -8.59
C PRO A 109 29.00 21.07 -9.23
N TRP A 110 29.74 21.24 -10.32
CA TRP A 110 30.35 20.10 -11.00
C TRP A 110 31.85 20.00 -10.73
N GLN A 111 32.34 20.64 -9.67
CA GLN A 111 33.70 20.40 -9.26
C GLN A 111 33.84 18.93 -8.87
N HIS A 112 34.87 18.28 -9.40
CA HIS A 112 35.09 16.87 -9.13
C HIS A 112 36.13 16.70 -8.03
N TRP A 113 36.23 15.47 -7.54
CA TRP A 113 36.96 15.15 -6.34
C TRP A 113 37.29 13.67 -6.35
N ASN A 114 38.48 13.33 -5.84
CA ASN A 114 38.87 11.94 -5.74
C ASN A 114 39.85 11.79 -4.58
N VAL A 115 39.95 10.56 -4.08
CA VAL A 115 40.91 10.22 -3.03
C VAL A 115 41.61 8.94 -3.45
N LEU A 116 42.94 8.95 -3.43
CA LEU A 116 43.73 7.80 -3.82
C LEU A 116 44.41 7.18 -2.60
N GLU A 117 44.44 5.86 -2.57
CA GLU A 117 45.12 5.11 -1.50
C GLU A 117 45.65 3.83 -2.14
N LYS A 118 46.95 3.80 -2.42
CA LYS A 118 47.61 2.67 -3.08
C LYS A 118 46.93 2.44 -4.42
N THR A 119 46.36 1.27 -4.68
CA THR A 119 45.69 0.97 -5.93
C THR A 119 44.21 1.33 -5.93
N GLU A 120 43.67 1.73 -4.78
CA GLU A 120 42.25 1.99 -4.65
C GLU A 120 41.96 3.49 -4.79
N GLU A 121 40.68 3.81 -4.86
CA GLU A 121 40.26 5.20 -5.02
C GLU A 121 38.82 5.34 -4.52
N ALA A 122 38.46 6.58 -4.21
CA ALA A 122 37.07 6.90 -3.87
C ALA A 122 36.17 6.93 -5.10
N GLU A 123 36.76 7.13 -6.29
CA GLU A 123 36.13 7.44 -7.59
C GLU A 123 36.06 8.95 -7.77
N LYS A 124 36.37 9.40 -8.98
CA LYS A 124 36.38 10.82 -9.31
C LYS A 124 34.94 11.25 -9.64
N THR A 125 34.35 12.08 -8.78
CA THR A 125 32.93 12.34 -8.80
C THR A 125 32.64 13.81 -8.53
N PRO A 126 31.49 14.32 -8.99
CA PRO A 126 31.16 15.75 -8.76
C PRO A 126 30.48 16.02 -7.42
N VAL A 127 31.30 16.17 -6.37
CA VAL A 127 30.75 16.53 -5.07
C VAL A 127 30.29 17.98 -5.03
N GLY A 128 30.79 18.81 -5.95
CA GLY A 128 30.50 20.22 -5.92
C GLY A 128 31.28 20.94 -4.84
N SER A 129 31.23 22.27 -4.90
CA SER A 129 31.92 23.09 -3.92
C SER A 129 31.40 24.52 -4.03
N CYS A 130 31.47 25.26 -2.93
CA CYS A 130 31.09 26.65 -2.91
C CYS A 130 32.24 27.51 -2.44
N PHE A 131 32.33 28.70 -3.01
CA PHE A 131 33.37 29.68 -2.70
C PHE A 131 32.71 30.89 -2.06
N LEU A 132 33.31 31.40 -1.00
CA LEU A 132 32.78 32.52 -0.25
C LEU A 132 33.79 33.66 -0.27
N ALA A 133 33.28 34.88 -0.45
CA ALA A 133 34.13 36.05 -0.53
C ALA A 133 33.52 37.18 0.27
N GLN A 134 34.38 37.91 0.98
CA GLN A 134 34.04 39.21 1.56
C GLN A 134 34.79 40.23 0.73
N PRO A 135 34.16 40.80 -0.31
CA PRO A 135 34.93 41.57 -1.30
C PRO A 135 35.70 42.75 -0.71
N GLU A 136 35.14 43.45 0.28
CA GLU A 136 35.81 44.65 0.78
C GLU A 136 37.10 44.32 1.52
N SER A 137 37.13 43.20 2.23
CA SER A 137 38.31 42.80 2.99
C SER A 137 39.23 41.86 2.22
N GLY A 138 38.72 41.20 1.18
CA GLY A 138 39.48 40.19 0.49
C GLY A 138 39.45 38.82 1.11
N ARG A 139 38.68 38.62 2.19
CA ARG A 139 38.60 37.31 2.81
C ARG A 139 38.00 36.29 1.86
N ARG A 140 38.50 35.06 1.92
CA ARG A 140 38.04 33.96 1.10
C ARG A 140 37.88 32.72 1.98
N ALA A 141 36.85 31.93 1.68
CA ALA A 141 36.66 30.65 2.34
C ALA A 141 35.99 29.71 1.36
N GLU A 142 35.96 28.43 1.71
CA GLU A 142 35.31 27.44 0.88
C GLU A 142 34.43 26.56 1.75
N TYR A 143 33.47 25.91 1.12
CA TYR A 143 32.59 24.97 1.80
C TYR A 143 32.24 23.88 0.80
N SER A 144 32.59 22.65 1.14
CA SER A 144 32.40 21.50 0.25
C SER A 144 32.02 20.30 1.09
N PRO A 145 30.76 20.24 1.54
CA PRO A 145 30.40 19.28 2.60
C PRO A 145 30.25 17.84 2.14
N CYS A 146 30.35 17.55 0.85
CA CYS A 146 30.17 16.19 0.38
C CYS A 146 31.49 15.49 0.07
N ARG A 147 32.62 16.18 0.21
CA ARG A 147 33.91 15.52 0.11
C ARG A 147 34.05 14.48 1.22
N GLY A 148 34.52 13.30 0.84
CA GLY A 148 34.83 12.25 1.81
C GLY A 148 36.18 11.62 1.47
N ASN A 149 36.59 10.68 2.32
CA ASN A 149 37.82 9.92 2.10
C ASN A 149 37.57 8.42 2.17
N THR A 150 36.35 7.98 1.92
CA THR A 150 36.02 6.56 1.92
C THR A 150 36.29 5.97 0.54
N LEU A 151 36.89 4.78 0.53
CA LEU A 151 37.28 4.14 -0.73
C LEU A 151 36.07 3.44 -1.36
N SER A 152 36.16 3.26 -2.69
CA SER A 152 35.04 2.76 -3.48
C SER A 152 34.51 1.43 -2.97
N ARG A 153 35.42 0.53 -2.55
CA ARG A 153 34.98 -0.80 -2.13
C ARG A 153 34.06 -0.75 -0.92
N ILE A 154 34.25 0.24 -0.04
CA ILE A 154 33.44 0.32 1.17
C ILE A 154 31.99 0.66 0.84
N TYR A 155 31.78 1.56 -0.12
CA TYR A 155 30.41 1.85 -0.57
C TYR A 155 29.74 0.60 -1.14
N VAL A 156 30.48 -0.16 -1.95
CA VAL A 156 29.93 -1.39 -2.51
C VAL A 156 29.52 -2.36 -1.40
N GLU A 157 30.39 -2.53 -0.39
CA GLU A 157 30.10 -3.46 0.70
C GLU A 157 28.91 -3.01 1.53
N ASN A 158 28.65 -1.71 1.62
CA ASN A 158 27.53 -1.21 2.41
C ASN A 158 26.36 -0.77 1.53
N ASP A 159 26.28 -1.30 0.32
CA ASP A 159 25.11 -1.13 -0.55
C ASP A 159 24.84 0.35 -0.88
N PHE A 160 25.92 1.14 -0.95
CA PHE A 160 25.85 2.52 -1.46
C PHE A 160 24.98 3.42 -0.58
N SER A 161 25.00 3.17 0.73
CA SER A 161 24.26 4.02 1.65
C SER A 161 25.08 5.25 1.99
N TRP A 162 24.39 6.35 2.25
CA TRP A 162 25.04 7.61 2.65
C TRP A 162 26.15 7.96 1.67
N ASP A 163 25.85 7.82 0.39
CA ASP A 163 26.83 8.01 -0.67
C ASP A 163 26.72 9.45 -1.15
N LYS A 164 27.65 10.30 -0.72
CA LYS A 164 27.62 11.72 -1.04
C LYS A 164 28.56 12.08 -2.19
N ARG A 165 28.99 11.09 -2.99
CA ARG A 165 30.02 11.35 -3.97
C ARG A 165 29.53 12.19 -5.14
N TYR A 166 28.23 12.19 -5.44
CA TYR A 166 27.70 12.88 -6.61
C TYR A 166 26.80 14.06 -6.23
N CYS A 167 27.04 14.66 -5.06
CA CYS A 167 26.14 15.67 -4.48
C CYS A 167 25.82 16.80 -5.44
N GLU A 168 26.86 17.35 -6.09
CA GLU A 168 26.75 18.63 -6.78
C GLU A 168 26.26 19.71 -5.80
N ALA A 169 26.90 19.77 -4.64
CA ALA A 169 26.57 20.79 -3.66
C ALA A 169 26.72 22.18 -4.27
N GLY A 170 25.74 23.04 -4.01
CA GLY A 170 25.72 24.37 -4.60
C GLY A 170 24.92 24.48 -5.87
N PHE A 171 24.40 23.36 -6.39
CA PHE A 171 23.46 23.37 -7.51
C PHE A 171 22.37 24.42 -7.29
N SER A 172 21.87 24.53 -6.06
CA SER A 172 21.00 25.62 -5.64
C SER A 172 21.47 26.09 -4.26
N SER A 173 21.09 27.31 -3.89
CA SER A 173 21.59 27.88 -2.66
C SER A 173 20.66 28.97 -2.16
N VAL A 174 20.73 29.22 -0.85
CA VAL A 174 19.97 30.27 -0.19
C VAL A 174 20.61 30.50 1.17
N VAL A 175 20.46 31.71 1.70
CA VAL A 175 20.99 32.05 3.01
C VAL A 175 19.85 32.58 3.87
N THR A 176 19.71 32.05 5.08
CA THR A 176 18.72 32.59 6.00
C THR A 176 19.12 33.99 6.45
N GLN A 177 18.14 34.73 6.97
CA GLN A 177 18.42 36.08 7.44
C GLN A 177 19.47 36.08 8.53
N ALA A 178 19.54 35.03 9.34
CA ALA A 178 20.54 34.91 10.39
C ALA A 178 21.89 34.45 9.87
N GLY A 179 22.03 34.21 8.57
CA GLY A 179 23.32 33.86 8.02
C GLY A 179 23.65 32.38 7.99
N GLU A 180 22.66 31.51 7.89
CA GLU A 180 22.89 30.09 7.66
C GLU A 180 22.84 29.84 6.16
N LEU A 181 23.93 29.34 5.60
CA LEU A 181 23.96 28.97 4.21
C LEU A 181 23.34 27.59 4.04
N VAL A 182 22.38 27.47 3.12
CA VAL A 182 21.73 26.21 2.83
C VAL A 182 21.99 25.86 1.37
N LEU A 183 22.59 24.70 1.14
CA LEU A 183 22.96 24.25 -0.21
C LEU A 183 22.07 23.10 -0.64
N GLY A 184 21.51 23.21 -1.85
CA GLY A 184 20.87 22.08 -2.49
C GLY A 184 21.90 21.23 -3.23
N ALA A 185 21.78 19.91 -3.06
CA ALA A 185 22.71 18.94 -3.63
C ALA A 185 21.90 17.81 -4.23
N PRO A 186 21.35 18.00 -5.43
CA PRO A 186 20.37 17.04 -5.96
C PRO A 186 20.94 15.67 -6.28
N GLY A 187 22.25 15.53 -6.42
CA GLY A 187 22.81 14.20 -6.59
C GLY A 187 23.09 13.47 -5.30
N GLY A 188 22.81 14.08 -4.14
CA GLY A 188 23.22 13.48 -2.88
C GLY A 188 22.56 12.14 -2.64
N TYR A 189 23.28 11.27 -1.93
CA TYR A 189 22.79 9.94 -1.55
C TYR A 189 22.34 9.15 -2.77
N TYR A 190 23.26 9.02 -3.73
CA TYR A 190 23.01 8.26 -4.95
C TYR A 190 21.75 8.77 -5.66
N PHE A 191 21.69 10.10 -5.81
CA PHE A 191 20.74 10.84 -6.65
C PHE A 191 19.37 11.00 -6.02
N LEU A 192 19.21 10.71 -4.73
CA LEU A 192 18.00 11.14 -4.02
C LEU A 192 17.99 12.65 -3.83
N GLY A 193 19.11 13.23 -3.46
CA GLY A 193 19.25 14.65 -3.19
C GLY A 193 19.35 14.88 -1.70
N LEU A 194 20.15 15.88 -1.31
CA LEU A 194 20.27 16.26 0.08
C LEU A 194 20.42 17.77 0.19
N LEU A 195 20.31 18.27 1.42
CA LEU A 195 20.58 19.65 1.77
C LEU A 195 21.73 19.68 2.77
N ALA A 196 22.59 20.68 2.65
CA ALA A 196 23.67 20.92 3.60
C ALA A 196 23.55 22.34 4.12
N GLN A 197 23.69 22.52 5.43
CA GLN A 197 23.55 23.83 6.06
C GLN A 197 24.72 24.08 7.00
N ALA A 198 25.19 25.32 7.04
CA ALA A 198 26.20 25.73 8.01
C ALA A 198 26.18 27.24 8.12
N PRO A 199 26.44 27.80 9.30
CA PRO A 199 26.52 29.25 9.43
C PRO A 199 27.69 29.80 8.62
N VAL A 200 27.46 30.93 7.95
CA VAL A 200 28.51 31.57 7.16
C VAL A 200 29.73 31.87 8.03
N ALA A 201 29.49 32.36 9.26
CA ALA A 201 30.59 32.68 10.16
C ALA A 201 31.45 31.45 10.45
N ASP A 202 30.83 30.29 10.62
CA ASP A 202 31.59 29.08 10.94
C ASP A 202 32.33 28.55 9.72
N ILE A 203 31.81 28.80 8.52
CA ILE A 203 32.53 28.41 7.31
C ILE A 203 33.85 29.17 7.22
N PHE A 204 33.81 30.48 7.44
CA PHE A 204 35.04 31.28 7.40
C PHE A 204 36.00 30.88 8.51
N SER A 205 35.50 30.73 9.74
CA SER A 205 36.40 30.51 10.87
C SER A 205 36.99 29.10 10.88
N SER A 206 36.33 28.12 10.26
CA SER A 206 36.85 26.77 10.22
C SER A 206 37.67 26.48 8.97
N TYR A 207 37.71 27.40 8.00
CA TYR A 207 38.41 27.16 6.75
C TYR A 207 39.87 27.62 6.84
N ARG A 208 40.76 26.81 6.27
CA ARG A 208 42.16 27.17 6.01
C ARG A 208 42.54 26.57 4.66
N PRO A 209 43.33 27.27 3.86
CA PRO A 209 43.68 26.75 2.53
C PRO A 209 44.58 25.52 2.62
N GLY A 210 44.43 24.64 1.64
CA GLY A 210 45.25 23.46 1.52
C GLY A 210 44.85 22.28 2.37
N ILE A 211 43.85 22.42 3.25
CA ILE A 211 43.43 21.30 4.09
C ILE A 211 42.60 20.32 3.28
N LEU A 212 41.66 20.84 2.49
CA LEU A 212 40.81 20.10 1.56
C LEU A 212 39.72 19.29 2.25
N LEU A 213 40.03 18.64 3.38
CA LEU A 213 39.06 17.86 4.13
C LEU A 213 39.04 18.38 5.56
N TRP A 214 37.99 19.09 5.94
CA TRP A 214 37.92 19.68 7.27
C TRP A 214 36.49 19.63 7.78
N HIS A 215 36.35 19.73 9.09
CA HIS A 215 35.06 19.67 9.77
C HIS A 215 34.51 21.07 10.00
N VAL A 216 33.21 21.24 9.73
CA VAL A 216 32.43 22.40 10.14
C VAL A 216 31.41 21.91 11.16
N SER A 217 31.77 21.96 12.45
CA SER A 217 31.04 21.17 13.45
C SER A 217 29.58 21.59 13.57
N SER A 218 29.27 22.85 13.28
CA SER A 218 27.91 23.35 13.33
C SER A 218 27.11 23.03 12.06
N GLN A 219 27.67 22.26 11.15
CA GLN A 219 26.96 21.94 9.93
C GLN A 219 25.90 20.87 10.19
N SER A 220 24.92 20.83 9.29
CA SER A 220 23.81 19.89 9.41
C SER A 220 23.43 19.44 8.01
N LEU A 221 23.38 18.12 7.80
CA LEU A 221 23.01 17.53 6.53
C LEU A 221 21.72 16.75 6.66
N SER A 222 20.94 16.69 5.58
CA SER A 222 19.70 15.92 5.57
C SER A 222 20.04 14.43 5.48
N PHE A 223 19.03 13.59 5.23
CA PHE A 223 19.16 12.17 5.48
C PHE A 223 18.92 11.34 4.23
N ASP A 224 19.62 10.20 4.17
CA ASP A 224 19.37 9.16 3.19
C ASP A 224 17.99 8.55 3.47
N SER A 225 17.48 7.79 2.50
CA SER A 225 16.17 7.18 2.66
C SER A 225 16.10 5.87 1.90
N SER A 226 15.33 4.93 2.46
CA SER A 226 15.03 3.65 1.82
C SER A 226 13.76 3.70 0.99
N ASN A 227 13.04 4.82 1.00
CA ASN A 227 11.74 4.92 0.32
C ASN A 227 11.95 5.16 -1.16
N PRO A 228 11.50 4.26 -2.04
CA PRO A 228 11.75 4.44 -3.48
C PRO A 228 11.07 5.67 -4.09
N GLU A 229 10.09 6.26 -3.41
CA GLU A 229 9.51 7.51 -3.91
C GLU A 229 10.56 8.62 -4.02
N TYR A 230 11.65 8.53 -3.26
CA TYR A 230 12.69 9.55 -3.30
C TYR A 230 13.80 9.25 -4.29
N PHE A 231 13.88 8.02 -4.82
CA PHE A 231 14.98 7.64 -5.69
C PHE A 231 14.97 8.49 -6.96
N ASP A 232 16.13 9.03 -7.32
CA ASP A 232 16.27 9.89 -8.50
C ASP A 232 15.32 11.09 -8.46
N GLY A 233 15.00 11.57 -7.26
CA GLY A 233 14.08 12.69 -7.12
C GLY A 233 14.71 14.08 -7.18
N TYR A 234 16.04 14.16 -7.19
CA TYR A 234 16.78 15.43 -7.29
C TYR A 234 16.27 16.45 -6.27
N TRP A 235 16.03 15.96 -5.06
CA TRP A 235 15.65 16.77 -3.92
C TRP A 235 16.74 17.80 -3.62
N GLY A 236 16.41 19.07 -3.78
CA GLY A 236 17.43 20.11 -3.72
C GLY A 236 17.82 20.68 -5.06
N TYR A 237 17.15 20.28 -6.15
CA TYR A 237 17.26 20.98 -7.41
C TYR A 237 16.99 22.47 -7.25
N SER A 238 16.10 22.84 -6.32
CA SER A 238 15.86 24.25 -5.98
C SER A 238 15.60 24.33 -4.48
N VAL A 239 15.84 25.51 -3.91
CA VAL A 239 15.69 25.69 -2.47
CA VAL A 239 15.73 25.70 -2.46
C VAL A 239 15.29 27.14 -2.18
N ALA A 240 14.61 27.33 -1.05
CA ALA A 240 14.22 28.65 -0.56
C ALA A 240 13.97 28.51 0.93
N VAL A 241 13.75 29.65 1.60
CA VAL A 241 13.46 29.65 3.02
C VAL A 241 12.27 30.56 3.29
N GLY A 242 11.66 30.40 4.45
CA GLY A 242 10.52 31.21 4.81
C GLY A 242 9.97 30.86 6.18
N GLU A 243 8.88 31.51 6.54
CA GLU A 243 8.22 31.32 7.84
C GLU A 243 6.89 30.64 7.59
N PHE A 244 6.79 29.36 7.97
CA PHE A 244 5.62 28.55 7.67
C PHE A 244 5.02 27.79 8.85
N ASP A 245 5.60 27.86 10.04
CA ASP A 245 5.08 27.10 11.18
C ASP A 245 4.55 27.98 12.31
N GLY A 246 4.48 29.29 12.10
CA GLY A 246 3.94 30.20 13.09
C GLY A 246 4.86 30.56 14.23
N ASP A 247 6.02 29.91 14.34
CA ASP A 247 7.01 30.22 15.36
C ASP A 247 8.10 31.06 14.71
N LEU A 248 8.19 32.32 15.09
CA LEU A 248 9.14 33.25 14.45
C LEU A 248 10.58 32.97 14.82
N ASN A 249 10.85 32.13 15.82
CA ASN A 249 12.22 31.80 16.19
C ASN A 249 12.84 30.73 15.30
N THR A 250 12.03 30.03 14.50
CA THR A 250 12.52 28.97 13.63
C THR A 250 12.39 29.38 12.17
N THR A 251 13.39 29.01 11.37
CA THR A 251 13.35 29.20 9.92
C THR A 251 13.06 27.86 9.25
N GLU A 252 12.10 27.85 8.33
CA GLU A 252 11.73 26.65 7.60
C GLU A 252 12.33 26.66 6.20
N TYR A 253 12.62 25.48 5.69
CA TYR A 253 13.23 25.30 4.38
C TYR A 253 12.17 24.82 3.38
N VAL A 254 12.31 25.28 2.14
CA VAL A 254 11.44 24.87 1.04
C VAL A 254 12.34 24.24 -0.01
N VAL A 255 12.05 22.98 -0.37
CA VAL A 255 12.95 22.17 -1.18
C VAL A 255 12.20 21.65 -2.39
N GLY A 256 12.74 21.89 -3.57
CA GLY A 256 12.16 21.36 -4.80
C GLY A 256 12.78 20.02 -5.14
N ALA A 257 11.93 19.09 -5.57
CA ALA A 257 12.34 17.74 -5.96
C ALA A 257 11.57 17.37 -7.21
N PRO A 258 12.02 17.86 -8.38
CA PRO A 258 11.15 17.84 -9.57
C PRO A 258 10.96 16.48 -10.21
N THR A 259 11.72 15.45 -9.81
CA THR A 259 11.48 14.10 -10.32
C THR A 259 11.03 13.14 -9.23
N TRP A 260 10.59 13.68 -8.09
CA TRP A 260 10.11 12.86 -6.97
C TRP A 260 9.00 11.91 -7.40
N SER A 261 9.04 10.69 -6.87
CA SER A 261 8.03 9.66 -7.10
C SER A 261 7.80 9.42 -8.60
N TRP A 262 8.83 8.85 -9.22
CA TRP A 262 8.76 8.46 -10.63
C TRP A 262 8.34 9.63 -11.51
N THR A 263 9.01 10.77 -11.30
CA THR A 263 8.87 12.01 -12.05
C THR A 263 7.52 12.68 -11.88
N LEU A 264 6.78 12.35 -10.81
CA LEU A 264 5.62 13.17 -10.46
C LEU A 264 6.03 14.56 -10.02
N GLY A 265 7.14 14.68 -9.31
CA GLY A 265 7.58 15.97 -8.81
C GLY A 265 6.97 16.28 -7.45
N ALA A 266 7.70 17.04 -6.65
CA ALA A 266 7.20 17.45 -5.34
C ALA A 266 7.99 18.65 -4.84
N VAL A 267 7.37 19.38 -3.91
CA VAL A 267 8.02 20.41 -3.11
C VAL A 267 7.71 20.12 -1.65
N GLU A 268 8.72 20.22 -0.78
CA GLU A 268 8.54 19.93 0.63
C GLU A 268 8.93 21.13 1.47
N ILE A 269 8.20 21.31 2.57
CA ILE A 269 8.49 22.33 3.56
C ILE A 269 8.97 21.61 4.82
N LEU A 270 10.15 21.97 5.29
CA LEU A 270 10.80 21.30 6.40
C LEU A 270 11.13 22.29 7.51
N ASP A 271 11.26 21.77 8.73
CA ASP A 271 11.91 22.56 9.75
C ASP A 271 13.42 22.45 9.58
N SER A 272 14.16 23.21 10.39
CA SER A 272 15.60 23.30 10.18
C SER A 272 16.35 22.04 10.64
N TYR A 273 15.64 21.05 11.17
CA TYR A 273 16.20 19.72 11.40
C TYR A 273 15.82 18.75 10.28
N TYR A 274 15.28 19.27 9.18
CA TYR A 274 14.88 18.51 8.00
C TYR A 274 13.73 17.56 8.25
N GLN A 275 12.97 17.77 9.32
CA GLN A 275 11.72 17.04 9.50
C GLN A 275 10.65 17.67 8.63
N ARG A 276 9.92 16.84 7.89
CA ARG A 276 8.98 17.32 6.89
C ARG A 276 7.70 17.82 7.53
N LEU A 277 7.28 19.03 7.17
CA LEU A 277 6.04 19.63 7.65
C LEU A 277 4.91 19.56 6.63
N HIS A 278 5.23 19.73 5.34
CA HIS A 278 4.22 19.59 4.31
CA HIS A 278 4.25 19.74 4.26
C HIS A 278 4.87 19.08 3.03
N ARG A 279 4.05 18.44 2.20
CA ARG A 279 4.49 17.99 0.90
C ARG A 279 3.45 18.42 -0.14
N LEU A 280 3.91 19.12 -1.17
CA LEU A 280 3.09 19.46 -2.32
C LEU A 280 3.47 18.52 -3.45
N ARG A 281 2.50 17.80 -4.00
CA ARG A 281 2.77 16.85 -5.08
C ARG A 281 2.57 17.50 -6.43
N GLY A 282 3.42 17.13 -7.39
CA GLY A 282 3.19 17.55 -8.75
C GLY A 282 1.85 17.09 -9.28
N GLU A 283 1.37 17.78 -10.30
CA GLU A 283 0.09 17.47 -10.92
C GLU A 283 0.22 16.55 -12.13
N GLN A 284 1.36 16.59 -12.82
CA GLN A 284 1.52 15.87 -14.07
C GLN A 284 2.96 15.37 -14.15
N MET A 285 3.11 14.07 -14.42
CA MET A 285 4.44 13.50 -14.54
C MET A 285 5.23 14.18 -15.65
N ALA A 286 6.53 14.36 -15.39
CA ALA A 286 7.52 14.97 -16.27
C ALA A 286 7.37 16.49 -16.38
N SER A 287 6.38 17.10 -15.71
CA SER A 287 6.23 18.56 -15.81
C SER A 287 7.31 19.31 -15.06
N TYR A 288 8.12 18.62 -14.24
CA TYR A 288 9.21 19.22 -13.49
C TYR A 288 8.70 20.19 -12.43
N PHE A 289 7.57 19.83 -11.83
CA PHE A 289 7.04 20.51 -10.64
C PHE A 289 8.10 20.56 -9.55
N GLY A 290 8.48 21.77 -9.14
CA GLY A 290 9.60 21.96 -8.23
C GLY A 290 10.87 22.47 -8.88
N HIS A 291 10.85 22.66 -10.20
CA HIS A 291 12.01 23.24 -10.89
C HIS A 291 12.39 24.57 -10.26
N SER A 292 11.40 25.35 -9.85
CA SER A 292 11.62 26.61 -9.17
C SER A 292 10.61 26.77 -8.06
N VAL A 293 11.03 27.40 -6.98
CA VAL A 293 10.18 27.70 -5.84
C VAL A 293 10.43 29.14 -5.42
N ALA A 294 9.40 29.83 -4.96
CA ALA A 294 9.52 31.20 -4.49
C ALA A 294 8.67 31.38 -3.25
N VAL A 295 9.18 32.18 -2.31
CA VAL A 295 8.51 32.45 -1.04
C VAL A 295 8.32 33.96 -0.93
N THR A 296 7.07 34.38 -0.79
CA THR A 296 6.74 35.78 -0.54
C THR A 296 5.26 35.86 -0.16
N ASP A 297 4.93 36.82 0.69
CA ASP A 297 3.54 37.09 1.06
C ASP A 297 2.90 37.96 -0.02
N VAL A 298 2.01 37.39 -0.82
CA VAL A 298 1.42 38.13 -1.93
C VAL A 298 0.09 38.78 -1.58
N ASN A 299 -0.56 38.38 -0.49
CA ASN A 299 -1.91 38.89 -0.21
C ASN A 299 -1.97 39.73 1.05
N GLY A 300 -0.83 40.22 1.54
CA GLY A 300 -0.81 41.25 2.55
C GLY A 300 -1.32 40.86 3.93
N ASP A 301 -1.29 39.58 4.29
CA ASP A 301 -1.67 39.16 5.63
C ASP A 301 -0.47 38.87 6.51
N GLY A 302 0.74 39.09 6.02
CA GLY A 302 1.93 38.82 6.80
C GLY A 302 2.37 37.37 6.82
N ARG A 303 1.62 36.48 6.18
CA ARG A 303 1.99 35.06 6.09
C ARG A 303 2.60 34.79 4.73
N HIS A 304 3.82 34.25 4.74
CA HIS A 304 4.52 33.86 3.52
C HIS A 304 3.69 32.89 2.70
N ASP A 305 3.65 33.11 1.41
CA ASP A 305 2.99 32.19 0.49
C ASP A 305 4.03 31.53 -0.39
N LEU A 306 3.62 30.45 -1.06
CA LEU A 306 4.54 29.61 -1.81
C LEU A 306 4.14 29.56 -3.27
N LEU A 307 5.11 29.79 -4.16
CA LEU A 307 4.93 29.59 -5.58
C LEU A 307 5.84 28.48 -6.06
N VAL A 308 5.34 27.67 -6.97
CA VAL A 308 6.05 26.52 -7.51
C VAL A 308 5.92 26.57 -9.02
N GLY A 309 7.03 26.42 -9.72
CA GLY A 309 7.03 26.38 -11.18
C GLY A 309 7.16 24.96 -11.68
N ALA A 310 6.32 24.61 -12.66
CA ALA A 310 6.42 23.37 -13.43
C ALA A 310 6.58 23.74 -14.89
N PRO A 311 7.80 24.05 -15.33
CA PRO A 311 7.99 24.67 -16.66
C PRO A 311 7.61 23.78 -17.83
N LEU A 312 7.47 22.47 -17.64
CA LEU A 312 7.13 21.57 -18.74
C LEU A 312 5.71 21.06 -18.65
N TYR A 313 4.83 21.73 -17.91
CA TYR A 313 3.46 21.26 -17.80
C TYR A 313 2.77 21.35 -19.16
N MET A 314 2.05 20.28 -19.51
CA MET A 314 1.32 20.17 -20.76
C MET A 314 -0.16 20.44 -20.49
N GLU A 315 -0.66 21.54 -21.05
CA GLU A 315 -2.05 21.94 -20.89
C GLU A 315 -2.94 21.17 -21.86
N SER A 316 -4.15 20.86 -21.41
CA SER A 316 -5.11 20.16 -22.26
CA SER A 316 -5.12 20.16 -22.24
C SER A 316 -5.74 21.11 -23.25
N ARG A 317 -5.89 20.65 -24.49
CA ARG A 317 -6.46 21.46 -25.55
C ARG A 317 -7.46 20.63 -26.35
N ALA A 318 -8.11 21.27 -27.31
CA ALA A 318 -9.17 20.63 -28.07
C ALA A 318 -8.66 19.41 -28.81
N ASP A 319 -9.56 18.46 -29.06
CA ASP A 319 -9.26 17.22 -29.79
C ASP A 319 -8.30 16.32 -29.03
N ARG A 320 -8.41 16.32 -27.69
CA ARG A 320 -7.64 15.42 -26.83
C ARG A 320 -6.13 15.62 -26.97
N LYS A 321 -5.70 16.83 -27.27
CA LYS A 321 -4.27 17.10 -27.46
C LYS A 321 -3.71 17.87 -26.27
N LEU A 322 -2.40 17.77 -26.12
CA LEU A 322 -1.66 18.39 -25.03
C LEU A 322 -0.60 19.32 -25.60
N ALA A 323 -0.36 20.43 -24.89
CA ALA A 323 0.57 21.46 -25.35
C ALA A 323 1.49 21.82 -24.20
N GLU A 324 2.78 21.54 -24.35
CA GLU A 324 3.76 21.94 -23.34
C GLU A 324 3.89 23.45 -23.30
N VAL A 325 3.55 24.05 -22.16
CA VAL A 325 3.57 25.51 -22.04
C VAL A 325 4.15 25.93 -20.69
N GLY A 326 4.02 25.07 -19.69
CA GLY A 326 4.47 25.43 -18.35
C GLY A 326 3.34 26.00 -17.50
N ARG A 327 3.50 25.89 -16.18
CA ARG A 327 2.46 26.28 -15.23
C ARG A 327 3.10 26.68 -13.90
N VAL A 328 2.49 27.68 -13.25
CA VAL A 328 2.90 28.14 -11.94
C VAL A 328 1.75 27.93 -10.96
N TYR A 329 2.08 27.48 -9.75
CA TYR A 329 1.09 27.19 -8.72
C TYR A 329 1.31 28.13 -7.54
N LEU A 330 0.23 28.72 -7.03
CA LEU A 330 0.26 29.60 -5.87
C LEU A 330 -0.48 28.95 -4.72
N PHE A 331 0.21 28.80 -3.58
CA PHE A 331 -0.40 28.28 -2.34
C PHE A 331 -0.34 29.38 -1.28
N LEU A 332 -1.50 29.81 -0.80
CA LEU A 332 -1.58 30.78 0.29
C LEU A 332 -1.48 30.07 1.63
N GLN A 333 -0.67 30.61 2.53
CA GLN A 333 -0.50 29.99 3.84
C GLN A 333 -1.70 30.30 4.72
N PRO A 334 -2.39 29.30 5.27
CA PRO A 334 -3.58 29.56 6.07
C PRO A 334 -3.22 30.13 7.44
N ARG A 335 -4.24 30.69 8.09
CA ARG A 335 -4.08 31.26 9.42
C ARG A 335 -3.79 30.14 10.43
N GLY A 336 -2.72 30.31 11.20
CA GLY A 336 -2.39 29.39 12.26
C GLY A 336 -1.98 28.01 11.78
N PRO A 337 -1.92 27.05 12.72
CA PRO A 337 -1.40 25.71 12.38
C PRO A 337 -2.37 24.90 11.51
N HIS A 338 -2.21 25.00 10.19
CA HIS A 338 -3.02 24.23 9.27
C HIS A 338 -2.22 23.92 8.03
N ALA A 339 -2.59 22.82 7.36
CA ALA A 339 -1.89 22.43 6.15
C ALA A 339 -2.14 23.44 5.04
N LEU A 340 -1.12 23.65 4.21
CA LEU A 340 -1.37 24.26 2.92
C LEU A 340 -2.34 23.36 2.16
N GLY A 341 -3.26 23.98 1.43
CA GLY A 341 -4.33 23.24 0.79
C GLY A 341 -4.09 23.04 -0.69
N ALA A 342 -5.18 23.00 -1.44
CA ALA A 342 -5.11 23.04 -2.88
C ALA A 342 -4.54 24.39 -3.31
N PRO A 343 -4.00 24.47 -4.53
CA PRO A 343 -3.51 25.77 -5.02
C PRO A 343 -4.62 26.81 -5.02
N SER A 344 -4.28 28.04 -4.65
CA SER A 344 -5.25 29.13 -4.73
C SER A 344 -5.41 29.64 -6.16
N LEU A 345 -4.39 29.45 -7.00
CA LEU A 345 -4.39 30.01 -8.34
C LEU A 345 -3.43 29.19 -9.19
N LEU A 346 -3.85 28.92 -10.42
CA LEU A 346 -3.00 28.31 -11.44
C LEU A 346 -2.76 29.32 -12.55
N LEU A 347 -1.49 29.60 -12.83
CA LEU A 347 -1.07 30.42 -13.96
C LEU A 347 -0.42 29.52 -15.00
N THR A 348 -0.90 29.60 -16.25
CA THR A 348 -0.50 28.67 -17.29
C THR A 348 0.05 29.42 -18.49
N GLY A 349 1.16 28.93 -19.04
CA GLY A 349 1.76 29.56 -20.20
C GLY A 349 0.89 29.44 -21.44
N THR A 350 1.30 30.17 -22.48
CA THR A 350 0.56 30.17 -23.73
CA THR A 350 0.59 30.27 -23.76
C THR A 350 1.39 29.73 -24.93
N GLN A 351 2.69 30.03 -24.96
CA GLN A 351 3.54 29.71 -26.11
C GLN A 351 4.08 28.30 -25.99
N LEU A 352 3.90 27.52 -27.06
CA LEU A 352 4.40 26.15 -27.08
C LEU A 352 5.91 26.12 -26.82
N TYR A 353 6.31 25.30 -25.84
CA TYR A 353 7.70 25.10 -25.42
C TYR A 353 8.30 26.32 -24.75
N GLY A 354 7.49 27.29 -24.33
CA GLY A 354 8.03 28.53 -23.76
C GLY A 354 8.61 28.38 -22.37
N ARG A 355 8.22 27.33 -21.64
CA ARG A 355 8.77 27.01 -20.31
C ARG A 355 8.39 28.07 -19.27
N PHE A 356 7.15 28.53 -19.34
CA PHE A 356 6.57 29.38 -18.32
C PHE A 356 6.68 28.72 -16.95
N GLY A 357 7.24 29.45 -16.00
CA GLY A 357 7.51 28.93 -14.67
C GLY A 357 8.91 28.40 -14.48
N SER A 358 9.80 28.61 -15.44
CA SER A 358 11.19 28.18 -15.28
C SER A 358 11.90 28.98 -14.20
N ALA A 359 11.44 30.20 -13.93
CA ALA A 359 11.95 31.01 -12.85
C ALA A 359 10.81 31.87 -12.31
N ILE A 360 10.81 32.09 -10.99
CA ILE A 360 9.79 32.89 -10.31
C ILE A 360 10.52 33.78 -9.31
N ALA A 361 10.41 35.10 -9.49
CA ALA A 361 11.13 36.06 -8.66
C ALA A 361 10.18 36.93 -7.86
N PRO A 362 10.28 36.94 -6.53
CA PRO A 362 9.57 37.96 -5.76
C PRO A 362 10.06 39.35 -6.15
N LEU A 363 9.12 40.29 -6.30
CA LEU A 363 9.44 41.66 -6.68
C LEU A 363 9.36 42.62 -5.51
N GLY A 364 8.97 42.15 -4.32
CA GLY A 364 8.54 43.16 -3.39
C GLY A 364 7.25 43.78 -3.91
N ASP A 365 6.94 44.97 -3.42
CA ASP A 365 5.74 45.70 -3.82
C ASP A 365 6.13 46.67 -4.94
N LEU A 366 5.98 46.21 -6.18
CA LEU A 366 6.44 46.97 -7.35
C LEU A 366 5.68 48.28 -7.50
N ASP A 367 4.35 48.23 -7.51
CA ASP A 367 3.54 49.42 -7.72
C ASP A 367 3.17 50.15 -6.42
N ARG A 368 3.68 49.68 -5.28
CA ARG A 368 3.57 50.38 -3.99
C ARG A 368 2.12 50.51 -3.52
N ASP A 369 1.32 49.46 -3.73
CA ASP A 369 -0.07 49.46 -3.31
C ASP A 369 -0.32 48.68 -2.02
N GLY A 370 0.72 48.12 -1.40
CA GLY A 370 0.56 47.36 -0.18
C GLY A 370 0.61 45.85 -0.33
N TYR A 371 0.65 45.33 -1.55
CA TYR A 371 0.74 43.89 -1.80
C TYR A 371 1.99 43.58 -2.59
N ASN A 372 2.65 42.49 -2.23
CA ASN A 372 3.86 42.08 -2.94
C ASN A 372 3.50 41.39 -4.25
N ASP A 373 4.41 41.46 -5.21
CA ASP A 373 4.17 41.04 -6.57
C ASP A 373 5.29 40.09 -6.99
N ILE A 374 5.11 39.46 -8.16
CA ILE A 374 6.09 38.50 -8.65
C ILE A 374 6.32 38.68 -10.15
N ALA A 375 7.45 38.16 -10.62
CA ALA A 375 7.75 38.02 -12.04
C ALA A 375 7.97 36.55 -12.33
N VAL A 376 7.35 36.07 -13.41
CA VAL A 376 7.50 34.70 -13.88
C VAL A 376 8.19 34.75 -15.23
N ALA A 377 9.17 33.90 -15.44
CA ALA A 377 9.89 33.86 -16.71
C ALA A 377 9.37 32.74 -17.59
N ALA A 378 9.34 33.00 -18.89
CA ALA A 378 9.15 31.98 -19.93
C ALA A 378 10.31 32.18 -20.91
N PRO A 379 11.46 31.55 -20.64
CA PRO A 379 12.68 31.90 -21.39
C PRO A 379 12.63 31.57 -22.86
N TYR A 380 11.64 30.80 -23.32
CA TYR A 380 11.44 30.57 -24.75
C TYR A 380 10.04 30.97 -25.18
N GLY A 381 9.37 31.81 -24.39
CA GLY A 381 8.04 32.28 -24.72
C GLY A 381 8.05 33.50 -25.61
N GLY A 382 6.89 34.16 -25.68
CA GLY A 382 6.71 35.27 -26.58
C GLY A 382 6.35 34.77 -27.97
N PRO A 383 5.71 35.62 -28.77
CA PRO A 383 5.31 35.19 -30.12
C PRO A 383 6.48 34.83 -31.02
N SER A 384 7.69 35.30 -30.72
CA SER A 384 8.86 34.98 -31.53
C SER A 384 9.72 33.91 -30.88
N GLY A 385 9.33 33.41 -29.71
CA GLY A 385 10.12 32.41 -29.04
C GLY A 385 11.38 32.92 -28.38
N ARG A 386 11.58 34.23 -28.34
CA ARG A 386 12.82 34.79 -27.82
C ARG A 386 12.81 34.90 -26.30
N GLY A 387 11.67 34.76 -25.65
CA GLY A 387 11.61 34.81 -24.20
C GLY A 387 10.79 35.99 -23.70
N GLN A 388 10.06 35.77 -22.60
CA GLN A 388 9.25 36.80 -21.98
C GLN A 388 9.31 36.66 -20.47
N VAL A 389 9.16 37.79 -19.77
CA VAL A 389 8.99 37.82 -18.32
C VAL A 389 7.67 38.52 -18.02
N LEU A 390 6.84 37.87 -17.20
CA LEU A 390 5.48 38.33 -16.95
C LEU A 390 5.32 38.75 -15.49
N VAL A 391 4.76 39.93 -15.26
CA VAL A 391 4.59 40.50 -13.92
C VAL A 391 3.16 40.25 -13.46
N PHE A 392 3.01 39.68 -12.27
CA PHE A 392 1.70 39.44 -11.66
C PHE A 392 1.66 40.16 -10.31
N LEU A 393 0.60 40.93 -10.10
CA LEU A 393 0.48 41.77 -8.92
C LEU A 393 -0.32 41.06 -7.82
N GLY A 394 0.12 41.25 -6.58
CA GLY A 394 -0.62 40.74 -5.45
C GLY A 394 -1.92 41.50 -5.22
N GLN A 395 -2.82 40.86 -4.48
CA GLN A 395 -4.09 41.45 -4.09
C GLN A 395 -4.59 40.71 -2.86
N SER A 396 -5.71 41.19 -2.31
CA SER A 396 -6.19 40.64 -1.04
C SER A 396 -6.48 39.15 -1.15
N GLU A 397 -6.83 38.65 -2.33
CA GLU A 397 -7.19 37.25 -2.52
C GLU A 397 -6.07 36.41 -3.13
N GLY A 398 -4.86 36.93 -3.20
CA GLY A 398 -3.75 36.19 -3.76
C GLY A 398 -2.99 36.97 -4.81
N LEU A 399 -3.02 36.50 -6.06
CA LEU A 399 -2.44 37.20 -7.20
C LEU A 399 -3.52 37.45 -8.24
N ARG A 400 -3.33 38.49 -9.04
CA ARG A 400 -4.14 38.69 -10.23
C ARG A 400 -3.92 37.54 -11.21
N SER A 401 -4.96 37.18 -11.96
CA SER A 401 -4.82 36.06 -12.88
C SER A 401 -4.22 36.48 -14.22
N ARG A 402 -4.16 37.78 -14.51
CA ARG A 402 -3.58 38.27 -15.75
C ARG A 402 -2.40 39.19 -15.45
N PRO A 403 -1.36 39.15 -16.30
CA PRO A 403 -0.17 39.94 -15.99
C PRO A 403 -0.42 41.43 -16.16
N SER A 404 0.25 42.22 -15.31
CA SER A 404 0.13 43.67 -15.40
C SER A 404 1.08 44.24 -16.45
N GLN A 405 2.10 43.48 -16.83
CA GLN A 405 3.13 43.95 -17.74
C GLN A 405 3.88 42.72 -18.25
N VAL A 406 4.31 42.78 -19.50
CA VAL A 406 5.08 41.70 -20.11
C VAL A 406 6.35 42.30 -20.70
N LEU A 407 7.49 41.72 -20.35
CA LEU A 407 8.78 42.16 -20.85
C LEU A 407 9.24 41.19 -21.93
N ASP A 408 9.38 41.69 -23.16
CA ASP A 408 9.91 40.89 -24.26
C ASP A 408 11.43 40.97 -24.26
N SER A 409 12.08 39.83 -24.50
CA SER A 409 13.53 39.78 -24.53
C SER A 409 14.09 40.83 -25.49
N PRO A 410 15.07 41.63 -25.08
CA PRO A 410 15.78 42.50 -26.02
C PRO A 410 16.89 41.81 -26.79
N PHE A 411 17.13 40.52 -26.54
CA PHE A 411 18.27 39.79 -27.08
C PHE A 411 17.84 38.92 -28.25
N PRO A 412 18.80 38.36 -29.00
CA PRO A 412 18.44 37.47 -30.12
C PRO A 412 17.87 36.14 -29.63
N THR A 413 17.42 35.35 -30.61
CA THR A 413 16.98 33.99 -30.35
C THR A 413 18.06 33.20 -29.62
N GLY A 414 17.64 32.35 -28.69
CA GLY A 414 18.54 31.47 -27.97
C GLY A 414 19.19 32.06 -26.75
N SER A 415 18.84 33.30 -26.37
CA SER A 415 19.50 33.94 -25.24
C SER A 415 19.07 33.37 -23.89
N ALA A 416 17.91 32.70 -23.83
CA ALA A 416 17.35 32.17 -22.57
C ALA A 416 17.02 33.27 -21.57
N PHE A 417 16.67 34.44 -22.10
CA PHE A 417 16.16 35.59 -21.34
C PHE A 417 15.14 35.15 -20.28
N GLY A 418 15.48 35.38 -19.01
CA GLY A 418 14.60 35.03 -17.91
C GLY A 418 14.96 33.73 -17.21
N PHE A 419 15.91 32.96 -17.73
CA PHE A 419 16.34 31.75 -17.06
C PHE A 419 16.75 32.03 -15.62
N SER A 420 17.32 33.22 -15.37
CA SER A 420 17.58 33.68 -14.01
C SER A 420 16.94 35.05 -13.84
N LEU A 421 16.45 35.31 -12.63
CA LEU A 421 15.69 36.51 -12.30
C LEU A 421 15.97 36.90 -10.86
N ARG A 422 15.94 38.20 -10.58
CA ARG A 422 16.03 38.64 -9.20
C ARG A 422 15.36 40.01 -9.09
N GLY A 423 14.52 40.16 -8.07
CA GLY A 423 13.84 41.42 -7.82
C GLY A 423 13.90 41.86 -6.38
N ALA A 424 13.02 42.79 -6.01
CA ALA A 424 12.80 43.26 -4.64
C ALA A 424 13.93 44.12 -4.09
N VAL A 425 14.81 44.66 -4.93
CA VAL A 425 15.88 45.53 -4.44
C VAL A 425 15.93 46.80 -5.28
N ASP A 426 16.02 47.94 -4.60
CA ASP A 426 16.07 49.27 -5.23
C ASP A 426 17.53 49.59 -5.52
N ILE A 427 17.96 49.40 -6.77
CA ILE A 427 19.37 49.55 -7.07
C ILE A 427 19.75 51.01 -7.32
N ASP A 428 18.82 51.83 -7.81
CA ASP A 428 19.07 53.23 -8.12
C ASP A 428 18.52 54.18 -7.07
N ASP A 429 17.98 53.66 -5.97
CA ASP A 429 17.59 54.47 -4.81
C ASP A 429 16.49 55.47 -5.15
N ASN A 430 15.56 55.09 -6.01
CA ASN A 430 14.42 55.96 -6.31
C ASN A 430 13.15 55.56 -5.54
N GLY A 431 13.27 54.66 -4.57
CA GLY A 431 12.13 54.24 -3.77
C GLY A 431 11.27 53.15 -4.36
N TYR A 432 11.63 52.60 -5.53
CA TYR A 432 10.88 51.52 -6.16
C TYR A 432 11.81 50.35 -6.43
N PRO A 433 11.38 49.12 -6.16
CA PRO A 433 12.26 47.95 -6.34
C PRO A 433 12.32 47.50 -7.79
N ASP A 434 13.51 47.02 -8.17
CA ASP A 434 13.88 46.84 -9.56
C ASP A 434 14.10 45.35 -9.86
N LEU A 435 14.29 45.05 -11.15
CA LEU A 435 14.37 43.67 -11.63
C LEU A 435 15.60 43.47 -12.50
N ILE A 436 16.40 42.45 -12.19
CA ILE A 436 17.52 42.06 -13.03
C ILE A 436 17.20 40.72 -13.68
N VAL A 437 17.48 40.61 -14.98
CA VAL A 437 17.10 39.44 -15.77
C VAL A 437 18.35 38.92 -16.47
N GLY A 438 18.69 37.66 -16.22
CA GLY A 438 19.83 37.05 -16.87
C GLY A 438 19.45 36.45 -18.21
N ALA A 439 20.39 36.53 -19.16
CA ALA A 439 20.22 35.96 -20.49
C ALA A 439 21.54 35.26 -20.84
N TYR A 440 21.80 34.14 -20.19
CA TYR A 440 23.13 33.53 -20.30
C TYR A 440 23.45 33.12 -21.73
N GLY A 441 22.43 32.85 -22.55
CA GLY A 441 22.70 32.50 -23.95
C GLY A 441 23.30 33.65 -24.73
N ALA A 442 23.04 34.90 -24.32
CA ALA A 442 23.66 36.07 -24.91
C ALA A 442 24.78 36.64 -24.05
N ASN A 443 25.10 35.98 -22.93
CA ASN A 443 26.17 36.43 -22.04
C ASN A 443 25.91 37.84 -21.51
N GLN A 444 24.64 38.15 -21.23
CA GLN A 444 24.30 39.50 -20.78
C GLN A 444 23.27 39.45 -19.66
N VAL A 445 23.17 40.58 -18.96
CA VAL A 445 22.18 40.82 -17.92
C VAL A 445 21.49 42.15 -18.24
N ALA A 446 20.16 42.16 -18.17
CA ALA A 446 19.37 43.36 -18.36
C ALA A 446 18.80 43.82 -17.02
N VAL A 447 18.85 45.13 -16.77
CA VAL A 447 18.29 45.72 -15.55
C VAL A 447 17.07 46.55 -15.94
N TYR A 448 15.92 46.23 -15.35
CA TYR A 448 14.70 46.99 -15.52
C TYR A 448 14.46 47.82 -14.27
N ARG A 449 14.38 49.14 -14.45
CA ARG A 449 14.14 50.05 -13.34
C ARG A 449 12.65 50.32 -13.20
N ALA A 450 12.15 50.21 -11.98
CA ALA A 450 10.77 50.57 -11.69
C ALA A 450 10.65 52.08 -11.56
N GLN A 451 9.53 52.61 -12.03
CA GLN A 451 9.26 54.04 -12.07
C GLN A 451 7.91 54.34 -11.44
N PRO A 452 7.64 55.59 -11.10
CA PRO A 452 6.32 55.93 -10.56
C PRO A 452 5.21 55.46 -11.50
N VAL A 453 4.09 55.06 -10.89
CA VAL A 453 3.02 54.43 -11.66
C VAL A 453 2.37 55.46 -12.58
N VAL A 454 2.18 55.10 -13.84
CA VAL A 454 1.54 55.96 -14.84
C VAL A 454 0.06 55.66 -14.94
N GLY B 1 -48.88 32.42 -49.18
CA GLY B 1 -48.83 33.54 -48.27
C GLY B 1 -47.42 34.07 -48.05
N PRO B 2 -47.29 35.15 -47.29
CA PRO B 2 -45.96 35.71 -47.03
C PRO B 2 -45.13 34.78 -46.16
N ASN B 3 -43.82 34.98 -46.22
CA ASN B 3 -42.86 34.16 -45.50
C ASN B 3 -41.67 35.02 -45.13
N ILE B 4 -40.66 34.37 -44.54
CA ILE B 4 -39.44 35.07 -44.17
C ILE B 4 -38.75 35.69 -45.38
N CYS B 5 -38.99 35.17 -46.58
CA CYS B 5 -38.36 35.74 -47.77
C CYS B 5 -38.99 37.07 -48.13
N THR B 6 -40.33 37.14 -48.14
CA THR B 6 -41.01 38.38 -48.51
C THR B 6 -41.08 39.35 -47.34
N THR B 7 -41.33 38.86 -46.13
CA THR B 7 -41.49 39.74 -44.98
C THR B 7 -40.20 40.46 -44.62
N ARG B 8 -39.05 39.85 -44.91
CA ARG B 8 -37.77 40.52 -44.65
C ARG B 8 -37.58 41.78 -45.49
N GLY B 9 -38.30 41.89 -46.61
CA GLY B 9 -38.20 43.07 -47.46
C GLY B 9 -36.80 43.31 -47.98
N VAL B 10 -36.25 42.35 -48.71
CA VAL B 10 -34.87 42.44 -49.14
C VAL B 10 -34.72 43.47 -50.26
N SER B 11 -33.48 43.92 -50.47
CA SER B 11 -33.18 44.96 -51.44
C SER B 11 -32.47 44.45 -52.70
N SER B 12 -31.91 43.25 -52.67
CA SER B 12 -31.15 42.75 -53.81
C SER B 12 -31.22 41.23 -53.85
N CYS B 13 -30.74 40.69 -54.98
CA CYS B 13 -30.69 39.23 -55.13
C CYS B 13 -29.80 38.59 -54.09
N GLN B 14 -28.63 39.20 -53.83
CA GLN B 14 -27.71 38.67 -52.83
C GLN B 14 -28.36 38.66 -51.45
N GLN B 15 -28.98 39.78 -51.06
CA GLN B 15 -29.68 39.83 -49.77
C GLN B 15 -30.78 38.79 -49.70
N CYS B 16 -31.42 38.48 -50.82
CA CYS B 16 -32.51 37.51 -50.82
C CYS B 16 -32.01 36.13 -50.45
N LEU B 17 -30.92 35.69 -51.08
CA LEU B 17 -30.39 34.35 -50.80
C LEU B 17 -29.88 34.22 -49.38
N ALA B 18 -29.43 35.32 -48.78
CA ALA B 18 -28.89 35.27 -47.43
C ALA B 18 -29.98 35.13 -46.37
N VAL B 19 -31.25 35.39 -46.73
CA VAL B 19 -32.32 35.30 -45.75
C VAL B 19 -32.49 33.86 -45.28
N SER B 20 -32.59 32.92 -46.22
CA SER B 20 -32.80 31.52 -45.88
C SER B 20 -32.37 30.68 -47.07
N PRO B 21 -31.93 29.43 -46.84
CA PRO B 21 -31.62 28.53 -47.97
C PRO B 21 -32.82 28.22 -48.85
N MET B 22 -34.04 28.52 -48.40
CA MET B 22 -35.24 28.25 -49.16
C MET B 22 -35.67 29.42 -50.05
N CYS B 23 -35.05 30.59 -49.91
CA CYS B 23 -35.46 31.74 -50.68
C CYS B 23 -34.87 31.73 -52.08
N ALA B 24 -35.64 32.25 -53.03
CA ALA B 24 -35.21 32.39 -54.41
C ALA B 24 -35.52 33.80 -54.89
N TRP B 25 -34.84 34.21 -55.95
CA TRP B 25 -34.96 35.56 -56.49
C TRP B 25 -35.40 35.50 -57.94
N CYS B 26 -36.25 36.44 -58.35
CA CYS B 26 -36.72 36.55 -59.72
C CYS B 26 -36.14 37.83 -60.33
N SER B 27 -35.35 37.66 -61.39
CA SER B 27 -34.70 38.78 -62.07
C SER B 27 -35.48 39.24 -63.30
N ASP B 28 -36.75 38.86 -63.41
CA ASP B 28 -37.53 39.15 -64.60
C ASP B 28 -38.03 40.60 -64.58
N GLU B 29 -38.10 41.18 -65.77
CA GLU B 29 -38.60 42.55 -65.90
C GLU B 29 -40.11 42.61 -65.70
N ALA B 30 -40.86 41.77 -66.41
CA ALA B 30 -42.31 41.80 -66.37
C ALA B 30 -42.85 41.21 -65.08
N LEU B 31 -42.63 41.92 -63.97
CA LEU B 31 -43.10 41.49 -62.66
C LEU B 31 -43.90 42.64 -62.06
N PRO B 32 -45.09 42.36 -61.49
CA PRO B 32 -45.91 43.45 -60.95
C PRO B 32 -45.17 44.23 -59.86
N LEU B 33 -45.59 45.48 -59.69
CA LEU B 33 -44.94 46.37 -58.73
C LEU B 33 -45.05 45.82 -57.31
N GLY B 34 -46.27 45.42 -56.92
CA GLY B 34 -46.46 44.96 -55.55
C GLY B 34 -45.89 43.58 -55.29
N SER B 35 -45.72 42.77 -56.33
CA SER B 35 -45.28 41.40 -56.13
C SER B 35 -43.81 41.37 -55.72
N PRO B 36 -43.45 40.60 -54.71
CA PRO B 36 -42.04 40.54 -54.29
C PRO B 36 -41.21 39.64 -55.20
N ARG B 37 -39.94 39.99 -55.34
CA ARG B 37 -38.99 39.22 -56.13
C ARG B 37 -38.26 38.17 -55.30
N CYS B 38 -38.44 38.18 -53.99
CA CYS B 38 -37.77 37.23 -53.10
C CYS B 38 -38.85 36.39 -52.42
N ASP B 39 -38.97 35.14 -52.85
CA ASP B 39 -40.03 34.26 -52.37
C ASP B 39 -39.57 32.83 -52.59
N LEU B 40 -40.41 31.87 -52.18
CA LEU B 40 -40.17 30.49 -52.53
C LEU B 40 -40.13 30.33 -54.04
N LYS B 41 -39.31 29.39 -54.52
CA LYS B 41 -39.24 29.14 -55.95
C LYS B 41 -40.60 28.74 -56.52
N GLU B 42 -41.41 28.03 -55.73
CA GLU B 42 -42.75 27.68 -56.17
C GLU B 42 -43.61 28.92 -56.34
N ASN B 43 -43.58 29.82 -55.35
CA ASN B 43 -44.40 31.03 -55.41
C ASN B 43 -44.00 31.94 -56.57
N LEU B 44 -42.72 31.92 -56.94
CA LEU B 44 -42.27 32.74 -58.06
C LEU B 44 -42.85 32.23 -59.38
N LEU B 45 -42.73 30.92 -59.63
CA LEU B 45 -43.32 30.34 -60.82
C LEU B 45 -44.84 30.48 -60.83
N LYS B 46 -45.46 30.50 -59.65
CA LYS B 46 -46.89 30.73 -59.56
C LYS B 46 -47.27 32.13 -60.02
N ASP B 47 -46.36 33.11 -59.82
CA ASP B 47 -46.58 34.48 -60.27
C ASP B 47 -45.96 34.75 -61.64
N ASN B 48 -45.85 33.73 -62.48
CA ASN B 48 -45.47 33.89 -63.88
C ASN B 48 -44.05 34.44 -64.04
N CYS B 49 -43.14 34.03 -63.16
CA CYS B 49 -41.75 34.43 -63.28
C CYS B 49 -41.04 33.54 -64.29
N ALA B 50 -40.28 34.17 -65.19
CA ALA B 50 -39.54 33.43 -66.19
C ALA B 50 -38.58 32.45 -65.53
N PRO B 51 -38.67 31.15 -65.85
CA PRO B 51 -37.81 30.18 -65.17
C PRO B 51 -36.32 30.46 -65.29
N GLU B 52 -35.89 31.04 -66.41
CA GLU B 52 -34.48 31.37 -66.57
C GLU B 52 -34.05 32.48 -65.63
N SER B 53 -34.93 33.43 -65.33
CA SER B 53 -34.61 34.55 -64.46
C SER B 53 -34.69 34.20 -62.98
N ILE B 54 -34.79 32.91 -62.64
CA ILE B 54 -34.89 32.48 -61.25
C ILE B 54 -33.50 32.12 -60.75
N GLU B 55 -33.06 32.77 -59.67
CA GLU B 55 -31.81 32.44 -59.00
C GLU B 55 -32.14 31.64 -57.75
N PHE B 56 -31.81 30.36 -57.76
CA PHE B 56 -32.06 29.48 -56.61
C PHE B 56 -30.98 28.41 -56.57
N PRO B 57 -29.82 28.73 -56.00
CA PRO B 57 -28.78 27.70 -55.80
C PRO B 57 -29.22 26.68 -54.77
N VAL B 58 -28.76 25.45 -54.97
CA VAL B 58 -29.06 24.33 -54.07
C VAL B 58 -27.73 23.77 -53.56
N SER B 59 -27.61 23.67 -52.24
CA SER B 59 -26.41 23.09 -51.64
C SER B 59 -26.31 21.63 -52.01
N GLU B 60 -25.16 21.24 -52.58
CA GLU B 60 -24.97 19.89 -53.08
C GLU B 60 -23.59 19.39 -52.72
N ALA B 61 -23.34 18.13 -53.03
CA ALA B 61 -22.05 17.50 -52.83
C ALA B 61 -21.88 16.42 -53.89
N ARG B 62 -20.79 16.49 -54.66
CA ARG B 62 -20.51 15.49 -55.68
C ARG B 62 -19.07 15.03 -55.57
N VAL B 63 -18.86 13.73 -55.78
CA VAL B 63 -17.54 13.14 -55.66
C VAL B 63 -16.74 13.45 -56.91
N LEU B 64 -15.44 13.68 -56.74
CA LEU B 64 -14.51 13.88 -57.84
C LEU B 64 -13.58 12.70 -58.04
N GLU B 65 -13.04 12.15 -56.96
CA GLU B 65 -12.25 10.93 -56.98
C GLU B 65 -12.91 9.92 -56.05
N ASP B 66 -13.11 8.70 -56.56
CA ASP B 66 -13.85 7.67 -55.82
C ASP B 66 -13.23 6.30 -56.10
N ARG B 67 -11.91 6.20 -55.92
CA ARG B 67 -11.23 4.94 -56.12
C ARG B 67 -11.78 3.89 -55.16
N PRO B 68 -11.91 2.64 -55.59
CA PRO B 68 -12.37 1.59 -54.67
C PRO B 68 -11.33 1.28 -53.61
N LEU B 69 -11.81 0.93 -52.42
CA LEU B 69 -10.92 0.51 -51.35
C LEU B 69 -10.17 -0.75 -51.77
N SER B 70 -8.87 -0.79 -51.51
CA SER B 70 -8.06 -1.93 -51.90
C SER B 70 -8.43 -3.15 -51.08
N ASP B 71 -8.41 -4.32 -51.73
CA ASP B 71 -8.54 -5.56 -50.99
C ASP B 71 -7.23 -5.95 -50.31
N LYS B 72 -6.10 -5.64 -50.94
CA LYS B 72 -4.78 -5.97 -50.42
C LYS B 72 -3.89 -4.73 -50.47
N GLY B 73 -3.11 -4.54 -49.40
CA GLY B 73 -2.04 -3.56 -49.38
C GLY B 73 -0.74 -4.07 -49.93
N SER B 74 -0.71 -5.35 -50.30
CA SER B 74 0.45 -5.94 -50.94
C SER B 74 0.57 -5.45 -52.38
N GLY B 75 1.76 -5.63 -52.95
CA GLY B 75 2.00 -5.16 -54.30
C GLY B 75 1.79 -3.66 -54.43
N ASP B 76 1.73 -3.23 -55.70
CA ASP B 76 1.52 -1.83 -56.07
C ASP B 76 2.68 -0.95 -55.63
N SER B 77 2.95 0.10 -56.41
CA SER B 77 3.86 1.14 -55.94
C SER B 77 3.08 2.08 -55.02
N SER B 78 2.48 1.52 -53.98
CA SER B 78 1.62 2.27 -53.06
C SER B 78 0.45 2.94 -53.79
N GLN B 79 -0.13 2.24 -54.76
CA GLN B 79 -1.43 2.58 -55.31
C GLN B 79 -2.56 2.03 -54.45
N VAL B 80 -2.35 1.97 -53.14
CA VAL B 80 -3.29 1.37 -52.19
C VAL B 80 -4.29 2.43 -51.74
N THR B 81 -5.56 2.07 -51.72
CA THR B 81 -6.63 2.97 -51.32
C THR B 81 -7.22 2.50 -49.99
N GLN B 82 -7.00 3.30 -48.94
CA GLN B 82 -7.55 3.01 -47.62
C GLN B 82 -8.74 3.90 -47.27
N VAL B 83 -8.99 4.93 -48.06
CA VAL B 83 -10.03 5.92 -47.81
C VAL B 83 -10.80 6.15 -49.11
N SER B 84 -12.13 6.21 -49.01
CA SER B 84 -12.94 6.48 -50.18
C SER B 84 -14.21 7.21 -49.75
N PRO B 85 -14.61 8.27 -50.46
CA PRO B 85 -13.90 8.82 -51.62
C PRO B 85 -12.65 9.60 -51.22
N GLN B 86 -11.84 9.97 -52.20
CA GLN B 86 -10.62 10.71 -51.92
C GLN B 86 -10.77 12.21 -52.11
N ARG B 87 -11.80 12.64 -52.82
CA ARG B 87 -11.97 14.06 -53.13
C ARG B 87 -13.42 14.29 -53.53
N ILE B 88 -14.04 15.29 -52.90
CA ILE B 88 -15.42 15.66 -53.23
C ILE B 88 -15.50 17.17 -53.42
N ALA B 89 -16.49 17.60 -54.18
CA ALA B 89 -16.81 19.01 -54.34
C ALA B 89 -18.05 19.31 -53.50
N LEU B 90 -17.93 20.30 -52.62
CA LEU B 90 -19.01 20.68 -51.72
C LEU B 90 -19.44 22.11 -52.03
N ARG B 91 -20.74 22.33 -52.10
CA ARG B 91 -21.31 23.64 -52.40
C ARG B 91 -22.35 23.99 -51.34
N LEU B 92 -22.28 25.21 -50.81
CA LEU B 92 -23.13 25.63 -49.71
C LEU B 92 -23.54 27.08 -49.89
N ARG B 93 -24.83 27.35 -49.75
CA ARG B 93 -25.32 28.71 -49.70
C ARG B 93 -25.40 29.16 -48.24
N PRO B 94 -25.59 30.46 -47.98
CA PRO B 94 -25.45 30.96 -46.60
C PRO B 94 -26.32 30.21 -45.60
N ASP B 95 -25.75 29.96 -44.42
CA ASP B 95 -26.45 29.38 -43.27
C ASP B 95 -27.03 28.00 -43.57
N ASP B 96 -26.55 27.33 -44.61
CA ASP B 96 -27.07 26.03 -45.02
C ASP B 96 -26.10 24.92 -44.63
N SER B 97 -26.53 23.68 -44.87
CA SER B 97 -25.73 22.53 -44.52
C SER B 97 -25.99 21.40 -45.50
N LYS B 98 -24.94 20.62 -45.79
CA LYS B 98 -25.01 19.46 -46.65
C LYS B 98 -24.21 18.35 -46.00
N ASN B 99 -24.57 17.10 -46.31
CA ASN B 99 -23.95 15.94 -45.69
C ASN B 99 -23.29 15.05 -46.74
N PHE B 100 -22.27 14.32 -46.30
CA PHE B 100 -21.51 13.42 -47.16
C PHE B 100 -20.92 12.32 -46.29
N SER B 101 -20.30 11.33 -46.95
CA SER B 101 -19.83 10.14 -46.27
C SER B 101 -18.36 9.90 -46.56
N ILE B 102 -17.75 9.03 -45.75
CA ILE B 102 -16.38 8.58 -45.95
C ILE B 102 -16.27 7.15 -45.43
N GLN B 103 -15.50 6.33 -46.14
CA GLN B 103 -15.24 4.95 -45.75
C GLN B 103 -13.75 4.78 -45.48
N VAL B 104 -13.44 3.98 -44.45
CA VAL B 104 -12.06 3.75 -44.03
C VAL B 104 -11.87 2.25 -43.81
N ARG B 105 -10.82 1.70 -44.40
CA ARG B 105 -10.51 0.27 -44.30
C ARG B 105 -9.11 0.08 -43.75
N GLN B 106 -9.00 -0.78 -42.73
CA GLN B 106 -7.71 -1.27 -42.25
C GLN B 106 -7.27 -2.36 -43.21
N VAL B 107 -6.46 -1.97 -44.20
CA VAL B 107 -6.21 -2.83 -45.36
C VAL B 107 -5.38 -4.04 -44.94
N GLU B 108 -5.72 -5.19 -45.53
CA GLU B 108 -5.00 -6.43 -45.28
C GLU B 108 -3.69 -6.45 -46.06
N ASP B 109 -2.66 -7.03 -45.44
CA ASP B 109 -1.34 -7.23 -46.07
C ASP B 109 -0.67 -5.89 -46.39
N TYR B 110 -0.62 -5.01 -45.40
CA TYR B 110 0.06 -3.73 -45.53
C TYR B 110 1.49 -3.83 -45.01
N PRO B 111 2.45 -3.20 -45.67
CA PRO B 111 3.85 -3.33 -45.23
C PRO B 111 4.07 -2.80 -43.83
N VAL B 112 5.14 -3.27 -43.19
CA VAL B 112 5.42 -3.00 -41.78
C VAL B 112 6.92 -2.79 -41.59
N ASP B 113 7.27 -1.67 -40.96
CA ASP B 113 8.63 -1.43 -40.47
C ASP B 113 8.65 -1.64 -38.96
N ILE B 114 9.62 -2.41 -38.48
CA ILE B 114 9.82 -2.59 -37.04
C ILE B 114 11.27 -2.27 -36.72
N TYR B 115 11.48 -1.17 -35.99
CA TYR B 115 12.81 -0.80 -35.53
C TYR B 115 12.92 -1.16 -34.05
N TYR B 116 13.88 -2.02 -33.72
CA TYR B 116 14.06 -2.54 -32.37
C TYR B 116 15.07 -1.66 -31.64
N LEU B 117 14.60 -0.91 -30.64
CA LEU B 117 15.42 0.07 -29.92
C LEU B 117 15.61 -0.44 -28.49
N MET B 118 16.84 -0.84 -28.15
CA MET B 118 17.09 -1.69 -27.01
C MET B 118 17.99 -1.03 -25.99
N ASP B 119 17.54 -1.01 -24.74
CA ASP B 119 18.40 -0.72 -23.59
C ASP B 119 19.53 -1.74 -23.55
N LEU B 120 20.77 -1.26 -23.56
CA LEU B 120 21.93 -2.15 -23.45
C LEU B 120 22.81 -1.75 -22.28
N SER B 121 22.21 -1.23 -21.21
CA SER B 121 22.90 -1.14 -19.94
C SER B 121 23.04 -2.55 -19.36
N TYR B 122 23.72 -2.64 -18.21
CA TYR B 122 24.30 -3.93 -17.82
C TYR B 122 23.26 -5.01 -17.50
N SER B 123 22.04 -4.67 -17.08
CA SER B 123 21.03 -5.66 -16.71
C SER B 123 20.36 -6.33 -17.90
N MET B 124 20.67 -5.88 -19.11
CA MET B 124 20.09 -6.39 -20.34
C MET B 124 21.00 -7.42 -21.00
N LYS B 125 22.03 -7.87 -20.29
CA LYS B 125 22.96 -8.84 -20.85
C LYS B 125 22.27 -10.15 -21.21
N ASP B 126 21.38 -10.63 -20.34
CA ASP B 126 20.67 -11.87 -20.65
C ASP B 126 19.58 -11.66 -21.69
N ASP B 127 19.10 -10.43 -21.83
CA ASP B 127 18.14 -10.10 -22.89
C ASP B 127 18.78 -10.25 -24.28
N LEU B 128 20.04 -9.85 -24.42
CA LEU B 128 20.71 -9.97 -25.72
C LEU B 128 20.77 -11.42 -26.16
N TRP B 129 21.01 -12.33 -25.22
CA TRP B 129 21.08 -13.74 -25.56
C TRP B 129 19.73 -14.26 -26.07
N SER B 130 18.64 -13.76 -25.48
CA SER B 130 17.33 -14.29 -25.84
C SER B 130 16.91 -13.92 -27.25
N ILE B 131 17.34 -12.76 -27.75
CA ILE B 131 16.83 -12.25 -29.01
C ILE B 131 17.80 -12.52 -30.17
N GLN B 132 18.74 -13.44 -30.01
CA GLN B 132 19.67 -13.73 -31.10
C GLN B 132 18.97 -14.31 -32.32
N ASN B 133 17.82 -14.95 -32.12
CA ASN B 133 17.04 -15.50 -33.22
C ASN B 133 15.74 -14.72 -33.45
N LEU B 134 15.59 -13.56 -32.80
CA LEU B 134 14.35 -12.80 -32.90
C LEU B 134 14.03 -12.45 -34.35
N GLY B 135 15.03 -12.00 -35.10
CA GLY B 135 14.80 -11.58 -36.48
C GLY B 135 14.07 -12.63 -37.30
N THR B 136 14.53 -13.88 -37.23
CA THR B 136 13.90 -14.94 -38.00
C THR B 136 12.58 -15.39 -37.39
N LYS B 137 12.52 -15.50 -36.06
CA LYS B 137 11.26 -15.85 -35.39
C LYS B 137 10.20 -14.80 -35.68
N LEU B 138 10.57 -13.53 -35.62
CA LEU B 138 9.61 -12.46 -35.90
C LEU B 138 9.15 -12.51 -37.36
N ALA B 139 10.07 -12.80 -38.29
CA ALA B 139 9.70 -12.89 -39.69
C ALA B 139 8.68 -14.01 -39.92
N THR B 140 8.82 -15.13 -39.20
CA THR B 140 7.89 -16.23 -39.38
C THR B 140 6.47 -15.85 -38.96
N GLN B 141 6.33 -15.17 -37.82
CA GLN B 141 4.99 -14.81 -37.35
C GLN B 141 4.39 -13.63 -38.11
N MET B 142 5.21 -12.61 -38.42
CA MET B 142 4.70 -11.47 -39.17
C MET B 142 4.32 -11.83 -40.60
N ARG B 143 4.91 -12.89 -41.15
CA ARG B 143 4.57 -13.33 -42.50
C ARG B 143 3.10 -13.71 -42.61
N LYS B 144 2.48 -14.11 -41.49
CA LYS B 144 1.04 -14.37 -41.47
C LYS B 144 0.22 -13.09 -41.69
N LEU B 145 0.79 -11.92 -41.44
CA LEU B 145 0.07 -10.66 -41.51
C LEU B 145 0.47 -9.79 -42.68
N THR B 146 1.74 -9.78 -43.07
CA THR B 146 2.22 -8.93 -44.15
C THR B 146 3.26 -9.68 -44.96
N SER B 147 3.40 -9.28 -46.22
CA SER B 147 4.43 -9.82 -47.10
C SER B 147 5.54 -8.82 -47.36
N ASN B 148 5.57 -7.70 -46.64
CA ASN B 148 6.58 -6.65 -46.80
C ASN B 148 7.05 -6.21 -45.41
N LEU B 149 7.81 -7.07 -44.74
CA LEU B 149 8.36 -6.76 -43.42
C LEU B 149 9.79 -6.27 -43.56
N ARG B 150 10.11 -5.17 -42.90
CA ARG B 150 11.48 -4.71 -42.73
C ARG B 150 11.75 -4.53 -41.24
N ILE B 151 12.97 -4.86 -40.81
CA ILE B 151 13.32 -4.77 -39.40
C ILE B 151 14.71 -4.14 -39.27
N GLY B 152 14.96 -3.57 -38.09
CA GLY B 152 16.21 -2.90 -37.82
C GLY B 152 16.47 -2.84 -36.33
N PHE B 153 17.64 -2.29 -35.98
CA PHE B 153 18.10 -2.37 -34.60
C PHE B 153 18.91 -1.14 -34.25
N GLY B 154 18.73 -0.67 -33.03
CA GLY B 154 19.56 0.34 -32.42
C GLY B 154 19.57 0.10 -30.93
N ALA B 155 20.51 0.77 -30.25
CA ALA B 155 20.71 0.51 -28.83
C ALA B 155 21.11 1.80 -28.13
N PHE B 156 20.84 1.84 -26.82
CA PHE B 156 21.15 3.01 -26.03
C PHE B 156 21.58 2.60 -24.63
N VAL B 157 22.34 3.48 -23.99
CA VAL B 157 22.58 3.38 -22.55
C VAL B 157 22.18 4.70 -21.92
N ASP B 158 23.10 5.66 -21.87
CA ASP B 158 22.83 6.96 -21.25
C ASP B 158 23.91 7.92 -21.75
N LYS B 159 23.73 9.19 -21.40
CA LYS B 159 24.69 10.21 -21.83
C LYS B 159 26.08 9.87 -21.32
N PRO B 160 27.07 9.72 -22.20
CA PRO B 160 28.43 9.35 -21.73
C PRO B 160 29.18 10.53 -21.13
N VAL B 161 28.74 10.92 -19.93
CA VAL B 161 29.31 12.06 -19.23
C VAL B 161 29.10 11.86 -17.73
N SER B 162 30.06 12.34 -16.94
CA SER B 162 29.92 12.31 -15.49
C SER B 162 28.70 13.14 -15.08
N PRO B 163 27.90 12.68 -14.11
CA PRO B 163 28.06 11.52 -13.23
C PRO B 163 27.40 10.22 -13.73
N TYR B 164 26.78 10.23 -14.90
CA TYR B 164 26.21 8.99 -15.42
C TYR B 164 27.29 7.99 -15.78
N MET B 165 28.44 8.48 -16.25
CA MET B 165 29.54 7.65 -16.70
C MET B 165 30.63 7.61 -15.63
N TYR B 166 31.19 6.41 -15.42
CA TYR B 166 32.39 6.31 -14.60
C TYR B 166 33.57 6.89 -15.35
N ILE B 167 34.34 7.76 -14.70
CA ILE B 167 35.43 8.46 -15.38
C ILE B 167 36.77 8.24 -14.71
N SER B 168 36.87 7.27 -13.81
CA SER B 168 38.16 6.97 -13.19
C SER B 168 38.17 5.52 -12.75
N PRO B 169 39.33 4.84 -12.78
CA PRO B 169 40.63 5.23 -13.34
C PRO B 169 40.53 5.27 -14.86
N PRO B 170 41.60 5.63 -15.58
CA PRO B 170 41.52 5.61 -17.05
C PRO B 170 40.96 4.31 -17.60
N GLU B 171 41.31 3.18 -17.00
CA GLU B 171 40.81 1.88 -17.43
C GLU B 171 39.29 1.84 -17.48
N ALA B 172 38.63 2.52 -16.54
CA ALA B 172 37.18 2.51 -16.48
C ALA B 172 36.54 3.16 -17.71
N LEU B 173 37.28 4.02 -18.43
CA LEU B 173 36.72 4.64 -19.62
C LEU B 173 36.68 3.65 -20.78
N GLU B 174 37.73 2.84 -20.93
CA GLU B 174 37.75 1.80 -21.97
C GLU B 174 36.90 0.60 -21.57
N ASN B 175 36.77 0.33 -20.27
CA ASN B 175 36.04 -0.83 -19.79
C ASN B 175 35.36 -0.46 -18.48
N PRO B 176 34.12 0.01 -18.54
CA PRO B 176 33.40 0.38 -17.31
C PRO B 176 33.30 -0.76 -16.32
N CYS B 177 33.41 -2.00 -16.76
CA CYS B 177 33.29 -3.18 -15.91
C CYS B 177 34.63 -3.62 -15.32
N TYR B 178 35.61 -2.72 -15.27
CA TYR B 178 36.96 -3.11 -14.84
C TYR B 178 36.97 -3.59 -13.40
N ASP B 179 36.23 -2.92 -12.51
CA ASP B 179 36.27 -3.26 -11.09
C ASP B 179 35.37 -4.44 -10.75
N MET B 180 34.70 -5.01 -11.74
CA MET B 180 34.10 -6.32 -11.65
C MET B 180 35.08 -7.31 -12.30
N LYS B 181 34.62 -8.51 -12.63
CA LYS B 181 35.50 -9.52 -13.22
C LYS B 181 35.14 -9.80 -14.67
N THR B 182 34.82 -8.75 -15.43
CA THR B 182 34.39 -8.91 -16.81
C THR B 182 34.81 -7.70 -17.62
N THR B 183 34.43 -7.71 -18.89
CA THR B 183 34.63 -6.60 -19.82
C THR B 183 33.28 -6.21 -20.40
N CYS B 184 33.03 -4.91 -20.52
CA CYS B 184 31.90 -4.41 -21.26
C CYS B 184 32.35 -3.26 -22.14
N LEU B 185 31.48 -2.85 -23.05
CA LEU B 185 31.81 -1.79 -23.99
C LEU B 185 31.95 -0.45 -23.27
N PRO B 186 32.79 0.45 -23.78
CA PRO B 186 32.72 1.84 -23.35
C PRO B 186 31.29 2.36 -23.47
N MET B 187 30.95 3.30 -22.61
N MET B 187 30.96 3.31 -22.61
CA MET B 187 29.59 3.82 -22.58
CA MET B 187 29.63 3.91 -22.61
C MET B 187 29.27 4.60 -23.87
C MET B 187 29.31 4.52 -23.97
N PHE B 188 28.03 4.47 -24.32
CA PHE B 188 27.55 5.16 -25.52
C PHE B 188 26.13 5.66 -25.25
N GLY B 189 25.78 6.75 -25.91
CA GLY B 189 24.47 7.34 -25.75
C GLY B 189 23.40 6.60 -26.54
N TYR B 190 23.41 6.80 -27.86
CA TYR B 190 22.56 6.04 -28.76
C TYR B 190 23.39 5.69 -29.99
N LYS B 191 23.34 4.43 -30.41
CA LYS B 191 23.97 4.05 -31.67
C LYS B 191 22.98 3.31 -32.54
N HIS B 192 22.85 3.77 -33.78
CA HIS B 192 22.12 3.03 -34.79
C HIS B 192 23.00 1.87 -35.26
N VAL B 193 22.40 0.70 -35.45
CA VAL B 193 23.13 -0.51 -35.81
C VAL B 193 22.69 -1.07 -37.15
N LEU B 194 21.38 -1.21 -37.37
CA LEU B 194 20.88 -1.87 -38.57
C LEU B 194 19.72 -1.08 -39.15
N THR B 195 19.95 -0.48 -40.31
CA THR B 195 18.91 0.17 -41.09
C THR B 195 17.84 -0.85 -41.47
N LEU B 196 16.57 -0.40 -41.49
CA LEU B 196 15.46 -1.28 -41.81
C LEU B 196 15.69 -2.04 -43.10
N THR B 197 15.58 -3.37 -43.02
CA THR B 197 15.83 -4.23 -44.17
C THR B 197 14.89 -5.43 -44.11
N ASP B 198 14.62 -6.00 -45.28
CA ASP B 198 13.84 -7.23 -45.33
C ASP B 198 14.71 -8.48 -45.18
N GLN B 199 16.03 -8.30 -45.00
CA GLN B 199 16.97 -9.43 -44.86
C GLN B 199 17.15 -9.71 -43.38
N VAL B 200 16.26 -10.55 -42.83
CA VAL B 200 16.13 -10.65 -41.38
C VAL B 200 17.33 -11.32 -40.72
N THR B 201 18.13 -12.11 -41.44
CA THR B 201 19.33 -12.68 -40.82
C THR B 201 20.38 -11.61 -40.56
N ARG B 202 20.28 -10.44 -41.20
CA ARG B 202 21.12 -9.31 -40.81
C ARG B 202 20.83 -8.89 -39.37
N PHE B 203 19.56 -8.99 -38.96
CA PHE B 203 19.20 -8.66 -37.59
C PHE B 203 19.82 -9.65 -36.62
N ASN B 204 19.64 -10.95 -36.89
CA ASN B 204 20.23 -11.98 -36.04
C ASN B 204 21.74 -11.76 -35.89
N GLU B 205 22.45 -11.58 -37.01
CA GLU B 205 23.91 -11.55 -36.95
C GLU B 205 24.43 -10.27 -36.30
N GLU B 206 23.75 -9.14 -36.50
CA GLU B 206 24.15 -7.92 -35.80
C GLU B 206 23.95 -8.06 -34.30
N VAL B 207 22.80 -8.60 -33.88
CA VAL B 207 22.52 -8.78 -32.46
C VAL B 207 23.55 -9.68 -31.81
N LYS B 208 24.03 -10.70 -32.53
CA LYS B 208 25.01 -11.62 -31.97
C LYS B 208 26.35 -10.94 -31.70
N LYS B 209 26.63 -9.80 -32.34
CA LYS B 209 27.86 -9.06 -32.08
C LYS B 209 27.68 -7.91 -31.10
N GLN B 210 26.44 -7.61 -30.69
CA GLN B 210 26.20 -6.55 -29.71
C GLN B 210 26.58 -7.01 -28.31
N SER B 211 26.87 -6.04 -27.44
CA SER B 211 27.13 -6.33 -26.05
C SER B 211 26.75 -5.12 -25.21
N VAL B 212 26.73 -5.31 -23.89
CA VAL B 212 26.22 -4.29 -22.98
C VAL B 212 27.35 -3.38 -22.54
N SER B 213 26.98 -2.20 -22.02
CA SER B 213 27.88 -1.33 -21.30
C SER B 213 27.37 -1.23 -19.85
N ARG B 214 27.88 -0.23 -19.13
CA ARG B 214 27.54 -0.07 -17.73
C ARG B 214 27.61 1.41 -17.37
N ASN B 215 26.58 1.92 -16.71
CA ASN B 215 26.59 3.30 -16.25
C ASN B 215 26.15 3.33 -14.79
N ARG B 216 26.16 4.51 -14.20
CA ARG B 216 26.06 4.64 -12.75
C ARG B 216 24.63 4.74 -12.24
N ASP B 217 23.74 5.46 -12.94
CA ASP B 217 22.42 5.75 -12.40
C ASP B 217 21.32 5.00 -13.15
N ALA B 218 20.31 4.58 -12.37
CA ALA B 218 19.24 3.71 -12.86
C ALA B 218 18.45 4.31 -14.02
N PRO B 219 18.01 5.58 -14.00
CA PRO B 219 17.34 6.12 -15.18
C PRO B 219 18.30 6.13 -16.35
N GLU B 220 17.80 5.79 -17.54
CA GLU B 220 18.64 5.69 -18.71
C GLU B 220 18.23 6.71 -19.77
N GLY B 221 19.03 6.77 -20.83
CA GLY B 221 18.88 7.79 -21.84
C GLY B 221 18.08 7.38 -23.05
N GLY B 222 17.03 6.59 -22.83
CA GLY B 222 16.26 6.06 -23.95
C GLY B 222 15.48 7.10 -24.72
N PHE B 223 15.05 8.18 -24.05
CA PHE B 223 14.25 9.18 -24.76
C PHE B 223 15.09 9.92 -25.80
N ASP B 224 16.38 10.17 -25.51
CA ASP B 224 17.31 10.62 -26.55
C ASP B 224 17.23 9.71 -27.76
N ALA B 225 17.24 8.39 -27.54
CA ALA B 225 17.29 7.45 -28.65
C ALA B 225 15.96 7.41 -29.40
N ILE B 226 14.84 7.50 -28.69
CA ILE B 226 13.54 7.58 -29.35
C ILE B 226 13.51 8.77 -30.30
N MET B 227 14.02 9.93 -29.85
CA MET B 227 14.02 11.12 -30.69
C MET B 227 14.82 10.89 -31.96
N GLN B 228 16.04 10.37 -31.82
CA GLN B 228 16.89 10.17 -32.99
C GLN B 228 16.32 9.10 -33.93
N ALA B 229 15.81 8.00 -33.37
CA ALA B 229 15.22 6.97 -34.21
C ALA B 229 14.00 7.49 -34.96
N THR B 230 13.39 8.57 -34.48
CA THR B 230 12.21 9.14 -35.10
C THR B 230 12.57 10.13 -36.21
N VAL B 231 13.50 11.04 -35.94
CA VAL B 231 13.76 12.16 -36.87
C VAL B 231 14.91 11.87 -37.83
N CYS B 232 15.66 10.79 -37.64
CA CYS B 232 16.71 10.41 -38.58
C CYS B 232 16.12 9.43 -39.62
N ASP B 233 15.22 9.98 -40.43
CA ASP B 233 14.46 9.18 -41.41
C ASP B 233 15.38 8.33 -42.27
N GLU B 234 16.37 8.96 -42.90
CA GLU B 234 17.14 8.28 -43.92
C GLU B 234 18.05 7.23 -43.31
N LYS B 235 18.60 7.51 -42.14
CA LYS B 235 19.48 6.54 -41.49
C LYS B 235 18.70 5.34 -40.98
N ILE B 236 17.56 5.57 -40.31
CA ILE B 236 16.79 4.43 -39.80
C ILE B 236 16.11 3.70 -40.95
N GLY B 237 15.61 4.44 -41.93
CA GLY B 237 15.11 3.84 -43.15
C GLY B 237 13.61 3.64 -43.22
N TRP B 238 12.83 4.34 -42.39
CA TRP B 238 11.37 4.23 -42.46
C TRP B 238 10.87 4.42 -43.89
N ARG B 239 9.89 3.61 -44.27
CA ARG B 239 9.28 3.70 -45.59
C ARG B 239 8.05 4.59 -45.57
N ASN B 240 7.76 5.20 -46.71
CA ASN B 240 6.64 6.15 -46.79
C ASN B 240 5.29 5.45 -46.60
N ASP B 241 5.11 4.29 -47.22
CA ASP B 241 3.82 3.61 -47.23
C ASP B 241 3.94 2.31 -46.44
N ALA B 242 4.08 2.44 -45.13
CA ALA B 242 4.19 1.30 -44.25
C ALA B 242 3.84 1.72 -42.83
N SER B 243 3.35 0.76 -42.05
CA SER B 243 3.22 0.97 -40.62
C SER B 243 4.61 1.01 -39.99
N HIS B 244 4.81 1.98 -39.11
CA HIS B 244 6.09 2.20 -38.44
C HIS B 244 5.93 1.82 -36.97
N LEU B 245 6.61 0.77 -36.54
CA LEU B 245 6.61 0.35 -35.15
C LEU B 245 7.99 0.61 -34.57
N LEU B 246 8.05 1.40 -33.51
CA LEU B 246 9.29 1.66 -32.78
C LEU B 246 9.19 0.89 -31.47
N VAL B 247 9.93 -0.21 -31.36
CA VAL B 247 9.85 -1.09 -30.20
C VAL B 247 10.95 -0.70 -29.21
N PHE B 248 10.55 -0.15 -28.07
CA PHE B 248 11.45 0.37 -27.04
C PHE B 248 11.42 -0.58 -25.86
N THR B 249 12.54 -1.28 -25.62
CA THR B 249 12.62 -2.23 -24.50
C THR B 249 13.57 -1.69 -23.44
N THR B 250 13.14 -1.78 -22.18
CA THR B 250 13.97 -1.39 -21.05
C THR B 250 13.38 -1.99 -19.79
N ASP B 251 14.20 -2.02 -18.74
CA ASP B 251 13.81 -2.52 -17.43
C ASP B 251 13.98 -1.46 -16.34
N ALA B 252 14.07 -0.19 -16.72
CA ALA B 252 14.45 0.87 -15.79
C ALA B 252 13.64 2.13 -16.05
N LYS B 253 13.67 3.02 -15.06
CA LYS B 253 13.16 4.38 -15.22
C LYS B 253 13.87 5.08 -16.38
N THR B 254 13.43 6.29 -16.70
CA THR B 254 13.99 7.01 -17.83
C THR B 254 14.31 8.46 -17.46
N HIS B 255 15.37 8.98 -18.08
CA HIS B 255 15.67 10.38 -17.96
C HIS B 255 14.71 11.18 -18.82
N ILE B 256 14.43 12.41 -18.36
CA ILE B 256 13.49 13.31 -19.03
C ILE B 256 14.13 14.69 -19.12
N ALA B 257 13.52 15.55 -19.95
CA ALA B 257 13.99 16.91 -20.13
C ALA B 257 14.16 17.62 -18.79
N LEU B 258 15.26 18.39 -18.68
CA LEU B 258 15.74 19.16 -17.53
C LEU B 258 16.55 18.29 -16.56
N ASP B 259 16.56 16.96 -16.75
CA ASP B 259 17.52 16.12 -16.03
C ASP B 259 18.95 16.44 -16.41
N GLY B 260 19.18 16.89 -17.65
CA GLY B 260 20.52 17.06 -18.17
C GLY B 260 21.38 17.99 -17.36
N ARG B 261 20.77 18.91 -16.60
CA ARG B 261 21.53 19.86 -15.82
C ARG B 261 22.39 19.17 -14.75
N LEU B 262 22.06 17.94 -14.37
CA LEU B 262 22.97 17.23 -13.46
C LEU B 262 24.29 16.88 -14.12
N ALA B 263 24.38 16.90 -15.45
CA ALA B 263 25.65 16.75 -16.14
C ALA B 263 26.14 18.06 -16.74
N GLY B 264 25.58 19.19 -16.28
CA GLY B 264 25.95 20.48 -16.82
C GLY B 264 25.36 20.82 -18.16
N ILE B 265 24.35 20.08 -18.61
CA ILE B 265 23.75 20.25 -19.93
C ILE B 265 22.47 21.05 -19.77
N VAL B 266 22.40 22.21 -20.42
CA VAL B 266 21.22 23.06 -20.35
C VAL B 266 20.62 23.36 -21.72
N GLN B 267 21.33 23.10 -22.81
CA GLN B 267 20.77 23.38 -24.13
C GLN B 267 19.54 22.50 -24.38
N PRO B 268 18.38 23.11 -24.65
CA PRO B 268 17.19 22.30 -24.94
C PRO B 268 17.37 21.42 -26.17
N ASN B 269 16.65 20.31 -26.17
CA ASN B 269 16.66 19.41 -27.32
C ASN B 269 16.06 20.09 -28.54
N ASP B 270 16.78 20.04 -29.68
CA ASP B 270 16.32 20.75 -30.87
C ASP B 270 15.46 19.90 -31.79
N GLY B 271 15.26 18.63 -31.46
CA GLY B 271 14.41 17.76 -32.27
C GLY B 271 14.92 17.47 -33.67
N GLN B 272 16.21 17.65 -33.93
CA GLN B 272 16.79 17.42 -35.24
C GLN B 272 17.71 16.19 -35.20
N CYS B 273 18.04 15.68 -36.38
CA CYS B 273 18.88 14.49 -36.46
C CYS B 273 20.33 14.86 -36.20
N HIS B 274 21.00 14.12 -35.31
CA HIS B 274 22.41 14.29 -35.01
C HIS B 274 23.13 12.95 -34.99
N VAL B 275 22.74 12.04 -35.89
CA VAL B 275 23.45 10.78 -36.08
C VAL B 275 24.10 10.84 -37.44
N GLY B 276 25.43 10.86 -37.47
CA GLY B 276 26.20 10.96 -38.69
C GLY B 276 26.73 9.62 -39.17
N SER B 277 27.87 9.66 -39.86
CA SER B 277 28.38 8.46 -40.52
C SER B 277 28.88 7.43 -39.53
N ASP B 278 29.31 7.85 -38.34
CA ASP B 278 29.77 6.90 -37.32
C ASP B 278 28.61 6.24 -36.57
N ASN B 279 27.37 6.59 -36.91
CA ASN B 279 26.14 5.96 -36.39
C ASN B 279 25.91 6.19 -34.90
N HIS B 280 26.58 7.16 -34.28
CA HIS B 280 26.34 7.51 -32.89
C HIS B 280 25.69 8.88 -32.79
N TYR B 281 24.92 9.09 -31.72
CA TYR B 281 24.24 10.36 -31.48
C TYR B 281 25.27 11.35 -30.97
N SER B 282 25.71 12.28 -31.83
CA SER B 282 26.84 13.14 -31.52
C SER B 282 26.49 14.29 -30.56
N ALA B 283 25.22 14.58 -30.33
CA ALA B 283 24.83 15.65 -29.41
C ALA B 283 24.49 15.12 -28.02
N SER B 284 24.84 13.86 -27.73
CA SER B 284 24.47 13.23 -26.46
C SER B 284 25.04 14.00 -25.28
N THR B 285 26.28 14.47 -25.39
CA THR B 285 26.94 15.13 -24.28
C THR B 285 26.74 16.64 -24.27
N THR B 286 26.00 17.21 -25.22
CA THR B 286 25.83 18.67 -25.30
C THR B 286 24.38 19.14 -25.35
N MET B 287 23.41 18.25 -25.44
CA MET B 287 22.01 18.63 -25.61
C MET B 287 21.13 17.85 -24.64
N ASP B 288 20.11 18.52 -24.10
CA ASP B 288 19.30 17.93 -23.05
C ASP B 288 18.41 16.82 -23.61
N TYR B 289 17.94 15.95 -22.71
CA TYR B 289 16.94 14.95 -23.05
C TYR B 289 15.70 15.63 -23.59
N PRO B 290 14.99 15.01 -24.53
CA PRO B 290 13.78 15.66 -25.09
C PRO B 290 12.62 15.61 -24.13
N SER B 291 11.71 16.57 -24.28
CA SER B 291 10.50 16.57 -23.47
C SER B 291 9.42 15.71 -24.12
N LEU B 292 8.42 15.35 -23.31
CA LEU B 292 7.32 14.52 -23.81
C LEU B 292 6.59 15.18 -24.97
N GLY B 293 6.34 16.49 -24.87
CA GLY B 293 5.64 17.18 -25.93
C GLY B 293 6.43 17.18 -27.23
N LEU B 294 7.75 17.36 -27.15
CA LEU B 294 8.57 17.35 -28.35
C LEU B 294 8.63 15.94 -28.96
N MET B 295 8.77 14.92 -28.12
CA MET B 295 8.68 13.55 -28.62
C MET B 295 7.37 13.31 -29.33
N THR B 296 6.26 13.78 -28.73
CA THR B 296 4.95 13.60 -29.33
C THR B 296 4.88 14.25 -30.70
N GLU B 297 5.37 15.50 -30.81
CA GLU B 297 5.32 16.19 -32.09
C GLU B 297 6.04 15.40 -33.17
N LYS B 298 7.24 14.90 -32.87
CA LYS B 298 8.05 14.25 -33.89
C LYS B 298 7.50 12.87 -34.24
N LEU B 299 7.03 12.12 -33.23
CA LEU B 299 6.42 10.82 -33.48
C LEU B 299 5.19 10.96 -34.37
N SER B 300 4.39 11.99 -34.14
CA SER B 300 3.22 12.25 -34.95
C SER B 300 3.61 12.68 -36.36
N GLN B 301 4.60 13.59 -36.46
CA GLN B 301 5.03 14.10 -37.75
C GLN B 301 5.56 12.97 -38.65
N LYS B 302 6.26 12.00 -38.09
CA LYS B 302 6.84 10.90 -38.86
C LYS B 302 5.96 9.65 -38.87
N ASN B 303 4.78 9.69 -38.23
CA ASN B 303 3.85 8.56 -38.21
C ASN B 303 4.50 7.31 -37.58
N ILE B 304 5.14 7.49 -36.44
CA ILE B 304 5.77 6.40 -35.69
C ILE B 304 4.83 5.95 -34.59
N ASN B 305 4.59 4.64 -34.51
CA ASN B 305 3.83 4.05 -33.41
C ASN B 305 4.83 3.55 -32.37
N LEU B 306 4.91 4.23 -31.24
CA LEU B 306 5.86 3.89 -30.20
C LEU B 306 5.28 2.80 -29.30
N ILE B 307 6.09 1.77 -29.04
CA ILE B 307 5.71 0.65 -28.18
C ILE B 307 6.67 0.61 -26.99
N PHE B 308 6.14 0.83 -25.79
CA PHE B 308 6.89 0.66 -24.55
C PHE B 308 6.80 -0.81 -24.14
N ALA B 309 7.86 -1.56 -24.40
CA ALA B 309 7.95 -2.96 -23.98
C ALA B 309 8.87 -3.01 -22.76
N VAL B 310 8.29 -2.99 -21.57
CA VAL B 310 9.05 -2.76 -20.35
C VAL B 310 8.69 -3.81 -19.31
N THR B 311 9.60 -4.01 -18.35
CA THR B 311 9.43 -5.04 -17.34
C THR B 311 8.41 -4.59 -16.30
N GLU B 312 7.90 -5.56 -15.54
CA GLU B 312 6.74 -5.28 -14.69
C GLU B 312 7.05 -4.25 -13.61
N ASN B 313 8.31 -4.15 -13.20
CA ASN B 313 8.67 -3.18 -12.17
C ASN B 313 8.51 -1.74 -12.62
N VAL B 314 8.41 -1.48 -13.93
CA VAL B 314 8.22 -0.11 -14.41
C VAL B 314 7.01 0.00 -15.33
N VAL B 315 6.17 -1.03 -15.37
CA VAL B 315 5.00 -1.00 -16.27
C VAL B 315 4.10 0.19 -15.93
N ASN B 316 3.81 0.40 -14.65
CA ASN B 316 2.94 1.51 -14.28
C ASN B 316 3.51 2.85 -14.71
N LEU B 317 4.83 3.02 -14.55
CA LEU B 317 5.50 4.24 -15.01
C LEU B 317 5.25 4.48 -16.49
N TYR B 318 5.50 3.48 -17.33
CA TYR B 318 5.40 3.70 -18.76
C TYR B 318 3.95 3.74 -19.23
N GLN B 319 3.04 3.06 -18.51
CA GLN B 319 1.62 3.25 -18.80
CA GLN B 319 1.61 3.24 -18.78
C GLN B 319 1.21 4.70 -18.57
N ASN B 320 1.75 5.33 -17.53
CA ASN B 320 1.42 6.72 -17.24
C ASN B 320 2.02 7.67 -18.28
N TYR B 321 3.26 7.42 -18.71
CA TYR B 321 3.81 8.20 -19.82
C TYR B 321 2.98 8.00 -21.08
N SER B 322 2.53 6.77 -21.31
CA SER B 322 1.78 6.45 -22.52
C SER B 322 0.52 7.29 -22.63
N GLU B 323 -0.11 7.60 -21.50
CA GLU B 323 -1.32 8.42 -21.51
C GLU B 323 -1.00 9.87 -21.86
N LEU B 324 0.23 10.32 -21.65
CA LEU B 324 0.65 11.65 -22.04
C LEU B 324 1.20 11.70 -23.46
N ILE B 325 1.30 10.55 -24.13
CA ILE B 325 1.75 10.48 -25.52
C ILE B 325 0.73 9.66 -26.29
N PRO B 326 -0.37 10.26 -26.75
CA PRO B 326 -1.46 9.46 -27.36
C PRO B 326 -0.98 8.65 -28.55
N GLY B 327 -1.54 7.45 -28.68
CA GLY B 327 -1.13 6.51 -29.71
C GLY B 327 -0.05 5.53 -29.29
N THR B 328 0.55 5.73 -28.11
CA THR B 328 1.59 4.84 -27.61
C THR B 328 0.96 3.58 -27.00
N THR B 329 1.66 2.45 -27.17
CA THR B 329 1.23 1.16 -26.65
C THR B 329 2.22 0.69 -25.59
N VAL B 330 1.70 -0.08 -24.61
CA VAL B 330 2.52 -0.64 -23.54
C VAL B 330 2.31 -2.16 -23.51
N GLY B 331 3.41 -2.88 -23.34
CA GLY B 331 3.36 -4.32 -23.13
C GLY B 331 4.37 -4.74 -22.09
N VAL B 332 4.08 -5.86 -21.42
CA VAL B 332 4.88 -6.31 -20.29
C VAL B 332 6.00 -7.22 -20.80
N LEU B 333 7.24 -6.81 -20.58
CA LEU B 333 8.42 -7.52 -21.05
C LEU B 333 9.03 -8.37 -19.93
N SER B 334 9.39 -9.61 -20.25
N SER B 334 9.40 -9.60 -20.26
CA SER B 334 10.03 -10.46 -19.26
CA SER B 334 10.05 -10.47 -19.29
C SER B 334 11.46 -9.99 -19.00
C SER B 334 11.46 -9.97 -18.98
N MET B 335 12.01 -10.43 -17.85
CA MET B 335 13.31 -9.95 -17.38
C MET B 335 14.47 -10.30 -18.32
N ASP B 336 14.25 -11.23 -19.25
CA ASP B 336 15.23 -11.61 -20.26
C ASP B 336 14.71 -11.41 -21.67
N SER B 337 13.59 -10.70 -21.84
CA SER B 337 13.00 -10.40 -23.15
C SER B 337 12.55 -11.65 -23.89
N SER B 338 12.31 -12.76 -23.18
CA SER B 338 11.95 -13.99 -23.87
C SER B 338 10.55 -13.91 -24.51
N ASN B 339 9.70 -12.99 -24.07
CA ASN B 339 8.35 -12.88 -24.61
C ASN B 339 8.18 -11.73 -25.59
N VAL B 340 9.28 -11.11 -26.05
CA VAL B 340 9.14 -9.86 -26.80
C VAL B 340 8.48 -10.10 -28.16
N LEU B 341 8.61 -11.30 -28.72
CA LEU B 341 8.02 -11.56 -30.03
C LEU B 341 6.50 -11.47 -29.98
N GLN B 342 5.87 -12.11 -28.99
CA GLN B 342 4.41 -12.04 -28.90
C GLN B 342 3.95 -10.63 -28.53
N LEU B 343 4.75 -9.92 -27.74
CA LEU B 343 4.43 -8.54 -27.38
C LEU B 343 4.31 -7.67 -28.63
N ILE B 344 5.25 -7.83 -29.57
CA ILE B 344 5.22 -7.04 -30.80
C ILE B 344 4.01 -7.40 -31.64
N VAL B 345 3.70 -8.69 -31.75
CA VAL B 345 2.54 -9.12 -32.54
C VAL B 345 1.25 -8.57 -31.93
N ASP B 346 1.12 -8.64 -30.60
CA ASP B 346 -0.06 -8.09 -29.95
C ASP B 346 -0.14 -6.58 -30.12
N ALA B 347 1.01 -5.89 -30.06
CA ALA B 347 1.02 -4.45 -30.24
C ALA B 347 0.60 -4.07 -31.66
N TYR B 348 1.09 -4.79 -32.66
CA TYR B 348 0.69 -4.51 -34.05
C TYR B 348 -0.82 -4.68 -34.22
N GLY B 349 -1.40 -5.69 -33.56
CA GLY B 349 -2.85 -5.85 -33.62
C GLY B 349 -3.58 -4.70 -32.97
N LYS B 350 -3.11 -4.27 -31.80
CA LYS B 350 -3.75 -3.15 -31.11
C LYS B 350 -3.63 -1.86 -31.92
N ILE B 351 -2.51 -1.67 -32.62
CA ILE B 351 -2.30 -0.45 -33.39
C ILE B 351 -3.30 -0.35 -34.53
N ARG B 352 -3.57 -1.46 -35.21
CA ARG B 352 -4.48 -1.46 -36.34
C ARG B 352 -5.89 -1.90 -35.96
N SER B 353 -6.28 -1.68 -34.71
CA SER B 353 -7.63 -1.95 -34.25
C SER B 353 -8.46 -0.68 -34.09
N LYS B 354 -7.93 0.47 -34.52
CA LYS B 354 -8.60 1.74 -34.32
C LYS B 354 -8.57 2.56 -35.61
N VAL B 355 -9.67 3.27 -35.86
CA VAL B 355 -9.74 4.30 -36.89
C VAL B 355 -10.26 5.57 -36.23
N GLU B 356 -9.50 6.65 -36.33
CA GLU B 356 -9.84 7.91 -35.68
C GLU B 356 -9.68 9.04 -36.68
N LEU B 357 -10.78 9.74 -36.98
CA LEU B 357 -10.76 10.79 -37.98
C LEU B 357 -10.13 12.07 -37.41
N GLU B 358 -9.42 12.78 -38.28
CA GLU B 358 -8.79 14.04 -37.95
C GLU B 358 -9.12 15.03 -39.06
N VAL B 359 -9.28 16.30 -38.68
CA VAL B 359 -9.65 17.37 -39.61
C VAL B 359 -8.55 18.41 -39.62
N ARG B 360 -8.03 18.70 -40.80
CA ARG B 360 -6.99 19.72 -40.98
C ARG B 360 -7.51 20.83 -41.88
N ASP B 361 -7.24 22.07 -41.48
CA ASP B 361 -7.50 23.27 -42.27
C ASP B 361 -8.99 23.56 -42.44
N LEU B 362 -9.81 23.19 -41.45
CA LEU B 362 -11.23 23.52 -41.51
C LEU B 362 -11.41 25.03 -41.32
N PRO B 363 -12.14 25.70 -42.21
CA PRO B 363 -12.38 27.13 -42.03
C PRO B 363 -13.20 27.42 -40.77
N GLU B 364 -13.00 28.62 -40.23
CA GLU B 364 -13.67 29.02 -39.00
C GLU B 364 -15.19 28.94 -39.13
N GLU B 365 -15.74 29.40 -40.26
CA GLU B 365 -17.18 29.47 -40.43
C GLU B 365 -17.80 28.13 -40.80
N LEU B 366 -17.03 27.05 -40.82
CA LEU B 366 -17.54 25.71 -41.07
C LEU B 366 -17.48 24.90 -39.79
N SER B 367 -18.57 24.19 -39.47
CA SER B 367 -18.60 23.24 -38.37
C SER B 367 -19.03 21.88 -38.91
N LEU B 368 -18.47 20.83 -38.34
CA LEU B 368 -18.73 19.47 -38.78
C LEU B 368 -19.34 18.64 -37.65
N SER B 369 -20.12 17.64 -38.03
CA SER B 369 -20.68 16.67 -37.09
C SER B 369 -20.56 15.28 -37.69
N PHE B 370 -20.35 14.29 -36.85
CA PHE B 370 -19.99 12.94 -37.28
C PHE B 370 -20.90 11.88 -36.67
N ASN B 371 -21.49 11.06 -37.52
CA ASN B 371 -22.19 9.83 -37.13
C ASN B 371 -21.35 8.64 -37.58
N ALA B 372 -21.00 7.78 -36.63
CA ALA B 372 -20.06 6.69 -36.90
C ALA B 372 -20.80 5.35 -36.99
N THR B 373 -20.32 4.50 -37.89
CA THR B 373 -20.85 3.15 -38.07
C THR B 373 -19.68 2.17 -38.00
N CYS B 374 -19.53 1.52 -36.86
CA CYS B 374 -18.56 0.44 -36.69
C CYS B 374 -19.32 -0.86 -36.44
N LEU B 375 -18.57 -1.95 -36.30
CA LEU B 375 -19.14 -3.29 -36.02
C LEU B 375 -20.05 -3.66 -37.19
N ASN B 376 -21.30 -4.04 -36.94
CA ASN B 376 -22.24 -4.48 -37.98
C ASN B 376 -23.35 -3.44 -38.11
N ASN B 377 -23.06 -2.39 -38.89
CA ASN B 377 -24.07 -1.40 -39.29
C ASN B 377 -24.73 -0.72 -38.10
N GLU B 378 -24.01 -0.61 -36.99
CA GLU B 378 -24.53 0.05 -35.78
C GLU B 378 -24.11 1.51 -35.81
N VAL B 379 -25.08 2.41 -35.98
CA VAL B 379 -24.79 3.84 -36.07
C VAL B 379 -24.59 4.41 -34.67
N ILE B 380 -23.54 5.21 -34.51
CA ILE B 380 -23.20 5.83 -33.23
C ILE B 380 -23.12 7.34 -33.43
N PRO B 381 -24.12 8.10 -33.00
CA PRO B 381 -24.11 9.55 -33.26
C PRO B 381 -23.04 10.27 -32.47
N GLY B 382 -22.52 11.34 -33.07
CA GLY B 382 -21.57 12.21 -32.41
C GLY B 382 -20.20 11.63 -32.19
N LEU B 383 -19.78 10.68 -33.04
CA LEU B 383 -18.54 9.96 -32.86
C LEU B 383 -17.75 9.94 -34.15
N LYS B 384 -16.43 10.10 -34.05
CA LYS B 384 -15.56 10.14 -35.21
C LYS B 384 -14.42 9.13 -35.09
N SER B 385 -14.62 8.07 -34.31
CA SER B 385 -13.58 7.07 -34.11
C SER B 385 -14.22 5.71 -33.87
N CYS B 386 -13.53 4.66 -34.33
CA CYS B 386 -13.94 3.28 -34.12
C CYS B 386 -12.81 2.51 -33.45
N MET B 387 -13.19 1.57 -32.59
CA MET B 387 -12.23 0.72 -31.89
C MET B 387 -12.67 -0.74 -31.98
N GLY B 388 -11.78 -1.64 -31.58
CA GLY B 388 -12.08 -3.06 -31.58
C GLY B 388 -12.03 -3.71 -32.95
N LEU B 389 -11.33 -3.10 -33.89
CA LEU B 389 -11.32 -3.55 -35.28
C LEU B 389 -10.30 -4.67 -35.47
N LYS B 390 -10.43 -5.35 -36.61
CA LYS B 390 -9.47 -6.35 -37.06
C LYS B 390 -8.99 -5.98 -38.45
N ILE B 391 -7.80 -6.47 -38.80
CA ILE B 391 -7.26 -6.25 -40.14
C ILE B 391 -8.28 -6.71 -41.17
N GLY B 392 -8.59 -5.84 -42.12
CA GLY B 392 -9.58 -6.13 -43.14
C GLY B 392 -10.94 -5.52 -42.89
N ASP B 393 -11.20 -5.03 -41.67
CA ASP B 393 -12.49 -4.42 -41.37
C ASP B 393 -12.62 -3.08 -42.07
N THR B 394 -13.88 -2.69 -42.33
CA THR B 394 -14.20 -1.42 -42.95
C THR B 394 -15.25 -0.71 -42.10
N VAL B 395 -15.05 0.57 -41.84
CA VAL B 395 -16.00 1.40 -41.13
C VAL B 395 -16.32 2.61 -41.99
N SER B 396 -17.39 3.32 -41.61
CA SER B 396 -17.84 4.48 -42.37
C SER B 396 -18.33 5.55 -41.40
N PHE B 397 -18.31 6.78 -41.88
CA PHE B 397 -18.74 7.94 -41.11
C PHE B 397 -19.63 8.82 -41.97
N SER B 398 -20.73 9.28 -41.39
CA SER B 398 -21.59 10.27 -42.02
C SER B 398 -21.25 11.64 -41.45
N ILE B 399 -21.03 12.60 -42.34
CA ILE B 399 -20.53 13.92 -41.97
C ILE B 399 -21.50 14.99 -42.47
N GLU B 400 -21.76 15.99 -41.64
CA GLU B 400 -22.57 17.14 -42.02
C GLU B 400 -21.77 18.41 -41.78
N ALA B 401 -21.69 19.26 -42.81
CA ALA B 401 -20.99 20.53 -42.76
C ALA B 401 -22.00 21.66 -42.73
N LYS B 402 -21.95 22.48 -41.68
CA LYS B 402 -22.82 23.64 -41.54
C LYS B 402 -21.97 24.89 -41.66
N VAL B 403 -22.44 25.84 -42.47
CA VAL B 403 -21.75 27.11 -42.68
C VAL B 403 -22.54 28.22 -41.99
N ARG B 404 -21.83 29.09 -41.28
CA ARG B 404 -22.45 30.22 -40.59
C ARG B 404 -22.27 31.45 -41.45
N GLY B 405 -23.38 31.96 -41.99
CA GLY B 405 -23.31 33.12 -42.85
C GLY B 405 -22.59 32.81 -44.16
N CYS B 406 -21.94 33.83 -44.70
CA CYS B 406 -21.19 33.71 -45.96
C CYS B 406 -19.83 34.36 -45.77
N PRO B 407 -18.73 33.65 -46.04
CA PRO B 407 -17.40 34.21 -45.82
C PRO B 407 -16.91 35.03 -47.02
N GLN B 408 -15.89 35.84 -46.75
CA GLN B 408 -15.33 36.71 -47.79
C GLN B 408 -14.72 35.89 -48.92
N GLU B 409 -13.91 34.89 -48.57
CA GLU B 409 -13.33 34.00 -49.57
C GLU B 409 -14.34 32.92 -49.94
N LYS B 410 -14.56 32.74 -51.23
CA LYS B 410 -15.64 31.87 -51.70
C LYS B 410 -15.20 30.44 -51.98
N GLU B 411 -13.90 30.14 -51.96
CA GLU B 411 -13.42 28.79 -52.21
C GLU B 411 -12.32 28.45 -51.23
N LYS B 412 -12.52 27.37 -50.48
CA LYS B 412 -11.57 26.86 -49.50
C LYS B 412 -11.63 25.34 -49.54
N SER B 413 -10.56 24.69 -49.10
CA SER B 413 -10.53 23.25 -49.03
C SER B 413 -9.90 22.79 -47.73
N PHE B 414 -10.38 21.66 -47.21
CA PHE B 414 -9.86 21.07 -45.99
C PHE B 414 -9.74 19.57 -46.18
N THR B 415 -9.24 18.88 -45.15
CA THR B 415 -8.89 17.47 -45.26
C THR B 415 -9.47 16.69 -44.09
N ILE B 416 -10.01 15.51 -44.40
CA ILE B 416 -10.40 14.50 -43.41
C ILE B 416 -9.44 13.32 -43.58
N LYS B 417 -8.66 13.03 -42.53
CA LYS B 417 -7.64 11.99 -42.60
C LYS B 417 -7.70 11.15 -41.32
N PRO B 418 -7.73 9.83 -41.43
CA PRO B 418 -7.59 8.99 -40.24
C PRO B 418 -6.18 9.13 -39.67
N VAL B 419 -6.09 9.11 -38.33
CA VAL B 419 -4.80 9.24 -37.68
C VAL B 419 -3.87 8.11 -38.13
N GLY B 420 -2.66 8.48 -38.56
CA GLY B 420 -1.66 7.50 -38.97
C GLY B 420 -1.81 6.98 -40.37
N PHE B 421 -2.90 7.30 -41.06
CA PHE B 421 -3.13 6.80 -42.41
C PHE B 421 -2.42 7.66 -43.45
N LYS B 422 -2.13 7.06 -44.60
CA LYS B 422 -1.54 7.79 -45.70
C LYS B 422 -2.60 8.53 -46.50
N ASP B 423 -3.71 7.86 -46.80
CA ASP B 423 -4.76 8.42 -47.64
C ASP B 423 -5.66 9.36 -46.83
N SER B 424 -6.47 10.12 -47.55
CA SER B 424 -7.31 11.14 -46.92
C SER B 424 -8.40 11.57 -47.89
N LEU B 425 -9.41 12.23 -47.33
CA LEU B 425 -10.49 12.83 -48.12
C LEU B 425 -10.28 14.34 -48.18
N ILE B 426 -10.13 14.88 -49.38
CA ILE B 426 -10.01 16.31 -49.61
C ILE B 426 -11.37 16.85 -49.99
N VAL B 427 -11.85 17.83 -49.23
CA VAL B 427 -13.17 18.44 -49.47
C VAL B 427 -12.94 19.84 -50.02
N GLN B 428 -13.33 20.04 -51.28
CA GLN B 428 -13.23 21.35 -51.93
C GLN B 428 -14.56 22.07 -51.77
N VAL B 429 -14.59 23.11 -50.96
CA VAL B 429 -15.81 23.81 -50.61
C VAL B 429 -15.93 25.07 -51.46
N THR B 430 -17.11 25.27 -52.05
CA THR B 430 -17.45 26.51 -52.74
C THR B 430 -18.67 27.10 -52.04
N PHE B 431 -18.57 28.38 -51.68
CA PHE B 431 -19.67 29.09 -51.03
C PHE B 431 -20.44 29.88 -52.10
N ASP B 432 -21.61 29.37 -52.44
CA ASP B 432 -22.45 29.99 -53.47
C ASP B 432 -23.35 31.01 -52.79
N CYS B 433 -22.86 32.25 -52.68
CA CYS B 433 -23.61 33.34 -52.09
C CYS B 433 -24.10 34.37 -53.09
N ASP B 434 -23.52 34.39 -54.29
CA ASP B 434 -23.84 35.39 -55.29
C ASP B 434 -24.86 34.84 -56.29
N CYS B 435 -25.47 35.78 -57.01
CA CYS B 435 -26.39 35.45 -58.10
C CYS B 435 -25.66 35.60 -59.43
N ALA B 436 -26.03 34.76 -60.40
CA ALA B 436 -25.41 34.83 -61.72
C ALA B 436 -25.70 36.16 -62.41
N CYS B 437 -26.86 36.76 -62.12
CA CYS B 437 -27.24 38.02 -62.76
C CYS B 437 -26.31 39.17 -62.38
N GLN B 438 -25.59 39.06 -61.26
CA GLN B 438 -24.68 40.12 -60.85
C GLN B 438 -23.50 40.27 -61.81
N ALA B 439 -23.15 39.21 -62.54
CA ALA B 439 -22.04 39.29 -63.48
C ALA B 439 -22.36 40.17 -64.68
N GLN B 440 -23.64 40.43 -64.95
CA GLN B 440 -24.06 41.25 -66.06
C GLN B 440 -24.80 42.50 -65.58
N ALA B 441 -24.26 43.14 -64.53
CA ALA B 441 -24.86 44.34 -63.98
C ALA B 441 -24.53 45.56 -64.85
N GLU B 442 -25.39 46.57 -64.75
CA GLU B 442 -25.23 47.80 -65.53
C GLU B 442 -24.84 48.95 -64.61
N PRO B 443 -23.55 49.30 -64.52
CA PRO B 443 -23.17 50.46 -63.72
C PRO B 443 -23.58 51.75 -64.39
N ASN B 444 -23.94 52.74 -63.56
CA ASN B 444 -24.40 54.06 -64.02
C ASN B 444 -25.56 53.92 -65.00
N SER B 445 -26.54 53.11 -64.60
CA SER B 445 -27.71 52.89 -65.45
C SER B 445 -28.57 54.14 -65.51
N HIS B 446 -29.09 54.44 -66.70
CA HIS B 446 -30.03 55.54 -66.88
C HIS B 446 -31.45 55.15 -66.46
N ARG B 447 -31.62 53.96 -65.89
CA ARG B 447 -32.88 53.58 -65.27
C ARG B 447 -32.96 53.96 -63.80
N CYS B 448 -31.83 54.29 -63.18
CA CYS B 448 -31.74 54.43 -61.72
C CYS B 448 -31.35 55.86 -61.37
N ASN B 449 -32.35 56.74 -61.33
CA ASN B 449 -32.22 58.08 -60.73
C ASN B 449 -31.18 58.92 -61.47
N ASN B 450 -31.27 58.92 -62.80
CA ASN B 450 -30.41 59.70 -63.68
C ASN B 450 -28.94 59.34 -63.48
N GLY B 451 -28.63 58.06 -63.66
CA GLY B 451 -27.27 57.58 -63.61
C GLY B 451 -26.65 57.50 -62.23
N ASN B 452 -27.38 57.84 -61.18
CA ASN B 452 -26.85 57.77 -59.82
C ASN B 452 -26.93 56.37 -59.23
N GLY B 453 -27.28 55.36 -60.02
CA GLY B 453 -27.44 54.02 -59.50
C GLY B 453 -27.06 52.95 -60.51
N THR B 454 -26.98 51.73 -60.01
CA THR B 454 -26.59 50.56 -60.79
C THR B 454 -27.77 49.59 -60.90
N PHE B 455 -27.96 49.01 -62.08
CA PHE B 455 -29.07 48.12 -62.35
C PHE B 455 -28.56 46.69 -62.42
N GLU B 456 -28.99 45.85 -61.49
CA GLU B 456 -28.61 44.45 -61.47
C GLU B 456 -29.79 43.61 -61.02
N CYS B 457 -29.97 42.46 -61.69
CA CYS B 457 -30.96 41.46 -61.30
C CYS B 457 -32.38 42.04 -61.25
N GLY B 458 -32.66 43.02 -62.12
CA GLY B 458 -33.99 43.58 -62.24
C GLY B 458 -34.34 44.69 -61.29
N VAL B 459 -33.38 45.20 -60.51
CA VAL B 459 -33.63 46.26 -59.54
C VAL B 459 -32.50 47.30 -59.64
N CYS B 460 -32.70 48.41 -58.95
CA CYS B 460 -31.74 49.51 -58.92
C CYS B 460 -31.05 49.55 -57.56
N ARG B 461 -29.72 49.59 -57.59
CA ARG B 461 -28.90 49.67 -56.39
C ARG B 461 -28.07 50.95 -56.43
N CYS B 462 -27.93 51.60 -55.27
CA CYS B 462 -27.08 52.78 -55.19
C CYS B 462 -25.64 52.42 -55.49
N GLY B 463 -25.00 53.19 -56.37
CA GLY B 463 -23.68 52.89 -56.83
C GLY B 463 -22.63 53.18 -55.76
N PRO B 464 -21.37 52.92 -56.10
CA PRO B 464 -20.28 53.17 -55.15
C PRO B 464 -20.18 54.65 -54.80
N GLY B 465 -19.88 54.92 -53.54
CA GLY B 465 -19.78 56.27 -53.04
C GLY B 465 -21.02 56.77 -52.32
N TRP B 466 -22.17 56.16 -52.57
CA TRP B 466 -23.41 56.55 -51.92
C TRP B 466 -23.68 55.67 -50.70
N LEU C 1 -29.15 -37.49 41.31
CA LEU C 1 -28.69 -36.72 40.17
C LEU C 1 -29.78 -36.61 39.10
N ASN C 2 -29.59 -35.68 38.16
CA ASN C 2 -30.61 -35.40 37.15
C ASN C 2 -30.46 -36.32 35.94
N LEU C 3 -29.45 -36.05 35.12
CA LEU C 3 -29.21 -36.88 33.94
C LEU C 3 -28.42 -38.12 34.33
N ASP C 4 -28.89 -39.29 33.89
CA ASP C 4 -28.29 -40.56 34.31
C ASP C 4 -27.01 -40.83 33.54
N PRO C 5 -25.86 -40.83 34.21
CA PRO C 5 -24.59 -41.16 33.54
C PRO C 5 -24.22 -42.62 33.55
N VAL C 6 -25.09 -43.49 34.07
CA VAL C 6 -24.80 -44.91 34.19
C VAL C 6 -25.36 -45.70 33.02
N GLN C 7 -26.63 -45.46 32.67
N GLN C 7 -26.62 -45.47 32.67
CA GLN C 7 -27.32 -46.19 31.60
CA GLN C 7 -27.29 -46.23 31.60
C GLN C 7 -27.57 -45.23 30.44
C GLN C 7 -27.57 -45.27 30.45
N LEU C 8 -26.60 -45.15 29.53
CA LEU C 8 -26.73 -44.31 28.35
C LEU C 8 -27.36 -45.08 27.21
N THR C 9 -27.72 -44.33 26.16
CA THR C 9 -28.19 -44.90 24.91
C THR C 9 -27.30 -44.38 23.78
N PHE C 10 -26.77 -45.28 22.97
CA PHE C 10 -25.83 -44.91 21.91
C PHE C 10 -26.41 -45.21 20.54
N TYR C 11 -26.30 -44.23 19.64
CA TYR C 11 -26.61 -44.41 18.23
C TYR C 11 -25.33 -44.21 17.43
N ALA C 12 -25.18 -44.98 16.35
CA ALA C 12 -23.92 -44.99 15.61
C ALA C 12 -24.17 -44.90 14.11
N GLY C 13 -23.30 -44.15 13.42
CA GLY C 13 -23.35 -44.06 11.98
C GLY C 13 -22.12 -44.67 11.35
N PRO C 14 -22.01 -44.56 10.02
CA PRO C 14 -20.88 -45.17 9.33
C PRO C 14 -19.56 -44.49 9.68
N ASN C 15 -18.47 -45.26 9.59
CA ASN C 15 -17.14 -44.74 9.85
C ASN C 15 -16.83 -43.57 8.92
N GLY C 16 -16.25 -42.52 9.49
CA GLY C 16 -15.84 -41.36 8.71
C GLY C 16 -16.96 -40.49 8.21
N SER C 17 -18.20 -40.73 8.64
CA SER C 17 -19.33 -39.95 8.17
C SER C 17 -19.58 -38.69 8.98
N GLN C 18 -18.92 -38.55 10.13
CA GLN C 18 -19.20 -37.45 11.07
C GLN C 18 -20.66 -37.44 11.52
N PHE C 19 -21.27 -38.63 11.54
CA PHE C 19 -22.55 -38.84 12.21
C PHE C 19 -22.53 -38.21 13.60
N GLY C 20 -23.48 -37.33 13.84
CA GLY C 20 -23.54 -36.58 15.09
C GLY C 20 -23.02 -35.17 15.02
N PHE C 21 -22.59 -34.70 13.84
CA PHE C 21 -22.12 -33.33 13.70
C PHE C 21 -23.22 -32.35 14.07
N SER C 22 -24.46 -32.64 13.67
CA SER C 22 -25.63 -31.90 14.11
C SER C 22 -26.72 -32.90 14.47
N LEU C 23 -27.71 -32.44 15.23
CA LEU C 23 -28.82 -33.31 15.61
C LEU C 23 -29.95 -32.46 16.15
N ASP C 24 -31.13 -33.08 16.23
CA ASP C 24 -32.29 -32.43 16.81
C ASP C 24 -33.32 -33.48 17.18
N PHE C 25 -34.28 -33.08 18.00
CA PHE C 25 -35.47 -33.90 18.25
C PHE C 25 -36.50 -33.68 17.16
N HIS C 26 -37.20 -34.74 16.79
CA HIS C 26 -38.25 -34.67 15.77
C HIS C 26 -39.51 -35.36 16.28
N LYS C 27 -40.63 -34.64 16.26
CA LYS C 27 -41.94 -35.20 16.57
C LYS C 27 -42.69 -35.45 15.27
N ASP C 28 -43.17 -36.67 15.07
CA ASP C 28 -44.01 -36.95 13.92
C ASP C 28 -45.40 -36.36 14.17
N SER C 29 -46.33 -36.61 13.23
CA SER C 29 -47.67 -36.07 13.37
C SER C 29 -48.44 -36.70 14.53
N HIS C 30 -47.98 -37.82 15.08
CA HIS C 30 -48.62 -38.47 16.21
C HIS C 30 -47.96 -38.13 17.54
N GLY C 31 -46.98 -37.22 17.54
CA GLY C 31 -46.31 -36.83 18.75
C GLY C 31 -45.16 -37.71 19.20
N ARG C 32 -44.83 -38.75 18.44
CA ARG C 32 -43.75 -39.65 18.81
C ARG C 32 -42.40 -39.02 18.51
N VAL C 33 -41.52 -38.99 19.50
CA VAL C 33 -40.25 -38.29 19.39
C VAL C 33 -39.19 -39.25 18.84
N ALA C 34 -38.43 -38.77 17.86
CA ALA C 34 -37.28 -39.45 17.29
C ALA C 34 -36.11 -38.47 17.24
N ILE C 35 -34.95 -38.95 16.80
CA ILE C 35 -33.75 -38.11 16.72
C ILE C 35 -33.31 -38.06 15.27
N VAL C 36 -33.19 -36.84 14.73
CA VAL C 36 -32.63 -36.63 13.40
C VAL C 36 -31.17 -36.25 13.56
N VAL C 37 -30.30 -36.95 12.84
CA VAL C 37 -28.86 -36.81 12.99
C VAL C 37 -28.26 -36.46 11.63
N GLY C 38 -27.42 -35.42 11.62
CA GLY C 38 -26.68 -35.06 10.41
C GLY C 38 -25.32 -35.73 10.40
N ALA C 39 -24.91 -36.18 9.20
CA ALA C 39 -23.63 -36.87 9.00
C ALA C 39 -22.99 -36.29 7.74
N PRO C 40 -22.32 -35.14 7.86
CA PRO C 40 -21.95 -34.35 6.67
C PRO C 40 -20.86 -34.95 5.80
N ARG C 41 -20.24 -36.08 6.16
CA ARG C 41 -19.25 -36.70 5.29
C ARG C 41 -19.65 -38.09 4.83
N THR C 42 -20.92 -38.47 5.00
CA THR C 42 -21.43 -39.71 4.45
C THR C 42 -21.16 -39.80 2.95
N LEU C 43 -20.79 -40.99 2.50
CA LEU C 43 -20.53 -41.20 1.08
C LEU C 43 -21.82 -41.14 0.29
N GLY C 44 -21.73 -40.59 -0.92
CA GLY C 44 -22.83 -40.56 -1.84
C GLY C 44 -22.72 -41.65 -2.89
N PRO C 45 -23.61 -41.63 -3.88
CA PRO C 45 -23.64 -42.71 -4.86
C PRO C 45 -22.43 -42.73 -5.78
N SER C 46 -21.81 -41.57 -6.02
CA SER C 46 -20.61 -41.45 -6.82
C SER C 46 -19.36 -41.83 -6.04
N GLN C 47 -19.51 -42.39 -4.83
CA GLN C 47 -18.42 -42.80 -3.95
C GLN C 47 -17.57 -41.62 -3.49
N GLU C 48 -18.08 -40.40 -3.66
CA GLU C 48 -17.50 -39.21 -3.05
C GLU C 48 -18.39 -38.75 -1.90
N GLU C 49 -17.79 -38.01 -0.97
CA GLU C 49 -18.53 -37.53 0.18
C GLU C 49 -19.58 -36.52 -0.26
N THR C 50 -20.81 -36.70 0.22
CA THR C 50 -21.89 -35.76 -0.01
C THR C 50 -22.61 -35.35 1.26
N GLY C 51 -22.40 -36.05 2.37
CA GLY C 51 -23.21 -35.87 3.56
C GLY C 51 -24.50 -36.67 3.48
N GLY C 52 -25.16 -36.76 4.62
CA GLY C 52 -26.40 -37.51 4.69
C GLY C 52 -27.09 -37.22 6.00
N VAL C 53 -28.32 -37.71 6.10
CA VAL C 53 -29.19 -37.47 7.25
C VAL C 53 -29.79 -38.79 7.69
N PHE C 54 -29.98 -38.95 9.00
CA PHE C 54 -30.53 -40.16 9.58
C PHE C 54 -31.66 -39.83 10.53
N LEU C 55 -32.69 -40.67 10.55
CA LEU C 55 -33.86 -40.47 11.41
C LEU C 55 -33.94 -41.65 12.38
N CYS C 56 -33.46 -41.44 13.60
CA CYS C 56 -33.31 -42.51 14.58
C CYS C 56 -34.58 -42.63 15.42
N PRO C 57 -35.33 -43.73 15.34
CA PRO C 57 -36.42 -43.93 16.29
C PRO C 57 -35.87 -44.17 17.68
N TRP C 58 -36.65 -43.79 18.68
CA TRP C 58 -36.23 -43.95 20.05
C TRP C 58 -36.29 -45.41 20.47
N ARG C 59 -35.16 -45.94 20.92
CA ARG C 59 -35.05 -47.27 21.51
C ARG C 59 -34.02 -47.18 22.63
N ALA C 60 -34.36 -47.66 23.82
CA ALA C 60 -33.43 -47.59 24.94
C ALA C 60 -32.09 -48.23 24.60
N GLU C 61 -32.09 -49.25 23.74
CA GLU C 61 -30.86 -49.93 23.35
C GLU C 61 -30.11 -49.21 22.23
N GLY C 62 -30.73 -48.24 21.56
CA GLY C 62 -30.02 -47.47 20.54
C GLY C 62 -29.73 -48.30 19.29
N GLY C 63 -28.56 -48.08 18.71
CA GLY C 63 -28.13 -48.87 17.57
C GLY C 63 -28.01 -48.09 16.27
N GLN C 64 -28.41 -48.71 15.16
CA GLN C 64 -28.33 -48.14 13.83
C GLN C 64 -29.64 -47.43 13.47
N CYS C 65 -29.55 -46.52 12.50
CA CYS C 65 -30.69 -45.70 12.13
C CYS C 65 -30.92 -45.72 10.63
N PRO C 66 -32.18 -45.64 10.19
CA PRO C 66 -32.45 -45.56 8.76
C PRO C 66 -32.07 -44.21 8.19
N SER C 67 -31.75 -44.20 6.91
CA SER C 67 -31.42 -42.97 6.21
C SER C 67 -32.68 -42.19 5.87
N LEU C 68 -32.59 -40.87 5.95
CA LEU C 68 -33.58 -39.96 5.38
C LEU C 68 -33.04 -39.51 4.03
N LEU C 69 -33.61 -40.03 2.95
CA LEU C 69 -32.99 -39.92 1.64
C LEU C 69 -33.33 -38.60 0.95
N PHE C 70 -32.31 -38.02 0.31
CA PHE C 70 -32.45 -36.82 -0.50
C PHE C 70 -31.77 -37.04 -1.85
N ASP C 71 -32.17 -36.22 -2.83
CA ASP C 71 -31.58 -36.28 -4.17
C ASP C 71 -30.15 -35.77 -4.12
N LEU C 72 -29.20 -36.63 -4.51
CA LEU C 72 -27.78 -36.30 -4.46
C LEU C 72 -27.17 -36.14 -5.85
N ARG C 73 -27.99 -35.97 -6.89
CA ARG C 73 -27.48 -35.84 -8.24
C ARG C 73 -27.07 -34.40 -8.54
N ASP C 74 -25.94 -34.24 -9.21
CA ASP C 74 -25.58 -32.94 -9.78
C ASP C 74 -26.53 -32.59 -10.92
N GLU C 75 -27.04 -31.36 -10.92
CA GLU C 75 -28.09 -30.97 -11.84
C GLU C 75 -27.57 -29.92 -12.83
N THR C 76 -28.10 -29.99 -14.06
CA THR C 76 -27.76 -29.05 -15.12
C THR C 76 -29.05 -28.64 -15.83
N ARG C 77 -29.19 -27.34 -16.09
CA ARG C 77 -30.35 -26.82 -16.81
C ARG C 77 -29.89 -25.77 -17.81
N ASN C 78 -30.09 -26.06 -19.10
CA ASN C 78 -29.83 -25.11 -20.16
C ASN C 78 -31.10 -24.30 -20.39
N VAL C 79 -31.06 -23.01 -20.02
CA VAL C 79 -32.24 -22.16 -20.10
C VAL C 79 -31.78 -20.72 -20.20
N GLY C 80 -32.58 -19.90 -20.89
CA GLY C 80 -32.25 -18.49 -21.05
C GLY C 80 -30.91 -18.25 -21.71
N SER C 81 -30.50 -19.12 -22.63
CA SER C 81 -29.17 -19.09 -23.23
C SER C 81 -28.08 -19.17 -22.17
N GLN C 82 -28.39 -19.77 -21.03
CA GLN C 82 -27.46 -19.96 -19.93
C GLN C 82 -27.46 -21.42 -19.51
N THR C 83 -26.46 -21.79 -18.72
CA THR C 83 -26.30 -23.15 -18.21
C THR C 83 -26.19 -23.10 -16.70
N LEU C 84 -27.18 -23.63 -16.00
CA LEU C 84 -27.18 -23.67 -14.55
C LEU C 84 -26.62 -25.01 -14.07
N GLN C 85 -25.85 -24.97 -12.97
CA GLN C 85 -25.14 -26.14 -12.49
C GLN C 85 -25.14 -26.16 -10.97
N THR C 86 -25.56 -27.28 -10.39
CA THR C 86 -25.34 -27.57 -8.99
C THR C 86 -24.27 -28.65 -8.86
N PHE C 87 -23.48 -28.56 -7.80
CA PHE C 87 -22.44 -29.53 -7.51
C PHE C 87 -22.56 -29.94 -6.05
N LYS C 88 -22.75 -31.23 -5.82
CA LYS C 88 -23.05 -31.73 -4.48
C LYS C 88 -21.90 -32.51 -3.85
N ALA C 89 -20.78 -32.66 -4.55
CA ALA C 89 -19.61 -33.28 -3.95
C ALA C 89 -19.09 -32.42 -2.81
N ARG C 90 -18.89 -33.05 -1.65
CA ARG C 90 -18.36 -32.38 -0.46
C ARG C 90 -19.24 -31.22 -0.01
N GLN C 91 -20.53 -31.29 -0.31
CA GLN C 91 -21.46 -30.23 0.07
C GLN C 91 -21.77 -30.23 1.56
N GLY C 92 -21.45 -31.30 2.28
CA GLY C 92 -21.71 -31.37 3.71
C GLY C 92 -23.17 -31.40 4.08
N LEU C 93 -23.99 -32.17 3.36
CA LEU C 93 -25.39 -32.33 3.73
C LEU C 93 -25.49 -32.90 5.13
N GLY C 94 -26.27 -32.25 5.99
CA GLY C 94 -26.33 -32.61 7.39
C GLY C 94 -25.35 -31.89 8.28
N ALA C 95 -24.65 -30.87 7.76
CA ALA C 95 -23.84 -30.04 8.65
C ALA C 95 -24.71 -29.22 9.59
N SER C 96 -26.00 -29.09 9.30
CA SER C 96 -26.98 -28.57 10.24
C SER C 96 -28.30 -29.27 9.96
N VAL C 97 -29.06 -29.54 11.02
CA VAL C 97 -30.41 -30.07 10.90
C VAL C 97 -31.28 -29.40 11.96
N VAL C 98 -32.54 -29.15 11.60
CA VAL C 98 -33.51 -28.59 12.52
C VAL C 98 -34.85 -29.21 12.18
N SER C 99 -35.68 -29.42 13.21
CA SER C 99 -37.02 -29.96 13.04
C SER C 99 -38.06 -28.92 13.47
N TRP C 100 -39.18 -28.92 12.75
CA TRP C 100 -40.31 -28.06 13.11
C TRP C 100 -41.57 -28.73 12.60
N SER C 101 -42.57 -28.87 13.47
CA SER C 101 -43.77 -29.65 13.14
C SER C 101 -43.33 -31.03 12.69
N ASP C 102 -43.91 -31.54 11.61
CA ASP C 102 -43.49 -32.82 11.03
C ASP C 102 -42.52 -32.64 9.87
N VAL C 103 -41.68 -31.61 9.92
CA VAL C 103 -40.79 -31.24 8.82
C VAL C 103 -39.36 -31.24 9.33
N ILE C 104 -38.44 -31.74 8.51
CA ILE C 104 -37.02 -31.71 8.78
C ILE C 104 -36.34 -30.85 7.74
N VAL C 105 -35.43 -29.99 8.18
CA VAL C 105 -34.64 -29.12 7.31
C VAL C 105 -33.18 -29.49 7.51
N ALA C 106 -32.56 -30.04 6.47
CA ALA C 106 -31.16 -30.45 6.51
C ALA C 106 -30.41 -29.67 5.44
N CYS C 107 -29.31 -29.04 5.84
CA CYS C 107 -28.65 -28.08 4.97
C CYS C 107 -27.25 -28.56 4.60
N ALA C 108 -26.86 -28.23 3.37
CA ALA C 108 -25.54 -28.51 2.82
C ALA C 108 -24.88 -27.17 2.55
N PRO C 109 -24.15 -26.61 3.51
CA PRO C 109 -23.65 -25.23 3.36
C PRO C 109 -22.53 -25.09 2.34
N TRP C 110 -21.88 -26.20 1.92
CA TRP C 110 -20.80 -26.11 0.95
C TRP C 110 -21.20 -26.67 -0.41
N GLN C 111 -22.50 -26.75 -0.69
CA GLN C 111 -22.93 -27.07 -2.04
C GLN C 111 -22.51 -25.94 -2.99
N HIS C 112 -21.89 -26.31 -4.11
CA HIS C 112 -21.40 -25.33 -5.06
C HIS C 112 -22.37 -25.14 -6.22
N TRP C 113 -22.21 -24.02 -6.91
CA TRP C 113 -23.15 -23.56 -7.92
C TRP C 113 -22.38 -22.72 -8.93
N ASN C 114 -22.80 -22.80 -10.20
CA ASN C 114 -22.17 -22.02 -11.25
C ASN C 114 -23.18 -21.81 -12.37
N VAL C 115 -22.97 -20.72 -13.12
CA VAL C 115 -23.83 -20.38 -14.25
C VAL C 115 -22.92 -20.00 -15.41
N LEU C 116 -23.10 -20.66 -16.54
CA LEU C 116 -22.25 -20.47 -17.71
C LEU C 116 -23.01 -19.72 -18.80
N GLU C 117 -22.27 -18.91 -19.55
CA GLU C 117 -22.82 -18.23 -20.72
C GLU C 117 -21.66 -18.01 -21.69
N LYS C 118 -21.59 -18.86 -22.71
CA LYS C 118 -20.51 -18.85 -23.69
C LYS C 118 -19.16 -19.04 -23.01
N THR C 119 -18.34 -17.99 -22.97
CA THR C 119 -17.03 -18.05 -22.33
C THR C 119 -17.03 -17.48 -20.92
N GLU C 120 -18.11 -16.84 -20.51
CA GLU C 120 -18.19 -16.22 -19.18
C GLU C 120 -18.85 -17.18 -18.19
N GLU C 121 -18.83 -16.78 -16.92
CA GLU C 121 -19.41 -17.58 -15.85
C GLU C 121 -19.67 -16.68 -14.65
N ALA C 122 -20.47 -17.21 -13.71
CA ALA C 122 -20.65 -16.54 -12.43
C ALA C 122 -19.55 -16.89 -11.44
N GLU C 123 -18.75 -17.93 -11.73
CA GLU C 123 -17.76 -18.57 -10.87
C GLU C 123 -18.43 -19.65 -10.00
N LYS C 124 -17.71 -20.76 -9.81
CA LYS C 124 -18.21 -21.92 -9.07
C LYS C 124 -17.95 -21.70 -7.59
N THR C 125 -19.01 -21.41 -6.83
CA THR C 125 -18.88 -20.89 -5.48
C THR C 125 -19.83 -21.60 -4.55
N PRO C 126 -19.54 -21.59 -3.23
CA PRO C 126 -20.41 -22.30 -2.26
C PRO C 126 -21.60 -21.47 -1.78
N VAL C 127 -22.67 -21.45 -2.58
CA VAL C 127 -23.87 -20.73 -2.17
C VAL C 127 -24.61 -21.45 -1.06
N GLY C 128 -24.39 -22.76 -0.90
CA GLY C 128 -25.12 -23.54 0.08
C GLY C 128 -26.52 -23.82 -0.38
N SER C 129 -27.17 -24.76 0.33
CA SER C 129 -28.54 -25.13 0.02
C SER C 129 -29.10 -25.93 1.18
N CYS C 130 -30.42 -25.89 1.33
CA CYS C 130 -31.10 -26.66 2.36
C CYS C 130 -32.12 -27.59 1.73
N PHE C 131 -32.21 -28.80 2.27
CA PHE C 131 -33.13 -29.82 1.83
C PHE C 131 -34.22 -29.98 2.89
N LEU C 132 -35.48 -29.95 2.46
CA LEU C 132 -36.61 -30.04 3.37
C LEU C 132 -37.39 -31.33 3.08
N ALA C 133 -37.77 -32.03 4.15
CA ALA C 133 -38.46 -33.30 4.05
C ALA C 133 -39.62 -33.37 5.02
N GLN C 134 -40.73 -33.93 4.55
CA GLN C 134 -41.80 -34.40 5.44
C GLN C 134 -41.73 -35.91 5.46
N PRO C 135 -41.11 -36.52 6.48
CA PRO C 135 -40.83 -37.96 6.44
C PRO C 135 -42.07 -38.83 6.21
N GLU C 136 -43.19 -38.52 6.85
CA GLU C 136 -44.36 -39.39 6.75
C GLU C 136 -44.96 -39.37 5.35
N SER C 137 -45.01 -38.20 4.71
CA SER C 137 -45.63 -38.06 3.40
C SER C 137 -44.68 -38.31 2.24
N GLY C 138 -43.38 -38.33 2.50
CA GLY C 138 -42.40 -38.47 1.44
C GLY C 138 -42.10 -37.20 0.68
N ARG C 139 -42.76 -36.09 1.01
CA ARG C 139 -42.59 -34.86 0.25
C ARG C 139 -41.19 -34.28 0.47
N ARG C 140 -40.73 -33.54 -0.55
CA ARG C 140 -39.39 -32.96 -0.53
C ARG C 140 -39.44 -31.57 -1.16
N ALA C 141 -38.52 -30.72 -0.71
CA ALA C 141 -38.34 -29.40 -1.29
C ALA C 141 -36.92 -28.94 -0.98
N GLU C 142 -36.47 -27.93 -1.72
CA GLU C 142 -35.15 -27.36 -1.53
C GLU C 142 -35.29 -25.85 -1.35
N TYR C 143 -34.24 -25.24 -0.82
CA TYR C 143 -34.23 -23.80 -0.62
C TYR C 143 -32.78 -23.33 -0.69
N SER C 144 -32.48 -22.50 -1.68
CA SER C 144 -31.12 -22.04 -1.96
C SER C 144 -31.18 -20.57 -2.32
N PRO C 145 -31.38 -19.69 -1.34
CA PRO C 145 -31.68 -18.28 -1.64
C PRO C 145 -30.51 -17.48 -2.17
N CYS C 146 -29.31 -18.04 -2.21
CA CYS C 146 -28.15 -17.28 -2.67
C CYS C 146 -27.71 -17.64 -4.07
N ARG C 147 -28.40 -18.56 -4.74
CA ARG C 147 -28.12 -18.81 -6.15
C ARG C 147 -28.46 -17.57 -6.97
N GLY C 148 -27.59 -17.26 -7.94
CA GLY C 148 -27.81 -16.16 -8.83
C GLY C 148 -27.47 -16.54 -10.26
N ASN C 149 -27.71 -15.60 -11.18
CA ASN C 149 -27.38 -15.80 -12.59
C ASN C 149 -26.60 -14.63 -13.17
N THR C 150 -25.90 -13.86 -12.32
CA THR C 150 -25.09 -12.73 -12.74
C THR C 150 -23.66 -13.18 -13.02
N LEU C 151 -23.11 -12.71 -14.14
CA LEU C 151 -21.75 -13.09 -14.52
C LEU C 151 -20.72 -12.31 -13.70
N SER C 152 -19.54 -12.93 -13.56
CA SER C 152 -18.51 -12.39 -12.66
C SER C 152 -18.14 -10.95 -13.03
N ARG C 153 -18.04 -10.65 -14.33
CA ARG C 153 -17.65 -9.31 -14.77
C ARG C 153 -18.52 -8.24 -14.14
N ILE C 154 -19.80 -8.53 -13.94
CA ILE C 154 -20.73 -7.54 -13.38
C ILE C 154 -20.37 -7.21 -11.94
N TYR C 155 -20.03 -8.23 -11.14
CA TYR C 155 -19.62 -7.96 -9.77
C TYR C 155 -18.38 -7.08 -9.74
N VAL C 156 -17.45 -7.29 -10.67
CA VAL C 156 -16.23 -6.50 -10.72
C VAL C 156 -16.55 -5.04 -10.97
N GLU C 157 -17.43 -4.77 -11.95
CA GLU C 157 -17.80 -3.39 -12.27
C GLU C 157 -18.52 -2.70 -11.13
N ASN C 158 -19.07 -3.46 -10.18
CA ASN C 158 -19.86 -2.90 -9.08
C ASN C 158 -19.16 -3.02 -7.73
N ASP C 159 -17.85 -3.26 -7.73
CA ASP C 159 -17.06 -3.35 -6.50
C ASP C 159 -17.59 -4.43 -5.56
N PHE C 160 -18.13 -5.50 -6.14
CA PHE C 160 -18.55 -6.70 -5.40
C PHE C 160 -19.63 -6.37 -4.37
N SER C 161 -20.59 -5.53 -4.76
CA SER C 161 -21.73 -5.27 -3.90
C SER C 161 -22.79 -6.35 -4.10
N TRP C 162 -23.48 -6.70 -3.01
CA TRP C 162 -24.56 -7.68 -3.04
C TRP C 162 -24.07 -9.00 -3.65
N ASP C 163 -22.87 -9.40 -3.26
CA ASP C 163 -22.22 -10.61 -3.78
C ASP C 163 -22.60 -11.77 -2.88
N LYS C 164 -23.62 -12.54 -3.28
CA LYS C 164 -24.11 -13.66 -2.49
C LYS C 164 -23.53 -15.00 -2.94
N ARG C 165 -22.42 -14.98 -3.69
CA ARG C 165 -21.92 -16.22 -4.29
C ARG C 165 -21.31 -17.18 -3.28
N TYR C 166 -20.85 -16.69 -2.13
CA TYR C 166 -20.17 -17.53 -1.15
C TYR C 166 -20.96 -17.65 0.15
N CYS C 167 -22.30 -17.53 0.05
CA CYS C 167 -23.17 -17.49 1.22
C CYS C 167 -22.91 -18.63 2.19
N GLU C 168 -22.87 -19.86 1.69
CA GLU C 168 -22.95 -21.05 2.52
C GLU C 168 -24.23 -21.05 3.35
N ALA C 169 -25.33 -20.75 2.69
CA ALA C 169 -26.64 -20.73 3.34
C ALA C 169 -26.91 -22.07 4.01
N GLY C 170 -27.43 -22.01 5.23
CA GLY C 170 -27.65 -23.22 6.00
C GLY C 170 -26.49 -23.59 6.90
N PHE C 171 -25.38 -22.87 6.84
CA PHE C 171 -24.30 -23.00 7.81
C PHE C 171 -24.86 -23.04 9.24
N SER C 172 -25.88 -22.23 9.52
CA SER C 172 -26.68 -22.34 10.73
C SER C 172 -28.14 -22.19 10.33
N SER C 173 -29.03 -22.68 11.20
CA SER C 173 -30.45 -22.65 10.88
C SER C 173 -31.28 -22.60 12.16
N VAL C 174 -32.53 -22.17 12.00
CA VAL C 174 -33.50 -22.15 13.09
C VAL C 174 -34.87 -21.89 12.47
N VAL C 175 -35.93 -22.30 13.17
CA VAL C 175 -37.30 -22.11 12.70
C VAL C 175 -38.13 -21.51 13.82
N THR C 176 -38.82 -20.41 13.51
CA THR C 176 -39.73 -19.79 14.47
C THR C 176 -40.92 -20.71 14.77
N GLN C 177 -41.61 -20.42 15.88
N GLN C 177 -41.62 -20.43 15.87
CA GLN C 177 -42.81 -21.16 16.23
CA GLN C 177 -42.81 -21.19 16.21
C GLN C 177 -43.85 -21.12 15.12
C GLN C 177 -43.85 -21.13 15.10
N ALA C 178 -43.90 -20.01 14.37
CA ALA C 178 -44.85 -19.87 13.27
C ALA C 178 -44.43 -20.62 12.02
N GLY C 179 -43.20 -21.13 11.96
CA GLY C 179 -42.77 -21.88 10.80
C GLY C 179 -41.99 -21.09 9.78
N GLU C 180 -41.28 -20.04 10.19
CA GLU C 180 -40.43 -19.27 9.30
C GLU C 180 -39.00 -19.82 9.42
N LEU C 181 -38.50 -20.41 8.33
CA LEU C 181 -37.13 -20.88 8.31
C LEU C 181 -36.18 -19.70 8.19
N VAL C 182 -35.17 -19.66 9.07
CA VAL C 182 -34.15 -18.63 9.07
C VAL C 182 -32.79 -19.29 8.92
N LEU C 183 -32.07 -18.94 7.86
CA LEU C 183 -30.77 -19.53 7.56
C LEU C 183 -29.66 -18.52 7.81
N GLY C 184 -28.63 -18.94 8.54
CA GLY C 184 -27.41 -18.16 8.65
C GLY C 184 -26.49 -18.50 7.50
N ALA C 185 -25.95 -17.45 6.86
CA ALA C 185 -25.04 -17.59 5.72
C ALA C 185 -23.83 -16.72 5.96
N PRO C 186 -22.79 -17.26 6.62
CA PRO C 186 -21.68 -16.40 7.06
C PRO C 186 -20.80 -15.88 5.94
N GLY C 187 -20.83 -16.52 4.77
CA GLY C 187 -20.04 -15.98 3.66
C GLY C 187 -20.76 -14.94 2.83
N GLY C 188 -21.98 -14.57 3.21
CA GLY C 188 -22.77 -13.69 2.38
C GLY C 188 -22.18 -12.30 2.26
N TYR C 189 -22.43 -11.67 1.10
CA TYR C 189 -21.94 -10.33 0.79
C TYR C 189 -20.43 -10.25 0.94
N TYR C 190 -19.74 -11.17 0.27
CA TYR C 190 -18.27 -11.24 0.29
C TYR C 190 -17.77 -11.32 1.72
N PHE C 191 -18.33 -12.27 2.47
CA PHE C 191 -17.90 -12.72 3.79
C PHE C 191 -18.26 -11.76 4.92
N LEU C 192 -19.17 -10.81 4.69
CA LEU C 192 -19.79 -10.13 5.82
C LEU C 192 -20.78 -11.05 6.53
N GLY C 193 -21.47 -11.89 5.77
CA GLY C 193 -22.52 -12.76 6.28
C GLY C 193 -23.90 -12.14 6.12
N LEU C 194 -24.89 -13.00 5.95
CA LEU C 194 -26.27 -12.54 5.81
C LEU C 194 -27.20 -13.57 6.42
N LEU C 195 -28.47 -13.18 6.54
CA LEU C 195 -29.55 -14.06 6.98
C LEU C 195 -30.60 -14.14 5.88
N ALA C 196 -31.12 -15.34 5.67
CA ALA C 196 -32.18 -15.57 4.70
C ALA C 196 -33.37 -16.20 5.43
N GLN C 197 -34.57 -15.68 5.17
CA GLN C 197 -35.79 -16.12 5.84
C GLN C 197 -36.88 -16.39 4.82
N ALA C 198 -37.59 -17.51 4.99
CA ALA C 198 -38.76 -17.81 4.17
C ALA C 198 -39.64 -18.81 4.90
N PRO C 199 -40.96 -18.72 4.79
CA PRO C 199 -41.83 -19.70 5.47
C PRO C 199 -41.70 -21.08 4.88
N VAL C 200 -41.77 -22.09 5.75
CA VAL C 200 -41.67 -23.48 5.30
C VAL C 200 -42.76 -23.81 4.30
N ALA C 201 -43.99 -23.36 4.57
CA ALA C 201 -45.10 -23.66 3.66
C ALA C 201 -44.87 -23.09 2.27
N ASP C 202 -44.26 -21.89 2.20
CA ASP C 202 -44.03 -21.28 0.90
C ASP C 202 -42.84 -21.89 0.17
N ILE C 203 -41.88 -22.44 0.91
CA ILE C 203 -40.79 -23.17 0.27
C ILE C 203 -41.35 -24.42 -0.44
N PHE C 204 -42.25 -25.13 0.22
CA PHE C 204 -42.81 -26.34 -0.39
C PHE C 204 -43.70 -26.00 -1.58
N SER C 205 -44.55 -24.97 -1.44
CA SER C 205 -45.50 -24.66 -2.50
C SER C 205 -44.85 -24.01 -3.71
N SER C 206 -43.69 -23.36 -3.54
CA SER C 206 -43.02 -22.70 -4.65
C SER C 206 -41.94 -23.57 -5.29
N TYR C 207 -41.62 -24.73 -4.72
CA TYR C 207 -40.57 -25.58 -5.26
C TYR C 207 -41.12 -26.56 -6.28
N ARG C 208 -40.41 -26.70 -7.39
CA ARG C 208 -40.63 -27.76 -8.38
C ARG C 208 -39.25 -28.25 -8.79
N PRO C 209 -39.06 -29.55 -8.96
CA PRO C 209 -37.72 -30.07 -9.26
C PRO C 209 -37.28 -29.68 -10.66
N GLY C 210 -35.98 -29.43 -10.81
CA GLY C 210 -35.39 -29.11 -12.09
C GLY C 210 -35.38 -27.65 -12.47
N ILE C 211 -35.93 -26.76 -11.64
CA ILE C 211 -35.97 -25.34 -11.98
C ILE C 211 -34.65 -24.66 -11.62
N LEU C 212 -34.12 -24.98 -10.43
CA LEU C 212 -32.82 -24.51 -9.92
C LEU C 212 -32.84 -23.04 -9.51
N LEU C 213 -33.45 -22.17 -10.31
CA LEU C 213 -33.57 -20.75 -9.99
C LEU C 213 -35.04 -20.37 -9.96
N TRP C 214 -35.60 -20.15 -8.78
CA TRP C 214 -37.00 -19.81 -8.67
C TRP C 214 -37.22 -18.78 -7.56
N HIS C 215 -38.37 -18.11 -7.62
CA HIS C 215 -38.70 -17.02 -6.73
C HIS C 215 -39.59 -17.50 -5.58
N VAL C 216 -39.16 -17.23 -4.36
CA VAL C 216 -39.99 -17.32 -3.16
C VAL C 216 -40.28 -15.88 -2.74
N SER C 217 -41.44 -15.35 -3.13
CA SER C 217 -41.70 -13.93 -2.97
C SER C 217 -41.88 -13.53 -1.51
N SER C 218 -42.24 -14.47 -0.64
CA SER C 218 -42.36 -14.18 0.78
C SER C 218 -41.04 -14.23 1.52
N GLN C 219 -39.92 -14.42 0.80
CA GLN C 219 -38.64 -14.50 1.47
C GLN C 219 -38.08 -13.10 1.73
N SER C 220 -37.18 -13.02 2.70
CA SER C 220 -36.60 -11.77 3.15
C SER C 220 -35.14 -11.99 3.50
N LEU C 221 -34.25 -11.20 2.91
CA LEU C 221 -32.82 -11.32 3.14
C LEU C 221 -32.28 -10.07 3.81
N SER C 222 -31.25 -10.25 4.63
CA SER C 222 -30.59 -9.14 5.30
C SER C 222 -29.79 -8.33 4.27
N PHE C 223 -29.01 -7.37 4.74
CA PHE C 223 -28.48 -6.33 3.85
C PHE C 223 -26.96 -6.25 3.90
N ASP C 224 -26.39 -5.82 2.78
CA ASP C 224 -24.98 -5.52 2.66
C ASP C 224 -24.63 -4.26 3.46
N SER C 225 -23.33 -4.04 3.65
CA SER C 225 -22.87 -2.88 4.41
C SER C 225 -21.54 -2.40 3.86
N SER C 226 -21.32 -1.09 3.95
CA SER C 226 -20.02 -0.50 3.63
C SER C 226 -19.21 -0.19 4.88
N ASN C 227 -19.76 -0.44 6.06
CA ASN C 227 -19.04 -0.24 7.32
C ASN C 227 -17.98 -1.31 7.48
N PRO C 228 -16.69 -0.94 7.54
CA PRO C 228 -15.64 -1.98 7.61
C PRO C 228 -15.68 -2.81 8.89
N GLU C 229 -16.41 -2.37 9.92
CA GLU C 229 -16.55 -3.20 11.12
C GLU C 229 -17.15 -4.56 10.79
N TYR C 230 -17.92 -4.65 9.71
CA TYR C 230 -18.60 -5.90 9.36
C TYR C 230 -17.80 -6.78 8.40
N PHE C 231 -16.69 -6.28 7.84
CA PHE C 231 -15.97 -7.05 6.84
C PHE C 231 -15.36 -8.30 7.46
N ASP C 232 -15.58 -9.45 6.82
CA ASP C 232 -15.06 -10.74 7.29
C ASP C 232 -15.57 -11.10 8.68
N GLY C 233 -16.77 -10.63 9.03
CA GLY C 233 -17.32 -10.87 10.35
C GLY C 233 -18.10 -12.15 10.52
N TYR C 234 -18.37 -12.89 9.43
CA TYR C 234 -19.08 -14.18 9.47
C TYR C 234 -20.39 -14.06 10.25
N TRP C 235 -21.09 -12.96 10.01
CA TRP C 235 -22.43 -12.72 10.54
C TRP C 235 -23.37 -13.83 10.08
N GLY C 236 -23.90 -14.59 11.03
CA GLY C 236 -24.70 -15.76 10.71
C GLY C 236 -23.99 -17.08 10.92
N TYR C 237 -22.77 -17.05 11.46
CA TYR C 237 -22.08 -18.26 11.88
C TYR C 237 -22.95 -19.09 12.82
N SER C 238 -23.79 -18.42 13.61
CA SER C 238 -24.78 -19.06 14.47
C SER C 238 -26.02 -18.17 14.51
N VAL C 239 -27.15 -18.76 14.89
CA VAL C 239 -28.43 -18.06 14.85
C VAL C 239 -29.39 -18.70 15.83
N ALA C 240 -30.32 -17.90 16.35
CA ALA C 240 -31.38 -18.36 17.22
C ALA C 240 -32.52 -17.34 17.15
N VAL C 241 -33.63 -17.64 17.83
CA VAL C 241 -34.78 -16.74 17.88
C VAL C 241 -35.27 -16.62 19.32
N GLY C 242 -36.02 -15.57 19.59
CA GLY C 242 -36.58 -15.34 20.91
C GLY C 242 -37.39 -14.06 20.93
N GLU C 243 -37.94 -13.77 22.11
CA GLU C 243 -38.76 -12.57 22.33
C GLU C 243 -37.96 -11.59 23.17
N PHE C 244 -37.60 -10.44 22.58
CA PHE C 244 -36.73 -9.48 23.23
C PHE C 244 -37.20 -8.03 23.15
N ASP C 245 -38.34 -7.75 22.52
CA ASP C 245 -38.79 -6.37 22.34
C ASP C 245 -40.09 -6.04 23.05
N GLY C 246 -40.73 -7.01 23.70
CA GLY C 246 -41.99 -6.77 24.37
C GLY C 246 -43.24 -7.04 23.55
N ASP C 247 -43.13 -6.97 22.23
CA ASP C 247 -44.26 -7.22 21.33
C ASP C 247 -44.31 -8.72 21.03
N LEU C 248 -45.36 -9.39 21.51
CA LEU C 248 -45.46 -10.82 21.31
C LEU C 248 -45.89 -11.20 19.90
N ASN C 249 -46.46 -10.26 19.13
CA ASN C 249 -46.75 -10.55 17.73
C ASN C 249 -45.47 -10.72 16.91
N THR C 250 -44.40 -10.03 17.31
CA THR C 250 -43.16 -10.01 16.55
C THR C 250 -42.15 -11.00 17.14
N THR C 251 -41.33 -11.56 16.26
CA THR C 251 -40.26 -12.48 16.64
C THR C 251 -38.92 -11.84 16.33
N GLU C 252 -37.99 -11.93 17.27
CA GLU C 252 -36.68 -11.31 17.13
C GLU C 252 -35.64 -12.37 16.81
N TYR C 253 -34.60 -11.96 16.09
CA TYR C 253 -33.54 -12.86 15.64
C TYR C 253 -32.26 -12.56 16.41
N VAL C 254 -31.51 -13.62 16.71
CA VAL C 254 -30.22 -13.52 17.40
C VAL C 254 -29.16 -14.09 16.48
N VAL C 255 -28.16 -13.27 16.13
CA VAL C 255 -27.16 -13.64 15.14
C VAL C 255 -25.76 -13.50 15.74
N GLY C 256 -24.98 -14.56 15.65
CA GLY C 256 -23.59 -14.51 16.05
C GLY C 256 -22.70 -14.11 14.89
N ALA C 257 -21.74 -13.24 15.17
CA ALA C 257 -20.76 -12.77 14.18
C ALA C 257 -19.39 -12.83 14.84
N PRO C 258 -18.78 -14.02 14.89
CA PRO C 258 -17.65 -14.25 15.80
C PRO C 258 -16.34 -13.61 15.39
N THR C 259 -16.25 -13.03 14.19
CA THR C 259 -15.05 -12.30 13.79
C THR C 259 -15.36 -10.83 13.52
N TRP C 260 -16.52 -10.34 13.96
CA TRP C 260 -16.92 -8.97 13.75
C TRP C 260 -15.87 -8.01 14.29
N SER C 261 -15.73 -6.87 13.60
CA SER C 261 -14.81 -5.78 13.95
C SER C 261 -13.41 -6.30 14.27
N TRP C 262 -12.77 -6.80 13.21
CA TRP C 262 -11.39 -7.28 13.27
C TRP C 262 -11.22 -8.34 14.35
N THR C 263 -12.11 -9.35 14.32
CA THR C 263 -12.14 -10.53 15.18
C THR C 263 -12.46 -10.22 16.63
N LEU C 264 -12.95 -9.01 16.92
CA LEU C 264 -13.49 -8.76 18.26
C LEU C 264 -14.66 -9.68 18.56
N GLY C 265 -15.50 -9.95 17.55
CA GLY C 265 -16.69 -10.76 17.73
C GLY C 265 -17.86 -9.94 18.24
N ALA C 266 -19.06 -10.44 17.93
CA ALA C 266 -20.27 -9.75 18.36
C ALA C 266 -21.48 -10.65 18.17
N VAL C 267 -22.54 -10.33 18.91
CA VAL C 267 -23.87 -10.89 18.73
C VAL C 267 -24.84 -9.73 18.60
N GLU C 268 -25.82 -9.87 17.71
CA GLU C 268 -26.80 -8.81 17.50
C GLU C 268 -28.21 -9.40 17.63
N ILE C 269 -29.10 -8.59 18.18
CA ILE C 269 -30.53 -8.91 18.27
C ILE C 269 -31.26 -8.01 17.29
N LEU C 270 -32.07 -8.63 16.43
CA LEU C 270 -32.74 -7.91 15.34
C LEU C 270 -34.24 -8.13 15.41
N ASP C 271 -34.99 -7.22 14.78
CA ASP C 271 -36.38 -7.52 14.51
C ASP C 271 -36.47 -8.29 13.20
N SER C 272 -37.69 -8.72 12.86
CA SER C 272 -37.89 -9.58 11.69
C SER C 272 -37.58 -8.87 10.38
N TYR C 273 -37.35 -7.55 10.40
CA TYR C 273 -36.90 -6.82 9.23
C TYR C 273 -35.41 -6.54 9.27
N TYR C 274 -34.67 -7.24 10.14
CA TYR C 274 -33.21 -7.18 10.25
C TYR C 274 -32.69 -5.83 10.75
N GLN C 275 -33.54 -5.06 11.42
CA GLN C 275 -33.08 -3.82 12.05
C GLN C 275 -32.49 -4.14 13.42
N ARG C 276 -31.31 -3.60 13.69
CA ARG C 276 -30.57 -3.93 14.90
C ARG C 276 -31.23 -3.31 16.13
N LEU C 277 -31.54 -4.14 17.13
CA LEU C 277 -32.09 -3.69 18.40
C LEU C 277 -31.04 -3.57 19.50
N HIS C 278 -30.09 -4.50 19.55
CA HIS C 278 -28.99 -4.41 20.49
CA HIS C 278 -29.00 -4.48 20.52
C HIS C 278 -27.77 -5.08 19.88
N ARG C 279 -26.60 -4.66 20.34
CA ARG C 279 -25.35 -5.28 19.92
C ARG C 279 -24.50 -5.57 21.15
N LEU C 280 -24.04 -6.82 21.25
CA LEU C 280 -23.14 -7.25 22.31
C LEU C 280 -21.77 -7.48 21.70
N ARG C 281 -20.77 -6.82 22.24
CA ARG C 281 -19.42 -6.90 21.70
C ARG C 281 -18.62 -7.97 22.42
N GLY C 282 -17.74 -8.62 21.67
CA GLY C 282 -16.82 -9.56 22.28
C GLY C 282 -15.92 -8.88 23.30
N GLU C 283 -15.35 -9.71 24.16
CA GLU C 283 -14.47 -9.22 25.22
C GLU C 283 -13.01 -9.26 24.79
N GLN C 284 -12.63 -10.22 23.95
CA GLN C 284 -11.23 -10.48 23.67
C GLN C 284 -11.12 -10.92 22.21
N MET C 285 -10.23 -10.26 21.47
CA MET C 285 -10.05 -10.58 20.07
C MET C 285 -9.65 -12.04 19.90
N ALA C 286 -10.24 -12.69 18.90
CA ALA C 286 -10.01 -14.06 18.46
C ALA C 286 -10.66 -15.10 19.38
N SER C 287 -11.40 -14.69 20.41
CA SER C 287 -12.07 -15.65 21.28
C SER C 287 -13.28 -16.31 20.62
N TYR C 288 -13.68 -15.82 19.44
CA TYR C 288 -14.84 -16.34 18.72
C TYR C 288 -16.14 -16.15 19.51
N PHE C 289 -16.22 -15.01 20.18
CA PHE C 289 -17.46 -14.57 20.82
C PHE C 289 -18.60 -14.57 19.80
N GLY C 290 -19.62 -15.37 20.06
CA GLY C 290 -20.72 -15.56 19.13
C GLY C 290 -20.66 -16.86 18.35
N HIS C 291 -19.66 -17.71 18.61
CA HIS C 291 -19.61 -19.03 18.01
C HIS C 291 -20.91 -19.78 18.23
N SER C 292 -21.50 -19.63 19.42
CA SER C 292 -22.78 -20.23 19.73
C SER C 292 -23.62 -19.24 20.51
N VAL C 293 -24.92 -19.32 20.32
CA VAL C 293 -25.88 -18.50 21.05
C VAL C 293 -27.00 -19.41 21.54
N ALA C 294 -27.66 -18.99 22.62
CA ALA C 294 -28.77 -19.74 23.16
C ALA C 294 -29.77 -18.77 23.79
N VAL C 295 -31.05 -19.07 23.62
CA VAL C 295 -32.13 -18.23 24.13
C VAL C 295 -33.01 -19.09 25.02
N THR C 296 -33.10 -18.73 26.30
CA THR C 296 -34.02 -19.38 27.22
C THR C 296 -34.15 -18.50 28.46
N ASP C 297 -35.34 -18.51 29.06
CA ASP C 297 -35.56 -17.84 30.34
C ASP C 297 -35.00 -18.72 31.45
N VAL C 298 -33.90 -18.29 32.08
CA VAL C 298 -33.26 -19.10 33.11
C VAL C 298 -33.62 -18.66 34.52
N ASN C 299 -34.20 -17.47 34.71
CA ASN C 299 -34.49 -16.97 36.05
C ASN C 299 -35.97 -16.82 36.30
N GLY C 300 -36.81 -17.57 35.58
CA GLY C 300 -38.22 -17.69 35.88
C GLY C 300 -39.03 -16.41 35.94
N ASP C 301 -38.63 -15.37 35.22
CA ASP C 301 -39.41 -14.15 35.15
C ASP C 301 -40.19 -14.02 33.86
N GLY C 302 -40.18 -15.06 33.01
CA GLY C 302 -40.90 -15.03 31.76
C GLY C 302 -40.20 -14.36 30.61
N ARG C 303 -39.07 -13.69 30.86
CA ARG C 303 -38.33 -13.01 29.81
C ARG C 303 -37.17 -13.87 29.33
N HIS C 304 -37.05 -14.02 28.02
CA HIS C 304 -35.94 -14.78 27.45
C HIS C 304 -34.62 -14.12 27.81
N ASP C 305 -33.65 -14.94 28.19
CA ASP C 305 -32.30 -14.48 28.46
C ASP C 305 -31.38 -14.98 27.36
N LEU C 306 -30.18 -14.42 27.31
CA LEU C 306 -29.25 -14.70 26.22
C LEU C 306 -27.93 -15.24 26.77
N LEU C 307 -27.46 -16.35 26.18
CA LEU C 307 -26.16 -16.91 26.48
C LEU C 307 -25.31 -16.91 25.23
N VAL C 308 -24.03 -16.58 25.39
CA VAL C 308 -23.08 -16.48 24.28
C VAL C 308 -21.83 -17.25 24.63
N GLY C 309 -21.37 -18.08 23.69
CA GLY C 309 -20.14 -18.83 23.87
C GLY C 309 -19.00 -18.18 23.10
N ALA C 310 -17.85 -18.07 23.76
CA ALA C 310 -16.60 -17.65 23.14
C ALA C 310 -15.59 -18.75 23.46
N PRO C 311 -15.59 -19.83 22.67
CA PRO C 311 -14.84 -21.04 23.07
C PRO C 311 -13.32 -20.89 23.04
N LEU C 312 -12.78 -19.80 22.52
CA LEU C 312 -11.33 -19.63 22.50
C LEU C 312 -10.86 -18.52 23.43
N TYR C 313 -11.73 -18.03 24.31
CA TYR C 313 -11.34 -17.02 25.28
C TYR C 313 -10.15 -17.51 26.10
N MET C 314 -9.18 -16.61 26.31
CA MET C 314 -7.98 -16.90 27.08
C MET C 314 -8.07 -16.18 28.42
N GLU C 315 -8.01 -16.96 29.50
CA GLU C 315 -8.16 -16.45 30.85
C GLU C 315 -6.83 -15.99 31.41
N SER C 316 -6.86 -14.94 32.23
CA SER C 316 -5.65 -14.45 32.87
C SER C 316 -5.15 -15.46 33.90
N ARG C 317 -3.84 -15.68 33.90
CA ARG C 317 -3.16 -16.53 34.87
C ARG C 317 -2.06 -15.73 35.55
N ALA C 318 -1.39 -16.37 36.51
CA ALA C 318 -0.29 -15.71 37.20
C ALA C 318 0.88 -15.48 36.25
N ASP C 319 1.75 -14.55 36.63
CA ASP C 319 2.92 -14.17 35.83
C ASP C 319 2.51 -13.66 34.45
N ARG C 320 1.37 -12.97 34.39
CA ARG C 320 0.87 -12.37 33.14
C ARG C 320 0.75 -13.39 32.03
N LYS C 321 0.34 -14.61 32.38
CA LYS C 321 0.12 -15.66 31.41
C LYS C 321 -1.34 -15.67 30.97
N LEU C 322 -1.60 -16.37 29.86
CA LEU C 322 -2.93 -16.56 29.34
C LEU C 322 -3.14 -18.03 29.03
N ALA C 323 -4.38 -18.49 29.21
CA ALA C 323 -4.71 -19.90 29.04
C ALA C 323 -6.03 -19.98 28.29
N GLU C 324 -5.99 -20.53 27.07
CA GLU C 324 -7.21 -20.71 26.29
C GLU C 324 -8.09 -21.78 26.95
N VAL C 325 -9.28 -21.39 27.38
CA VAL C 325 -10.20 -22.31 28.05
C VAL C 325 -11.63 -22.17 27.56
N GLY C 326 -11.97 -20.98 27.05
CA GLY C 326 -13.34 -20.72 26.65
C GLY C 326 -14.15 -20.08 27.77
N ARG C 327 -15.20 -19.36 27.36
CA ARG C 327 -16.05 -18.62 28.30
C ARG C 327 -17.47 -18.53 27.76
N VAL C 328 -18.44 -18.51 28.68
CA VAL C 328 -19.85 -18.33 28.36
C VAL C 328 -20.36 -17.11 29.10
N TYR C 329 -21.16 -16.30 28.41
CA TYR C 329 -21.69 -15.04 28.95
C TYR C 329 -23.20 -15.14 29.07
N LEU C 330 -23.73 -14.79 30.24
CA LEU C 330 -25.17 -14.79 30.49
C LEU C 330 -25.68 -13.36 30.57
N PHE C 331 -26.61 -13.00 29.68
CA PHE C 331 -27.25 -11.69 29.67
C PHE C 331 -28.73 -11.88 30.00
N LEU C 332 -29.15 -11.33 31.14
CA LEU C 332 -30.55 -11.39 31.55
C LEU C 332 -31.31 -10.21 30.96
N GLN C 333 -32.49 -10.48 30.42
CA GLN C 333 -33.29 -9.43 29.81
C GLN C 333 -33.90 -8.55 30.91
N PRO C 334 -33.67 -7.25 30.87
CA PRO C 334 -34.19 -6.37 31.93
C PRO C 334 -35.68 -6.09 31.75
N ARG C 335 -36.26 -5.46 32.77
CA ARG C 335 -37.65 -5.05 32.73
C ARG C 335 -37.86 -3.99 31.65
N GLY C 336 -38.82 -4.23 30.77
CA GLY C 336 -39.22 -3.24 29.79
C GLY C 336 -38.31 -3.19 28.57
N PRO C 337 -38.32 -2.04 27.90
CA PRO C 337 -37.59 -1.92 26.63
C PRO C 337 -36.09 -1.67 26.76
N HIS C 338 -35.55 -1.77 27.97
CA HIS C 338 -34.16 -1.37 28.21
C HIS C 338 -33.20 -2.28 27.47
N ALA C 339 -32.06 -1.69 27.07
CA ALA C 339 -31.04 -2.44 26.37
C ALA C 339 -30.37 -3.44 27.31
N LEU C 340 -29.93 -4.55 26.74
CA LEU C 340 -29.26 -5.59 27.53
C LEU C 340 -27.91 -5.07 28.00
N GLY C 341 -27.73 -4.98 29.31
CA GLY C 341 -26.53 -4.38 29.86
C GLY C 341 -25.33 -5.31 29.90
N ALA C 342 -24.56 -5.22 30.96
CA ALA C 342 -23.38 -6.05 31.14
C ALA C 342 -23.81 -7.49 31.38
N PRO C 343 -22.88 -8.45 31.21
CA PRO C 343 -23.21 -9.84 31.56
C PRO C 343 -23.59 -9.95 33.03
N SER C 344 -24.62 -10.74 33.31
CA SER C 344 -25.00 -11.04 34.68
C SER C 344 -24.12 -12.11 35.31
N LEU C 345 -23.45 -12.92 34.49
CA LEU C 345 -22.61 -14.00 34.97
C LEU C 345 -21.65 -14.40 33.86
N LEU C 346 -20.41 -14.71 34.25
CA LEU C 346 -19.40 -15.23 33.34
C LEU C 346 -19.00 -16.63 33.78
N LEU C 347 -19.23 -17.61 32.92
CA LEU C 347 -18.77 -18.98 33.15
C LEU C 347 -17.52 -19.22 32.31
N THR C 348 -16.45 -19.67 32.96
CA THR C 348 -15.16 -19.84 32.31
C THR C 348 -14.70 -21.28 32.45
N GLY C 349 -14.15 -21.82 31.37
CA GLY C 349 -13.64 -23.19 31.39
C GLY C 349 -12.37 -23.32 32.20
N THR C 350 -11.97 -24.57 32.42
CA THR C 350 -10.76 -24.86 33.20
C THR C 350 -9.71 -25.64 32.44
N GLN C 351 -10.11 -26.51 31.53
CA GLN C 351 -9.16 -27.36 30.82
C GLN C 351 -8.58 -26.62 29.62
N LEU C 352 -7.25 -26.56 29.55
CA LEU C 352 -6.57 -25.93 28.42
C LEU C 352 -7.04 -26.52 27.10
N TYR C 353 -7.39 -25.64 26.16
CA TYR C 353 -7.86 -26.01 24.82
C TYR C 353 -9.19 -26.76 24.85
N GLY C 354 -9.91 -26.73 25.98
CA GLY C 354 -11.14 -27.50 26.09
C GLY C 354 -12.29 -26.95 25.26
N ARG C 355 -12.22 -25.67 24.88
CA ARG C 355 -13.25 -25.00 24.08
C ARG C 355 -14.60 -25.00 24.79
N PHE C 356 -14.56 -24.74 26.09
CA PHE C 356 -15.78 -24.50 26.86
C PHE C 356 -16.59 -23.40 26.19
N GLY C 357 -17.88 -23.67 26.01
CA GLY C 357 -18.76 -22.75 25.32
C GLY C 357 -18.88 -22.98 23.84
N SER C 358 -18.37 -24.10 23.33
CA SER C 358 -18.52 -24.42 21.91
CA SER C 358 -18.52 -24.42 21.91
C SER C 358 -19.99 -24.63 21.54
N ALA C 359 -20.78 -25.16 22.48
CA ALA C 359 -22.20 -25.39 22.27
C ALA C 359 -22.91 -25.10 23.58
N ILE C 360 -24.12 -24.54 23.48
CA ILE C 360 -24.92 -24.16 24.63
C ILE C 360 -26.36 -24.59 24.33
N ALA C 361 -26.90 -25.50 25.13
CA ALA C 361 -28.21 -26.07 24.86
C ALA C 361 -29.17 -25.76 26.00
N PRO C 362 -30.30 -25.08 25.75
CA PRO C 362 -31.35 -25.03 26.76
C PRO C 362 -31.88 -26.43 27.05
N LEU C 363 -32.05 -26.72 28.34
CA LEU C 363 -32.53 -28.02 28.78
C LEU C 363 -33.99 -28.00 29.21
N GLY C 364 -34.65 -26.84 29.18
CA GLY C 364 -35.91 -26.80 29.89
C GLY C 364 -35.61 -26.91 31.38
N ASP C 365 -36.63 -27.31 32.15
CA ASP C 365 -36.48 -27.44 33.59
C ASP C 365 -36.17 -28.91 33.91
N LEU C 366 -34.90 -29.16 34.23
CA LEU C 366 -34.43 -30.53 34.42
C LEU C 366 -34.92 -31.12 35.74
N ASP C 367 -34.76 -30.39 36.83
CA ASP C 367 -35.19 -30.86 38.14
C ASP C 367 -36.60 -30.41 38.51
N ARG C 368 -37.28 -29.70 37.61
CA ARG C 368 -38.67 -29.26 37.81
C ARG C 368 -38.82 -28.47 39.12
N ASP C 369 -37.98 -27.45 39.28
CA ASP C 369 -38.04 -26.57 40.44
C ASP C 369 -38.62 -25.21 40.09
N GLY C 370 -38.93 -24.94 38.83
CA GLY C 370 -39.47 -23.66 38.39
C GLY C 370 -38.52 -22.83 37.56
N TYR C 371 -37.26 -23.25 37.40
CA TYR C 371 -36.26 -22.47 36.68
C TYR C 371 -35.63 -23.34 35.60
N ASN C 372 -35.58 -22.81 34.38
CA ASN C 372 -34.98 -23.54 33.28
C ASN C 372 -33.47 -23.63 33.44
N ASP C 373 -32.88 -24.65 32.83
CA ASP C 373 -31.49 -25.00 33.02
C ASP C 373 -30.80 -25.09 31.66
N ILE C 374 -29.47 -25.17 31.68
CA ILE C 374 -28.69 -25.23 30.44
C ILE C 374 -27.58 -26.26 30.58
N ALA C 375 -27.09 -26.70 29.42
CA ALA C 375 -25.87 -27.49 29.32
C ALA C 375 -24.87 -26.75 28.44
N VAL C 376 -23.60 -26.72 28.89
CA VAL C 376 -22.51 -26.13 28.13
C VAL C 376 -21.51 -27.22 27.81
N ALA C 377 -21.08 -27.28 26.55
CA ALA C 377 -20.13 -28.28 26.09
C ALA C 377 -18.72 -27.73 26.06
N ALA C 378 -17.76 -28.59 26.45
CA ALA C 378 -16.34 -28.36 26.26
C ALA C 378 -15.79 -29.57 25.51
N PRO C 379 -15.87 -29.56 24.17
CA PRO C 379 -15.62 -30.79 23.39
C PRO C 379 -14.24 -31.39 23.55
N TYR C 380 -13.27 -30.63 24.06
CA TYR C 380 -11.95 -31.17 24.37
C TYR C 380 -11.59 -30.92 25.83
N GLY C 381 -12.61 -30.74 26.67
CA GLY C 381 -12.41 -30.50 28.09
C GLY C 381 -12.44 -31.79 28.90
N GLY C 382 -12.65 -31.62 30.21
CA GLY C 382 -12.50 -32.71 31.13
C GLY C 382 -11.04 -32.90 31.49
N PRO C 383 -10.77 -33.55 32.62
CA PRO C 383 -9.37 -33.75 33.02
C PRO C 383 -8.57 -34.61 32.06
N SER C 384 -9.24 -35.34 31.18
CA SER C 384 -8.59 -36.20 30.20
C SER C 384 -8.53 -35.58 28.81
N GLY C 385 -9.16 -34.43 28.59
CA GLY C 385 -9.23 -33.85 27.27
C GLY C 385 -10.18 -34.54 26.31
N ARG C 386 -10.96 -35.51 26.77
CA ARG C 386 -11.83 -36.28 25.88
C ARG C 386 -13.16 -35.59 25.64
N GLY C 387 -13.45 -34.50 26.32
CA GLY C 387 -14.73 -33.84 26.10
C GLY C 387 -15.61 -33.95 27.33
N GLN C 388 -16.41 -32.92 27.57
CA GLN C 388 -17.18 -32.80 28.81
C GLN C 388 -18.36 -31.88 28.56
N VAL C 389 -19.51 -32.25 29.13
CA VAL C 389 -20.72 -31.44 29.10
C VAL C 389 -21.08 -31.07 30.52
N LEU C 390 -21.35 -29.79 30.76
CA LEU C 390 -21.59 -29.27 32.11
C LEU C 390 -22.99 -28.71 32.21
N VAL C 391 -23.71 -29.13 33.27
CA VAL C 391 -25.09 -28.71 33.48
C VAL C 391 -25.11 -27.59 34.51
N PHE C 392 -25.76 -26.49 34.17
CA PHE C 392 -25.95 -25.37 35.09
C PHE C 392 -27.44 -25.15 35.30
N LEU C 393 -27.85 -25.11 36.56
CA LEU C 393 -29.26 -24.99 36.90
C LEU C 393 -29.64 -23.53 37.07
N GLY C 394 -30.84 -23.19 36.62
CA GLY C 394 -31.34 -21.83 36.77
C GLY C 394 -31.74 -21.53 38.20
N GLN C 395 -31.72 -20.23 38.52
CA GLN C 395 -32.09 -19.74 39.83
C GLN C 395 -32.72 -18.36 39.64
N SER C 396 -33.26 -17.82 40.74
CA SER C 396 -33.92 -16.51 40.66
C SER C 396 -32.94 -15.40 40.28
N GLU C 397 -31.65 -15.58 40.54
CA GLU C 397 -30.63 -14.60 40.19
C GLU C 397 -29.98 -14.88 38.83
N GLY C 398 -30.40 -15.94 38.14
CA GLY C 398 -29.83 -16.28 36.86
C GLY C 398 -29.43 -17.75 36.79
N LEU C 399 -28.13 -18.02 36.77
CA LEU C 399 -27.62 -19.37 36.81
C LEU C 399 -26.68 -19.52 38.00
N ARG C 400 -26.58 -20.76 38.49
CA ARG C 400 -25.57 -21.08 39.49
C ARG C 400 -24.18 -20.88 38.87
N SER C 401 -23.23 -20.47 39.72
CA SER C 401 -21.86 -20.28 39.26
C SER C 401 -21.16 -21.60 38.99
N ARG C 402 -21.63 -22.69 39.58
CA ARG C 402 -20.94 -23.96 39.52
C ARG C 402 -21.87 -25.05 38.98
N PRO C 403 -21.35 -25.98 38.19
CA PRO C 403 -22.21 -26.99 37.58
C PRO C 403 -22.75 -27.96 38.61
N SER C 404 -24.03 -28.29 38.48
CA SER C 404 -24.65 -29.29 39.34
C SER C 404 -24.25 -30.70 38.94
N GLN C 405 -23.85 -30.89 37.69
CA GLN C 405 -23.55 -32.21 37.18
C GLN C 405 -22.62 -32.04 35.98
N VAL C 406 -21.77 -33.04 35.79
CA VAL C 406 -20.79 -33.06 34.71
C VAL C 406 -20.88 -34.40 34.00
N LEU C 407 -20.94 -34.37 32.67
CA LEU C 407 -21.02 -35.57 31.85
C LEU C 407 -19.71 -35.72 31.10
N ASP C 408 -18.89 -36.69 31.51
CA ASP C 408 -17.62 -36.96 30.83
C ASP C 408 -17.85 -37.87 29.63
N SER C 409 -17.13 -37.59 28.55
CA SER C 409 -17.31 -38.34 27.31
C SER C 409 -17.13 -39.83 27.55
N PRO C 410 -18.05 -40.68 27.09
CA PRO C 410 -17.82 -42.13 27.10
C PRO C 410 -17.00 -42.62 25.92
N PHE C 411 -16.57 -41.74 25.04
CA PHE C 411 -15.91 -42.11 23.80
C PHE C 411 -14.40 -41.92 23.91
N PRO C 412 -13.64 -42.47 22.96
CA PRO C 412 -12.18 -42.26 22.98
C PRO C 412 -11.82 -40.81 22.70
N THR C 413 -10.54 -40.52 22.86
CA THR C 413 -10.00 -39.20 22.54
C THR C 413 -10.35 -38.79 21.12
N GLY C 414 -10.61 -37.51 20.91
CA GLY C 414 -10.84 -36.99 19.57
C GLY C 414 -12.26 -37.11 19.07
N SER C 415 -13.20 -37.57 19.88
CA SER C 415 -14.58 -37.72 19.44
C SER C 415 -15.29 -36.39 19.28
N ALA C 416 -14.77 -35.32 19.89
CA ALA C 416 -15.42 -34.00 19.90
C ALA C 416 -16.82 -34.08 20.54
N PHE C 417 -16.95 -34.98 21.52
CA PHE C 417 -18.12 -35.09 22.38
C PHE C 417 -18.61 -33.73 22.86
N GLY C 418 -19.85 -33.40 22.52
CA GLY C 418 -20.44 -32.15 22.92
C GLY C 418 -20.47 -31.08 21.85
N PHE C 419 -19.75 -31.27 20.74
CA PHE C 419 -19.76 -30.28 19.66
C PHE C 419 -21.18 -29.94 19.20
N SER C 420 -22.11 -30.89 19.34
CA SER C 420 -23.53 -30.63 19.12
C SER C 420 -24.32 -31.11 20.33
N LEU C 421 -25.33 -30.34 20.72
CA LEU C 421 -26.11 -30.56 21.92
C LEU C 421 -27.57 -30.25 21.64
N ARG C 422 -28.47 -30.94 22.33
CA ARG C 422 -29.89 -30.59 22.24
C ARG C 422 -30.62 -31.19 23.43
N GLY C 423 -31.41 -30.37 24.11
CA GLY C 423 -32.19 -30.82 25.24
C GLY C 423 -33.62 -30.34 25.19
N ALA C 424 -34.28 -30.30 26.35
CA ALA C 424 -35.61 -29.73 26.55
C ALA C 424 -36.73 -30.56 25.94
N VAL C 425 -36.47 -31.82 25.59
CA VAL C 425 -37.50 -32.69 25.02
C VAL C 425 -37.48 -34.04 25.75
N ASP C 426 -38.65 -34.47 26.19
CA ASP C 426 -38.82 -35.73 26.92
C ASP C 426 -38.97 -36.86 25.91
N ILE C 427 -37.87 -37.54 25.62
CA ILE C 427 -37.91 -38.54 24.55
C ILE C 427 -38.51 -39.86 25.02
N ASP C 428 -38.40 -40.18 26.31
CA ASP C 428 -38.92 -41.45 26.82
C ASP C 428 -40.22 -41.29 27.60
N ASP C 429 -40.82 -40.09 27.59
CA ASP C 429 -42.14 -39.84 28.15
C ASP C 429 -42.21 -40.16 29.64
N ASN C 430 -41.12 -39.92 30.38
CA ASN C 430 -41.13 -40.10 31.82
C ASN C 430 -41.45 -38.80 32.55
N GLY C 431 -41.80 -37.74 31.81
CA GLY C 431 -42.13 -36.46 32.40
C GLY C 431 -40.95 -35.51 32.58
N TYR C 432 -39.75 -35.91 32.20
CA TYR C 432 -38.55 -35.12 32.42
C TYR C 432 -37.78 -34.94 31.13
N PRO C 433 -37.28 -33.73 30.86
CA PRO C 433 -36.63 -33.47 29.57
C PRO C 433 -35.23 -34.06 29.52
N ASP C 434 -34.85 -34.56 28.34
CA ASP C 434 -33.64 -35.34 28.16
C ASP C 434 -32.65 -34.61 27.28
N LEU C 435 -31.45 -35.19 27.16
CA LEU C 435 -30.33 -34.54 26.49
C LEU C 435 -29.70 -35.50 25.48
N ILE C 436 -29.49 -35.02 24.26
CA ILE C 436 -28.73 -35.76 23.25
C ILE C 436 -27.44 -35.01 22.97
N VAL C 437 -26.36 -35.76 22.79
CA VAL C 437 -25.02 -35.20 22.63
C VAL C 437 -24.36 -35.88 21.44
N GLY C 438 -23.89 -35.08 20.49
CA GLY C 438 -23.19 -35.61 19.34
C GLY C 438 -21.69 -35.73 19.57
N ALA C 439 -21.09 -36.76 18.96
CA ALA C 439 -19.65 -36.97 19.01
C ALA C 439 -19.24 -37.39 17.60
N TYR C 440 -19.15 -36.40 16.70
CA TYR C 440 -18.97 -36.70 15.29
C TYR C 440 -17.63 -37.37 15.00
N GLY C 441 -16.61 -37.08 15.82
CA GLY C 441 -15.34 -37.76 15.65
C GLY C 441 -15.42 -39.25 15.90
N ALA C 442 -16.40 -39.69 16.69
CA ALA C 442 -16.66 -41.11 16.88
C ALA C 442 -17.84 -41.61 16.07
N ASN C 443 -18.48 -40.74 15.29
CA ASN C 443 -19.64 -41.10 14.48
C ASN C 443 -20.76 -41.69 15.34
N GLN C 444 -20.97 -41.10 16.52
CA GLN C 444 -21.96 -41.62 17.45
C GLN C 444 -22.70 -40.47 18.13
N VAL C 445 -23.89 -40.81 18.62
CA VAL C 445 -24.72 -39.91 19.42
C VAL C 445 -25.05 -40.62 20.72
N ALA C 446 -24.93 -39.89 21.83
CA ALA C 446 -25.27 -40.39 23.15
C ALA C 446 -26.52 -39.69 23.68
N VAL C 447 -27.41 -40.46 24.29
CA VAL C 447 -28.66 -39.93 24.84
C VAL C 447 -28.62 -40.10 26.36
N TYR C 448 -28.84 -39.01 27.08
CA TYR C 448 -28.93 -39.03 28.53
C TYR C 448 -30.38 -38.83 28.94
N ARG C 449 -30.86 -39.69 29.84
CA ARG C 449 -32.24 -39.63 30.31
C ARG C 449 -32.29 -38.99 31.69
N ALA C 450 -33.18 -38.02 31.83
CA ALA C 450 -33.38 -37.37 33.13
C ALA C 450 -34.21 -38.26 34.04
N GLN C 451 -33.83 -38.31 35.32
CA GLN C 451 -34.45 -39.20 36.28
C GLN C 451 -35.33 -38.43 37.26
N PRO C 452 -36.40 -39.05 37.77
CA PRO C 452 -37.27 -38.35 38.72
C PRO C 452 -36.51 -37.89 39.95
N VAL C 453 -36.87 -36.70 40.44
CA VAL C 453 -36.24 -36.12 41.62
C VAL C 453 -37.09 -36.41 42.85
N GLY D 1 16.00 -12.65 79.45
CA GLY D 1 15.58 -13.87 80.09
C GLY D 1 14.42 -14.56 79.39
N PRO D 2 13.23 -14.00 79.49
CA PRO D 2 12.06 -14.63 78.88
C PRO D 2 11.90 -14.24 77.42
N ASN D 3 11.49 -15.21 76.61
CA ASN D 3 11.23 -14.98 75.19
C ASN D 3 10.39 -16.14 74.66
N ILE D 4 10.04 -16.07 73.38
CA ILE D 4 9.18 -17.07 72.76
C ILE D 4 9.83 -18.45 72.74
N CYS D 5 11.16 -18.52 72.80
CA CYS D 5 11.82 -19.82 72.79
C CYS D 5 11.59 -20.58 74.09
N THR D 6 11.59 -19.86 75.22
CA THR D 6 11.38 -20.48 76.52
C THR D 6 9.89 -20.64 76.85
N THR D 7 9.09 -19.60 76.64
CA THR D 7 7.69 -19.59 77.04
C THR D 7 6.84 -20.60 76.27
N ARG D 8 7.35 -21.16 75.17
CA ARG D 8 6.57 -22.12 74.40
C ARG D 8 6.42 -23.44 75.15
N GLY D 9 7.46 -23.85 75.88
CA GLY D 9 7.45 -25.16 76.50
C GLY D 9 7.57 -26.26 75.47
N VAL D 10 8.73 -26.35 74.83
CA VAL D 10 8.96 -27.28 73.75
C VAL D 10 9.39 -28.63 74.31
N SER D 11 9.04 -29.69 73.59
CA SER D 11 9.33 -31.06 74.00
C SER D 11 10.56 -31.64 73.31
N SER D 12 11.06 -30.99 72.26
CA SER D 12 12.14 -31.58 71.48
C SER D 12 12.98 -30.48 70.84
N CYS D 13 14.22 -30.84 70.52
CA CYS D 13 15.11 -29.92 69.81
C CYS D 13 14.52 -29.51 68.47
N GLN D 14 13.87 -30.46 67.79
CA GLN D 14 13.22 -30.16 66.51
C GLN D 14 12.09 -29.15 66.70
N GLN D 15 11.26 -29.36 67.71
CA GLN D 15 10.20 -28.42 68.02
C GLN D 15 10.75 -27.05 68.38
N CYS D 16 11.91 -27.01 69.04
CA CYS D 16 12.52 -25.75 69.45
C CYS D 16 12.91 -24.90 68.25
N LEU D 17 13.59 -25.51 67.27
CA LEU D 17 13.99 -24.77 66.07
C LEU D 17 12.78 -24.24 65.33
N ALA D 18 11.68 -25.01 65.29
CA ALA D 18 10.49 -24.60 64.57
C ALA D 18 9.82 -23.38 65.18
N VAL D 19 10.17 -23.03 66.42
CA VAL D 19 9.56 -21.87 67.07
C VAL D 19 9.95 -20.59 66.36
N SER D 20 11.24 -20.43 66.08
CA SER D 20 11.77 -19.21 65.48
C SER D 20 13.20 -19.44 64.98
N PRO D 21 13.61 -18.77 63.90
CA PRO D 21 15.02 -18.84 63.48
C PRO D 21 15.96 -18.30 64.55
N MET D 22 15.42 -17.62 65.56
CA MET D 22 16.18 -17.03 66.64
C MET D 22 16.50 -18.01 67.76
N CYS D 23 15.78 -19.13 67.81
CA CYS D 23 15.89 -20.07 68.93
C CYS D 23 17.04 -21.06 68.73
N ALA D 24 17.66 -21.43 69.84
CA ALA D 24 18.71 -22.44 69.87
C ALA D 24 18.35 -23.48 70.92
N TRP D 25 19.03 -24.63 70.85
CA TRP D 25 18.75 -25.74 71.74
C TRP D 25 20.05 -26.27 72.33
N CYS D 26 20.01 -26.58 73.63
CA CYS D 26 21.12 -27.19 74.35
C CYS D 26 20.79 -28.64 74.63
N SER D 27 21.65 -29.56 74.16
CA SER D 27 21.46 -30.98 74.37
C SER D 27 22.30 -31.51 75.54
N ASP D 28 22.97 -30.61 76.27
CA ASP D 28 23.86 -31.03 77.34
C ASP D 28 23.11 -31.79 78.42
N GLU D 29 23.48 -33.05 78.62
CA GLU D 29 22.84 -33.87 79.63
C GLU D 29 23.07 -33.32 81.03
N ALA D 30 24.21 -32.66 81.26
CA ALA D 30 24.55 -32.07 82.54
C ALA D 30 24.05 -30.63 82.68
N LEU D 31 22.90 -30.31 82.07
CA LEU D 31 22.30 -29.00 82.24
C LEU D 31 21.53 -28.93 83.55
N PRO D 32 21.51 -27.77 84.19
CA PRO D 32 20.67 -27.62 85.39
C PRO D 32 19.21 -27.90 85.08
N LEU D 33 18.52 -28.49 86.06
CA LEU D 33 17.10 -28.79 85.89
C LEU D 33 16.29 -27.51 85.74
N GLY D 34 16.45 -26.58 86.67
CA GLY D 34 15.81 -25.28 86.53
C GLY D 34 16.48 -24.44 85.47
N SER D 35 16.31 -24.85 84.20
CA SER D 35 16.96 -24.18 83.08
C SER D 35 16.33 -24.62 81.77
N PRO D 36 15.92 -23.69 80.91
CA PRO D 36 15.30 -24.09 79.64
C PRO D 36 16.34 -24.59 78.66
N ARG D 37 15.95 -25.63 77.91
CA ARG D 37 16.82 -26.13 76.85
C ARG D 37 16.65 -25.36 75.56
N CYS D 38 15.58 -24.58 75.43
CA CYS D 38 15.30 -23.81 74.22
C CYS D 38 15.34 -22.32 74.57
N ASP D 39 16.29 -21.61 73.98
CA ASP D 39 16.49 -20.19 74.26
C ASP D 39 17.40 -19.62 73.18
N LEU D 40 17.73 -18.33 73.32
CA LEU D 40 18.70 -17.71 72.44
C LEU D 40 20.09 -18.28 72.70
N LYS D 41 20.93 -18.26 71.67
CA LYS D 41 22.25 -18.89 71.79
C LYS D 41 23.06 -18.29 72.92
N GLU D 42 22.92 -16.98 73.16
CA GLU D 42 23.67 -16.33 74.21
C GLU D 42 23.19 -16.77 75.59
N ASN D 43 21.87 -16.83 75.78
CA ASN D 43 21.32 -17.24 77.07
C ASN D 43 21.73 -18.66 77.43
N LEU D 44 21.90 -19.53 76.42
CA LEU D 44 22.33 -20.89 76.69
C LEU D 44 23.79 -20.93 77.15
N LEU D 45 24.66 -20.16 76.50
CA LEU D 45 26.06 -20.12 76.88
C LEU D 45 26.27 -19.56 78.28
N LYS D 46 25.33 -18.75 78.78
CA LYS D 46 25.44 -18.23 80.14
C LYS D 46 25.32 -19.34 81.18
N ASP D 47 24.54 -20.39 80.88
CA ASP D 47 24.33 -21.49 81.80
C ASP D 47 25.33 -22.63 81.60
N ASN D 48 26.57 -22.30 81.22
CA ASN D 48 27.65 -23.27 81.05
C ASN D 48 27.30 -24.37 80.06
N CYS D 49 26.31 -24.16 79.20
CA CYS D 49 25.97 -25.17 78.20
C CYS D 49 27.17 -25.43 77.30
N ALA D 50 27.55 -26.70 77.19
CA ALA D 50 28.70 -27.13 76.40
C ALA D 50 28.59 -26.54 75.00
N PRO D 51 29.53 -25.68 74.61
CA PRO D 51 29.43 -25.05 73.28
C PRO D 51 29.27 -26.03 72.13
N GLU D 52 29.91 -27.19 72.21
CA GLU D 52 29.76 -28.20 71.17
C GLU D 52 28.37 -28.82 71.21
N SER D 53 27.72 -28.83 72.37
CA SER D 53 26.39 -29.41 72.54
C SER D 53 25.27 -28.43 72.21
N ILE D 54 25.58 -27.36 71.48
CA ILE D 54 24.59 -26.35 71.10
C ILE D 54 24.20 -26.57 69.66
N GLU D 55 22.89 -26.58 69.40
CA GLU D 55 22.35 -26.70 68.05
C GLU D 55 21.72 -25.38 67.66
N PHE D 56 22.30 -24.72 66.65
CA PHE D 56 21.75 -23.46 66.17
C PHE D 56 22.08 -23.29 64.69
N PRO D 57 21.32 -23.93 63.80
CA PRO D 57 21.61 -23.78 62.37
C PRO D 57 21.32 -22.36 61.89
N VAL D 58 22.15 -21.89 60.96
CA VAL D 58 22.03 -20.56 60.39
C VAL D 58 21.70 -20.69 58.90
N SER D 59 20.62 -20.04 58.48
CA SER D 59 20.28 -20.01 57.06
C SER D 59 21.40 -19.35 56.28
N GLU D 60 21.85 -20.00 55.21
CA GLU D 60 23.01 -19.53 54.47
C GLU D 60 22.78 -19.71 52.98
N ALA D 61 23.60 -19.00 52.20
CA ALA D 61 23.67 -19.15 50.75
C ALA D 61 25.12 -19.38 50.38
N ARG D 62 25.37 -20.38 49.54
CA ARG D 62 26.74 -20.74 49.15
C ARG D 62 26.77 -20.95 47.64
N VAL D 63 27.76 -20.35 46.99
CA VAL D 63 27.92 -20.43 45.54
C VAL D 63 28.68 -21.70 45.19
N LEU D 64 28.19 -22.44 44.20
CA LEU D 64 28.81 -23.66 43.73
C LEU D 64 29.49 -23.49 42.37
N GLU D 65 28.75 -22.98 41.39
CA GLU D 65 29.28 -22.70 40.06
C GLU D 65 29.19 -21.19 39.82
N ASP D 66 30.31 -20.59 39.42
CA ASP D 66 30.38 -19.14 39.29
C ASP D 66 31.31 -18.78 38.13
N ARG D 67 31.00 -19.28 36.95
CA ARG D 67 31.76 -18.92 35.77
C ARG D 67 31.59 -17.43 35.49
N PRO D 68 32.64 -16.77 34.99
CA PRO D 68 32.51 -15.35 34.65
C PRO D 68 31.58 -15.14 33.48
N LEU D 69 30.96 -13.97 33.44
CA LEU D 69 30.10 -13.60 32.31
C LEU D 69 30.95 -13.41 31.06
N SER D 70 30.49 -13.98 29.95
CA SER D 70 31.25 -13.93 28.71
C SER D 70 31.30 -12.51 28.15
N ASP D 71 32.41 -12.19 27.50
CA ASP D 71 32.53 -10.92 26.79
C ASP D 71 31.90 -11.00 25.40
N LYS D 72 32.30 -12.02 24.63
CA LYS D 72 31.77 -12.25 23.29
C LYS D 72 30.97 -13.53 23.26
N GLY D 73 30.06 -13.63 22.28
CA GLY D 73 29.23 -14.80 22.13
C GLY D 73 29.61 -15.66 20.96
N SER D 74 30.83 -15.49 20.45
CA SER D 74 31.31 -16.24 19.31
C SER D 74 32.09 -17.47 19.78
N GLY D 75 32.75 -18.15 18.86
CA GLY D 75 33.54 -19.32 19.23
C GLY D 75 32.65 -20.50 19.49
N ASP D 76 32.82 -21.13 20.65
CA ASP D 76 32.04 -22.29 21.04
C ASP D 76 30.83 -21.84 21.86
N SER D 77 29.65 -22.33 21.48
CA SER D 77 28.44 -22.00 22.22
C SER D 77 28.40 -22.65 23.59
N SER D 78 29.17 -23.71 23.81
CA SER D 78 29.29 -24.30 25.14
C SER D 78 30.04 -23.38 26.10
N GLN D 79 30.88 -22.49 25.59
CA GLN D 79 31.67 -21.59 26.41
C GLN D 79 30.93 -20.30 26.80
N VAL D 80 29.73 -20.08 26.25
CA VAL D 80 29.05 -18.80 26.42
C VAL D 80 28.30 -18.79 27.74
N THR D 81 28.64 -17.85 28.61
CA THR D 81 28.02 -17.69 29.91
C THR D 81 27.26 -16.37 29.95
N GLN D 82 25.94 -16.45 30.08
CA GLN D 82 25.08 -15.26 30.13
C GLN D 82 24.51 -14.99 31.51
N VAL D 83 24.63 -15.93 32.44
CA VAL D 83 24.04 -15.83 33.78
C VAL D 83 25.13 -16.14 34.80
N SER D 84 25.13 -15.40 35.91
CA SER D 84 26.09 -15.62 36.99
C SER D 84 25.46 -15.27 38.33
N PRO D 85 25.60 -16.13 39.36
CA PRO D 85 26.21 -17.46 39.27
C PRO D 85 25.29 -18.45 38.59
N GLN D 86 25.75 -19.69 38.39
CA GLN D 86 24.95 -20.69 37.71
C GLN D 86 24.34 -21.72 38.65
N ARG D 87 24.93 -21.92 39.83
CA ARG D 87 24.42 -22.89 40.79
C ARG D 87 24.80 -22.44 42.19
N ILE D 88 23.82 -22.41 43.09
CA ILE D 88 24.06 -22.07 44.49
C ILE D 88 23.34 -23.07 45.38
N ALA D 89 23.83 -23.19 46.61
CA ALA D 89 23.23 -24.03 47.63
C ALA D 89 22.58 -23.13 48.67
N LEU D 90 21.29 -23.33 48.90
CA LEU D 90 20.52 -22.55 49.86
C LEU D 90 20.12 -23.43 51.03
N ARG D 91 20.40 -22.96 52.25
CA ARG D 91 20.00 -23.65 53.46
C ARG D 91 19.04 -22.76 54.24
N LEU D 92 17.88 -23.32 54.61
CA LEU D 92 16.83 -22.54 55.27
C LEU D 92 16.27 -23.34 56.43
N ARG D 93 16.30 -22.75 57.62
CA ARG D 93 15.58 -23.34 58.73
C ARG D 93 14.15 -22.83 58.73
N PRO D 94 13.23 -23.48 59.48
CA PRO D 94 11.81 -23.18 59.32
C PRO D 94 11.47 -21.70 59.49
N ASP D 95 10.58 -21.22 58.64
CA ASP D 95 10.01 -19.87 58.69
C ASP D 95 11.06 -18.78 58.51
N ASP D 96 12.24 -19.14 57.99
CA ASP D 96 13.32 -18.19 57.84
C ASP D 96 13.40 -17.69 56.39
N SER D 97 14.41 -16.87 56.11
CA SER D 97 14.62 -16.36 54.77
C SER D 97 16.09 -15.99 54.60
N LYS D 98 16.59 -16.22 53.39
CA LYS D 98 17.94 -15.81 53.01
C LYS D 98 17.87 -15.15 51.64
N ASN D 99 18.85 -14.30 51.36
CA ASN D 99 18.88 -13.58 50.10
C ASN D 99 20.14 -13.94 49.33
N PHE D 100 20.02 -13.87 48.00
CA PHE D 100 21.13 -14.14 47.09
C PHE D 100 20.96 -13.25 45.87
N SER D 101 21.90 -13.36 44.92
CA SER D 101 21.95 -12.47 43.78
C SER D 101 22.13 -13.25 42.48
N ILE D 102 21.82 -12.58 41.38
CA ILE D 102 22.03 -13.10 40.04
C ILE D 102 22.39 -11.95 39.12
N GLN D 103 23.33 -12.19 38.21
CA GLN D 103 23.71 -11.24 37.17
C GLN D 103 23.36 -11.82 35.80
N VAL D 104 22.79 -10.98 34.94
CA VAL D 104 22.36 -11.38 33.61
C VAL D 104 22.93 -10.39 32.60
N ARG D 105 23.50 -10.90 31.52
CA ARG D 105 24.10 -10.07 30.49
C ARG D 105 23.53 -10.42 29.13
N GLN D 106 23.24 -9.38 28.34
CA GLN D 106 22.97 -9.55 26.91
C GLN D 106 24.32 -9.58 26.20
N VAL D 107 24.80 -10.80 25.92
CA VAL D 107 26.18 -10.96 25.45
C VAL D 107 26.32 -10.40 24.05
N GLU D 108 27.43 -9.69 23.82
CA GLU D 108 27.73 -9.16 22.49
C GLU D 108 28.16 -10.28 21.55
N ASP D 109 27.81 -10.10 20.27
CA ASP D 109 28.21 -11.04 19.20
C ASP D 109 27.61 -12.43 19.41
N TYR D 110 26.29 -12.48 19.63
CA TYR D 110 25.60 -13.75 19.79
C TYR D 110 24.98 -14.18 18.46
N PRO D 111 25.01 -15.48 18.13
CA PRO D 111 24.47 -15.91 16.84
C PRO D 111 23.00 -15.55 16.66
N VAL D 112 22.59 -15.42 15.40
CA VAL D 112 21.24 -14.98 15.04
C VAL D 112 20.72 -15.80 13.87
N ASP D 113 19.49 -16.29 13.99
CA ASP D 113 18.74 -16.90 12.89
C ASP D 113 17.59 -15.98 12.53
N ILE D 114 17.46 -15.66 11.24
CA ILE D 114 16.35 -14.84 10.74
C ILE D 114 15.64 -15.61 9.63
N TYR D 115 14.43 -16.08 9.92
CA TYR D 115 13.59 -16.74 8.93
C TYR D 115 12.56 -15.73 8.42
N TYR D 116 12.61 -15.44 7.13
CA TYR D 116 11.76 -14.44 6.50
C TYR D 116 10.51 -15.11 5.94
N LEU D 117 9.37 -14.89 6.58
CA LEU D 117 8.11 -15.56 6.24
C LEU D 117 7.17 -14.53 5.62
N MET D 118 6.90 -14.68 4.32
CA MET D 118 6.37 -13.61 3.50
C MET D 118 5.00 -13.96 2.93
N ASP D 119 4.03 -13.07 3.15
CA ASP D 119 2.78 -13.09 2.40
C ASP D 119 3.07 -12.91 0.92
N LEU D 120 2.62 -13.86 0.10
CA LEU D 120 2.81 -13.77 -1.34
C LEU D 120 1.48 -13.77 -2.08
N SER D 121 0.42 -13.30 -1.43
CA SER D 121 -0.80 -12.98 -2.18
C SER D 121 -0.52 -11.77 -3.08
N TYR D 122 -1.53 -11.36 -3.84
CA TYR D 122 -1.28 -10.58 -5.04
C TYR D 122 -0.73 -9.18 -4.75
N SER D 123 -1.09 -8.57 -3.61
CA SER D 123 -0.69 -7.21 -3.31
C SER D 123 0.79 -7.10 -2.90
N MET D 124 1.48 -8.22 -2.75
CA MET D 124 2.89 -8.26 -2.38
C MET D 124 3.79 -8.38 -3.59
N LYS D 125 3.24 -8.24 -4.80
CA LYS D 125 4.04 -8.33 -6.02
C LYS D 125 5.10 -7.25 -6.07
N ASP D 126 4.74 -6.01 -5.73
CA ASP D 126 5.73 -4.94 -5.67
C ASP D 126 6.68 -5.12 -4.50
N ASP D 127 6.24 -5.79 -3.43
CA ASP D 127 7.12 -6.05 -2.30
C ASP D 127 8.30 -6.94 -2.71
N LEU D 128 8.08 -7.85 -3.67
CA LEU D 128 9.16 -8.70 -4.15
C LEU D 128 10.25 -7.88 -4.85
N TRP D 129 9.84 -6.87 -5.62
CA TRP D 129 10.83 -6.02 -6.31
C TRP D 129 11.78 -5.37 -5.32
N SER D 130 11.33 -5.10 -4.10
CA SER D 130 12.16 -4.36 -3.15
C SER D 130 13.17 -5.25 -2.45
N ILE D 131 12.92 -6.55 -2.33
CA ILE D 131 13.76 -7.41 -1.51
C ILE D 131 14.64 -8.31 -2.37
N GLN D 132 14.85 -7.96 -3.63
CA GLN D 132 15.64 -8.80 -4.53
C GLN D 132 17.02 -9.08 -3.97
N ASN D 133 17.62 -8.09 -3.30
CA ASN D 133 18.94 -8.25 -2.71
C ASN D 133 18.91 -8.01 -1.19
N LEU D 134 17.81 -8.40 -0.54
CA LEU D 134 17.71 -8.21 0.91
C LEU D 134 18.71 -9.07 1.66
N GLY D 135 18.96 -10.29 1.17
CA GLY D 135 19.90 -11.17 1.85
C GLY D 135 21.28 -10.55 2.02
N THR D 136 21.82 -9.98 0.93
CA THR D 136 23.11 -9.30 1.02
C THR D 136 23.03 -8.06 1.90
N LYS D 137 21.98 -7.26 1.74
CA LYS D 137 21.87 -6.02 2.51
C LYS D 137 21.63 -6.30 3.98
N LEU D 138 20.82 -7.31 4.30
CA LEU D 138 20.61 -7.69 5.69
C LEU D 138 21.88 -8.26 6.30
N ALA D 139 22.68 -8.98 5.51
CA ALA D 139 23.95 -9.49 6.00
C ALA D 139 24.89 -8.35 6.39
N THR D 140 24.95 -7.30 5.56
CA THR D 140 25.85 -6.19 5.82
C THR D 140 25.57 -5.55 7.18
N GLN D 141 24.31 -5.21 7.43
CA GLN D 141 23.95 -4.50 8.66
C GLN D 141 24.03 -5.44 9.87
N MET D 142 23.63 -6.71 9.70
CA MET D 142 23.65 -7.63 10.83
C MET D 142 25.08 -8.02 11.22
N ARG D 143 26.00 -8.09 10.25
CA ARG D 143 27.38 -8.42 10.59
C ARG D 143 28.06 -7.35 11.42
N LYS D 144 27.42 -6.20 11.60
CA LYS D 144 27.87 -5.25 12.62
C LYS D 144 27.55 -5.74 14.02
N LEU D 145 26.50 -6.55 14.16
CA LEU D 145 26.06 -7.04 15.46
C LEU D 145 26.54 -8.46 15.76
N THR D 146 26.59 -9.33 14.76
CA THR D 146 26.89 -10.73 15.01
C THR D 146 27.87 -11.27 13.97
N SER D 147 28.62 -12.29 14.35
CA SER D 147 29.53 -12.99 13.47
C SER D 147 28.97 -14.32 12.96
N ASN D 148 27.82 -14.75 13.49
CA ASN D 148 27.19 -16.03 13.13
C ASN D 148 25.75 -15.76 12.71
N LEU D 149 25.56 -15.29 11.48
CA LEU D 149 24.24 -15.00 10.94
C LEU D 149 23.81 -16.13 10.01
N ARG D 150 22.56 -16.58 10.17
CA ARG D 150 21.91 -17.50 9.24
C ARG D 150 20.56 -16.93 8.85
N ILE D 151 20.21 -17.03 7.57
CA ILE D 151 18.95 -16.50 7.07
C ILE D 151 18.28 -17.56 6.19
N GLY D 152 16.96 -17.49 6.12
CA GLY D 152 16.15 -18.42 5.36
C GLY D 152 14.85 -17.78 4.93
N PHE D 153 14.05 -18.52 4.18
CA PHE D 153 12.88 -17.92 3.54
C PHE D 153 11.73 -18.91 3.41
N GLY D 154 10.51 -18.42 3.65
CA GLY D 154 9.30 -19.16 3.36
C GLY D 154 8.21 -18.19 2.92
N ALA D 155 7.13 -18.75 2.40
CA ALA D 155 6.06 -17.93 1.84
C ALA D 155 4.71 -18.60 2.04
N PHE D 156 3.67 -17.77 2.08
CA PHE D 156 2.32 -18.27 2.31
C PHE D 156 1.31 -17.44 1.52
N VAL D 157 0.15 -18.04 1.29
CA VAL D 157 -1.02 -17.32 0.78
C VAL D 157 -2.19 -17.63 1.70
N ASP D 158 -2.87 -18.74 1.45
CA ASP D 158 -4.05 -19.15 2.22
C ASP D 158 -4.31 -20.61 1.89
N LYS D 159 -5.24 -21.22 2.63
CA LYS D 159 -5.58 -22.63 2.40
C LYS D 159 -6.09 -22.82 0.98
N PRO D 160 -5.47 -23.69 0.18
CA PRO D 160 -5.88 -23.84 -1.25
C PRO D 160 -7.15 -24.66 -1.40
N VAL D 161 -8.27 -24.07 -0.98
CA VAL D 161 -9.56 -24.72 -1.07
C VAL D 161 -10.64 -23.65 -1.22
N SER D 162 -11.70 -23.99 -1.93
CA SER D 162 -12.87 -23.14 -1.98
C SER D 162 -13.42 -22.94 -0.57
N PRO D 163 -13.81 -21.72 -0.18
CA PRO D 163 -13.95 -20.53 -1.02
C PRO D 163 -12.73 -19.58 -1.07
N TYR D 164 -11.66 -19.89 -0.35
CA TYR D 164 -10.48 -19.03 -0.41
C TYR D 164 -9.86 -19.06 -1.80
N MET D 165 -9.96 -20.19 -2.49
CA MET D 165 -9.31 -20.41 -3.78
C MET D 165 -10.34 -20.33 -4.90
N TYR D 166 -9.95 -19.73 -6.02
CA TYR D 166 -10.76 -19.79 -7.23
C TYR D 166 -10.66 -21.20 -7.82
N ILE D 167 -11.82 -21.81 -8.09
CA ILE D 167 -11.83 -23.20 -8.53
C ILE D 167 -12.47 -23.37 -9.91
N SER D 168 -12.70 -22.27 -10.64
CA SER D 168 -13.26 -22.36 -11.97
C SER D 168 -12.82 -21.14 -12.77
N PRO D 169 -12.60 -21.29 -14.09
CA PRO D 169 -12.56 -22.49 -14.93
C PRO D 169 -11.33 -23.33 -14.59
N PRO D 170 -11.13 -24.49 -15.24
CA PRO D 170 -9.91 -25.27 -14.95
C PRO D 170 -8.63 -24.46 -15.12
N GLU D 171 -8.65 -23.47 -16.01
CA GLU D 171 -7.52 -22.57 -16.20
C GLU D 171 -7.17 -21.84 -14.90
N ALA D 172 -8.16 -21.56 -14.06
CA ALA D 172 -7.90 -20.79 -12.84
C ALA D 172 -7.09 -21.59 -11.83
N LEU D 173 -7.18 -22.92 -11.86
CA LEU D 173 -6.41 -23.72 -10.92
C LEU D 173 -4.92 -23.64 -11.21
N GLU D 174 -4.54 -23.62 -12.48
CA GLU D 174 -3.15 -23.46 -12.88
C GLU D 174 -2.71 -22.01 -12.93
N ASN D 175 -3.66 -21.07 -13.07
CA ASN D 175 -3.33 -19.65 -13.19
C ASN D 175 -4.48 -18.86 -12.59
N PRO D 176 -4.43 -18.56 -11.28
CA PRO D 176 -5.50 -17.77 -10.66
C PRO D 176 -5.68 -16.40 -11.29
N CYS D 177 -4.68 -15.91 -12.03
CA CYS D 177 -4.73 -14.61 -12.68
C CYS D 177 -5.16 -14.72 -14.14
N TYR D 178 -6.00 -15.70 -14.46
CA TYR D 178 -6.39 -15.92 -15.86
C TYR D 178 -7.28 -14.79 -16.38
N ASP D 179 -8.27 -14.36 -15.57
CA ASP D 179 -9.23 -13.35 -15.99
C ASP D 179 -8.65 -11.95 -15.95
N MET D 180 -7.44 -11.81 -15.43
CA MET D 180 -6.62 -10.63 -15.63
C MET D 180 -5.60 -10.93 -16.71
N LYS D 181 -5.10 -9.88 -17.36
CA LYS D 181 -4.20 -10.06 -18.50
C LYS D 181 -2.78 -10.37 -18.03
N THR D 182 -2.64 -11.48 -17.31
CA THR D 182 -1.35 -11.84 -16.72
C THR D 182 -1.38 -13.29 -16.24
N THR D 183 -0.31 -13.70 -15.58
CA THR D 183 -0.09 -15.04 -15.08
C THR D 183 0.46 -14.95 -13.66
N CYS D 184 -0.03 -15.82 -12.77
CA CYS D 184 0.54 -15.96 -11.44
C CYS D 184 0.54 -17.44 -11.04
N LEU D 185 1.17 -17.72 -9.92
CA LEU D 185 1.35 -19.10 -9.49
C LEU D 185 0.03 -19.72 -9.04
N PRO D 186 -0.12 -21.03 -9.17
CA PRO D 186 -1.20 -21.72 -8.46
C PRO D 186 -1.12 -21.45 -6.96
N MET D 187 -2.27 -21.50 -6.32
CA MET D 187 -2.35 -21.15 -4.90
C MET D 187 -1.65 -22.20 -4.04
N PHE D 188 -0.95 -21.73 -3.00
CA PHE D 188 -0.30 -22.60 -2.03
C PHE D 188 -0.58 -22.09 -0.62
N GLY D 189 -0.71 -23.03 0.31
CA GLY D 189 -0.91 -22.67 1.71
C GLY D 189 0.35 -22.10 2.32
N TYR D 190 1.35 -22.96 2.52
CA TYR D 190 2.64 -22.53 3.01
C TYR D 190 3.70 -23.41 2.38
N LYS D 191 4.75 -22.79 1.84
CA LYS D 191 5.89 -23.53 1.32
C LYS D 191 7.18 -23.00 1.93
N HIS D 192 8.02 -23.92 2.38
CA HIS D 192 9.37 -23.59 2.83
C HIS D 192 10.29 -23.54 1.63
N VAL D 193 11.12 -22.49 1.54
CA VAL D 193 11.92 -22.23 0.35
C VAL D 193 13.41 -22.40 0.63
N LEU D 194 13.92 -21.78 1.70
CA LEU D 194 15.36 -21.79 1.98
C LEU D 194 15.58 -22.10 3.46
N THR D 195 16.18 -23.26 3.73
CA THR D 195 16.61 -23.57 5.09
C THR D 195 17.65 -22.56 5.55
N LEU D 196 17.57 -22.18 6.82
CA LEU D 196 18.51 -21.23 7.40
C LEU D 196 19.95 -21.61 7.07
N THR D 197 20.65 -20.69 6.41
CA THR D 197 22.02 -20.91 5.98
C THR D 197 22.84 -19.65 6.17
N ASP D 198 24.15 -19.83 6.32
CA ASP D 198 25.06 -18.70 6.42
C ASP D 198 25.49 -18.16 5.06
N GLN D 199 25.06 -18.81 3.98
CA GLN D 199 25.40 -18.39 2.61
C GLN D 199 24.29 -17.46 2.12
N VAL D 200 24.47 -16.17 2.37
CA VAL D 200 23.38 -15.21 2.16
C VAL D 200 23.04 -15.03 0.69
N THR D 201 23.95 -15.37 -0.23
CA THR D 201 23.61 -15.29 -1.65
C THR D 201 22.51 -16.27 -2.02
N ARG D 202 22.45 -17.42 -1.33
CA ARG D 202 21.34 -18.34 -1.52
C ARG D 202 19.99 -17.66 -1.31
N PHE D 203 19.95 -16.71 -0.37
CA PHE D 203 18.71 -15.97 -0.12
C PHE D 203 18.32 -15.13 -1.33
N ASN D 204 19.29 -14.37 -1.88
CA ASN D 204 19.02 -13.57 -3.07
C ASN D 204 18.55 -14.45 -4.23
N GLU D 205 19.21 -15.59 -4.44
CA GLU D 205 18.87 -16.46 -5.55
C GLU D 205 17.43 -16.94 -5.46
N GLU D 206 17.03 -17.47 -4.30
CA GLU D 206 15.71 -18.05 -4.16
C GLU D 206 14.61 -16.99 -4.21
N VAL D 207 14.87 -15.79 -3.68
CA VAL D 207 13.87 -14.72 -3.74
C VAL D 207 13.60 -14.30 -5.19
N LYS D 208 14.65 -14.22 -6.00
CA LYS D 208 14.46 -13.84 -7.40
C LYS D 208 13.62 -14.84 -8.18
N LYS D 209 13.54 -16.09 -7.71
CA LYS D 209 12.69 -17.09 -8.33
C LYS D 209 11.25 -17.05 -7.83
N GLN D 210 10.98 -16.29 -6.78
CA GLN D 210 9.64 -16.26 -6.19
C GLN D 210 8.69 -15.39 -7.00
N SER D 211 7.40 -15.71 -6.90
CA SER D 211 6.35 -14.91 -7.51
C SER D 211 5.07 -15.10 -6.70
N VAL D 212 4.10 -14.21 -6.93
CA VAL D 212 2.89 -14.19 -6.11
C VAL D 212 1.86 -15.16 -6.67
N SER D 213 0.87 -15.48 -5.83
CA SER D 213 -0.35 -16.12 -6.28
C SER D 213 -1.51 -15.16 -6.05
N ARG D 214 -2.74 -15.67 -6.03
CA ARG D 214 -3.90 -14.82 -5.86
C ARG D 214 -5.05 -15.64 -5.29
N ASN D 215 -5.72 -15.11 -4.27
CA ASN D 215 -6.84 -15.81 -3.63
C ASN D 215 -8.00 -14.83 -3.46
N ARG D 216 -9.11 -15.34 -2.94
CA ARG D 216 -10.37 -14.59 -3.00
C ARG D 216 -10.57 -13.65 -1.82
N ASP D 217 -10.28 -14.08 -0.60
CA ASP D 217 -10.67 -13.33 0.58
C ASP D 217 -9.48 -12.65 1.25
N ALA D 218 -9.75 -11.44 1.77
CA ALA D 218 -8.71 -10.58 2.34
C ALA D 218 -7.92 -11.23 3.47
N PRO D 219 -8.53 -11.83 4.50
CA PRO D 219 -7.70 -12.48 5.53
C PRO D 219 -6.92 -13.62 4.89
N GLU D 220 -5.69 -13.81 5.33
CA GLU D 220 -4.80 -14.79 4.73
C GLU D 220 -4.41 -15.85 5.76
N GLY D 221 -3.68 -16.86 5.28
CA GLY D 221 -3.36 -18.03 6.08
C GLY D 221 -1.98 -18.00 6.71
N GLY D 222 -1.52 -16.81 7.12
CA GLY D 222 -0.18 -16.69 7.68
C GLY D 222 0.02 -17.41 9.01
N PHE D 223 -1.03 -17.55 9.81
CA PHE D 223 -0.86 -18.19 11.12
C PHE D 223 -0.55 -19.69 10.97
N ASP D 224 -1.13 -20.35 9.98
CA ASP D 224 -0.69 -21.69 9.60
C ASP D 224 0.82 -21.73 9.38
N ALA D 225 1.34 -20.77 8.61
CA ALA D 225 2.75 -20.75 8.26
C ALA D 225 3.62 -20.46 9.48
N ILE D 226 3.19 -19.55 10.35
CA ILE D 226 3.91 -19.29 11.59
C ILE D 226 4.01 -20.58 12.42
N MET D 227 2.92 -21.34 12.51
CA MET D 227 2.95 -22.59 13.26
C MET D 227 3.98 -23.56 12.67
N GLN D 228 3.95 -23.74 11.34
CA GLN D 228 4.84 -24.71 10.72
C GLN D 228 6.30 -24.25 10.76
N ALA D 229 6.55 -22.95 10.52
CA ALA D 229 7.93 -22.46 10.63
C ALA D 229 8.44 -22.55 12.06
N THR D 230 7.55 -22.65 13.04
CA THR D 230 7.95 -22.78 14.44
C THR D 230 8.25 -24.22 14.82
N VAL D 231 7.43 -25.17 14.39
CA VAL D 231 7.53 -26.54 14.88
C VAL D 231 8.30 -27.47 13.94
N CYS D 232 8.59 -27.04 12.71
CA CYS D 232 9.38 -27.84 11.78
C CYS D 232 10.87 -27.54 11.97
N ASP D 233 11.42 -28.08 13.07
CA ASP D 233 12.77 -27.71 13.51
C ASP D 233 13.82 -28.01 12.45
N GLU D 234 13.85 -29.25 11.96
CA GLU D 234 14.93 -29.65 11.06
C GLU D 234 14.81 -28.97 9.70
N LYS D 235 13.59 -28.73 9.23
CA LYS D 235 13.45 -28.13 7.90
C LYS D 235 13.81 -26.65 7.93
N ILE D 236 13.28 -25.90 8.90
CA ILE D 236 13.64 -24.49 9.00
C ILE D 236 15.11 -24.35 9.36
N GLY D 237 15.58 -25.17 10.29
CA GLY D 237 16.98 -25.19 10.65
C GLY D 237 17.38 -24.33 11.83
N TRP D 238 16.46 -24.02 12.74
CA TRP D 238 16.82 -23.24 13.92
C TRP D 238 18.00 -23.87 14.65
N ARG D 239 18.90 -23.01 15.13
CA ARG D 239 20.09 -23.45 15.85
C ARG D 239 19.85 -23.37 17.36
N ASN D 240 20.47 -24.31 18.09
CA ASN D 240 20.26 -24.41 19.53
C ASN D 240 20.67 -23.15 20.26
N ASP D 241 21.85 -22.61 19.94
CA ASP D 241 22.44 -21.52 20.69
C ASP D 241 22.48 -20.26 19.82
N ALA D 242 21.29 -19.72 19.55
CA ALA D 242 21.18 -18.53 18.71
C ALA D 242 19.85 -17.87 18.98
N SER D 243 19.79 -16.56 18.74
CA SER D 243 18.51 -15.86 18.76
C SER D 243 17.71 -16.25 17.51
N HIS D 244 16.42 -16.49 17.70
CA HIS D 244 15.54 -16.95 16.64
C HIS D 244 14.53 -15.84 16.31
N LEU D 245 14.69 -15.23 15.14
CA LEU D 245 13.78 -14.18 14.67
C LEU D 245 12.94 -14.74 13.53
N LEU D 246 11.62 -14.71 13.70
CA LEU D 246 10.67 -15.10 12.67
C LEU D 246 9.99 -13.82 12.18
N VAL D 247 10.37 -13.36 10.99
CA VAL D 247 9.86 -12.11 10.44
C VAL D 247 8.64 -12.40 9.58
N PHE D 248 7.47 -11.97 10.05
CA PHE D 248 6.19 -12.22 9.42
C PHE D 248 5.73 -10.93 8.75
N THR D 249 5.72 -10.90 7.41
CA THR D 249 5.34 -9.71 6.66
C THR D 249 4.02 -9.94 5.93
N THR D 250 3.11 -8.98 6.07
CA THR D 250 1.79 -9.07 5.45
C THR D 250 1.17 -7.68 5.44
N ASP D 251 0.16 -7.51 4.58
CA ASP D 251 -0.58 -6.26 4.49
C ASP D 251 -2.08 -6.45 4.71
N ALA D 252 -2.48 -7.55 5.34
CA ALA D 252 -3.89 -7.90 5.44
C ALA D 252 -4.20 -8.50 6.80
N LYS D 253 -5.50 -8.62 7.09
CA LYS D 253 -5.98 -9.40 8.22
C LYS D 253 -5.49 -10.84 8.12
N THR D 254 -5.71 -11.59 9.19
CA THR D 254 -5.29 -12.98 9.24
C THR D 254 -6.45 -13.88 9.64
N HIS D 255 -6.46 -15.08 9.06
CA HIS D 255 -7.38 -16.12 9.52
C HIS D 255 -6.93 -16.66 10.86
N ILE D 256 -7.91 -17.05 11.68
CA ILE D 256 -7.70 -17.51 13.04
C ILE D 256 -8.49 -18.80 13.23
N ALA D 257 -8.18 -19.50 14.32
CA ALA D 257 -8.83 -20.77 14.60
C ALA D 257 -10.35 -20.64 14.60
N LEU D 258 -11.02 -21.60 13.96
CA LEU D 258 -12.46 -21.75 13.76
C LEU D 258 -12.95 -21.00 12.52
N ASP D 259 -12.09 -20.24 11.84
CA ASP D 259 -12.40 -19.77 10.48
C ASP D 259 -12.49 -20.93 9.51
N GLY D 260 -11.74 -22.01 9.76
CA GLY D 260 -11.64 -23.10 8.80
C GLY D 260 -12.95 -23.73 8.43
N ARG D 261 -13.98 -23.57 9.28
CA ARG D 261 -15.27 -24.18 9.00
C ARG D 261 -15.91 -23.65 7.73
N LEU D 262 -15.52 -22.45 7.28
CA LEU D 262 -16.05 -21.95 6.01
C LEU D 262 -15.53 -22.75 4.82
N ALA D 263 -14.46 -23.52 5.00
CA ALA D 263 -14.02 -24.48 3.99
C ALA D 263 -14.33 -25.91 4.41
N GLY D 264 -15.24 -26.10 5.36
CA GLY D 264 -15.54 -27.44 5.85
C GLY D 264 -14.46 -28.06 6.70
N ILE D 265 -13.50 -27.26 7.17
CA ILE D 265 -12.42 -27.76 8.02
C ILE D 265 -12.80 -27.58 9.47
N VAL D 266 -12.86 -28.69 10.22
CA VAL D 266 -13.19 -28.63 11.64
C VAL D 266 -12.15 -29.31 12.52
N GLN D 267 -11.24 -30.10 11.98
CA GLN D 267 -10.20 -30.71 12.81
C GLN D 267 -9.32 -29.63 13.44
N PRO D 268 -9.17 -29.61 14.76
CA PRO D 268 -8.33 -28.59 15.39
C PRO D 268 -6.87 -28.75 15.02
N ASN D 269 -6.13 -27.64 15.05
CA ASN D 269 -4.71 -27.67 14.75
C ASN D 269 -3.99 -28.51 15.82
N ASP D 270 -3.15 -29.44 15.37
CA ASP D 270 -2.44 -30.31 16.31
C ASP D 270 -1.06 -29.79 16.71
N GLY D 271 -0.63 -28.65 16.15
CA GLY D 271 0.66 -28.09 16.52
C GLY D 271 1.85 -28.96 16.20
N GLN D 272 1.75 -29.85 15.22
CA GLN D 272 2.85 -30.70 14.79
C GLN D 272 3.28 -30.31 13.38
N CYS D 273 4.50 -30.73 13.02
CA CYS D 273 5.04 -30.41 11.71
C CYS D 273 4.39 -31.30 10.64
N HIS D 274 3.96 -30.68 9.55
CA HIS D 274 3.34 -31.39 8.43
C HIS D 274 3.89 -30.88 7.10
N VAL D 275 5.17 -30.53 7.08
CA VAL D 275 5.86 -30.14 5.85
C VAL D 275 6.81 -31.27 5.50
N GLY D 276 6.54 -31.93 4.37
CA GLY D 276 7.29 -33.08 3.92
C GLY D 276 8.29 -32.73 2.83
N SER D 277 8.70 -33.77 2.09
CA SER D 277 9.81 -33.61 1.15
C SER D 277 9.50 -32.61 0.04
N ASP D 278 8.23 -32.38 -0.25
CA ASP D 278 7.83 -31.40 -1.25
C ASP D 278 7.83 -29.97 -0.72
N ASN D 279 8.10 -29.78 0.58
CA ASN D 279 8.26 -28.48 1.23
C ASN D 279 6.98 -27.66 1.30
N HIS D 280 5.83 -28.25 1.04
CA HIS D 280 4.55 -27.59 1.26
C HIS D 280 3.87 -28.15 2.51
N TYR D 281 2.99 -27.33 3.09
CA TYR D 281 2.24 -27.70 4.29
C TYR D 281 1.08 -28.60 3.87
N SER D 282 1.23 -29.90 4.11
CA SER D 282 0.30 -30.88 3.55
C SER D 282 -1.04 -30.95 4.28
N ALA D 283 -1.14 -30.42 5.51
CA ALA D 283 -2.39 -30.42 6.23
C ALA D 283 -3.19 -29.14 6.02
N SER D 284 -2.80 -28.32 5.04
CA SER D 284 -3.42 -27.03 4.84
C SER D 284 -4.92 -27.14 4.61
N THR D 285 -5.35 -28.14 3.84
CA THR D 285 -6.74 -28.30 3.46
C THR D 285 -7.50 -29.28 4.35
N THR D 286 -6.89 -29.77 5.43
CA THR D 286 -7.53 -30.75 6.30
C THR D 286 -7.50 -30.38 7.77
N MET D 287 -6.77 -29.35 8.16
CA MET D 287 -6.57 -28.98 9.55
C MET D 287 -6.83 -27.49 9.71
N ASP D 288 -7.48 -27.13 10.81
CA ASP D 288 -7.90 -25.74 11.03
C ASP D 288 -6.69 -24.85 11.31
N TYR D 289 -6.91 -23.54 11.14
CA TYR D 289 -5.91 -22.56 11.56
C TYR D 289 -5.63 -22.70 13.05
N PRO D 290 -4.42 -22.39 13.49
CA PRO D 290 -4.11 -22.50 14.92
C PRO D 290 -4.70 -21.33 15.70
N SER D 291 -4.87 -21.56 17.00
CA SER D 291 -5.33 -20.53 17.90
C SER D 291 -4.15 -19.75 18.46
N LEU D 292 -4.44 -18.59 19.04
CA LEU D 292 -3.38 -17.76 19.61
C LEU D 292 -2.67 -18.49 20.75
N GLY D 293 -3.43 -19.17 21.60
CA GLY D 293 -2.82 -19.90 22.70
C GLY D 293 -1.86 -20.97 22.23
N LEU D 294 -2.25 -21.72 21.20
CA LEU D 294 -1.40 -22.78 20.69
C LEU D 294 -0.14 -22.20 20.04
N MET D 295 -0.29 -21.11 19.27
CA MET D 295 0.88 -20.42 18.73
C MET D 295 1.82 -19.99 19.85
N THR D 296 1.26 -19.42 20.92
CA THR D 296 2.08 -18.98 22.05
C THR D 296 2.87 -20.14 22.64
N GLU D 297 2.20 -21.27 22.86
CA GLU D 297 2.87 -22.44 23.45
C GLU D 297 4.05 -22.88 22.60
N LYS D 298 3.86 -22.95 21.29
CA LYS D 298 4.91 -23.46 20.41
C LYS D 298 6.05 -22.46 20.25
N LEU D 299 5.73 -21.17 20.06
CA LEU D 299 6.78 -20.14 19.99
C LEU D 299 7.63 -20.13 21.25
N SER D 300 6.99 -20.28 22.42
CA SER D 300 7.73 -20.31 23.67
C SER D 300 8.57 -21.57 23.77
N GLN D 301 7.98 -22.72 23.44
CA GLN D 301 8.69 -23.99 23.52
C GLN D 301 9.92 -24.01 22.63
N LYS D 302 9.85 -23.36 21.46
CA LYS D 302 10.94 -23.35 20.51
C LYS D 302 11.80 -22.10 20.60
N ASN D 303 11.50 -21.18 21.53
CA ASN D 303 12.23 -19.93 21.70
C ASN D 303 12.31 -19.14 20.40
N ILE D 304 11.14 -18.90 19.80
CA ILE D 304 11.04 -18.09 18.59
C ILE D 304 10.51 -16.72 18.97
N ASN D 305 11.19 -15.67 18.52
CA ASN D 305 10.70 -14.30 18.65
C ASN D 305 9.94 -13.95 17.38
N LEU D 306 8.61 -13.86 17.48
CA LEU D 306 7.78 -13.53 16.34
C LEU D 306 7.74 -12.00 16.14
N ILE D 307 7.98 -11.56 14.91
CA ILE D 307 7.94 -10.15 14.54
C ILE D 307 6.80 -9.96 13.55
N PHE D 308 5.79 -9.19 13.94
CA PHE D 308 4.73 -8.79 13.02
C PHE D 308 5.20 -7.56 12.28
N ALA D 309 5.61 -7.74 11.02
CA ALA D 309 6.00 -6.64 10.13
C ALA D 309 4.84 -6.40 9.18
N VAL D 310 3.97 -5.46 9.54
CA VAL D 310 2.67 -5.32 8.88
C VAL D 310 2.47 -3.86 8.46
N THR D 311 1.63 -3.68 7.45
CA THR D 311 1.41 -2.36 6.89
C THR D 311 0.51 -1.53 7.80
N GLU D 312 0.52 -0.22 7.53
CA GLU D 312 -0.18 0.78 8.33
C GLU D 312 -1.64 0.41 8.56
N ASN D 313 -2.30 -0.14 7.54
CA ASN D 313 -3.73 -0.41 7.62
C ASN D 313 -4.07 -1.52 8.61
N VAL D 314 -3.10 -2.32 9.05
CA VAL D 314 -3.39 -3.40 10.00
C VAL D 314 -2.45 -3.37 11.20
N VAL D 315 -1.80 -2.24 11.45
CA VAL D 315 -0.86 -2.15 12.57
C VAL D 315 -1.60 -2.32 13.90
N ASN D 316 -2.73 -1.64 14.06
CA ASN D 316 -3.48 -1.71 15.31
C ASN D 316 -3.97 -3.12 15.57
N LEU D 317 -4.42 -3.81 14.52
CA LEU D 317 -4.84 -5.21 14.64
C LEU D 317 -3.71 -6.06 15.22
N TYR D 318 -2.52 -6.00 14.62
CA TYR D 318 -1.45 -6.90 15.03
C TYR D 318 -0.82 -6.47 16.35
N GLN D 319 -0.79 -5.16 16.63
CA GLN D 319 -0.40 -4.73 17.96
C GLN D 319 -1.32 -5.31 19.03
N ASN D 320 -2.61 -5.49 18.70
CA ASN D 320 -3.55 -6.08 19.65
C ASN D 320 -3.34 -7.58 19.79
N TYR D 321 -3.10 -8.29 18.68
CA TYR D 321 -2.70 -9.69 18.78
C TYR D 321 -1.42 -9.85 19.57
N SER D 322 -0.47 -8.93 19.35
CA SER D 322 0.82 -8.99 20.02
C SER D 322 0.67 -8.89 21.53
N GLU D 323 -0.35 -8.17 22.01
CA GLU D 323 -0.60 -8.09 23.45
C GLU D 323 -1.16 -9.38 24.01
N LEU D 324 -1.72 -10.24 23.15
CA LEU D 324 -2.19 -11.55 23.54
C LEU D 324 -1.14 -12.64 23.33
N ILE D 325 -0.04 -12.33 22.67
CA ILE D 325 1.08 -13.26 22.52
C ILE D 325 2.33 -12.58 23.08
N PRO D 326 2.57 -12.65 24.39
CA PRO D 326 3.71 -11.92 24.98
C PRO D 326 5.03 -12.29 24.31
N GLY D 327 5.91 -11.30 24.21
CA GLY D 327 7.21 -11.49 23.58
C GLY D 327 7.22 -11.29 22.09
N THR D 328 6.10 -10.98 21.47
CA THR D 328 6.07 -10.69 20.05
C THR D 328 6.24 -9.19 19.82
N THR D 329 6.78 -8.85 18.65
CA THR D 329 7.13 -7.48 18.31
C THR D 329 6.39 -7.05 17.05
N VAL D 330 6.02 -5.77 16.99
CA VAL D 330 5.30 -5.20 15.87
C VAL D 330 6.13 -4.07 15.28
N GLY D 331 6.25 -4.06 13.96
CA GLY D 331 6.87 -2.96 13.25
C GLY D 331 6.04 -2.61 12.03
N VAL D 332 6.15 -1.35 11.61
CA VAL D 332 5.33 -0.83 10.52
C VAL D 332 6.06 -1.06 9.20
N LEU D 333 5.44 -1.81 8.31
CA LEU D 333 6.02 -2.17 7.03
C LEU D 333 5.44 -1.29 5.94
N SER D 334 6.30 -0.80 5.05
CA SER D 334 5.81 -0.04 3.89
C SER D 334 5.01 -0.95 2.96
N MET D 335 4.15 -0.31 2.14
CA MET D 335 3.31 -1.05 1.19
C MET D 335 4.13 -1.80 0.15
N ASP D 336 5.43 -1.53 0.06
CA ASP D 336 6.34 -2.24 -0.84
C ASP D 336 7.49 -2.91 -0.11
N SER D 337 7.43 -3.00 1.22
CA SER D 337 8.48 -3.60 2.06
C SER D 337 9.83 -2.93 1.87
N SER D 338 9.86 -1.69 1.37
CA SER D 338 11.15 -1.05 1.14
C SER D 338 11.89 -0.75 2.43
N ASN D 339 11.20 -0.70 3.56
CA ASN D 339 11.82 -0.37 4.84
C ASN D 339 12.06 -1.59 5.72
N VAL D 340 11.96 -2.81 5.18
CA VAL D 340 11.95 -3.99 6.03
C VAL D 340 13.29 -4.19 6.71
N LEU D 341 14.40 -3.85 6.05
CA LEU D 341 15.72 -4.06 6.63
C LEU D 341 15.85 -3.32 7.97
N GLN D 342 15.52 -2.03 7.98
CA GLN D 342 15.61 -1.27 9.22
C GLN D 342 14.60 -1.77 10.26
N LEU D 343 13.43 -2.24 9.80
CA LEU D 343 12.46 -2.81 10.72
C LEU D 343 13.03 -4.02 11.44
N ILE D 344 13.77 -4.87 10.71
CA ILE D 344 14.33 -6.08 11.30
C ILE D 344 15.42 -5.72 12.30
N VAL D 345 16.31 -4.80 11.92
CA VAL D 345 17.37 -4.35 12.81
C VAL D 345 16.78 -3.74 14.08
N ASP D 346 15.75 -2.89 13.93
CA ASP D 346 15.12 -2.27 15.09
C ASP D 346 14.42 -3.30 15.96
N ALA D 347 13.81 -4.32 15.33
CA ALA D 347 13.11 -5.34 16.11
C ALA D 347 14.10 -6.20 16.89
N TYR D 348 15.24 -6.54 16.27
CA TYR D 348 16.27 -7.28 16.98
C TYR D 348 16.81 -6.50 18.17
N GLY D 349 17.02 -5.18 18.00
CA GLY D 349 17.43 -4.37 19.13
C GLY D 349 16.38 -4.33 20.22
N LYS D 350 15.10 -4.27 19.85
CA LYS D 350 14.03 -4.22 20.84
C LYS D 350 13.89 -5.56 21.56
N ILE D 351 14.10 -6.66 20.85
CA ILE D 351 14.01 -7.99 21.46
C ILE D 351 15.11 -8.16 22.51
N ARG D 352 16.31 -7.65 22.22
CA ARG D 352 17.42 -7.81 23.13
C ARG D 352 17.59 -6.63 24.08
N SER D 353 16.57 -5.78 24.21
CA SER D 353 16.55 -4.69 25.17
C SER D 353 15.94 -5.08 26.51
N LYS D 354 15.46 -6.31 26.65
CA LYS D 354 14.72 -6.72 27.83
C LYS D 354 15.35 -7.95 28.47
N VAL D 355 15.33 -7.97 29.80
CA VAL D 355 15.69 -9.15 30.59
C VAL D 355 14.55 -9.38 31.56
N GLU D 356 13.93 -10.56 31.50
CA GLU D 356 12.78 -10.89 32.33
C GLU D 356 13.01 -12.28 32.93
N LEU D 357 12.97 -12.35 34.26
CA LEU D 357 13.23 -13.60 34.96
C LEU D 357 11.94 -14.42 35.09
N GLU D 358 12.06 -15.71 34.86
CA GLU D 358 10.99 -16.66 35.16
C GLU D 358 11.53 -17.75 36.08
N VAL D 359 10.66 -18.25 36.95
CA VAL D 359 11.02 -19.26 37.94
C VAL D 359 10.34 -20.56 37.57
N ARG D 360 11.10 -21.65 37.58
CA ARG D 360 10.59 -22.98 37.23
C ARG D 360 10.81 -23.93 38.40
N ASP D 361 9.81 -24.77 38.68
CA ASP D 361 9.86 -25.80 39.70
C ASP D 361 9.99 -25.24 41.12
N LEU D 362 9.39 -24.08 41.39
CA LEU D 362 9.46 -23.51 42.73
C LEU D 362 8.54 -24.29 43.66
N PRO D 363 9.06 -24.86 44.75
CA PRO D 363 8.20 -25.63 45.65
C PRO D 363 7.11 -24.77 46.27
N GLU D 364 6.02 -25.43 46.67
CA GLU D 364 4.84 -24.75 47.19
C GLU D 364 5.20 -23.81 48.35
N GLU D 365 6.06 -24.27 49.25
CA GLU D 365 6.33 -23.58 50.50
C GLU D 365 7.32 -22.44 50.36
N LEU D 366 7.95 -22.29 49.19
CA LEU D 366 8.88 -21.19 48.95
C LEU D 366 8.17 -20.02 48.26
N SER D 367 8.44 -18.83 48.75
CA SER D 367 8.06 -17.60 48.07
C SER D 367 9.32 -16.79 47.80
N LEU D 368 9.31 -16.06 46.68
CA LEU D 368 10.45 -15.26 46.26
C LEU D 368 10.04 -13.81 46.10
N SER D 369 11.01 -12.92 46.34
CA SER D 369 10.84 -11.49 46.14
C SER D 369 12.08 -10.95 45.44
N PHE D 370 11.90 -9.97 44.56
CA PHE D 370 12.96 -9.53 43.66
C PHE D 370 13.19 -8.02 43.77
N ASN D 371 14.46 -7.63 43.68
CA ASN D 371 14.88 -6.22 43.62
C ASN D 371 15.81 -6.07 42.43
N ALA D 372 15.42 -5.25 41.46
CA ALA D 372 16.12 -5.14 40.19
C ALA D 372 17.00 -3.90 40.15
N THR D 373 18.24 -4.09 39.66
CA THR D 373 19.16 -3.00 39.39
C THR D 373 19.37 -2.96 37.88
N CYS D 374 18.62 -2.10 37.20
CA CYS D 374 18.67 -2.04 35.74
C CYS D 374 19.62 -0.96 35.26
N LEU D 375 19.11 0.01 34.50
CA LEU D 375 19.92 1.10 33.97
C LEU D 375 20.64 1.82 35.11
N ASN D 376 21.96 1.97 34.95
CA ASN D 376 22.84 2.56 35.97
C ASN D 376 22.75 1.69 37.22
N ASN D 377 22.77 2.29 38.42
CA ASN D 377 22.56 1.55 39.65
C ASN D 377 21.22 1.91 40.30
N GLU D 378 20.21 2.20 39.48
CA GLU D 378 18.88 2.53 39.97
C GLU D 378 18.20 1.25 40.42
N VAL D 379 18.03 1.09 41.73
CA VAL D 379 17.41 -0.11 42.30
C VAL D 379 15.89 0.06 42.27
N ILE D 380 15.20 -0.95 41.77
CA ILE D 380 13.74 -0.91 41.61
C ILE D 380 13.14 -2.05 42.41
N PRO D 381 12.45 -1.77 43.51
CA PRO D 381 11.93 -2.85 44.37
C PRO D 381 10.74 -3.56 43.73
N GLY D 382 10.58 -4.83 44.11
CA GLY D 382 9.45 -5.62 43.67
C GLY D 382 9.38 -5.91 42.19
N LEU D 383 10.51 -5.86 41.49
CA LEU D 383 10.53 -6.00 40.04
C LEU D 383 11.55 -7.07 39.65
N LYS D 384 11.12 -8.00 38.79
CA LYS D 384 11.98 -9.08 38.30
C LYS D 384 12.27 -8.94 36.81
N SER D 385 12.23 -7.72 36.29
CA SER D 385 12.49 -7.49 34.88
C SER D 385 13.18 -6.15 34.69
N CYS D 386 13.84 -6.00 33.55
CA CYS D 386 14.47 -4.75 33.16
C CYS D 386 14.17 -4.48 31.69
N MET D 387 13.99 -3.19 31.36
CA MET D 387 13.74 -2.74 30.01
C MET D 387 14.71 -1.64 29.63
N GLY D 388 14.74 -1.30 28.35
CA GLY D 388 15.57 -0.21 27.88
C GLY D 388 17.05 -0.53 27.81
N LEU D 389 17.41 -1.81 27.68
CA LEU D 389 18.80 -2.22 27.68
C LEU D 389 19.39 -2.20 26.26
N LYS D 390 20.70 -2.07 26.20
CA LYS D 390 21.45 -2.22 24.97
C LYS D 390 22.29 -3.50 25.04
N ILE D 391 22.65 -4.01 23.87
CA ILE D 391 23.47 -5.22 23.82
C ILE D 391 24.81 -4.94 24.47
N GLY D 392 25.24 -5.86 25.34
CA GLY D 392 26.47 -5.70 26.09
C GLY D 392 26.26 -5.24 27.52
N ASP D 393 25.04 -4.84 27.88
CA ASP D 393 24.74 -4.38 29.23
C ASP D 393 24.56 -5.56 30.18
N THR D 394 24.78 -5.30 31.46
CA THR D 394 24.57 -6.26 32.52
C THR D 394 23.63 -5.66 33.56
N VAL D 395 22.65 -6.44 33.99
CA VAL D 395 21.77 -6.06 35.08
C VAL D 395 21.86 -7.14 36.15
N SER D 396 21.39 -6.79 37.35
CA SER D 396 21.43 -7.71 38.47
C SER D 396 20.12 -7.66 39.22
N PHE D 397 19.84 -8.74 39.95
CA PHE D 397 18.66 -8.85 40.78
C PHE D 397 19.05 -9.40 42.15
N SER D 398 18.54 -8.77 43.20
CA SER D 398 18.61 -9.34 44.53
C SER D 398 17.33 -10.14 44.77
N ILE D 399 17.48 -11.34 45.32
CA ILE D 399 16.38 -12.28 45.48
C ILE D 399 16.37 -12.77 46.92
N GLU D 400 15.19 -12.79 47.53
CA GLU D 400 15.02 -13.30 48.89
C GLU D 400 14.06 -14.49 48.87
N ALA D 401 14.50 -15.59 49.46
CA ALA D 401 13.72 -16.82 49.53
C ALA D 401 13.21 -17.00 50.96
N LYS D 402 11.90 -17.11 51.10
CA LYS D 402 11.25 -17.27 52.40
C LYS D 402 10.44 -18.56 52.40
N VAL D 403 10.81 -19.50 53.28
CA VAL D 403 10.09 -20.76 53.41
C VAL D 403 9.10 -20.64 54.55
N ARG D 404 7.90 -21.18 54.35
CA ARG D 404 6.87 -21.21 55.38
C ARG D 404 6.85 -22.63 55.95
N GLY D 405 7.22 -22.76 57.22
CA GLY D 405 7.23 -24.05 57.88
C GLY D 405 8.40 -24.92 57.44
N CYS D 406 8.25 -26.21 57.68
CA CYS D 406 9.24 -27.22 57.30
C CYS D 406 8.61 -28.23 56.36
N PRO D 407 9.01 -28.28 55.09
CA PRO D 407 8.40 -29.23 54.16
C PRO D 407 8.86 -30.66 54.43
N GLN D 408 8.09 -31.60 53.86
CA GLN D 408 8.36 -33.02 54.05
C GLN D 408 9.70 -33.43 53.43
N GLU D 409 9.94 -33.01 52.19
CA GLU D 409 11.19 -33.31 51.49
C GLU D 409 12.23 -32.26 51.88
N LYS D 410 13.37 -32.71 52.39
CA LYS D 410 14.38 -31.80 52.91
C LYS D 410 15.27 -31.20 51.83
N GLU D 411 15.25 -31.74 50.61
CA GLU D 411 16.11 -31.26 49.53
C GLU D 411 15.30 -31.11 48.25
N LYS D 412 15.25 -29.90 47.73
CA LYS D 412 14.62 -29.61 46.45
C LYS D 412 15.48 -28.59 45.71
N SER D 413 15.21 -28.45 44.42
CA SER D 413 15.90 -27.45 43.62
C SER D 413 14.93 -26.85 42.61
N PHE D 414 15.20 -25.61 42.23
CA PHE D 414 14.42 -24.92 41.22
C PHE D 414 15.36 -24.08 40.36
N THR D 415 14.79 -23.41 39.37
CA THR D 415 15.56 -22.70 38.36
C THR D 415 15.06 -21.28 38.22
N ILE D 416 16.00 -20.35 38.05
CA ILE D 416 15.71 -18.97 37.67
C ILE D 416 16.38 -18.73 36.32
N LYS D 417 15.58 -18.51 35.30
CA LYS D 417 16.08 -18.36 33.94
C LYS D 417 15.51 -17.10 33.31
N PRO D 418 16.34 -16.32 32.64
CA PRO D 418 15.80 -15.19 31.86
C PRO D 418 15.04 -15.73 30.65
N VAL D 419 13.89 -15.11 30.37
CA VAL D 419 13.08 -15.54 29.25
C VAL D 419 13.90 -15.46 27.97
N GLY D 420 13.88 -16.54 27.19
CA GLY D 420 14.60 -16.62 25.94
C GLY D 420 16.06 -16.97 26.05
N PHE D 421 16.61 -17.06 27.27
CA PHE D 421 18.03 -17.35 27.46
C PHE D 421 18.27 -18.85 27.59
N LYS D 422 19.50 -19.26 27.26
CA LYS D 422 19.90 -20.65 27.47
C LYS D 422 20.33 -20.89 28.91
N ASP D 423 21.25 -20.07 29.41
CA ASP D 423 21.80 -20.27 30.74
C ASP D 423 20.76 -19.95 31.82
N SER D 424 21.00 -20.48 33.01
CA SER D 424 20.07 -20.34 34.12
C SER D 424 20.82 -20.48 35.43
N LEU D 425 20.14 -20.11 36.52
CA LEU D 425 20.65 -20.31 37.86
C LEU D 425 19.86 -21.44 38.51
N ILE D 426 20.56 -22.52 38.85
CA ILE D 426 19.96 -23.63 39.58
C ILE D 426 20.17 -23.38 41.06
N VAL D 427 19.07 -23.37 41.82
CA VAL D 427 19.10 -23.12 43.26
C VAL D 427 18.77 -24.43 43.95
N GLN D 428 19.77 -25.02 44.61
CA GLN D 428 19.60 -26.25 45.37
C GLN D 428 19.28 -25.89 46.81
N VAL D 429 18.06 -26.18 47.25
CA VAL D 429 17.59 -25.80 48.57
C VAL D 429 17.65 -27.01 49.50
N THR D 430 18.20 -26.80 50.69
CA THR D 430 18.15 -27.78 51.76
C THR D 430 17.45 -27.14 52.95
N PHE D 431 16.40 -27.81 53.44
CA PHE D 431 15.66 -27.32 54.58
C PHE D 431 16.27 -27.89 55.85
N ASP D 432 16.77 -27.01 56.71
CA ASP D 432 17.48 -27.41 57.93
C ASP D 432 16.48 -27.42 59.08
N CYS D 433 15.73 -28.52 59.17
CA CYS D 433 14.69 -28.67 60.20
C CYS D 433 15.14 -29.50 61.38
N ASP D 434 16.11 -30.40 61.20
CA ASP D 434 16.49 -31.35 62.23
C ASP D 434 17.77 -30.91 62.92
N CYS D 435 17.90 -31.30 64.18
CA CYS D 435 19.13 -31.08 64.92
C CYS D 435 20.10 -32.21 64.66
N ALA D 436 21.40 -31.89 64.70
CA ALA D 436 22.42 -32.89 64.44
C ALA D 436 22.43 -34.00 65.48
N CYS D 437 22.10 -33.67 66.74
CA CYS D 437 22.09 -34.64 67.82
C CYS D 437 21.01 -35.72 67.63
N GLN D 438 20.17 -35.64 66.61
CA GLN D 438 19.17 -36.68 66.37
C GLN D 438 19.79 -37.94 65.79
N ALA D 439 20.99 -37.86 65.23
CA ALA D 439 21.65 -39.07 64.75
C ALA D 439 22.11 -39.96 65.89
N GLN D 440 22.52 -39.36 67.01
CA GLN D 440 22.89 -40.10 68.21
C GLN D 440 21.69 -40.49 69.06
N ALA D 441 20.48 -40.37 68.51
CA ALA D 441 19.28 -40.74 69.27
C ALA D 441 19.30 -42.22 69.62
N GLU D 442 18.95 -42.51 70.88
CA GLU D 442 18.98 -43.87 71.38
C GLU D 442 17.56 -44.39 71.51
N PRO D 443 17.10 -45.25 70.60
CA PRO D 443 15.77 -45.85 70.75
C PRO D 443 15.74 -46.86 71.89
N ASN D 444 14.57 -46.98 72.51
CA ASN D 444 14.34 -47.93 73.59
C ASN D 444 15.38 -47.77 74.71
N SER D 445 15.57 -46.53 75.12
CA SER D 445 16.62 -46.19 76.07
C SER D 445 16.22 -46.53 77.49
N HIS D 446 17.18 -47.09 78.25
CA HIS D 446 16.94 -47.37 79.66
C HIS D 446 16.61 -46.10 80.43
N ARG D 447 17.15 -44.96 79.98
CA ARG D 447 16.97 -43.69 80.66
C ARG D 447 15.56 -43.14 80.56
N CYS D 448 14.73 -43.70 79.68
CA CYS D 448 13.38 -43.19 79.43
C CYS D 448 12.35 -44.28 79.73
N ASN D 449 11.80 -44.25 80.94
CA ASN D 449 10.71 -45.15 81.35
C ASN D 449 11.14 -46.62 81.29
N ASN D 450 12.38 -46.88 81.67
CA ASN D 450 12.94 -48.24 81.74
C ASN D 450 13.08 -48.88 80.36
N GLY D 451 12.61 -48.20 79.32
CA GLY D 451 12.79 -48.70 77.97
C GLY D 451 11.62 -48.47 77.03
N ASN D 452 10.77 -47.49 77.34
CA ASN D 452 9.59 -47.22 76.54
C ASN D 452 9.74 -46.04 75.59
N GLY D 453 10.79 -45.22 75.76
CA GLY D 453 10.94 -44.00 74.98
C GLY D 453 12.33 -43.87 74.38
N THR D 454 12.49 -42.80 73.60
CA THR D 454 13.72 -42.50 72.88
C THR D 454 14.46 -41.36 73.57
N PHE D 455 15.78 -41.49 73.67
CA PHE D 455 16.63 -40.47 74.25
C PHE D 455 17.36 -39.75 73.12
N GLU D 456 16.99 -38.51 72.85
CA GLU D 456 17.64 -37.72 71.83
C GLU D 456 17.84 -36.29 72.32
N CYS D 457 19.04 -35.76 72.11
CA CYS D 457 19.36 -34.37 72.40
C CYS D 457 19.07 -34.00 73.85
N GLY D 458 19.37 -34.93 74.75
CA GLY D 458 19.31 -34.68 76.19
C GLY D 458 17.93 -34.75 76.81
N VAL D 459 16.92 -35.23 76.09
CA VAL D 459 15.57 -35.36 76.62
C VAL D 459 14.98 -36.69 76.18
N CYS D 460 13.87 -37.06 76.79
CA CYS D 460 13.17 -38.31 76.53
C CYS D 460 11.92 -38.03 75.72
N ARG D 461 11.82 -38.66 74.55
CA ARG D 461 10.65 -38.55 73.68
C ARG D 461 9.91 -39.87 73.66
N CYS D 462 8.57 -39.81 73.67
CA CYS D 462 7.78 -41.02 73.53
C CYS D 462 8.05 -41.65 72.17
N GLY D 463 8.21 -42.97 72.17
CA GLY D 463 8.60 -43.69 70.97
C GLY D 463 7.42 -43.89 70.03
N PRO D 464 7.70 -44.54 68.90
CA PRO D 464 6.65 -44.77 67.90
C PRO D 464 5.58 -45.72 68.41
N GLY D 465 4.34 -45.43 68.04
CA GLY D 465 3.20 -46.22 68.46
C GLY D 465 2.53 -45.72 69.72
N TRP D 466 3.14 -44.80 70.46
CA TRP D 466 2.59 -44.26 71.68
C TRP D 466 1.84 -42.97 71.40
N LEU D 467 0.68 -42.82 72.01
CA LEU D 467 -0.13 -41.62 71.88
C LEU D 467 0.03 -40.75 73.13
N GLY D 468 0.15 -39.46 72.92
CA GLY D 468 0.31 -38.51 74.00
C GLY D 468 1.74 -38.00 74.08
N SER D 469 1.88 -36.76 74.55
CA SER D 469 3.21 -36.18 74.74
C SER D 469 3.92 -36.76 75.96
N GLN D 470 3.18 -37.31 76.91
CA GLN D 470 3.74 -37.95 78.09
C GLN D 470 3.28 -39.39 78.22
N CYS D 471 2.62 -39.93 77.20
CA CYS D 471 2.26 -41.34 77.13
C CYS D 471 1.33 -41.75 78.27
N GLU E 1 -51.63 -9.68 -3.86
CA GLU E 1 -51.91 -10.31 -5.15
C GLU E 1 -51.12 -9.62 -6.26
N VAL E 2 -50.68 -10.40 -7.24
CA VAL E 2 -49.83 -9.90 -8.32
C VAL E 2 -50.71 -9.38 -9.45
N GLN E 3 -50.42 -8.17 -9.91
CA GLN E 3 -51.15 -7.58 -11.03
C GLN E 3 -50.28 -6.50 -11.66
N LEU E 4 -50.18 -6.54 -12.99
CA LEU E 4 -49.44 -5.54 -13.75
C LEU E 4 -50.43 -4.58 -14.41
N GLN E 5 -50.31 -3.30 -14.06
CA GLN E 5 -51.21 -2.27 -14.58
C GLN E 5 -50.43 -1.37 -15.54
N GLN E 6 -50.74 -1.47 -16.83
CA GLN E 6 -50.04 -0.71 -17.85
C GLN E 6 -50.74 0.62 -18.11
N SER E 7 -50.18 1.39 -19.04
CA SER E 7 -50.71 2.69 -19.39
C SER E 7 -51.89 2.55 -20.35
N GLY E 8 -52.58 3.67 -20.59
CA GLY E 8 -53.71 3.68 -21.49
C GLY E 8 -53.31 3.66 -22.95
N ALA E 9 -54.31 3.46 -23.80
CA ALA E 9 -54.09 3.38 -25.24
C ALA E 9 -53.42 4.65 -25.74
N GLU E 10 -52.47 4.48 -26.67
CA GLU E 10 -51.70 5.58 -27.23
C GLU E 10 -51.99 5.72 -28.71
N LEU E 11 -52.15 6.96 -29.16
CA LEU E 11 -52.37 7.28 -30.58
C LEU E 11 -51.39 8.38 -30.95
N VAL E 12 -50.52 8.10 -31.92
CA VAL E 12 -49.42 8.98 -32.27
C VAL E 12 -49.23 8.98 -33.78
N LYS E 13 -48.43 9.92 -34.27
CA LYS E 13 -48.17 10.10 -35.69
C LYS E 13 -46.84 9.47 -36.06
N PRO E 14 -46.64 9.15 -37.35
CA PRO E 14 -45.37 8.52 -37.76
C PRO E 14 -44.19 9.43 -37.50
N GLY E 15 -43.07 8.81 -37.10
CA GLY E 15 -41.88 9.53 -36.74
C GLY E 15 -41.82 9.99 -35.29
N ALA E 16 -42.95 9.97 -34.58
CA ALA E 16 -42.98 10.35 -33.18
C ALA E 16 -42.38 9.23 -32.33
N SER E 17 -42.39 9.43 -31.01
CA SER E 17 -41.82 8.45 -30.08
C SER E 17 -42.65 8.44 -28.81
N VAL E 18 -43.17 7.27 -28.47
CA VAL E 18 -44.04 7.10 -27.31
C VAL E 18 -43.34 6.22 -26.29
N LYS E 19 -43.67 6.44 -25.01
CA LYS E 19 -43.07 5.74 -23.89
C LYS E 19 -44.16 5.05 -23.09
N LEU E 20 -44.25 3.73 -23.22
CA LEU E 20 -45.27 2.97 -22.51
C LEU E 20 -44.82 2.65 -21.09
N SER E 21 -45.79 2.36 -20.23
CA SER E 21 -45.55 2.19 -18.81
C SER E 21 -46.23 0.91 -18.31
N CYS E 22 -45.59 0.25 -17.35
CA CYS E 22 -46.13 -0.95 -16.71
C CYS E 22 -45.82 -0.86 -15.22
N THR E 23 -46.84 -0.60 -14.41
CA THR E 23 -46.69 -0.41 -12.98
C THR E 23 -47.07 -1.67 -12.22
N ALA E 24 -46.24 -2.06 -11.26
CA ALA E 24 -46.49 -3.25 -10.46
C ALA E 24 -47.49 -2.92 -9.34
N SER E 25 -48.32 -3.92 -9.01
CA SER E 25 -49.33 -3.77 -7.97
C SER E 25 -49.36 -5.04 -7.14
N GLY E 26 -49.05 -4.91 -5.86
CA GLY E 26 -49.02 -6.04 -4.95
C GLY E 26 -47.67 -6.69 -4.79
N PHE E 27 -46.60 -6.08 -5.28
CA PHE E 27 -45.26 -6.61 -5.19
C PHE E 27 -44.28 -5.53 -5.66
N ASN E 28 -43.02 -5.67 -5.25
CA ASN E 28 -41.99 -4.74 -5.67
C ASN E 28 -41.43 -5.17 -7.02
N ILE E 29 -41.33 -4.22 -7.95
CA ILE E 29 -40.92 -4.53 -9.32
C ILE E 29 -39.48 -5.03 -9.38
N LYS E 30 -38.69 -4.79 -8.33
CA LYS E 30 -37.31 -5.25 -8.28
C LYS E 30 -37.20 -6.78 -8.28
N ASP E 31 -38.31 -7.48 -8.02
CA ASP E 31 -38.24 -8.89 -7.66
C ASP E 31 -37.76 -9.78 -8.82
N THR E 32 -38.23 -9.52 -10.04
CA THR E 32 -38.02 -10.44 -11.15
C THR E 32 -37.66 -9.69 -12.42
N TYR E 33 -37.28 -10.47 -13.44
CA TYR E 33 -37.23 -9.94 -14.80
C TYR E 33 -38.59 -9.40 -15.20
N VAL E 34 -38.60 -8.37 -16.03
CA VAL E 34 -39.81 -7.85 -16.65
C VAL E 34 -39.59 -7.84 -18.16
N HIS E 35 -40.50 -8.50 -18.89
CA HIS E 35 -40.41 -8.62 -20.33
C HIS E 35 -41.46 -7.75 -21.00
N TRP E 36 -41.19 -7.36 -22.24
CA TRP E 36 -42.15 -6.68 -23.09
C TRP E 36 -42.43 -7.52 -24.33
N VAL E 37 -43.70 -7.65 -24.67
CA VAL E 37 -44.14 -8.48 -25.80
C VAL E 37 -45.05 -7.65 -26.69
N LYS E 38 -44.95 -7.87 -28.00
CA LYS E 38 -45.73 -7.17 -29.01
C LYS E 38 -46.66 -8.14 -29.70
N GLN E 39 -47.92 -7.75 -29.88
CA GLN E 39 -48.93 -8.62 -30.49
C GLN E 39 -49.58 -7.90 -31.67
N ARG E 40 -49.45 -8.50 -32.86
CA ARG E 40 -50.16 -8.11 -34.07
C ARG E 40 -51.12 -9.22 -34.49
N PRO E 41 -52.19 -8.88 -35.20
CA PRO E 41 -53.16 -9.92 -35.61
C PRO E 41 -52.57 -10.93 -36.59
N GLU E 42 -51.86 -10.44 -37.61
CA GLU E 42 -51.32 -11.32 -38.63
C GLU E 42 -50.02 -11.98 -38.17
N GLN E 43 -49.03 -11.17 -37.80
CA GLN E 43 -47.71 -11.70 -37.49
C GLN E 43 -47.72 -12.55 -36.22
N GLY E 44 -48.46 -12.12 -35.21
CA GLY E 44 -48.52 -12.86 -33.97
C GLY E 44 -47.74 -12.22 -32.84
N LEU E 45 -47.25 -13.04 -31.90
CA LEU E 45 -46.55 -12.55 -30.72
C LEU E 45 -45.06 -12.48 -30.98
N GLU E 46 -44.44 -11.35 -30.63
CA GLU E 46 -43.02 -11.15 -30.79
C GLU E 46 -42.44 -10.63 -29.49
N TRP E 47 -41.41 -11.31 -28.99
CA TRP E 47 -40.75 -10.92 -27.75
C TRP E 47 -39.80 -9.75 -28.05
N ILE E 48 -39.97 -8.66 -27.32
CA ILE E 48 -39.17 -7.46 -27.55
C ILE E 48 -37.87 -7.55 -26.76
N GLY E 49 -37.99 -7.71 -25.46
CA GLY E 49 -36.81 -7.78 -24.61
C GLY E 49 -37.23 -7.81 -23.14
N ARG E 50 -36.21 -7.72 -22.29
CA ARG E 50 -36.41 -7.79 -20.84
C ARG E 50 -35.48 -6.83 -20.13
N ILE E 51 -35.78 -6.57 -18.87
CA ILE E 51 -34.94 -5.76 -18.00
C ILE E 51 -34.92 -6.37 -16.61
N ASP E 52 -33.78 -6.20 -15.92
CA ASP E 52 -33.64 -6.58 -14.52
C ASP E 52 -33.68 -5.31 -13.68
N PRO E 53 -34.84 -4.92 -13.13
CA PRO E 53 -34.92 -3.64 -12.40
C PRO E 53 -34.02 -3.56 -11.18
N ALA E 54 -33.44 -4.67 -10.73
CA ALA E 54 -32.50 -4.64 -9.61
C ALA E 54 -31.14 -4.06 -9.98
N ASN E 55 -30.92 -3.71 -11.24
CA ASN E 55 -29.65 -3.16 -11.67
C ASN E 55 -29.78 -2.37 -12.97
N GLY E 56 -30.81 -2.67 -13.75
CA GLY E 56 -31.05 -1.98 -15.00
C GLY E 56 -30.52 -2.67 -16.24
N TYR E 57 -29.91 -3.84 -16.10
CA TYR E 57 -29.35 -4.54 -17.26
C TYR E 57 -30.46 -5.11 -18.13
N THR E 58 -30.26 -5.03 -19.45
CA THR E 58 -31.32 -5.31 -20.42
C THR E 58 -30.86 -6.36 -21.43
N LYS E 59 -31.85 -6.89 -22.16
CA LYS E 59 -31.65 -7.83 -23.26
C LYS E 59 -32.74 -7.56 -24.29
N TYR E 60 -32.38 -7.60 -25.58
CA TYR E 60 -33.33 -7.32 -26.66
C TYR E 60 -33.22 -8.36 -27.76
N ASP E 61 -34.35 -8.61 -28.43
CA ASP E 61 -34.32 -9.22 -29.75
C ASP E 61 -33.65 -8.24 -30.71
N PRO E 62 -32.61 -8.66 -31.44
CA PRO E 62 -31.91 -7.71 -32.33
C PRO E 62 -32.80 -7.06 -33.38
N LYS E 63 -34.00 -7.61 -33.62
CA LYS E 63 -34.94 -6.97 -34.55
C LYS E 63 -35.34 -5.59 -34.05
N PHE E 64 -35.54 -5.44 -32.74
CA PHE E 64 -36.02 -4.20 -32.15
C PHE E 64 -34.89 -3.30 -31.69
N GLN E 65 -33.69 -3.41 -32.28
CA GLN E 65 -32.57 -2.57 -31.88
C GLN E 65 -32.77 -1.16 -32.40
N GLY E 66 -32.51 -0.18 -31.54
CA GLY E 66 -32.81 1.21 -31.84
C GLY E 66 -34.25 1.57 -31.59
N LYS E 67 -35.18 0.78 -32.12
CA LYS E 67 -36.60 1.05 -31.94
C LYS E 67 -36.99 0.98 -30.47
N ALA E 68 -36.85 -0.20 -29.87
CA ALA E 68 -37.32 -0.43 -28.51
C ALA E 68 -36.22 -0.10 -27.50
N THR E 69 -36.59 0.61 -26.44
CA THR E 69 -35.70 0.90 -25.33
C THR E 69 -36.46 0.65 -24.04
N ILE E 70 -35.92 -0.23 -23.19
CA ILE E 70 -36.57 -0.64 -21.96
C ILE E 70 -35.82 -0.02 -20.78
N THR E 71 -36.56 0.60 -19.86
CA THR E 71 -36.00 1.21 -18.67
C THR E 71 -36.89 0.89 -17.49
N ALA E 72 -36.45 1.25 -16.29
CA ALA E 72 -37.21 0.96 -15.08
C ALA E 72 -36.74 1.87 -13.95
N ASP E 73 -37.70 2.38 -13.17
CA ASP E 73 -37.43 3.23 -12.02
C ASP E 73 -38.04 2.54 -10.79
N THR E 74 -37.19 2.08 -9.88
CA THR E 74 -37.68 1.41 -8.68
C THR E 74 -38.51 2.33 -7.81
N SER E 75 -38.19 3.62 -7.78
CA SER E 75 -38.95 4.57 -6.98
C SER E 75 -40.39 4.66 -7.44
N SER E 76 -40.61 4.67 -8.76
CA SER E 76 -41.96 4.62 -9.31
C SER E 76 -42.53 3.21 -9.36
N ASN E 77 -41.72 2.19 -9.09
CA ASN E 77 -42.14 0.79 -9.15
C ASN E 77 -42.73 0.46 -10.53
N THR E 78 -42.06 0.93 -11.58
CA THR E 78 -42.61 0.85 -12.92
C THR E 78 -41.50 0.64 -13.93
N ALA E 79 -41.74 -0.27 -14.88
CA ALA E 79 -40.86 -0.50 -16.02
C ALA E 79 -41.47 0.10 -17.27
N TYR E 80 -40.63 0.66 -18.13
CA TYR E 80 -41.09 1.41 -19.29
C TYR E 80 -40.59 0.77 -20.59
N LEU E 81 -41.31 1.06 -21.66
CA LEU E 81 -40.92 0.67 -23.02
C LEU E 81 -41.04 1.91 -23.90
N GLN E 82 -39.90 2.51 -24.24
CA GLN E 82 -39.87 3.65 -25.15
C GLN E 82 -39.70 3.15 -26.58
N LEU E 83 -40.63 3.53 -27.45
CA LEU E 83 -40.55 3.26 -28.88
C LEU E 83 -40.28 4.57 -29.61
N SER E 84 -39.42 4.51 -30.61
CA SER E 84 -38.98 5.70 -31.33
C SER E 84 -39.06 5.49 -32.83
N SER E 85 -39.23 6.61 -33.55
CA SER E 85 -39.32 6.61 -35.01
C SER E 85 -40.39 5.64 -35.50
N LEU E 86 -41.62 5.90 -35.06
CA LEU E 86 -42.70 4.94 -35.25
C LEU E 86 -43.14 4.87 -36.71
N THR E 87 -43.59 3.67 -37.11
CA THR E 87 -44.14 3.42 -38.43
C THR E 87 -45.46 2.68 -38.26
N SER E 88 -46.15 2.46 -39.39
CA SER E 88 -47.39 1.70 -39.37
C SER E 88 -47.16 0.26 -38.91
N GLU E 89 -45.94 -0.26 -39.11
CA GLU E 89 -45.63 -1.62 -38.69
C GLU E 89 -45.48 -1.73 -37.17
N ASP E 90 -45.28 -0.60 -36.48
CA ASP E 90 -45.20 -0.59 -35.02
C ASP E 90 -46.57 -0.51 -34.36
N THR E 91 -47.65 -0.51 -35.15
CA THR E 91 -49.01 -0.47 -34.62
C THR E 91 -49.36 -1.85 -34.07
N ALA E 92 -49.42 -1.99 -32.76
CA ALA E 92 -49.68 -3.28 -32.12
C ALA E 92 -50.01 -3.06 -30.66
N VAL E 93 -50.39 -4.15 -29.99
CA VAL E 93 -50.63 -4.18 -28.55
C VAL E 93 -49.37 -4.66 -27.86
N TYR E 94 -49.01 -4.01 -26.76
CA TYR E 94 -47.76 -4.29 -26.06
C TYR E 94 -48.07 -4.70 -24.61
N TYR E 95 -47.45 -5.79 -24.18
CA TYR E 95 -47.69 -6.38 -22.86
C TYR E 95 -46.40 -6.44 -22.07
N CYS E 96 -46.49 -6.14 -20.78
CA CYS E 96 -45.40 -6.50 -19.87
C CYS E 96 -45.70 -7.85 -19.23
N VAL E 97 -44.63 -8.61 -18.99
CA VAL E 97 -44.73 -9.99 -18.51
C VAL E 97 -43.69 -10.22 -17.44
N ARG E 98 -44.01 -11.07 -16.48
CA ARG E 98 -43.07 -11.49 -15.44
C ARG E 98 -43.37 -12.93 -15.08
N PRO E 99 -42.39 -13.66 -14.54
CA PRO E 99 -42.61 -15.04 -14.14
C PRO E 99 -43.29 -15.14 -12.78
N LEU E 100 -43.81 -16.33 -12.49
CA LEU E 100 -44.34 -16.65 -11.17
C LEU E 100 -43.21 -17.18 -10.29
N TYR E 101 -42.72 -18.38 -10.59
CA TYR E 101 -41.64 -19.01 -9.84
C TYR E 101 -40.37 -19.13 -10.66
N ASP E 102 -40.39 -19.92 -11.73
CA ASP E 102 -39.26 -20.07 -12.64
C ASP E 102 -38.71 -18.71 -13.04
N TYR E 103 -37.44 -18.47 -12.75
CA TYR E 103 -36.81 -17.19 -13.08
C TYR E 103 -37.07 -16.78 -14.53
N TYR E 104 -37.11 -17.74 -15.44
CA TYR E 104 -37.09 -17.49 -16.87
C TYR E 104 -38.46 -17.60 -17.53
N ALA E 105 -39.52 -17.79 -16.76
CA ALA E 105 -40.85 -18.07 -17.32
C ALA E 105 -41.61 -16.79 -17.64
N MET E 106 -42.76 -16.98 -18.31
CA MET E 106 -43.62 -15.89 -18.80
C MET E 106 -45.07 -16.18 -18.37
N ASP E 107 -45.39 -15.84 -17.12
CA ASP E 107 -46.63 -16.31 -16.50
C ASP E 107 -47.66 -15.22 -16.24
N TYR E 108 -47.27 -14.07 -15.70
CA TYR E 108 -48.21 -12.99 -15.39
C TYR E 108 -48.10 -11.90 -16.46
N TRP E 109 -49.25 -11.43 -16.93
CA TRP E 109 -49.32 -10.49 -18.05
C TRP E 109 -50.20 -9.31 -17.70
N GLY E 110 -49.71 -8.10 -17.97
CA GLY E 110 -50.53 -6.92 -17.88
C GLY E 110 -51.67 -6.95 -18.88
N GLN E 111 -52.61 -6.02 -18.71
CA GLN E 111 -53.78 -5.99 -19.58
C GLN E 111 -53.45 -5.59 -21.01
N GLY E 112 -52.25 -5.06 -21.25
CA GLY E 112 -51.85 -4.71 -22.61
C GLY E 112 -52.25 -3.31 -23.00
N THR E 113 -51.39 -2.67 -23.80
CA THR E 113 -51.58 -1.31 -24.24
C THR E 113 -51.54 -1.27 -25.77
N SER E 114 -52.60 -0.76 -26.38
CA SER E 114 -52.67 -0.63 -27.83
C SER E 114 -52.03 0.68 -28.26
N VAL E 115 -51.15 0.62 -29.25
CA VAL E 115 -50.46 1.77 -29.79
C VAL E 115 -50.79 1.88 -31.27
N THR E 116 -51.33 3.04 -31.67
CA THR E 116 -51.77 3.28 -33.04
C THR E 116 -50.94 4.40 -33.64
N VAL E 117 -50.34 4.14 -34.80
CA VAL E 117 -49.52 5.11 -35.51
C VAL E 117 -50.23 5.48 -36.81
N SER E 118 -50.54 6.76 -36.98
CA SER E 118 -51.29 7.22 -38.14
C SER E 118 -51.15 8.74 -38.27
N SER E 119 -51.21 9.21 -39.52
CA SER E 119 -51.10 10.64 -39.80
C SER E 119 -52.43 11.36 -39.70
N ALA E 120 -53.54 10.65 -39.92
CA ALA E 120 -54.84 11.30 -40.07
C ALA E 120 -55.26 12.01 -38.80
N LYS E 121 -55.89 13.17 -38.97
CA LYS E 121 -56.44 13.94 -37.87
C LYS E 121 -57.84 13.43 -37.54
N THR E 122 -58.49 14.09 -36.59
CA THR E 122 -59.84 13.69 -36.19
C THR E 122 -60.81 13.90 -37.34
N THR E 123 -61.61 12.87 -37.63
CA THR E 123 -62.54 12.89 -38.75
C THR E 123 -63.85 12.23 -38.33
N ALA E 124 -64.96 12.87 -38.66
CA ALA E 124 -66.30 12.37 -38.35
C ALA E 124 -66.78 11.45 -39.47
N PRO E 125 -67.51 10.39 -39.13
CA PRO E 125 -67.90 9.39 -40.14
C PRO E 125 -69.08 9.85 -40.98
N SER E 126 -69.26 9.14 -42.09
CA SER E 126 -70.44 9.26 -42.93
C SER E 126 -71.39 8.09 -42.66
N VAL E 127 -72.62 8.22 -43.15
CA VAL E 127 -73.64 7.19 -42.98
C VAL E 127 -74.41 7.04 -44.29
N TYR E 128 -74.44 5.83 -44.82
CA TYR E 128 -75.13 5.53 -46.06
C TYR E 128 -76.13 4.40 -45.85
N PRO E 129 -77.40 4.60 -46.19
CA PRO E 129 -78.39 3.52 -46.04
C PRO E 129 -78.32 2.50 -47.18
N LEU E 130 -78.62 1.25 -46.84
CA LEU E 130 -78.52 0.15 -47.80
C LEU E 130 -79.82 -0.65 -47.77
N ALA E 131 -80.59 -0.58 -48.85
CA ALA E 131 -81.84 -1.28 -49.03
C ALA E 131 -81.74 -2.29 -50.16
N PRO E 132 -82.60 -3.32 -50.17
CA PRO E 132 -82.51 -4.35 -51.21
C PRO E 132 -82.73 -3.79 -52.61
N VAL E 133 -82.30 -4.58 -53.60
CA VAL E 133 -82.42 -4.18 -55.00
C VAL E 133 -83.88 -4.26 -55.44
N CYS E 134 -84.25 -3.39 -56.37
CA CYS E 134 -85.54 -3.46 -57.05
C CYS E 134 -85.73 -4.85 -57.66
N SER E 140 -90.40 -13.73 -47.33
CA SER E 140 -90.65 -14.13 -45.95
C SER E 140 -89.69 -13.44 -44.98
N SER E 141 -88.56 -12.97 -45.51
CA SER E 141 -87.54 -12.33 -44.69
C SER E 141 -86.73 -11.38 -45.57
N VAL E 142 -86.17 -10.34 -44.94
CA VAL E 142 -85.45 -9.30 -45.64
C VAL E 142 -84.28 -8.82 -44.80
N THR E 143 -83.21 -8.41 -45.46
CA THR E 143 -82.00 -7.92 -44.82
C THR E 143 -81.77 -6.47 -45.24
N LEU E 144 -81.30 -5.65 -44.30
CA LEU E 144 -80.98 -4.25 -44.56
C LEU E 144 -79.48 -4.04 -44.41
N GLY E 145 -79.08 -2.76 -44.36
CA GLY E 145 -77.68 -2.40 -44.25
C GLY E 145 -77.44 -0.95 -43.90
N CYS E 146 -76.29 -0.65 -43.28
CA CYS E 146 -76.00 0.70 -42.80
C CYS E 146 -74.48 0.89 -42.81
N LEU E 147 -73.98 1.43 -43.92
CA LEU E 147 -72.55 1.58 -44.13
C LEU E 147 -72.04 2.87 -43.50
N VAL E 148 -70.91 2.77 -42.79
CA VAL E 148 -70.27 3.90 -42.14
C VAL E 148 -68.81 3.92 -42.58
N LYS E 149 -68.34 5.10 -42.99
CA LYS E 149 -67.01 5.19 -43.59
C LYS E 149 -66.41 6.56 -43.32
N GLY E 150 -65.08 6.61 -43.25
CA GLY E 150 -64.35 7.85 -43.18
C GLY E 150 -64.34 8.51 -41.81
N TYR E 151 -63.66 7.91 -40.84
CA TYR E 151 -63.58 8.48 -39.51
C TYR E 151 -62.28 8.05 -38.85
N PHE E 152 -61.89 8.83 -37.85
CA PHE E 152 -60.68 8.60 -37.07
C PHE E 152 -60.72 9.46 -35.81
N PRO E 153 -60.32 8.92 -34.66
CA PRO E 153 -59.92 7.52 -34.49
C PRO E 153 -61.06 6.59 -34.11
N GLU E 154 -60.71 5.38 -33.66
CA GLU E 154 -61.68 4.44 -33.12
C GLU E 154 -62.05 4.82 -31.70
N PRO E 155 -63.21 4.35 -31.20
CA PRO E 155 -64.23 3.53 -31.84
C PRO E 155 -65.51 4.29 -32.18
N VAL E 156 -66.58 3.54 -32.46
CA VAL E 156 -67.90 4.10 -32.77
C VAL E 156 -68.95 3.20 -32.15
N THR E 157 -70.20 3.68 -32.17
CA THR E 157 -71.34 2.95 -31.62
C THR E 157 -72.46 2.93 -32.64
N LEU E 158 -72.80 1.74 -33.13
CA LEU E 158 -73.86 1.56 -34.12
C LEU E 158 -75.00 0.81 -33.48
N THR E 159 -76.20 1.40 -33.52
CA THR E 159 -77.42 0.76 -33.03
C THR E 159 -78.51 0.91 -34.09
N TRP E 160 -79.63 0.24 -33.86
CA TRP E 160 -80.77 0.28 -34.75
C TRP E 160 -81.98 0.77 -33.97
N ASN E 161 -82.56 1.90 -34.42
CA ASN E 161 -83.65 2.57 -33.71
C ASN E 161 -83.27 2.91 -32.27
N SER E 162 -82.05 3.44 -32.12
CA SER E 162 -81.55 3.97 -30.85
C SER E 162 -81.38 2.86 -29.80
N GLY E 163 -80.79 1.74 -30.20
CA GLY E 163 -80.58 0.63 -29.30
C GLY E 163 -81.79 -0.25 -29.08
N SER E 164 -82.82 -0.13 -29.92
CA SER E 164 -84.03 -0.91 -29.76
C SER E 164 -83.80 -2.38 -30.08
N LEU E 165 -83.66 -2.70 -31.36
CA LEU E 165 -83.47 -4.09 -31.78
C LEU E 165 -81.99 -4.43 -31.78
N SER E 166 -81.61 -5.40 -30.95
CA SER E 166 -80.28 -5.98 -30.97
C SER E 166 -80.26 -7.43 -31.39
N SER E 167 -81.33 -8.18 -31.14
CA SER E 167 -81.44 -9.58 -31.52
C SER E 167 -81.40 -9.72 -33.04
N GLY E 168 -80.23 -10.06 -33.58
CA GLY E 168 -80.07 -10.22 -35.01
C GLY E 168 -79.36 -9.04 -35.66
N VAL E 169 -78.27 -8.59 -35.05
CA VAL E 169 -77.52 -7.42 -35.51
C VAL E 169 -76.05 -7.84 -35.59
N HIS E 170 -75.59 -8.14 -36.80
CA HIS E 170 -74.19 -8.52 -37.03
C HIS E 170 -73.40 -7.26 -37.41
N THR E 171 -72.96 -6.54 -36.38
CA THR E 171 -72.09 -5.38 -36.59
C THR E 171 -70.65 -5.86 -36.78
N PHE E 172 -70.10 -5.61 -37.97
CA PHE E 172 -68.79 -6.13 -38.34
C PHE E 172 -67.67 -5.22 -37.84
N PRO E 173 -66.52 -5.80 -37.48
CA PRO E 173 -65.41 -4.98 -36.99
C PRO E 173 -64.90 -4.02 -38.05
N ALA E 174 -64.46 -2.85 -37.60
CA ALA E 174 -63.96 -1.84 -38.51
C ALA E 174 -62.66 -2.30 -39.18
N VAL E 175 -62.41 -1.78 -40.37
CA VAL E 175 -61.22 -2.10 -41.15
C VAL E 175 -60.50 -0.81 -41.49
N LEU E 176 -59.18 -0.89 -41.58
CA LEU E 176 -58.36 0.26 -41.91
C LEU E 176 -58.33 0.47 -43.42
N GLN E 177 -58.55 1.73 -43.85
CA GLN E 177 -58.57 2.10 -45.27
C GLN E 177 -57.87 3.43 -45.42
N SER E 178 -56.55 3.38 -45.60
CA SER E 178 -55.70 4.56 -45.86
C SER E 178 -55.89 5.62 -44.78
N ASP E 179 -55.45 5.26 -43.57
CA ASP E 179 -55.48 6.13 -42.40
C ASP E 179 -56.92 6.50 -41.99
N LEU E 180 -57.91 5.74 -42.46
CA LEU E 180 -59.31 5.98 -42.10
C LEU E 180 -60.04 4.65 -42.04
N TYR E 181 -61.06 4.57 -41.21
CA TYR E 181 -61.75 3.32 -40.93
C TYR E 181 -63.07 3.22 -41.68
N THR E 182 -63.55 1.98 -41.82
CA THR E 182 -64.84 1.70 -42.48
C THR E 182 -65.50 0.54 -41.74
N LEU E 183 -66.63 0.82 -41.09
CA LEU E 183 -67.38 -0.18 -40.34
C LEU E 183 -68.75 -0.38 -40.98
N SER E 184 -69.27 -1.60 -40.87
CA SER E 184 -70.56 -1.95 -41.44
C SER E 184 -71.32 -2.87 -40.50
N SER E 185 -72.65 -2.82 -40.59
CA SER E 185 -73.53 -3.66 -39.80
C SER E 185 -74.70 -4.11 -40.65
N SER E 186 -75.49 -5.03 -40.09
CA SER E 186 -76.65 -5.57 -40.79
C SER E 186 -77.67 -6.05 -39.77
N VAL E 187 -78.92 -6.15 -40.22
CA VAL E 187 -80.03 -6.58 -39.39
C VAL E 187 -81.06 -7.27 -40.27
N THR E 188 -81.76 -8.25 -39.71
CA THR E 188 -82.71 -9.07 -40.45
C THR E 188 -84.04 -9.13 -39.70
N VAL E 189 -85.14 -8.98 -40.44
CA VAL E 189 -86.49 -9.08 -39.92
C VAL E 189 -87.36 -9.78 -40.95
N THR E 190 -88.63 -10.00 -40.60
CA THR E 190 -89.57 -10.60 -41.53
C THR E 190 -90.11 -9.56 -42.51
N SER E 191 -90.86 -10.02 -43.50
CA SER E 191 -91.46 -9.13 -44.48
C SER E 191 -92.61 -8.32 -43.90
N SER E 192 -93.13 -8.70 -42.73
CA SER E 192 -94.18 -7.95 -42.05
C SER E 192 -93.63 -6.94 -41.06
N THR E 193 -92.35 -6.57 -41.20
CA THR E 193 -91.72 -5.56 -40.37
C THR E 193 -91.26 -4.34 -41.16
N TRP E 194 -90.90 -4.53 -42.44
CA TRP E 194 -90.36 -3.47 -43.27
C TRP E 194 -90.73 -3.78 -44.72
N PRO E 195 -91.27 -2.83 -45.48
CA PRO E 195 -91.53 -1.45 -45.06
C PRO E 195 -92.94 -1.23 -44.50
N SER E 196 -93.27 -1.94 -43.42
CA SER E 196 -94.50 -1.68 -42.68
C SER E 196 -94.28 -0.83 -41.43
N GLN E 197 -93.03 -0.73 -40.97
CA GLN E 197 -92.69 0.04 -39.79
C GLN E 197 -91.40 0.81 -40.05
N SER E 198 -91.37 2.06 -39.58
CA SER E 198 -90.21 2.92 -39.83
C SER E 198 -88.97 2.36 -39.13
N ILE E 199 -87.84 2.43 -39.82
CA ILE E 199 -86.57 1.90 -39.34
C ILE E 199 -85.45 2.84 -39.73
N THR E 200 -84.61 3.21 -38.76
CA THR E 200 -83.47 4.11 -38.96
C THR E 200 -82.25 3.51 -38.28
N CYS E 201 -81.09 3.72 -38.88
CA CYS E 201 -79.83 3.21 -38.35
C CYS E 201 -79.08 4.33 -37.63
N ASN E 202 -78.78 4.12 -36.35
CA ASN E 202 -78.10 5.13 -35.54
C ASN E 202 -76.60 4.88 -35.51
N VAL E 203 -75.84 5.97 -35.44
CA VAL E 203 -74.38 5.96 -35.42
C VAL E 203 -73.91 7.04 -34.44
N ALA E 204 -72.76 6.81 -33.81
CA ALA E 204 -72.20 7.78 -32.88
C ALA E 204 -70.69 7.67 -32.84
N HIS E 205 -70.01 8.80 -32.93
CA HIS E 205 -68.55 8.87 -32.91
C HIS E 205 -68.09 9.78 -31.78
N PRO E 206 -67.74 9.23 -30.62
CA PRO E 206 -67.38 10.09 -29.48
C PRO E 206 -66.21 11.03 -29.73
N ALA E 207 -65.27 10.64 -30.59
CA ALA E 207 -64.07 11.46 -30.80
C ALA E 207 -64.43 12.85 -31.32
N SER E 208 -65.32 12.92 -32.31
CA SER E 208 -65.79 14.18 -32.84
C SER E 208 -67.15 14.58 -32.29
N SER E 209 -67.67 13.85 -31.32
CA SER E 209 -68.90 14.19 -30.60
C SER E 209 -70.07 14.39 -31.56
N THR E 210 -70.27 13.40 -32.43
CA THR E 210 -71.34 13.43 -33.42
C THR E 210 -72.25 12.22 -33.26
N LYS E 211 -73.52 12.39 -33.62
CA LYS E 211 -74.56 11.38 -33.38
C LYS E 211 -75.58 11.41 -34.52
N VAL E 212 -75.14 11.23 -35.76
CA VAL E 212 -76.00 11.30 -36.93
C VAL E 212 -76.57 9.92 -37.25
N ASP E 213 -77.77 9.89 -37.83
CA ASP E 213 -78.40 8.65 -38.25
C ASP E 213 -79.13 8.86 -39.58
N LYS E 214 -79.31 7.77 -40.32
CA LYS E 214 -79.95 7.80 -41.63
C LYS E 214 -81.08 6.78 -41.69
N LYS E 215 -82.22 7.20 -42.23
CA LYS E 215 -83.41 6.35 -42.31
C LYS E 215 -83.38 5.52 -43.58
N ILE E 216 -83.60 4.21 -43.43
CA ILE E 216 -83.58 3.30 -44.58
C ILE E 216 -84.85 3.50 -45.40
N GLU E 217 -84.69 3.63 -46.71
CA GLU E 217 -85.80 3.84 -47.63
C GLU E 217 -85.85 2.72 -48.68
N PRO E 218 -87.04 2.24 -49.04
CA PRO E 218 -87.14 1.23 -50.10
C PRO E 218 -86.77 1.81 -51.46
N ARG E 219 -86.20 0.95 -52.30
CA ARG E 219 -85.80 1.36 -53.64
C ARG E 219 -86.95 1.17 -54.63
N ASP F 1 -32.63 -17.96 -34.27
CA ASP F 1 -33.75 -18.06 -33.34
C ASP F 1 -34.45 -19.41 -33.46
N ILE F 2 -35.05 -19.88 -32.38
CA ILE F 2 -35.77 -21.15 -32.38
C ILE F 2 -37.17 -20.93 -32.94
N LEU F 3 -37.54 -21.73 -33.93
CA LEU F 3 -38.87 -21.67 -34.52
C LEU F 3 -39.81 -22.60 -33.77
N MET F 4 -41.01 -22.10 -33.45
CA MET F 4 -42.03 -22.85 -32.74
C MET F 4 -43.20 -23.08 -33.68
N THR F 5 -43.49 -24.35 -33.96
CA THR F 5 -44.56 -24.74 -34.88
C THR F 5 -45.72 -25.29 -34.08
N GLN F 6 -46.83 -24.56 -34.07
CA GLN F 6 -48.00 -24.93 -33.29
C GLN F 6 -49.12 -25.39 -34.23
N SER F 7 -49.69 -26.54 -33.94
CA SER F 7 -50.73 -27.14 -34.77
C SER F 7 -51.78 -27.78 -33.88
N PRO F 8 -53.05 -27.79 -34.31
CA PRO F 8 -53.54 -27.17 -35.54
C PRO F 8 -53.75 -25.67 -35.39
N SER F 9 -53.85 -24.95 -36.51
CA SER F 9 -54.11 -23.51 -36.45
C SER F 9 -55.47 -23.24 -35.82
N SER F 10 -56.44 -24.13 -36.00
CA SER F 10 -57.74 -24.01 -35.38
C SER F 10 -58.42 -25.38 -35.41
N MET F 11 -59.28 -25.63 -34.43
CA MET F 11 -60.01 -26.88 -34.35
C MET F 11 -61.44 -26.61 -33.91
N SER F 12 -62.39 -27.28 -34.56
CA SER F 12 -63.81 -27.17 -34.25
C SER F 12 -64.19 -28.33 -33.33
N VAL F 13 -64.43 -28.04 -32.06
CA VAL F 13 -64.70 -29.03 -31.04
C VAL F 13 -65.90 -28.58 -30.21
N SER F 14 -66.32 -29.44 -29.27
CA SER F 14 -67.51 -29.21 -28.47
C SER F 14 -67.19 -29.36 -26.99
N LEU F 15 -68.19 -29.12 -26.16
CA LEU F 15 -68.03 -29.18 -24.72
C LEU F 15 -67.86 -30.63 -24.25
N GLY F 16 -67.15 -30.78 -23.13
CA GLY F 16 -66.86 -32.10 -22.59
C GLY F 16 -65.83 -32.90 -23.35
N ASP F 17 -65.38 -32.43 -24.51
CA ASP F 17 -64.39 -33.16 -25.28
C ASP F 17 -63.01 -33.04 -24.63
N THR F 18 -62.14 -33.99 -24.97
CA THR F 18 -60.76 -34.01 -24.52
C THR F 18 -59.87 -33.76 -25.73
N VAL F 19 -59.22 -32.61 -25.77
CA VAL F 19 -58.46 -32.17 -26.93
C VAL F 19 -56.99 -32.01 -26.54
N SER F 20 -56.14 -31.87 -27.55
CA SER F 20 -54.70 -31.71 -27.34
C SER F 20 -54.12 -30.80 -28.42
N ILE F 21 -53.27 -29.87 -28.00
CA ILE F 21 -52.54 -28.98 -28.89
C ILE F 21 -51.06 -29.34 -28.81
N THR F 22 -50.42 -29.42 -29.97
CA THR F 22 -49.00 -29.78 -30.04
C THR F 22 -48.17 -28.56 -30.42
N CYS F 23 -46.88 -28.64 -30.10
CA CYS F 23 -45.93 -27.58 -30.39
C CYS F 23 -44.58 -28.23 -30.69
N HIS F 24 -44.02 -27.92 -31.85
CA HIS F 24 -42.76 -28.52 -32.30
C HIS F 24 -41.71 -27.44 -32.44
N ALA F 25 -40.60 -27.59 -31.71
CA ALA F 25 -39.49 -26.66 -31.79
C ALA F 25 -38.44 -27.17 -32.78
N SER F 26 -37.75 -26.22 -33.41
CA SER F 26 -36.75 -26.57 -34.41
C SER F 26 -35.57 -27.33 -33.82
N GLN F 27 -35.38 -27.27 -32.51
CA GLN F 27 -34.36 -28.03 -31.81
C GLN F 27 -34.91 -28.43 -30.45
N GLY F 28 -34.14 -29.21 -29.70
CA GLY F 28 -34.55 -29.58 -28.36
C GLY F 28 -34.53 -28.37 -27.44
N ILE F 29 -35.52 -28.30 -26.55
CA ILE F 29 -35.62 -27.17 -25.63
C ILE F 29 -35.78 -27.67 -24.20
N SER F 30 -35.71 -28.98 -24.00
CA SER F 30 -35.59 -29.61 -22.68
C SER F 30 -36.63 -29.06 -21.69
N SER F 31 -37.89 -29.07 -22.12
CA SER F 31 -39.05 -28.71 -21.31
C SER F 31 -39.09 -27.24 -20.91
N ASN F 32 -38.24 -26.39 -21.52
CA ASN F 32 -38.27 -24.95 -21.25
C ASN F 32 -39.35 -24.31 -22.14
N ILE F 33 -40.60 -24.56 -21.79
CA ILE F 33 -41.74 -24.13 -22.59
C ILE F 33 -42.87 -23.71 -21.67
N GLY F 34 -43.58 -22.66 -22.08
CA GLY F 34 -44.78 -22.24 -21.39
C GLY F 34 -45.99 -22.30 -22.28
N TRP F 35 -47.18 -22.37 -21.68
CA TRP F 35 -48.44 -22.36 -22.43
C TRP F 35 -49.32 -21.21 -21.94
N LEU F 36 -49.94 -20.51 -22.88
CA LEU F 36 -50.68 -19.29 -22.61
C LEU F 36 -52.09 -19.39 -23.16
N GLN F 37 -53.03 -18.73 -22.47
CA GLN F 37 -54.41 -18.62 -22.90
C GLN F 37 -54.77 -17.15 -23.07
N GLN F 38 -55.57 -16.85 -24.09
CA GLN F 38 -56.08 -15.50 -24.31
C GLN F 38 -57.57 -15.61 -24.64
N LYS F 39 -58.41 -15.27 -23.67
CA LYS F 39 -59.84 -15.31 -23.88
C LYS F 39 -60.29 -14.15 -24.77
N PRO F 40 -61.42 -14.31 -25.48
CA PRO F 40 -61.86 -13.28 -26.45
C PRO F 40 -61.87 -11.86 -25.91
N GLY F 41 -61.06 -10.99 -26.51
CA GLY F 41 -60.96 -9.61 -26.11
C GLY F 41 -60.13 -9.34 -24.88
N LYS F 42 -59.90 -10.34 -24.03
CA LYS F 42 -59.20 -10.14 -22.78
C LYS F 42 -57.69 -10.28 -23.01
N SER F 43 -56.92 -10.29 -21.93
CA SER F 43 -55.46 -10.38 -22.02
C SER F 43 -55.01 -11.83 -21.83
N PHE F 44 -53.74 -12.02 -21.49
CA PHE F 44 -53.15 -13.34 -21.38
C PHE F 44 -53.15 -13.83 -19.93
N MET F 45 -53.35 -15.13 -19.76
CA MET F 45 -53.19 -15.82 -18.49
C MET F 45 -52.26 -17.01 -18.71
N GLY F 46 -51.26 -17.16 -17.85
CA GLY F 46 -50.36 -18.29 -17.96
C GLY F 46 -51.03 -19.57 -17.51
N LEU F 47 -50.74 -20.66 -18.24
CA LEU F 47 -51.29 -21.98 -17.93
C LEU F 47 -50.22 -22.94 -17.42
N ILE F 48 -49.13 -23.08 -18.15
CA ILE F 48 -48.08 -24.05 -17.86
C ILE F 48 -46.74 -23.34 -17.89
N TYR F 49 -45.84 -23.74 -16.98
CA TYR F 49 -44.44 -23.36 -17.08
C TYR F 49 -43.58 -24.61 -16.92
N TYR F 50 -42.41 -24.57 -17.55
CA TYR F 50 -41.47 -25.70 -17.56
C TYR F 50 -42.15 -27.00 -17.96
N GLY F 51 -42.97 -26.92 -19.01
CA GLY F 51 -43.50 -28.12 -19.64
C GLY F 51 -44.71 -28.77 -19.01
N THR F 52 -44.74 -28.86 -17.67
CA THR F 52 -45.78 -29.64 -17.01
C THR F 52 -46.36 -29.00 -15.75
N ASN F 53 -45.89 -27.82 -15.34
CA ASN F 53 -46.26 -27.25 -14.05
C ASN F 53 -47.38 -26.22 -14.24
N LEU F 54 -48.58 -26.55 -13.77
CA LEU F 54 -49.69 -25.61 -13.79
C LEU F 54 -49.34 -24.35 -13.02
N VAL F 55 -49.70 -23.20 -13.58
CA VAL F 55 -49.61 -21.94 -12.84
C VAL F 55 -50.63 -21.96 -11.71
N ASP F 56 -50.31 -21.27 -10.62
CA ASP F 56 -51.23 -21.15 -9.50
C ASP F 56 -52.58 -20.62 -9.96
N GLY F 57 -53.64 -21.40 -9.73
CA GLY F 57 -54.99 -21.02 -10.06
C GLY F 57 -55.56 -21.71 -11.27
N VAL F 58 -54.73 -22.34 -12.08
CA VAL F 58 -55.24 -23.00 -13.29
C VAL F 58 -56.02 -24.25 -12.91
N PRO F 59 -57.22 -24.46 -13.45
CA PRO F 59 -57.97 -25.67 -13.12
C PRO F 59 -57.22 -26.93 -13.55
N SER F 60 -57.47 -28.01 -12.81
CA SER F 60 -56.73 -29.26 -12.97
C SER F 60 -57.01 -29.95 -14.30
N ARG F 61 -58.00 -29.49 -15.07
CA ARG F 61 -58.29 -30.12 -16.36
C ARG F 61 -57.26 -29.76 -17.43
N PHE F 62 -56.33 -28.86 -17.13
CA PHE F 62 -55.22 -28.56 -18.01
C PHE F 62 -54.00 -29.40 -17.61
N SER F 63 -53.21 -29.77 -18.61
CA SER F 63 -52.00 -30.56 -18.36
C SER F 63 -51.04 -30.41 -19.54
N GLY F 64 -49.76 -30.43 -19.23
CA GLY F 64 -48.72 -30.38 -20.25
C GLY F 64 -47.88 -31.65 -20.23
N SER F 65 -47.30 -31.96 -21.38
CA SER F 65 -46.46 -33.15 -21.51
C SER F 65 -45.51 -32.93 -22.68
N GLY F 66 -44.59 -33.88 -22.85
CA GLY F 66 -43.64 -33.86 -23.93
C GLY F 66 -42.21 -33.72 -23.44
N SER F 67 -41.29 -33.86 -24.39
CA SER F 67 -39.87 -33.76 -24.11
C SER F 67 -39.15 -33.43 -25.41
N GLY F 68 -37.85 -33.17 -25.28
CA GLY F 68 -37.02 -32.85 -26.43
C GLY F 68 -37.48 -31.63 -27.19
N ALA F 69 -38.12 -31.85 -28.34
CA ALA F 69 -38.58 -30.76 -29.19
C ALA F 69 -40.05 -30.88 -29.55
N ASP F 70 -40.80 -31.76 -28.90
CA ASP F 70 -42.23 -31.94 -29.18
C ASP F 70 -42.99 -31.96 -27.88
N TYR F 71 -43.96 -31.05 -27.75
CA TYR F 71 -44.68 -30.85 -26.50
C TYR F 71 -46.16 -30.67 -26.80
N SER F 72 -46.98 -30.90 -25.79
CA SER F 72 -48.43 -30.92 -25.98
C SER F 72 -49.13 -30.32 -24.77
N LEU F 73 -50.21 -29.58 -25.04
CA LEU F 73 -51.14 -29.12 -24.02
C LEU F 73 -52.45 -29.88 -24.15
N THR F 74 -53.06 -30.21 -23.02
CA THR F 74 -54.23 -31.08 -23.01
C THR F 74 -55.29 -30.54 -22.08
N ILE F 75 -56.52 -30.44 -22.58
CA ILE F 75 -57.67 -29.99 -21.79
C ILE F 75 -58.67 -31.14 -21.75
N SER F 76 -58.91 -31.69 -20.56
CA SER F 76 -59.86 -32.77 -20.40
C SER F 76 -61.22 -32.20 -20.00
N SER F 77 -62.26 -32.54 -20.77
CA SER F 77 -63.60 -32.04 -20.59
C SER F 77 -63.64 -30.52 -20.73
N LEU F 78 -63.82 -30.04 -21.95
CA LEU F 78 -63.76 -28.61 -22.23
C LEU F 78 -64.90 -27.86 -21.55
N ASP F 79 -64.56 -26.73 -20.96
CA ASP F 79 -65.52 -25.81 -20.35
C ASP F 79 -65.80 -24.65 -21.31
N SER F 80 -66.96 -24.01 -21.10
CA SER F 80 -67.34 -22.88 -21.95
C SER F 80 -66.28 -21.78 -21.95
N GLU F 81 -65.60 -21.59 -20.81
CA GLU F 81 -64.55 -20.58 -20.74
C GLU F 81 -63.34 -20.93 -21.59
N ASP F 82 -63.16 -22.21 -21.93
CA ASP F 82 -61.94 -22.66 -22.59
C ASP F 82 -61.92 -22.34 -24.08
N PHE F 83 -63.03 -21.91 -24.67
CA PHE F 83 -63.02 -21.54 -26.08
C PHE F 83 -62.26 -20.24 -26.27
N ALA F 84 -60.96 -20.33 -26.53
CA ALA F 84 -60.09 -19.15 -26.59
C ALA F 84 -58.87 -19.49 -27.43
N ASP F 85 -57.94 -18.54 -27.50
CA ASP F 85 -56.68 -18.72 -28.22
C ASP F 85 -55.61 -19.23 -27.27
N TYR F 86 -54.76 -20.13 -27.77
CA TYR F 86 -53.69 -20.72 -26.98
C TYR F 86 -52.37 -20.61 -27.74
N TYR F 87 -51.29 -20.38 -27.01
CA TYR F 87 -49.98 -20.17 -27.58
C TYR F 87 -48.93 -20.91 -26.75
N CYS F 88 -47.93 -21.47 -27.41
CA CYS F 88 -46.73 -21.94 -26.73
C CYS F 88 -45.62 -20.91 -26.85
N VAL F 89 -44.69 -20.96 -25.90
CA VAL F 89 -43.54 -20.06 -25.88
C VAL F 89 -42.35 -20.83 -25.31
N GLN F 90 -41.20 -20.67 -25.93
CA GLN F 90 -39.97 -21.29 -25.46
C GLN F 90 -39.08 -20.24 -24.80
N TYR F 91 -38.43 -20.62 -23.71
CA TYR F 91 -37.44 -19.77 -23.08
C TYR F 91 -36.14 -20.53 -22.86
N ALA F 92 -35.83 -21.49 -23.75
CA ALA F 92 -34.55 -22.16 -23.70
C ALA F 92 -33.43 -21.26 -24.22
N GLN F 93 -33.72 -20.42 -25.21
CA GLN F 93 -32.74 -19.51 -25.76
C GLN F 93 -33.34 -18.13 -25.94
N LEU F 94 -32.49 -17.13 -25.81
CA LEU F 94 -32.86 -15.78 -26.22
C LEU F 94 -32.58 -15.62 -27.71
N PRO F 95 -33.48 -14.98 -28.47
CA PRO F 95 -34.73 -14.38 -28.03
C PRO F 95 -35.84 -15.41 -27.78
N TYR F 96 -36.69 -15.15 -26.79
CA TYR F 96 -37.89 -15.95 -26.61
C TYR F 96 -38.72 -15.92 -27.88
N THR F 97 -39.35 -17.04 -28.21
CA THR F 97 -40.18 -17.13 -29.40
C THR F 97 -41.47 -17.87 -29.08
N PHE F 98 -42.52 -17.54 -29.84
CA PHE F 98 -43.87 -18.03 -29.59
C PHE F 98 -44.34 -18.89 -30.77
N GLY F 99 -45.29 -19.77 -30.48
CA GLY F 99 -45.95 -20.52 -31.53
C GLY F 99 -46.93 -19.65 -32.30
N GLY F 100 -47.39 -20.17 -33.44
CA GLY F 100 -48.33 -19.45 -34.26
C GLY F 100 -49.70 -19.28 -33.64
N GLY F 101 -50.02 -20.09 -32.64
CA GLY F 101 -51.30 -19.99 -31.97
C GLY F 101 -52.29 -21.04 -32.44
N THR F 102 -53.24 -21.38 -31.56
CA THR F 102 -54.33 -22.27 -31.88
C THR F 102 -55.62 -21.64 -31.39
N LYS F 103 -56.66 -21.70 -32.22
CA LYS F 103 -57.97 -21.19 -31.87
C LYS F 103 -58.95 -22.34 -31.73
N LEU F 104 -59.66 -22.40 -30.60
CA LEU F 104 -60.67 -23.42 -30.36
C LEU F 104 -62.04 -22.83 -30.64
N GLU F 105 -62.79 -23.48 -31.53
CA GLU F 105 -64.09 -23.03 -31.98
C GLU F 105 -65.14 -24.10 -31.72
N ILE F 106 -66.40 -23.68 -31.66
CA ILE F 106 -67.49 -24.58 -31.31
C ILE F 106 -67.93 -25.35 -32.55
N LYS F 107 -67.95 -26.68 -32.44
CA LYS F 107 -68.46 -27.52 -33.52
C LYS F 107 -69.98 -27.45 -33.57
N ARG F 108 -70.53 -27.49 -34.77
CA ARG F 108 -71.97 -27.44 -34.96
C ARG F 108 -72.29 -27.88 -36.39
N ALA F 109 -73.58 -27.95 -36.70
CA ALA F 109 -74.01 -28.37 -38.03
C ALA F 109 -73.67 -27.31 -39.06
N ASP F 110 -73.32 -27.75 -40.26
CA ASP F 110 -72.93 -26.84 -41.33
C ASP F 110 -74.15 -26.03 -41.79
N ALA F 111 -73.97 -24.72 -41.91
CA ALA F 111 -75.04 -23.82 -42.34
C ALA F 111 -74.57 -23.01 -43.53
N ALA F 112 -75.47 -22.81 -44.50
CA ALA F 112 -75.17 -22.06 -45.71
C ALA F 112 -75.32 -20.55 -45.47
N PRO F 113 -74.52 -19.74 -46.16
CA PRO F 113 -74.57 -18.29 -45.91
C PRO F 113 -75.76 -17.62 -46.58
N THR F 114 -76.27 -16.59 -45.90
CA THR F 114 -77.40 -15.79 -46.38
C THR F 114 -76.84 -14.60 -47.15
N VAL F 115 -76.74 -14.75 -48.47
CA VAL F 115 -76.15 -13.72 -49.32
C VAL F 115 -77.16 -12.60 -49.55
N SER F 116 -76.67 -11.36 -49.55
CA SER F 116 -77.54 -10.19 -49.73
C SER F 116 -76.70 -9.06 -50.30
N ILE F 117 -76.95 -8.69 -51.55
CA ILE F 117 -76.20 -7.63 -52.22
C ILE F 117 -76.98 -6.32 -52.11
N PHE F 118 -76.25 -5.21 -52.02
CA PHE F 118 -76.85 -3.89 -51.87
C PHE F 118 -76.09 -2.86 -52.69
N PRO F 119 -76.75 -2.19 -53.63
CA PRO F 119 -76.07 -1.20 -54.48
C PRO F 119 -75.77 0.08 -53.71
N PRO F 120 -75.07 1.04 -54.31
CA PRO F 120 -74.74 2.28 -53.59
C PRO F 120 -76.00 3.07 -53.24
N SER F 121 -75.89 3.84 -52.15
CA SER F 121 -76.97 4.72 -51.74
C SER F 121 -76.93 6.01 -52.54
N SER F 122 -78.02 6.78 -52.45
CA SER F 122 -78.07 8.07 -53.11
C SER F 122 -77.21 9.10 -52.38
N GLU F 123 -77.13 9.01 -51.05
CA GLU F 123 -76.26 9.90 -50.29
C GLU F 123 -74.79 9.62 -50.57
N GLN F 124 -74.47 8.45 -51.14
CA GLN F 124 -73.11 8.08 -51.47
C GLN F 124 -72.74 8.48 -52.90
N LEU F 125 -73.66 8.27 -53.85
CA LEU F 125 -73.42 8.67 -55.23
C LEU F 125 -73.42 10.18 -55.42
N THR F 126 -73.82 10.94 -54.40
CA THR F 126 -73.74 12.39 -54.46
C THR F 126 -72.38 12.94 -54.06
N SER F 127 -71.62 12.19 -53.26
CA SER F 127 -70.29 12.62 -52.83
C SER F 127 -69.19 12.15 -53.79
N GLY F 128 -69.55 11.73 -55.00
CA GLY F 128 -68.57 11.29 -55.96
C GLY F 128 -67.90 9.98 -55.57
N GLY F 129 -68.70 8.98 -55.23
CA GLY F 129 -68.18 7.68 -54.84
C GLY F 129 -69.28 6.65 -54.92
N ALA F 130 -68.90 5.40 -54.63
CA ALA F 130 -69.84 4.28 -54.71
C ALA F 130 -69.23 3.07 -54.01
N SER F 131 -70.08 2.30 -53.34
CA SER F 131 -69.67 1.07 -52.67
C SER F 131 -70.81 0.06 -52.71
N VAL F 132 -70.51 -1.15 -53.17
CA VAL F 132 -71.49 -2.23 -53.27
C VAL F 132 -71.17 -3.24 -52.17
N VAL F 133 -72.09 -3.38 -51.22
CA VAL F 133 -71.92 -4.25 -50.07
C VAL F 133 -72.59 -5.59 -50.37
N CYS F 134 -72.12 -6.65 -49.70
CA CYS F 134 -72.64 -8.00 -49.92
C CYS F 134 -72.44 -8.77 -48.62
N PHE F 135 -73.53 -8.97 -47.88
CA PHE F 135 -73.48 -9.62 -46.57
C PHE F 135 -73.67 -11.12 -46.68
N LEU F 136 -72.88 -11.87 -45.90
CA LEU F 136 -72.94 -13.33 -45.84
C LEU F 136 -73.09 -13.71 -44.37
N ASN F 137 -74.31 -13.61 -43.85
CA ASN F 137 -74.57 -13.76 -42.43
C ASN F 137 -74.90 -15.20 -42.07
N ASN F 138 -74.45 -15.61 -40.88
CA ASN F 138 -74.80 -16.88 -40.26
C ASN F 138 -74.50 -18.09 -41.15
N PHE F 139 -73.26 -18.56 -41.13
CA PHE F 139 -72.86 -19.75 -41.87
C PHE F 139 -71.88 -20.55 -41.02
N TYR F 140 -71.56 -21.75 -41.49
CA TYR F 140 -70.61 -22.62 -40.79
C TYR F 140 -70.18 -23.71 -41.75
N PRO F 141 -68.88 -24.05 -41.81
CA PRO F 141 -67.77 -23.49 -41.04
C PRO F 141 -67.36 -22.08 -41.47
N LYS F 142 -66.38 -21.51 -40.76
CA LYS F 142 -65.95 -20.15 -41.03
C LYS F 142 -65.35 -19.99 -42.42
N ASP F 143 -64.85 -21.07 -43.00
CA ASP F 143 -64.16 -20.99 -44.29
C ASP F 143 -65.14 -20.59 -45.38
N ILE F 144 -64.79 -19.54 -46.13
CA ILE F 144 -65.65 -19.01 -47.18
C ILE F 144 -64.82 -18.09 -48.06
N ASN F 145 -65.13 -18.09 -49.35
CA ASN F 145 -64.44 -17.27 -50.34
C ASN F 145 -65.47 -16.46 -51.13
N VAL F 146 -65.28 -15.14 -51.16
CA VAL F 146 -66.13 -14.25 -51.94
C VAL F 146 -65.38 -13.83 -53.20
N LYS F 147 -66.11 -13.67 -54.29
CA LYS F 147 -65.54 -13.29 -55.58
C LYS F 147 -66.45 -12.25 -56.24
N TRP F 148 -65.84 -11.26 -56.87
CA TRP F 148 -66.55 -10.16 -57.51
C TRP F 148 -66.32 -10.19 -59.02
N LYS F 149 -67.40 -10.02 -59.78
CA LYS F 149 -67.35 -10.05 -61.24
C LYS F 149 -68.13 -8.86 -61.79
N ILE F 150 -67.41 -7.91 -62.38
CA ILE F 150 -68.03 -6.78 -63.06
C ILE F 150 -68.26 -7.21 -64.51
N ASP F 151 -69.50 -7.52 -64.85
CA ASP F 151 -69.86 -8.01 -66.18
C ASP F 151 -69.09 -9.28 -66.53
N GLY F 152 -69.12 -10.26 -65.63
CA GLY F 152 -68.43 -11.51 -65.84
C GLY F 152 -66.96 -11.46 -65.52
N SER F 153 -66.31 -10.34 -65.82
CA SER F 153 -64.87 -10.21 -65.57
C SER F 153 -64.59 -10.08 -64.08
N GLU F 154 -63.67 -10.90 -63.58
CA GLU F 154 -63.38 -10.94 -62.15
C GLU F 154 -62.83 -9.60 -61.67
N ARG F 155 -63.03 -9.33 -60.39
CA ARG F 155 -62.57 -8.09 -59.76
C ARG F 155 -61.81 -8.42 -58.48
N GLN F 156 -60.59 -7.91 -58.37
CA GLN F 156 -59.79 -8.05 -57.16
C GLN F 156 -59.29 -6.71 -56.65
N ASN F 157 -59.74 -5.60 -57.23
CA ASN F 157 -59.22 -4.27 -56.93
C ASN F 157 -60.19 -3.54 -56.02
N GLY F 158 -59.68 -3.07 -54.87
CA GLY F 158 -60.47 -2.23 -53.99
C GLY F 158 -61.54 -2.94 -53.19
N VAL F 159 -61.24 -4.13 -52.67
CA VAL F 159 -62.19 -4.91 -51.89
C VAL F 159 -61.84 -4.81 -50.42
N LEU F 160 -62.86 -4.66 -49.57
CA LEU F 160 -62.69 -4.54 -48.13
C LEU F 160 -63.59 -5.57 -47.45
N ASN F 161 -62.99 -6.60 -46.88
CA ASN F 161 -63.71 -7.68 -46.23
C ASN F 161 -63.52 -7.63 -44.72
N SER F 162 -64.56 -8.04 -43.99
CA SER F 162 -64.53 -8.06 -42.54
C SER F 162 -65.29 -9.29 -42.05
N TRP F 163 -64.71 -9.95 -41.04
CA TRP F 163 -65.29 -11.16 -40.46
C TRP F 163 -65.70 -10.90 -39.01
N THR F 164 -66.86 -11.42 -38.64
CA THR F 164 -67.24 -11.47 -37.23
C THR F 164 -66.80 -12.79 -36.61
N ASP F 165 -66.47 -12.75 -35.33
CA ASP F 165 -66.15 -13.95 -34.60
C ASP F 165 -67.37 -14.86 -34.51
N GLN F 166 -67.17 -16.07 -33.99
CA GLN F 166 -68.26 -17.02 -33.85
C GLN F 166 -69.35 -16.44 -32.96
N ASP F 167 -70.56 -16.35 -33.50
CA ASP F 167 -71.66 -15.67 -32.82
C ASP F 167 -72.04 -16.42 -31.55
N SER F 168 -71.94 -15.74 -30.41
CA SER F 168 -72.32 -16.35 -29.14
C SER F 168 -73.79 -16.76 -29.11
N LYS F 169 -74.59 -16.26 -30.05
CA LYS F 169 -76.00 -16.61 -30.15
C LYS F 169 -76.17 -18.02 -30.71
N ASP F 170 -75.77 -18.22 -31.96
CA ASP F 170 -76.01 -19.49 -32.66
C ASP F 170 -74.74 -20.14 -33.19
N SER F 171 -73.56 -19.68 -32.74
CA SER F 171 -72.27 -20.27 -33.12
C SER F 171 -72.04 -20.22 -34.63
N THR F 172 -72.54 -19.16 -35.28
CA THR F 172 -72.35 -18.96 -36.71
C THR F 172 -71.40 -17.79 -36.96
N TYR F 173 -70.77 -17.82 -38.12
CA TYR F 173 -69.92 -16.73 -38.57
C TYR F 173 -70.68 -15.91 -39.61
N SER F 174 -70.29 -14.63 -39.73
CA SER F 174 -70.85 -13.74 -40.73
C SER F 174 -69.71 -13.01 -41.42
N MET F 175 -69.97 -12.55 -42.64
CA MET F 175 -68.95 -11.91 -43.46
C MET F 175 -69.53 -10.69 -44.16
N SER F 176 -68.68 -9.67 -44.32
CA SER F 176 -69.03 -8.46 -45.05
C SER F 176 -67.96 -8.19 -46.10
N SER F 177 -68.37 -7.54 -47.18
CA SER F 177 -67.48 -7.29 -48.32
C SER F 177 -67.94 -6.02 -49.02
N THR F 178 -67.03 -5.07 -49.19
CA THR F 178 -67.35 -3.76 -49.78
C THR F 178 -66.40 -3.48 -50.92
N LEU F 179 -66.94 -3.41 -52.14
CA LEU F 179 -66.19 -3.07 -53.34
C LEU F 179 -66.39 -1.58 -53.61
N THR F 180 -65.32 -0.79 -53.47
CA THR F 180 -65.38 0.66 -53.53
C THR F 180 -64.67 1.17 -54.78
N LEU F 181 -65.22 2.22 -55.38
CA LEU F 181 -64.60 2.92 -56.51
C LEU F 181 -65.30 4.27 -56.67
N THR F 182 -64.85 5.02 -57.68
CA THR F 182 -65.40 6.35 -57.93
C THR F 182 -66.75 6.27 -58.64
N LYS F 183 -67.55 7.32 -58.46
CA LYS F 183 -68.84 7.41 -59.13
C LYS F 183 -68.69 7.34 -60.65
N ASP F 184 -67.60 7.88 -61.18
CA ASP F 184 -67.39 7.86 -62.63
C ASP F 184 -67.16 6.44 -63.15
N GLU F 185 -66.38 5.65 -62.41
CA GLU F 185 -66.12 4.27 -62.84
C GLU F 185 -67.33 3.38 -62.64
N TYR F 186 -68.15 3.66 -61.61
CA TYR F 186 -69.37 2.88 -61.41
C TYR F 186 -70.32 3.04 -62.58
N GLU F 187 -70.48 4.26 -63.07
CA GLU F 187 -71.35 4.53 -64.21
C GLU F 187 -70.73 4.14 -65.54
N ARG F 188 -70.03 3.02 -65.58
CA ARG F 188 -69.48 2.44 -66.79
C ARG F 188 -70.09 1.10 -67.16
N HIS F 189 -70.59 0.35 -66.18
CA HIS F 189 -71.08 -1.00 -66.38
C HIS F 189 -72.53 -1.10 -65.90
N ASN F 190 -73.10 -2.30 -65.98
CA ASN F 190 -74.49 -2.51 -65.59
C ASN F 190 -74.62 -3.65 -64.59
N SER F 191 -74.16 -4.85 -64.97
CA SER F 191 -74.30 -6.03 -64.13
C SER F 191 -73.15 -6.13 -63.15
N TYR F 192 -73.47 -6.34 -61.88
CA TYR F 192 -72.49 -6.48 -60.81
C TYR F 192 -72.83 -7.72 -59.98
N THR F 193 -72.01 -8.76 -60.12
CA THR F 193 -72.23 -10.06 -59.49
C THR F 193 -71.53 -10.12 -58.13
N CYS F 194 -71.99 -11.04 -57.28
CA CYS F 194 -71.38 -11.28 -55.96
C CYS F 194 -71.47 -12.77 -55.66
N GLU F 195 -70.39 -13.49 -55.98
CA GLU F 195 -70.31 -14.93 -55.78
C GLU F 195 -69.80 -15.26 -54.37
N ALA F 196 -69.90 -16.55 -54.01
CA ALA F 196 -69.48 -17.02 -52.70
C ALA F 196 -69.33 -18.52 -52.73
N THR F 197 -68.21 -19.02 -52.20
CA THR F 197 -67.90 -20.44 -52.18
C THR F 197 -67.94 -20.96 -50.75
N HIS F 198 -68.64 -22.08 -50.55
CA HIS F 198 -68.81 -22.65 -49.22
C HIS F 198 -69.00 -24.15 -49.34
N LYS F 199 -68.59 -24.88 -48.30
CA LYS F 199 -68.62 -26.35 -48.37
C LYS F 199 -70.04 -26.89 -48.37
N THR F 200 -71.00 -26.15 -47.80
CA THR F 200 -72.38 -26.59 -47.82
C THR F 200 -72.96 -26.59 -49.23
N SER F 201 -72.35 -25.85 -50.16
CA SER F 201 -72.88 -25.67 -51.50
C SER F 201 -71.85 -26.16 -52.51
N THR F 202 -72.22 -27.19 -53.28
CA THR F 202 -71.36 -27.65 -54.37
C THR F 202 -71.16 -26.55 -55.41
N SER F 203 -72.12 -25.65 -55.54
CA SER F 203 -72.08 -24.55 -56.49
C SER F 203 -72.02 -23.21 -55.75
N PRO F 204 -71.53 -22.16 -56.42
CA PRO F 204 -71.46 -20.84 -55.76
C PRO F 204 -72.79 -20.10 -55.80
N ILE F 205 -73.18 -19.55 -54.66
CA ILE F 205 -74.37 -18.71 -54.58
C ILE F 205 -74.09 -17.37 -55.26
N VAL F 206 -75.11 -16.77 -55.86
CA VAL F 206 -74.96 -15.59 -56.72
C VAL F 206 -76.04 -14.57 -56.38
N LYS F 207 -75.66 -13.29 -56.43
CA LYS F 207 -76.59 -12.17 -56.30
C LYS F 207 -76.10 -11.03 -57.18
N SER F 208 -76.94 -10.60 -58.12
CA SER F 208 -76.57 -9.56 -59.08
C SER F 208 -77.63 -8.46 -59.12
N PHE F 209 -77.33 -7.40 -59.87
CA PHE F 209 -78.26 -6.30 -60.08
C PHE F 209 -77.78 -5.45 -61.25
N ASN F 210 -78.71 -4.80 -61.92
CA ASN F 210 -78.40 -3.85 -62.99
C ASN F 210 -78.28 -2.44 -62.44
N ARG F 211 -77.35 -1.67 -63.01
CA ARG F 211 -77.04 -0.35 -62.48
C ARG F 211 -78.19 0.61 -62.71
N ASN F 212 -78.76 1.14 -61.61
CA ASN F 212 -79.86 2.08 -61.65
C ASN F 212 -81.02 1.54 -62.49
N GLU F 213 -81.80 0.63 -61.90
CA GLU F 213 -82.86 -0.08 -62.63
C GLU F 213 -84.18 0.67 -62.57
N CYS F 214 -84.74 0.80 -61.36
CA CYS F 214 -86.03 1.45 -61.16
C CYS F 214 -86.09 2.85 -61.75
N GLU G 1 31.27 23.49 24.49
CA GLU G 1 32.70 23.29 24.34
C GLU G 1 33.01 21.80 24.15
N VAL G 2 34.11 21.51 23.48
CA VAL G 2 34.54 20.14 23.24
C VAL G 2 35.35 19.66 24.43
N GLN G 3 34.90 18.59 25.08
CA GLN G 3 35.66 17.95 26.15
C GLN G 3 35.59 16.44 25.97
N LEU G 4 36.73 15.80 26.19
CA LEU G 4 36.84 14.34 26.17
C LEU G 4 37.09 13.90 27.60
N GLN G 5 36.13 13.20 28.19
CA GLN G 5 36.20 12.75 29.57
C GLN G 5 36.45 11.25 29.58
N GLN G 6 37.62 10.85 30.02
CA GLN G 6 38.01 9.44 30.02
C GLN G 6 37.67 8.79 31.36
N SER G 7 37.78 7.46 31.39
CA SER G 7 37.46 6.70 32.58
C SER G 7 38.58 6.81 33.61
N GLY G 8 38.30 6.30 34.81
CA GLY G 8 39.23 6.40 35.92
C GLY G 8 40.40 5.43 35.81
N ALA G 9 41.38 5.65 36.67
CA ALA G 9 42.61 4.87 36.65
C ALA G 9 42.31 3.39 36.93
N GLU G 10 42.94 2.52 36.15
CA GLU G 10 42.76 1.08 36.28
C GLU G 10 43.98 0.45 36.94
N LEU G 11 43.73 -0.62 37.69
CA LEU G 11 44.77 -1.35 38.43
C LEU G 11 44.47 -2.83 38.26
N VAL G 12 45.19 -3.48 37.34
CA VAL G 12 44.89 -4.84 36.92
C VAL G 12 46.15 -5.69 37.02
N LYS G 13 45.95 -7.04 36.93
CA LYS G 13 46.98 -8.07 37.00
C LYS G 13 47.43 -8.49 35.60
N PRO G 14 48.67 -8.96 35.47
CA PRO G 14 49.14 -9.42 34.15
C PRO G 14 48.32 -10.59 33.63
N GLY G 15 48.17 -10.64 32.30
CA GLY G 15 47.38 -11.66 31.66
C GLY G 15 45.90 -11.38 31.58
N ALA G 16 45.39 -10.39 32.32
CA ALA G 16 43.98 -10.04 32.28
C ALA G 16 43.74 -9.02 31.16
N SER G 17 42.55 -8.44 31.15
CA SER G 17 42.17 -7.45 30.15
C SER G 17 41.51 -6.25 30.82
N VAL G 18 41.46 -5.15 30.10
CA VAL G 18 40.88 -3.91 30.62
C VAL G 18 40.34 -3.11 29.44
N LYS G 19 39.23 -2.41 29.69
CA LYS G 19 38.54 -1.63 28.66
C LYS G 19 38.42 -0.20 29.15
N LEU G 20 39.09 0.71 28.45
CA LEU G 20 39.04 2.13 28.76
C LEU G 20 37.98 2.82 27.92
N SER G 21 37.44 3.92 28.42
CA SER G 21 36.38 4.62 27.75
C SER G 21 36.74 6.10 27.58
N CYS G 22 36.14 6.70 26.55
CA CYS G 22 36.34 8.10 26.22
C CYS G 22 34.98 8.64 25.79
N THR G 23 34.36 9.45 26.65
CA THR G 23 33.01 9.94 26.41
C THR G 23 33.07 11.36 25.87
N ALA G 24 32.32 11.61 24.80
CA ALA G 24 32.30 12.92 24.17
C ALA G 24 31.38 13.86 24.92
N SER G 25 31.87 15.06 25.23
CA SER G 25 31.14 16.05 26.00
C SER G 25 31.06 17.33 25.18
N GLY G 26 29.84 17.71 24.78
CA GLY G 26 29.62 18.91 24.02
C GLY G 26 29.62 18.74 22.52
N PHE G 27 29.58 17.50 22.03
CA PHE G 27 29.57 17.23 20.59
C PHE G 27 29.21 15.77 20.39
N ASN G 28 28.98 15.40 19.13
CA ASN G 28 28.67 14.03 18.78
C ASN G 28 29.96 13.28 18.45
N ILE G 29 30.17 12.16 19.14
CA ILE G 29 31.37 11.35 18.92
C ILE G 29 31.49 10.94 17.46
N LYS G 30 30.37 10.88 16.74
CA LYS G 30 30.32 10.48 15.34
C LYS G 30 31.01 11.49 14.41
N ASP G 31 31.31 12.69 14.91
CA ASP G 31 31.69 13.79 14.01
C ASP G 31 33.06 13.57 13.38
N THR G 32 34.02 13.00 14.11
CA THR G 32 35.40 12.93 13.64
C THR G 32 35.99 11.57 13.95
N TYR G 33 37.20 11.35 13.43
CA TYR G 33 38.03 10.25 13.90
C TYR G 33 38.28 10.39 15.40
N VAL G 34 38.43 9.25 16.07
CA VAL G 34 38.88 9.20 17.45
C VAL G 34 40.12 8.31 17.51
N HIS G 35 41.22 8.86 18.03
CA HIS G 35 42.49 8.16 18.12
C HIS G 35 42.78 7.78 19.56
N TRP G 36 43.69 6.83 19.73
CA TRP G 36 44.20 6.44 21.04
C TRP G 36 45.71 6.51 21.03
N VAL G 37 46.28 7.11 22.08
CA VAL G 37 47.72 7.35 22.17
C VAL G 37 48.21 6.84 23.52
N LYS G 38 49.36 6.18 23.51
CA LYS G 38 50.00 5.64 24.70
C LYS G 38 51.20 6.51 25.06
N GLN G 39 51.35 6.81 26.35
CA GLN G 39 52.47 7.61 26.83
C GLN G 39 53.19 6.91 27.96
N ARG G 40 54.51 6.84 27.86
CA ARG G 40 55.39 6.32 28.89
C ARG G 40 56.56 7.29 29.07
N PRO G 41 57.15 7.34 30.26
CA PRO G 41 58.24 8.32 30.49
C PRO G 41 59.46 8.09 29.62
N GLU G 42 59.95 6.84 29.58
CA GLU G 42 61.11 6.54 28.73
C GLU G 42 60.72 6.49 27.27
N GLN G 43 59.68 5.74 26.93
CA GLN G 43 59.34 5.49 25.54
C GLN G 43 58.57 6.63 24.88
N GLY G 44 58.02 7.55 25.66
CA GLY G 44 57.34 8.69 25.07
C GLY G 44 55.96 8.34 24.55
N LEU G 45 55.55 9.03 23.48
CA LEU G 45 54.21 8.96 22.93
C LEU G 45 54.16 7.99 21.76
N GLU G 46 53.12 7.16 21.72
CA GLU G 46 52.97 6.15 20.68
C GLU G 46 51.51 6.11 20.24
N TRP G 47 51.31 6.24 18.93
CA TRP G 47 49.98 6.15 18.35
C TRP G 47 49.53 4.69 18.30
N ILE G 48 48.36 4.41 18.87
CA ILE G 48 47.83 3.06 18.92
C ILE G 48 47.00 2.80 17.67
N GLY G 49 45.99 3.65 17.45
CA GLY G 49 45.09 3.46 16.33
C GLY G 49 44.00 4.51 16.37
N ARG G 50 43.05 4.35 15.46
CA ARG G 50 41.93 5.28 15.33
C ARG G 50 40.67 4.51 14.96
N ILE G 51 39.53 5.13 15.24
CA ILE G 51 38.24 4.60 14.81
C ILE G 51 37.43 5.74 14.23
N ASP G 52 36.63 5.41 13.21
CA ASP G 52 35.60 6.31 12.70
C ASP G 52 34.29 5.87 13.32
N PRO G 53 33.81 6.53 14.39
CA PRO G 53 32.61 6.03 15.08
C PRO G 53 31.36 6.03 14.23
N ALA G 54 31.36 6.75 13.09
CA ALA G 54 30.19 6.75 12.22
C ALA G 54 29.94 5.38 11.60
N ASN G 55 30.99 4.58 11.43
CA ASN G 55 30.88 3.27 10.80
C ASN G 55 31.63 2.17 11.54
N GLY G 56 32.59 2.50 12.41
CA GLY G 56 33.32 1.50 13.15
C GLY G 56 34.63 1.06 12.53
N TYR G 57 34.98 1.60 11.36
CA TYR G 57 36.23 1.20 10.71
C TYR G 57 37.43 1.73 11.48
N THR G 58 38.46 0.88 11.61
CA THR G 58 39.60 1.16 12.48
C THR G 58 40.91 1.00 11.70
N LYS G 59 41.94 1.66 12.23
CA LYS G 59 43.32 1.47 11.80
C LYS G 59 44.19 1.31 13.03
N TYR G 60 45.29 0.59 12.88
CA TYR G 60 46.20 0.32 14.00
C TYR G 60 47.65 0.42 13.54
N ASP G 61 48.51 0.81 14.47
CA ASP G 61 49.93 0.56 14.30
C ASP G 61 50.17 -0.93 14.46
N PRO G 62 50.89 -1.58 13.54
CA PRO G 62 51.13 -3.03 13.68
C PRO G 62 51.79 -3.43 14.99
N LYS G 63 52.35 -2.48 15.74
CA LYS G 63 52.93 -2.81 17.04
C LYS G 63 51.85 -3.22 18.04
N PHE G 64 50.64 -2.66 17.92
CA PHE G 64 49.56 -2.91 18.86
C PHE G 64 48.52 -3.88 18.33
N GLN G 65 48.71 -4.43 17.14
CA GLN G 65 47.78 -5.42 16.62
C GLN G 65 47.78 -6.65 17.51
N GLY G 66 46.62 -6.97 18.07
CA GLY G 66 46.51 -8.07 19.01
C GLY G 66 46.15 -7.60 20.40
N LYS G 67 46.85 -6.60 20.92
CA LYS G 67 46.56 -6.07 22.24
C LYS G 67 45.47 -5.01 22.21
N ALA G 68 45.53 -4.10 21.24
CA ALA G 68 44.60 -2.98 21.20
C ALA G 68 43.39 -3.32 20.34
N THR G 69 42.22 -3.02 20.87
CA THR G 69 40.96 -3.16 20.14
C THR G 69 40.11 -1.94 20.43
N ILE G 70 39.88 -1.11 19.42
CA ILE G 70 39.16 0.15 19.59
C ILE G 70 37.74 -0.02 19.08
N THR G 71 36.77 0.39 19.90
CA THR G 71 35.35 0.29 19.57
C THR G 71 34.66 1.60 19.90
N ALA G 72 33.40 1.70 19.51
CA ALA G 72 32.64 2.92 19.75
C ALA G 72 31.15 2.60 19.77
N ASP G 73 30.40 3.38 20.55
CA ASP G 73 28.95 3.25 20.68
C ASP G 73 28.36 4.66 20.58
N THR G 74 27.87 5.02 19.39
CA THR G 74 27.28 6.35 19.21
C THR G 74 26.10 6.58 20.16
N SER G 75 25.45 5.50 20.60
CA SER G 75 24.34 5.64 21.53
C SER G 75 24.78 6.32 22.82
N SER G 76 25.83 5.81 23.46
CA SER G 76 26.39 6.44 24.65
C SER G 76 27.36 7.57 24.30
N ASN G 77 27.60 7.82 23.02
CA ASN G 77 28.51 8.88 22.58
C ASN G 77 29.92 8.67 23.14
N THR G 78 30.36 7.41 23.16
CA THR G 78 31.58 7.01 23.83
C THR G 78 32.42 6.11 22.92
N ALA G 79 33.74 6.24 23.02
CA ALA G 79 34.69 5.38 22.34
C ALA G 79 35.49 4.59 23.37
N TYR G 80 35.97 3.41 22.96
CA TYR G 80 36.57 2.47 23.89
C TYR G 80 37.91 1.97 23.36
N LEU G 81 38.81 1.64 24.29
CA LEU G 81 40.09 0.99 23.98
C LEU G 81 40.22 -0.24 24.87
N GLN G 82 40.10 -1.42 24.27
CA GLN G 82 40.26 -2.67 25.00
C GLN G 82 41.69 -3.16 24.86
N LEU G 83 42.32 -3.46 25.99
CA LEU G 83 43.66 -4.01 26.04
C LEU G 83 43.60 -5.41 26.63
N SER G 84 44.35 -6.35 26.04
CA SER G 84 44.29 -7.74 26.42
C SER G 84 45.69 -8.30 26.66
N SER G 85 45.74 -9.43 27.37
CA SER G 85 46.99 -10.12 27.70
C SER G 85 48.01 -9.15 28.29
N LEU G 86 47.59 -8.45 29.33
CA LEU G 86 48.33 -7.30 29.82
C LEU G 86 49.69 -7.69 30.39
N THR G 87 50.62 -6.74 30.33
CA THR G 87 52.01 -6.95 30.69
C THR G 87 52.51 -5.69 31.39
N SER G 88 53.63 -5.82 32.10
CA SER G 88 54.26 -4.68 32.74
C SER G 88 54.51 -3.54 31.77
N GLU G 89 54.77 -3.85 30.50
CA GLU G 89 55.03 -2.82 29.50
C GLU G 89 53.75 -2.14 29.02
N ASP G 90 52.59 -2.70 29.32
CA ASP G 90 51.33 -2.00 29.07
C ASP G 90 51.02 -0.96 30.14
N THR G 91 51.86 -0.86 31.16
CA THR G 91 51.69 0.17 32.19
C THR G 91 52.02 1.53 31.58
N ALA G 92 51.01 2.36 31.40
CA ALA G 92 51.15 3.64 30.71
C ALA G 92 49.91 4.48 30.97
N VAL G 93 49.90 5.68 30.41
CA VAL G 93 48.75 6.56 30.41
C VAL G 93 48.19 6.61 28.99
N TYR G 94 46.88 6.45 28.87
CA TYR G 94 46.24 6.32 27.56
C TYR G 94 45.30 7.49 27.33
N TYR G 95 45.45 8.13 26.17
CA TYR G 95 44.69 9.32 25.81
C TYR G 95 43.85 9.06 24.58
N CYS G 96 42.65 9.63 24.55
CA CYS G 96 41.86 9.68 23.33
C CYS G 96 41.97 11.08 22.73
N VAL G 97 42.07 11.14 21.40
CA VAL G 97 42.37 12.37 20.68
C VAL G 97 41.40 12.50 19.52
N ARG G 98 41.07 13.75 19.18
CA ARG G 98 40.29 14.06 18.00
C ARG G 98 40.78 15.36 17.39
N PRO G 99 40.53 15.58 16.11
CA PRO G 99 40.96 16.83 15.47
C PRO G 99 39.97 17.96 15.69
N LEU G 100 40.47 19.18 15.48
CA LEU G 100 39.61 20.37 15.50
C LEU G 100 38.92 20.56 14.15
N TYR G 101 39.69 20.96 13.13
CA TYR G 101 39.16 21.15 11.79
C TYR G 101 39.72 20.14 10.79
N ASP G 102 41.04 20.09 10.64
CA ASP G 102 41.68 19.15 9.72
C ASP G 102 41.26 17.73 10.05
N TYR G 103 40.74 17.01 9.05
CA TYR G 103 40.28 15.64 9.25
C TYR G 103 41.32 14.77 9.92
N TYR G 104 42.60 15.05 9.67
CA TYR G 104 43.69 14.15 10.03
C TYR G 104 44.49 14.62 11.25
N ALA G 105 44.12 15.74 11.86
CA ALA G 105 44.95 16.33 12.91
C ALA G 105 44.67 15.68 14.27
N MET G 106 45.39 16.15 15.30
CA MET G 106 45.36 15.57 16.65
C MET G 106 45.34 16.73 17.65
N ASP G 107 44.18 17.38 17.78
CA ASP G 107 44.11 18.67 18.44
C ASP G 107 43.48 18.63 19.84
N TYR G 108 42.45 17.83 20.05
CA TYR G 108 41.75 17.78 21.33
C TYR G 108 42.07 16.47 22.04
N TRP G 109 42.44 16.55 23.32
CA TRP G 109 42.88 15.40 24.09
C TRP G 109 42.06 15.25 25.36
N GLY G 110 41.70 14.01 25.66
CA GLY G 110 41.15 13.69 26.96
C GLY G 110 42.19 13.92 28.03
N GLN G 111 41.74 13.75 29.28
CA GLN G 111 42.63 13.97 30.42
C GLN G 111 43.61 12.83 30.64
N GLY G 112 43.36 11.66 30.05
CA GLY G 112 44.23 10.52 30.22
C GLY G 112 43.75 9.54 31.28
N THR G 113 43.90 8.24 31.02
CA THR G 113 43.52 7.20 31.96
C THR G 113 44.77 6.40 32.31
N SER G 114 45.10 6.36 33.60
CA SER G 114 46.28 5.64 34.05
C SER G 114 45.98 4.15 34.17
N VAL G 115 46.87 3.33 33.66
CA VAL G 115 46.79 1.87 33.79
C VAL G 115 48.05 1.38 34.48
N THR G 116 47.89 0.45 35.41
CA THR G 116 49.02 -0.13 36.13
C THR G 116 48.83 -1.64 36.19
N VAL G 117 49.81 -2.38 35.66
CA VAL G 117 49.79 -3.83 35.65
C VAL G 117 50.80 -4.33 36.67
N SER G 118 50.34 -5.20 37.58
CA SER G 118 51.22 -5.73 38.62
C SER G 118 50.52 -6.92 39.27
N SER G 119 51.34 -7.87 39.73
CA SER G 119 50.85 -8.99 40.53
C SER G 119 50.88 -8.69 42.02
N ALA G 120 51.28 -7.48 42.40
CA ALA G 120 51.42 -7.16 43.81
C ALA G 120 50.07 -7.10 44.50
N LYS G 121 50.00 -7.62 45.73
CA LYS G 121 48.82 -7.47 46.56
C LYS G 121 48.86 -6.13 47.27
N THR G 122 47.77 -5.81 47.95
CA THR G 122 47.67 -4.55 48.70
C THR G 122 48.56 -4.65 49.94
N THR G 123 49.74 -4.04 49.86
CA THR G 123 50.72 -4.09 50.94
C THR G 123 50.87 -2.71 51.58
N ALA G 124 50.92 -2.69 52.92
CA ALA G 124 51.08 -1.45 53.66
C ALA G 124 52.56 -1.06 53.73
N PRO G 125 52.85 0.24 53.76
CA PRO G 125 54.25 0.67 53.73
C PRO G 125 54.98 0.40 55.04
N SER G 126 56.30 0.46 54.96
CA SER G 126 57.18 0.38 56.13
C SER G 126 57.84 1.75 56.26
N VAL G 127 57.53 2.45 57.34
CA VAL G 127 57.97 3.83 57.55
C VAL G 127 59.16 3.82 58.50
N TYR G 128 60.29 4.35 58.04
CA TYR G 128 61.51 4.38 58.81
C TYR G 128 61.98 5.82 59.02
N PRO G 129 62.30 6.21 60.25
CA PRO G 129 62.84 7.56 60.47
C PRO G 129 64.28 7.66 60.00
N LEU G 130 64.68 8.87 59.62
CA LEU G 130 66.03 9.13 59.12
C LEU G 130 66.64 10.29 59.89
N ALA G 131 67.45 9.98 60.91
CA ALA G 131 68.18 10.95 61.69
C ALA G 131 69.64 11.01 61.23
N PRO G 132 70.27 12.19 61.32
CA PRO G 132 71.66 12.30 60.87
C PRO G 132 72.63 11.54 61.76
N VAL G 133 73.93 11.68 61.48
CA VAL G 133 74.96 10.99 62.22
C VAL G 133 75.61 11.96 63.19
N CYS G 134 76.22 11.42 64.24
CA CYS G 134 76.92 12.22 65.23
C CYS G 134 78.05 13.02 64.60
N THR G 138 76.16 19.72 63.32
CA THR G 138 77.51 20.29 63.35
C THR G 138 77.53 21.66 62.67
N GLY G 139 76.70 21.83 61.64
CA GLY G 139 76.56 23.09 60.96
C GLY G 139 75.39 23.91 61.48
N SER G 140 75.03 24.94 60.71
CA SER G 140 73.90 25.79 61.06
C SER G 140 72.57 25.22 60.57
N SER G 141 72.58 24.38 59.54
CA SER G 141 71.38 23.79 58.97
C SER G 141 71.40 22.28 59.17
N VAL G 142 70.25 21.73 59.56
CA VAL G 142 70.10 20.30 59.80
C VAL G 142 69.04 19.75 58.86
N THR G 143 69.22 18.50 58.44
CA THR G 143 68.31 17.85 57.51
C THR G 143 67.91 16.48 58.05
N LEU G 144 66.60 16.25 58.13
CA LEU G 144 66.03 14.98 58.55
C LEU G 144 65.39 14.28 57.35
N GLY G 145 64.80 13.12 57.59
CA GLY G 145 64.20 12.38 56.50
C GLY G 145 63.28 11.28 56.98
N CYS G 146 62.60 10.66 56.02
CA CYS G 146 61.64 9.61 56.27
C CYS G 146 61.59 8.70 55.04
N LEU G 147 61.59 7.39 55.27
CA LEU G 147 61.65 6.41 54.20
C LEU G 147 60.39 5.55 54.24
N VAL G 148 59.65 5.54 53.13
CA VAL G 148 58.39 4.82 53.01
C VAL G 148 58.62 3.72 51.98
N LYS G 149 58.81 2.48 52.44
CA LYS G 149 59.31 1.40 51.61
C LYS G 149 58.32 0.25 51.53
N GLY G 150 58.21 -0.33 50.33
CA GLY G 150 57.48 -1.56 50.11
C GLY G 150 55.97 -1.50 50.27
N TYR G 151 55.32 -0.58 49.56
CA TYR G 151 53.87 -0.46 49.62
C TYR G 151 53.26 -0.62 48.23
N PHE G 152 52.00 -1.04 48.20
CA PHE G 152 51.25 -1.19 46.95
C PHE G 152 49.77 -1.15 47.26
N PRO G 153 48.96 -0.46 46.46
CA PRO G 153 49.42 0.34 45.32
C PRO G 153 49.68 1.79 45.70
N GLU G 154 49.93 2.64 44.70
CA GLU G 154 50.02 4.06 44.93
C GLU G 154 48.63 4.64 45.19
N PRO G 155 48.55 5.84 45.77
CA PRO G 155 49.64 6.68 46.26
C PRO G 155 49.75 6.70 47.78
N VAL G 156 50.56 7.63 48.28
CA VAL G 156 50.68 7.90 49.70
C VAL G 156 50.76 9.40 49.90
N THR G 157 50.32 9.87 51.06
CA THR G 157 50.48 11.25 51.47
C THR G 157 51.47 11.31 52.62
N LEU G 158 52.40 12.26 52.54
CA LEU G 158 53.42 12.43 53.57
C LEU G 158 53.46 13.89 53.98
N THR G 159 53.42 14.13 55.29
CA THR G 159 53.54 15.47 55.85
C THR G 159 54.49 15.41 57.04
N TRP G 160 54.77 16.57 57.62
CA TRP G 160 55.61 16.68 58.80
C TRP G 160 54.87 17.48 59.85
N ASN G 161 54.80 16.94 61.07
CA ASN G 161 54.05 17.54 62.17
C ASN G 161 52.59 17.76 61.80
N SER G 162 52.05 16.87 60.97
CA SER G 162 50.65 16.93 60.50
C SER G 162 50.39 18.23 59.74
N GLY G 163 51.19 18.45 58.70
CA GLY G 163 51.06 19.62 57.85
C GLY G 163 51.62 20.91 58.43
N SER G 164 52.01 20.92 59.70
CA SER G 164 52.54 22.14 60.31
C SER G 164 53.82 22.58 59.62
N LEU G 165 54.84 21.72 59.62
CA LEU G 165 56.09 22.02 58.94
C LEU G 165 55.94 21.68 57.46
N SER G 166 55.82 22.70 56.62
CA SER G 166 55.60 22.52 55.19
C SER G 166 56.74 23.06 54.35
N SER G 167 57.28 24.23 54.69
CA SER G 167 58.34 24.83 53.91
C SER G 167 59.67 24.14 54.19
N GLY G 168 60.56 24.16 53.19
CA GLY G 168 61.84 23.50 53.31
C GLY G 168 61.78 21.99 53.22
N VAL G 169 60.87 21.45 52.41
CA VAL G 169 60.61 20.02 52.36
C VAL G 169 60.70 19.54 50.91
N HIS G 170 61.28 18.35 50.73
CA HIS G 170 61.37 17.71 49.42
C HIS G 170 60.84 16.28 49.54
N THR G 171 59.65 16.04 49.01
CA THR G 171 59.08 14.70 48.94
C THR G 171 59.23 14.18 47.50
N PHE G 172 59.96 13.09 47.36
CA PHE G 172 60.38 12.61 46.05
C PHE G 172 59.36 11.64 45.46
N PRO G 173 59.28 11.58 44.13
CA PRO G 173 58.34 10.66 43.49
C PRO G 173 58.64 9.21 43.82
N ALA G 174 57.58 8.42 43.99
CA ALA G 174 57.73 7.00 44.28
C ALA G 174 58.45 6.29 43.14
N VAL G 175 59.05 5.14 43.47
CA VAL G 175 59.77 4.32 42.51
C VAL G 175 59.40 2.87 42.74
N LEU G 176 59.29 2.10 41.66
CA LEU G 176 58.93 0.69 41.74
C LEU G 176 60.17 -0.14 42.08
N GLN G 177 60.12 -0.83 43.21
CA GLN G 177 61.21 -1.69 43.67
C GLN G 177 60.67 -3.11 43.77
N SER G 178 60.80 -3.87 42.69
CA SER G 178 60.35 -5.26 42.60
C SER G 178 58.89 -5.38 43.03
N ASP G 179 58.02 -4.86 42.15
CA ASP G 179 56.56 -4.91 42.26
C ASP G 179 56.00 -4.11 43.42
N LEU G 180 56.84 -3.53 44.27
CA LEU G 180 56.39 -2.67 45.36
C LEU G 180 57.02 -1.29 45.19
N TYR G 181 56.42 -0.30 45.83
CA TYR G 181 56.85 1.08 45.68
C TYR G 181 57.66 1.53 46.89
N THR G 182 58.60 2.45 46.64
CA THR G 182 59.40 3.08 47.67
C THR G 182 59.39 4.58 47.45
N LEU G 183 59.34 5.34 48.54
CA LEU G 183 59.28 6.78 48.49
C LEU G 183 60.05 7.33 49.68
N SER G 184 60.63 8.53 49.50
CA SER G 184 61.39 9.18 50.55
C SER G 184 61.05 10.66 50.58
N SER G 185 61.34 11.29 51.71
CA SER G 185 61.06 12.71 51.90
C SER G 185 62.05 13.28 52.91
N SER G 186 62.53 14.49 52.62
CA SER G 186 63.49 15.18 53.46
C SER G 186 62.88 16.49 53.97
N VAL G 187 63.50 17.04 55.01
CA VAL G 187 63.10 18.31 55.58
C VAL G 187 64.34 18.97 56.18
N THR G 188 64.43 20.30 56.04
CA THR G 188 65.61 21.04 56.46
C THR G 188 65.19 22.26 57.28
N VAL G 189 65.77 22.39 58.47
CA VAL G 189 65.51 23.52 59.36
C VAL G 189 66.84 23.99 59.96
N THR G 190 66.76 24.86 60.96
CA THR G 190 67.95 25.31 61.68
C THR G 190 68.28 24.35 62.81
N SER G 191 69.53 24.44 63.29
CA SER G 191 69.98 23.55 64.34
C SER G 191 69.26 23.80 65.66
N SER G 192 68.87 25.03 65.93
CA SER G 192 68.16 25.35 67.16
C SER G 192 66.76 24.75 67.20
N THR G 193 66.23 24.27 66.07
CA THR G 193 64.89 23.72 66.04
C THR G 193 64.88 22.26 66.50
N TRP G 194 65.91 21.50 66.15
CA TRP G 194 65.94 20.06 66.38
C TRP G 194 67.24 19.66 67.07
N PRO G 195 67.19 18.72 68.02
CA PRO G 195 66.01 17.99 68.53
C PRO G 195 65.15 18.81 69.49
N SER G 196 65.36 20.12 69.53
CA SER G 196 64.61 20.99 70.43
C SER G 196 63.11 20.82 70.24
N GLN G 197 62.65 20.70 69.01
CA GLN G 197 61.23 20.58 68.70
C GLN G 197 60.94 19.24 68.04
N SER G 198 59.84 18.62 68.45
CA SER G 198 59.48 17.29 67.99
C SER G 198 59.05 17.35 66.52
N ILE G 199 59.79 16.64 65.67
CA ILE G 199 59.47 16.52 64.25
C ILE G 199 58.98 15.11 63.97
N THR G 200 57.80 15.00 63.38
CA THR G 200 57.14 13.71 63.15
C THR G 200 56.83 13.54 61.68
N CYS G 201 57.00 12.31 61.18
CA CYS G 201 56.73 11.95 59.80
C CYS G 201 55.38 11.23 59.73
N ASN G 202 54.39 11.88 59.13
CA ASN G 202 53.04 11.34 59.03
C ASN G 202 52.81 10.78 57.65
N VAL G 203 52.59 9.46 57.56
CA VAL G 203 52.41 8.77 56.29
C VAL G 203 51.06 8.06 56.31
N ALA G 204 50.26 8.29 55.27
CA ALA G 204 48.95 7.68 55.13
C ALA G 204 48.91 6.88 53.83
N HIS G 205 48.38 5.66 53.90
CA HIS G 205 48.21 4.80 52.73
C HIS G 205 46.76 4.36 52.69
N PRO G 206 45.89 5.15 52.06
CA PRO G 206 44.44 4.85 52.09
C PRO G 206 44.07 3.50 51.51
N ALA G 207 44.90 2.91 50.65
CA ALA G 207 44.57 1.62 50.05
C ALA G 207 44.40 0.55 51.13
N SER G 208 45.43 0.34 51.94
CA SER G 208 45.34 -0.56 53.08
C SER G 208 44.81 0.14 54.33
N SER G 209 44.44 1.42 54.23
CA SER G 209 43.86 2.18 55.33
C SER G 209 44.76 2.17 56.56
N THR G 210 45.95 2.76 56.39
CA THR G 210 46.93 2.85 57.45
C THR G 210 47.49 4.27 57.51
N LYS G 211 47.63 4.79 58.74
CA LYS G 211 48.21 6.11 58.98
C LYS G 211 49.21 5.97 60.14
N VAL G 212 50.47 5.72 59.79
CA VAL G 212 51.55 5.55 60.77
C VAL G 212 52.30 6.86 60.88
N ASP G 213 52.80 7.15 62.09
CA ASP G 213 53.58 8.35 62.36
C ASP G 213 54.82 7.98 63.15
N LYS G 214 55.99 8.27 62.59
CA LYS G 214 57.27 7.99 63.21
C LYS G 214 57.94 9.30 63.60
N LYS G 215 58.26 9.44 64.88
CA LYS G 215 58.99 10.62 65.36
C LYS G 215 60.48 10.41 65.14
N ILE G 216 61.12 11.41 64.52
CA ILE G 216 62.56 11.33 64.26
C ILE G 216 63.32 11.52 65.57
N GLU G 217 64.10 10.51 65.95
CA GLU G 217 64.91 10.58 67.16
C GLU G 217 66.39 10.59 66.80
N PRO G 218 67.19 11.44 67.46
CA PRO G 218 68.63 11.48 67.15
C PRO G 218 69.35 10.20 67.55
N ARG G 219 70.65 10.13 67.25
CA ARG G 219 71.43 8.95 67.56
C ARG G 219 72.40 9.23 68.71
N ASP H 1 58.23 3.21 9.13
CA ASP H 1 57.52 4.36 9.69
C ASP H 1 58.37 5.61 9.62
N ILE H 2 57.74 6.77 9.75
CA ILE H 2 58.43 8.06 9.66
C ILE H 2 58.98 8.41 11.04
N LEU H 3 60.30 8.57 11.12
CA LEU H 3 60.95 8.95 12.36
C LEU H 3 60.88 10.46 12.54
N MET H 4 60.53 10.91 13.74
CA MET H 4 60.44 12.33 14.08
C MET H 4 61.51 12.65 15.11
N THR H 5 62.55 13.37 14.69
CA THR H 5 63.68 13.71 15.55
C THR H 5 63.50 15.15 16.02
N GLN H 6 63.20 15.31 17.30
CA GLN H 6 62.87 16.60 17.89
C GLN H 6 64.04 17.08 18.76
N SER H 7 64.51 18.29 18.51
CA SER H 7 65.62 18.88 19.22
C SER H 7 65.29 20.31 19.63
N PRO H 8 65.82 20.78 20.77
CA PRO H 8 66.65 20.02 21.70
C PRO H 8 65.80 19.21 22.67
N SER H 9 66.41 18.28 23.41
CA SER H 9 65.66 17.53 24.41
C SER H 9 65.18 18.44 25.53
N SER H 10 65.93 19.51 25.83
CA SER H 10 65.55 20.47 26.83
C SER H 10 66.33 21.75 26.59
N MET H 11 65.82 22.86 27.15
CA MET H 11 66.50 24.14 27.07
C MET H 11 66.23 24.91 28.36
N SER H 12 67.25 25.64 28.81
CA SER H 12 67.17 26.49 29.99
C SER H 12 67.08 27.93 29.52
N VAL H 13 65.91 28.54 29.69
CA VAL H 13 65.62 29.88 29.18
C VAL H 13 64.87 30.66 30.25
N SER H 14 64.54 31.92 29.93
CA SER H 14 63.93 32.84 30.87
C SER H 14 62.70 33.49 30.26
N LEU H 15 61.92 34.15 31.13
CA LEU H 15 60.74 34.87 30.69
C LEU H 15 61.12 35.98 29.72
N GLY H 16 60.28 36.17 28.70
CA GLY H 16 60.52 37.16 27.68
C GLY H 16 61.42 36.71 26.55
N ASP H 17 62.05 35.55 26.66
CA ASP H 17 62.91 35.04 25.60
C ASP H 17 62.09 34.64 24.38
N THR H 18 62.75 34.65 23.23
CA THR H 18 62.23 34.06 22.01
C THR H 18 63.00 32.77 21.76
N VAL H 19 62.29 31.66 21.67
CA VAL H 19 62.91 30.34 21.55
C VAL H 19 62.23 29.57 20.43
N SER H 20 62.98 28.63 19.84
CA SER H 20 62.49 27.84 18.72
C SER H 20 62.80 26.37 18.96
N ILE H 21 61.78 25.53 18.85
CA ILE H 21 61.92 24.08 18.86
C ILE H 21 61.89 23.59 17.42
N THR H 22 62.70 22.59 17.10
CA THR H 22 62.77 22.07 15.75
C THR H 22 62.38 20.60 15.73
N CYS H 23 61.92 20.15 14.56
CA CYS H 23 61.47 18.77 14.36
C CYS H 23 61.87 18.36 12.95
N HIS H 24 62.69 17.32 12.84
CA HIS H 24 63.17 16.81 11.56
C HIS H 24 62.57 15.43 11.31
N ALA H 25 61.97 15.25 10.14
CA ALA H 25 61.36 13.98 9.76
C ALA H 25 62.26 13.23 8.78
N SER H 26 62.17 11.90 8.81
CA SER H 26 62.99 11.05 7.96
C SER H 26 62.65 11.19 6.49
N GLN H 27 61.52 11.83 6.16
CA GLN H 27 61.15 12.12 4.77
C GLN H 27 60.21 13.31 4.78
N GLY H 28 59.95 13.86 3.60
CA GLY H 28 59.06 15.00 3.51
C GLY H 28 57.65 14.66 3.95
N ILE H 29 57.01 15.59 4.64
CA ILE H 29 55.67 15.37 5.16
C ILE H 29 54.74 16.51 4.77
N SER H 30 55.25 17.44 3.95
CA SER H 30 54.47 18.52 3.34
C SER H 30 53.51 19.18 4.34
N SER H 31 54.10 19.68 5.43
CA SER H 31 53.42 20.46 6.46
C SER H 31 52.35 19.68 7.22
N ASN H 32 52.27 18.36 7.03
CA ASN H 32 51.32 17.54 7.78
C ASN H 32 51.92 17.23 9.16
N ILE H 33 52.00 18.27 9.99
CA ILE H 33 52.63 18.18 11.29
C ILE H 33 51.83 19.01 12.28
N GLY H 34 51.69 18.50 13.50
CA GLY H 34 51.07 19.24 14.57
C GLY H 34 52.02 19.44 15.74
N TRP H 35 51.76 20.46 16.55
CA TRP H 35 52.57 20.74 17.74
C TRP H 35 51.68 20.68 18.98
N LEU H 36 52.22 20.12 20.05
CA LEU H 36 51.45 19.83 21.25
C LEU H 36 52.14 20.40 22.48
N GLN H 37 51.35 20.69 23.50
CA GLN H 37 51.84 21.18 24.79
C GLN H 37 51.27 20.33 25.90
N GLN H 38 52.13 19.93 26.84
CA GLN H 38 51.71 19.19 28.04
C GLN H 38 52.26 19.92 29.25
N LYS H 39 51.39 20.59 30.00
CA LYS H 39 51.85 21.26 31.20
C LYS H 39 52.11 20.25 32.31
N PRO H 40 53.06 20.54 33.22
CA PRO H 40 53.47 19.55 34.23
C PRO H 40 52.32 18.88 34.96
N GLY H 41 52.29 17.55 34.91
CA GLY H 41 51.26 16.79 35.60
C GLY H 41 49.87 16.97 35.05
N LYS H 42 49.73 17.25 33.75
CA LYS H 42 48.43 17.49 33.14
C LYS H 42 48.38 16.84 31.77
N SER H 43 47.24 17.01 31.10
CA SER H 43 47.02 16.39 29.81
C SER H 43 47.60 17.28 28.71
N PHE H 44 47.20 17.04 27.46
CA PHE H 44 47.77 17.73 26.31
C PHE H 44 46.81 18.80 25.78
N MET H 45 47.40 19.82 25.15
CA MET H 45 46.65 20.83 24.42
C MET H 45 47.31 21.01 23.06
N GLY H 46 46.50 21.01 22.00
CA GLY H 46 47.01 21.27 20.68
C GLY H 46 47.36 22.75 20.51
N LEU H 47 48.50 23.00 19.86
CA LEU H 47 48.96 24.35 19.56
C LEU H 47 48.85 24.68 18.08
N ILE H 48 49.41 23.83 17.22
CA ILE H 48 49.51 24.07 15.79
C ILE H 48 49.01 22.83 15.06
N TYR H 49 48.32 23.04 13.94
CA TYR H 49 47.99 21.98 13.01
C TYR H 49 48.33 22.43 11.59
N TYR H 50 48.60 21.45 10.74
CA TYR H 50 49.03 21.69 9.35
C TYR H 50 50.20 22.66 9.29
N GLY H 51 51.18 22.47 10.17
CA GLY H 51 52.40 23.25 10.13
C GLY H 51 52.37 24.67 10.67
N THR H 52 51.33 25.44 10.33
CA THR H 52 51.31 26.87 10.65
C THR H 52 50.01 27.36 11.26
N ASN H 53 48.98 26.53 11.36
CA ASN H 53 47.65 26.99 11.76
C ASN H 53 47.48 26.84 13.27
N LEU H 54 47.23 27.96 13.95
CA LEU H 54 46.97 27.94 15.38
C LEU H 54 45.65 27.26 15.70
N VAL H 55 45.67 26.38 16.70
CA VAL H 55 44.43 25.85 17.24
C VAL H 55 43.67 26.98 17.93
N ASP H 56 42.34 26.92 17.87
CA ASP H 56 41.50 27.95 18.47
C ASP H 56 41.82 28.11 19.95
N GLY H 57 42.03 29.36 20.38
CA GLY H 57 42.32 29.68 21.76
C GLY H 57 43.80 29.87 22.06
N VAL H 58 44.68 29.33 21.23
CA VAL H 58 46.13 29.42 21.48
C VAL H 58 46.58 30.87 21.29
N PRO H 59 47.43 31.39 22.18
CA PRO H 59 47.92 32.76 22.00
C PRO H 59 48.78 32.91 20.75
N SER H 60 48.84 34.14 20.23
CA SER H 60 49.54 34.42 18.99
C SER H 60 51.05 34.44 19.13
N ARG H 61 51.58 34.47 20.36
CA ARG H 61 53.02 34.38 20.53
C ARG H 61 53.56 33.04 20.05
N PHE H 62 52.70 32.02 19.93
CA PHE H 62 53.07 30.77 19.30
C PHE H 62 52.96 30.89 17.79
N SER H 63 53.86 30.22 17.07
CA SER H 63 53.79 30.18 15.62
C SER H 63 54.55 28.95 15.13
N GLY H 64 54.09 28.42 14.01
CA GLY H 64 54.74 27.27 13.38
C GLY H 64 55.25 27.64 11.99
N SER H 65 56.32 26.98 11.59
CA SER H 65 56.91 27.22 10.28
C SER H 65 57.69 25.98 9.85
N GLY H 66 58.17 26.02 8.62
CA GLY H 66 58.94 24.94 8.04
C GLY H 66 58.29 24.39 6.79
N SER H 67 58.98 23.42 6.19
CA SER H 67 58.50 22.77 4.97
C SER H 67 59.31 21.50 4.77
N GLY H 68 58.87 20.70 3.81
CA GLY H 68 59.54 19.46 3.48
C GLY H 68 59.63 18.52 4.66
N ALA H 69 60.82 18.44 5.27
CA ALA H 69 61.05 17.55 6.40
C ALA H 69 61.59 18.28 7.62
N ASP H 70 61.58 19.61 7.63
CA ASP H 70 62.17 20.38 8.71
C ASP H 70 61.22 21.50 9.11
N TYR H 71 60.82 21.50 10.38
CA TYR H 71 59.79 22.39 10.88
C TYR H 71 60.23 22.99 12.21
N SER H 72 59.51 24.03 12.64
CA SER H 72 59.90 24.76 13.84
C SER H 72 58.66 25.26 14.57
N LEU H 73 58.74 25.27 15.90
CA LEU H 73 57.77 25.93 16.77
C LEU H 73 58.46 27.05 17.49
N THR H 74 57.92 28.25 17.39
CA THR H 74 58.55 29.44 17.97
C THR H 74 57.60 30.09 18.97
N ILE H 75 58.16 30.51 20.11
CA ILE H 75 57.42 31.22 21.14
C ILE H 75 58.10 32.57 21.34
N SER H 76 57.42 33.64 20.95
CA SER H 76 57.93 34.99 21.13
C SER H 76 57.49 35.51 22.49
N SER H 77 58.45 35.90 23.32
CA SER H 77 58.22 36.39 24.67
C SER H 77 57.57 35.33 25.55
N LEU H 78 58.39 34.48 26.16
CA LEU H 78 57.89 33.38 26.98
C LEU H 78 57.10 33.90 28.17
N ASP H 79 55.99 33.22 28.45
CA ASP H 79 55.18 33.45 29.64
C ASP H 79 55.46 32.34 30.66
N SER H 80 55.11 32.62 31.91
CA SER H 80 55.33 31.64 32.98
C SER H 80 54.62 30.33 32.68
N GLU H 81 53.47 30.37 32.02
CA GLU H 81 52.74 29.15 31.69
C GLU H 81 53.39 28.35 30.58
N ASP H 82 54.33 28.94 29.84
CA ASP H 82 54.92 28.28 28.68
C ASP H 82 55.99 27.28 29.05
N PHE H 83 56.45 27.24 30.30
CA PHE H 83 57.44 26.27 30.72
C PHE H 83 56.76 24.92 30.88
N ALA H 84 56.90 24.07 29.89
CA ALA H 84 56.22 22.77 29.86
C ALA H 84 56.91 21.88 28.83
N ASP H 85 56.28 20.77 28.51
CA ASP H 85 56.77 19.84 27.50
C ASP H 85 56.07 20.11 26.18
N TYR H 86 56.82 19.98 25.08
CA TYR H 86 56.28 20.17 23.74
C TYR H 86 56.67 18.99 22.87
N TYR H 87 55.72 18.53 22.06
CA TYR H 87 55.93 17.40 21.15
C TYR H 87 55.42 17.76 19.76
N CYS H 88 56.13 17.32 18.74
CA CYS H 88 55.63 17.34 17.38
C CYS H 88 55.03 15.97 17.03
N VAL H 89 54.16 15.96 16.04
CA VAL H 89 53.54 14.73 15.54
C VAL H 89 53.29 14.90 14.05
N GLN H 90 53.65 13.89 13.27
CA GLN H 90 53.38 13.90 11.83
C GLN H 90 52.15 13.06 11.56
N TYR H 91 51.32 13.53 10.61
CA TYR H 91 50.19 12.73 10.16
C TYR H 91 50.16 12.66 8.63
N ALA H 92 51.32 12.76 8.00
CA ALA H 92 51.42 12.49 6.58
C ALA H 92 51.17 11.02 6.27
N GLN H 93 51.54 10.12 7.17
CA GLN H 93 51.43 8.68 6.92
C GLN H 93 50.96 7.95 8.17
N LEU H 94 50.21 6.89 7.95
CA LEU H 94 49.96 6.00 9.08
C LEU H 94 51.08 4.97 9.18
N PRO H 95 51.53 4.61 10.39
CA PRO H 95 51.02 5.11 11.67
C PRO H 95 51.51 6.52 11.98
N TYR H 96 50.67 7.32 12.65
CA TYR H 96 51.13 8.59 13.16
C TYR H 96 52.30 8.35 14.12
N THR H 97 53.29 9.24 14.09
CA THR H 97 54.47 9.11 14.93
C THR H 97 54.79 10.46 15.56
N PHE H 98 55.41 10.40 16.74
CA PHE H 98 55.67 11.59 17.54
C PHE H 98 57.17 11.86 17.67
N GLY H 99 57.51 13.12 17.87
CA GLY H 99 58.85 13.46 18.31
C GLY H 99 59.07 13.11 19.77
N GLY H 100 60.35 13.11 20.17
CA GLY H 100 60.70 12.68 21.51
C GLY H 100 60.39 13.69 22.60
N GLY H 101 60.11 14.93 22.23
CA GLY H 101 59.68 15.93 23.19
C GLY H 101 60.78 16.91 23.56
N THR H 102 60.35 18.09 24.01
CA THR H 102 61.25 19.16 24.43
C THR H 102 60.69 19.77 25.70
N LYS H 103 61.53 19.89 26.72
CA LYS H 103 61.14 20.46 28.01
C LYS H 103 61.77 21.83 28.17
N LEU H 104 60.93 22.85 28.34
CA LEU H 104 61.40 24.20 28.63
C LEU H 104 61.53 24.38 30.14
N GLU H 105 62.73 24.65 30.60
CA GLU H 105 63.02 24.80 32.02
C GLU H 105 63.47 26.22 32.32
N ILE H 106 63.34 26.62 33.58
CA ILE H 106 63.68 27.96 34.02
C ILE H 106 65.18 28.05 34.26
N LYS H 107 65.80 29.09 33.71
CA LYS H 107 67.24 29.30 33.86
C LYS H 107 67.55 30.11 35.11
N ARG H 108 68.67 29.80 35.74
CA ARG H 108 69.08 30.49 36.95
C ARG H 108 70.58 30.29 37.17
N ALA H 109 71.08 30.87 38.25
CA ALA H 109 72.50 30.78 38.58
C ALA H 109 72.83 29.40 39.14
N ASP H 110 74.02 28.92 38.82
CA ASP H 110 74.44 27.59 39.26
C ASP H 110 74.48 27.52 40.79
N ALA H 111 74.11 26.36 41.33
CA ALA H 111 74.04 26.16 42.76
C ALA H 111 74.52 24.76 43.11
N ALA H 112 75.41 24.66 44.09
CA ALA H 112 75.91 23.37 44.53
C ALA H 112 74.87 22.69 45.42
N PRO H 113 74.82 21.36 45.42
CA PRO H 113 73.83 20.65 46.22
C PRO H 113 74.24 20.49 47.68
N THR H 114 73.23 20.37 48.53
CA THR H 114 73.42 20.08 49.95
C THR H 114 73.25 18.59 50.15
N VAL H 115 74.35 17.89 50.41
CA VAL H 115 74.35 16.43 50.50
C VAL H 115 74.18 16.02 51.95
N SER H 116 73.39 14.98 52.17
CA SER H 116 73.14 14.46 53.51
C SER H 116 72.97 12.94 53.42
N ILE H 117 73.76 12.22 54.21
CA ILE H 117 73.71 10.75 54.22
C ILE H 117 73.07 10.31 55.52
N PHE H 118 72.31 9.21 55.44
CA PHE H 118 71.52 8.71 56.55
C PHE H 118 71.71 7.20 56.68
N PRO H 119 72.26 6.71 57.79
CA PRO H 119 72.42 5.27 57.98
C PRO H 119 71.07 4.60 58.17
N PRO H 120 71.02 3.27 58.09
CA PRO H 120 69.75 2.56 58.29
C PRO H 120 69.20 2.80 59.69
N SER H 121 67.87 2.95 59.78
CA SER H 121 67.23 3.12 61.06
C SER H 121 67.30 1.83 61.87
N SER H 122 67.08 1.97 63.18
CA SER H 122 67.01 0.79 64.04
C SER H 122 65.85 -0.12 63.62
N GLU H 123 64.71 0.47 63.26
CA GLU H 123 63.53 -0.31 62.92
C GLU H 123 63.80 -1.23 61.72
N GLN H 124 64.38 -0.67 60.65
CA GLN H 124 64.60 -1.46 59.45
C GLN H 124 65.62 -2.57 59.69
N LEU H 125 66.64 -2.28 60.50
CA LEU H 125 67.67 -3.30 60.75
C LEU H 125 67.09 -4.49 61.50
N THR H 126 66.16 -4.26 62.42
CA THR H 126 65.54 -5.37 63.15
C THR H 126 64.54 -6.15 62.33
N SER H 127 64.26 -5.72 61.10
CA SER H 127 63.41 -6.48 60.18
C SER H 127 64.22 -7.25 59.15
N GLY H 128 65.54 -7.02 59.05
CA GLY H 128 66.40 -7.77 58.16
C GLY H 128 66.91 -7.01 56.95
N GLY H 129 66.58 -5.73 56.81
CA GLY H 129 67.05 -4.93 55.70
C GLY H 129 67.93 -3.78 56.16
N ALA H 130 68.58 -3.13 55.20
CA ALA H 130 69.52 -2.06 55.52
C ALA H 130 69.60 -1.12 54.32
N SER H 131 68.97 0.05 54.46
CA SER H 131 68.92 1.06 53.40
C SER H 131 69.69 2.29 53.84
N VAL H 132 70.72 2.66 53.07
CA VAL H 132 71.43 3.92 53.25
C VAL H 132 70.85 4.95 52.29
N VAL H 133 70.43 6.09 52.81
CA VAL H 133 69.79 7.13 52.02
C VAL H 133 70.71 8.33 51.91
N CYS H 134 70.73 8.94 50.74
CA CYS H 134 71.56 10.11 50.43
C CYS H 134 70.69 11.13 49.73
N PHE H 135 70.56 12.33 50.32
CA PHE H 135 69.79 13.41 49.72
C PHE H 135 70.74 14.44 49.11
N LEU H 136 70.38 14.93 47.93
CA LEU H 136 71.16 15.94 47.21
C LEU H 136 70.18 17.04 46.80
N ASN H 137 70.13 18.12 47.57
CA ASN H 137 69.03 19.09 47.50
C ASN H 137 69.47 20.43 46.94
N ASN H 138 68.59 21.03 46.13
CA ASN H 138 68.64 22.44 45.75
C ASN H 138 69.90 22.79 44.96
N PHE H 139 70.03 22.19 43.78
CA PHE H 139 71.17 22.44 42.90
C PHE H 139 70.67 22.85 41.53
N TYR H 140 71.55 23.53 40.79
CA TYR H 140 71.32 23.90 39.41
C TYR H 140 72.68 23.91 38.72
N PRO H 141 72.79 23.36 37.50
CA PRO H 141 71.73 22.76 36.69
C PRO H 141 71.35 21.34 37.10
N LYS H 142 70.47 20.73 36.29
CA LYS H 142 69.89 19.43 36.64
C LYS H 142 70.87 18.28 36.50
N ASP H 143 71.91 18.44 35.69
CA ASP H 143 72.84 17.35 35.43
C ASP H 143 73.68 17.07 36.68
N ILE H 144 73.62 15.82 37.16
CA ILE H 144 74.34 15.44 38.37
C ILE H 144 74.53 13.94 38.35
N ASN H 145 75.64 13.48 38.97
CA ASN H 145 75.96 12.06 39.07
C ASN H 145 76.17 11.70 40.53
N VAL H 146 75.54 10.63 40.97
CA VAL H 146 75.73 10.09 42.32
C VAL H 146 76.50 8.78 42.20
N LYS H 147 77.46 8.59 43.11
CA LYS H 147 78.27 7.38 43.15
C LYS H 147 78.30 6.86 44.57
N TRP H 148 77.90 5.59 44.73
CA TRP H 148 77.98 4.94 46.03
C TRP H 148 79.29 4.19 46.18
N LYS H 149 79.90 4.31 47.35
CA LYS H 149 81.13 3.59 47.67
C LYS H 149 80.96 2.85 48.99
N ILE H 150 81.37 1.59 49.00
CA ILE H 150 81.39 0.77 50.20
C ILE H 150 82.84 0.41 50.48
N ASP H 151 83.37 0.88 51.61
CA ASP H 151 84.78 0.70 51.95
C ASP H 151 85.69 1.20 50.83
N GLY H 152 85.34 2.36 50.27
CA GLY H 152 86.11 2.99 49.23
C GLY H 152 85.88 2.46 47.83
N SER H 153 85.08 1.42 47.67
CA SER H 153 84.88 0.77 46.39
C SER H 153 83.48 1.05 45.85
N GLU H 154 83.40 1.35 44.56
CA GLU H 154 82.13 1.70 43.95
C GLU H 154 81.15 0.53 43.99
N ARG H 155 79.87 0.86 44.14
CA ARG H 155 78.80 -0.11 44.21
C ARG H 155 77.67 0.33 43.30
N GLN H 156 77.25 -0.55 42.40
CA GLN H 156 76.21 -0.23 41.43
C GLN H 156 74.93 -1.03 41.57
N ASN H 157 74.99 -2.19 42.24
CA ASN H 157 73.82 -3.05 42.38
C ASN H 157 73.02 -2.65 43.61
N GLY H 158 71.71 -2.48 43.44
CA GLY H 158 70.84 -2.15 44.55
C GLY H 158 70.60 -0.68 44.79
N VAL H 159 70.91 0.19 43.83
CA VAL H 159 70.75 1.63 43.97
C VAL H 159 69.44 2.06 43.32
N LEU H 160 68.72 2.95 43.99
CA LEU H 160 67.40 3.40 43.56
C LEU H 160 67.35 4.91 43.66
N ASN H 161 67.09 5.58 42.55
CA ASN H 161 67.18 7.03 42.46
C ASN H 161 65.84 7.66 42.12
N SER H 162 65.62 8.87 42.64
CA SER H 162 64.42 9.63 42.37
C SER H 162 64.77 11.11 42.29
N TRP H 163 64.14 11.81 41.35
CA TRP H 163 64.38 13.23 41.12
C TRP H 163 63.07 13.99 41.20
N THR H 164 63.16 15.26 41.59
CA THR H 164 62.01 16.14 41.59
C THR H 164 62.02 17.03 40.37
N ASP H 165 60.84 17.53 40.00
CA ASP H 165 60.73 18.56 38.98
C ASP H 165 61.38 19.85 39.48
N GLN H 166 61.59 20.78 38.56
CA GLN H 166 62.14 22.08 38.94
C GLN H 166 61.24 22.73 39.99
N ASP H 167 61.85 23.10 41.11
CA ASP H 167 61.07 23.60 42.24
C ASP H 167 60.47 24.96 41.93
N SER H 168 59.21 25.15 42.36
CA SER H 168 58.47 26.35 41.99
C SER H 168 59.05 27.61 42.64
N LYS H 169 59.74 27.46 43.77
CA LYS H 169 60.19 28.63 44.51
C LYS H 169 61.53 29.16 43.97
N ASP H 170 62.58 28.34 44.05
CA ASP H 170 63.92 28.77 43.67
C ASP H 170 64.38 28.21 42.33
N SER H 171 63.57 27.39 41.67
CA SER H 171 63.88 26.83 40.35
C SER H 171 65.10 25.92 40.38
N THR H 172 65.35 25.26 41.51
CA THR H 172 66.42 24.28 41.63
C THR H 172 65.86 22.87 41.54
N TYR H 173 66.77 21.91 41.51
CA TYR H 173 66.43 20.49 41.43
C TYR H 173 66.97 19.78 42.66
N SER H 174 66.39 18.62 42.95
CA SER H 174 66.82 17.81 44.08
C SER H 174 66.72 16.33 43.72
N MET H 175 67.52 15.51 44.40
CA MET H 175 67.66 14.10 44.07
C MET H 175 67.72 13.28 45.35
N SER H 176 67.23 12.04 45.27
CA SER H 176 67.26 11.10 46.38
C SER H 176 67.85 9.79 45.88
N SER H 177 68.93 9.34 46.51
CA SER H 177 69.56 8.07 46.18
C SER H 177 69.47 7.14 47.39
N THR H 178 69.08 5.89 47.13
CA THR H 178 68.93 4.90 48.20
C THR H 178 69.63 3.61 47.82
N LEU H 179 70.53 3.15 48.68
CA LEU H 179 71.25 1.88 48.52
C LEU H 179 70.69 0.89 49.53
N THR H 180 70.04 -0.16 49.04
CA THR H 180 69.42 -1.16 49.88
C THR H 180 70.25 -2.44 49.87
N LEU H 181 70.61 -2.91 51.07
CA LEU H 181 71.33 -4.15 51.25
C LEU H 181 70.57 -5.02 52.25
N THR H 182 70.99 -6.28 52.35
CA THR H 182 70.52 -7.09 53.46
C THR H 182 71.25 -6.69 54.74
N LYS H 183 70.66 -7.03 55.88
CA LYS H 183 71.32 -6.77 57.16
C LYS H 183 72.65 -7.50 57.24
N ASP H 184 72.68 -8.75 56.79
CA ASP H 184 73.91 -9.54 56.84
C ASP H 184 75.01 -8.89 55.99
N GLU H 185 74.66 -8.43 54.79
CA GLU H 185 75.67 -7.83 53.92
C GLU H 185 76.10 -6.45 54.40
N TYR H 186 75.17 -5.71 55.01
CA TYR H 186 75.49 -4.36 55.48
C TYR H 186 76.55 -4.39 56.58
N GLU H 187 76.64 -5.48 57.33
CA GLU H 187 77.58 -5.60 58.43
C GLU H 187 78.93 -6.20 58.02
N ARG H 188 79.07 -6.64 56.77
CA ARG H 188 80.37 -7.10 56.30
C ARG H 188 81.33 -5.95 56.02
N HIS H 189 80.88 -4.71 56.11
CA HIS H 189 81.68 -3.54 55.75
C HIS H 189 81.54 -2.48 56.82
N ASN H 190 82.38 -1.44 56.72
CA ASN H 190 82.39 -0.39 57.72
C ASN H 190 82.04 0.98 57.15
N SER H 191 82.67 1.39 56.06
CA SER H 191 82.53 2.73 55.53
C SER H 191 81.47 2.77 54.42
N TYR H 192 80.59 3.77 54.47
CA TYR H 192 79.54 3.95 53.48
C TYR H 192 79.53 5.42 53.03
N THR H 193 79.57 5.63 51.72
CA THR H 193 79.81 6.94 51.13
C THR H 193 78.97 7.15 49.88
N CYS H 194 78.41 8.35 49.72
CA CYS H 194 77.85 8.79 48.46
C CYS H 194 78.63 10.00 47.97
N GLU H 195 79.02 9.97 46.69
CA GLU H 195 79.78 11.04 46.06
C GLU H 195 78.90 11.76 45.05
N ALA H 196 78.96 13.09 45.05
CA ALA H 196 78.17 13.93 44.16
C ALA H 196 79.08 14.69 43.22
N THR H 197 78.82 14.58 41.91
CA THR H 197 79.61 15.24 40.89
C THR H 197 78.72 16.24 40.15
N HIS H 198 79.05 17.52 40.28
CA HIS H 198 78.28 18.61 39.69
C HIS H 198 79.25 19.57 39.02
N LYS H 199 78.74 20.34 38.07
CA LYS H 199 79.60 21.30 37.37
C LYS H 199 80.04 22.45 38.27
N THR H 200 79.43 22.59 39.45
CA THR H 200 79.77 23.66 40.38
C THR H 200 81.05 23.41 41.16
N SER H 201 81.71 22.26 40.95
CA SER H 201 82.95 21.96 41.66
C SER H 201 83.67 20.84 40.93
N THR H 202 84.98 21.02 40.70
CA THR H 202 85.77 19.97 40.08
C THR H 202 85.93 18.77 41.02
N SER H 203 86.04 19.03 42.33
CA SER H 203 86.12 17.96 43.31
C SER H 203 84.71 17.47 43.65
N PRO H 204 84.51 16.15 43.74
CA PRO H 204 83.19 15.64 44.10
C PRO H 204 82.87 15.93 45.55
N ILE H 205 81.62 16.30 45.80
CA ILE H 205 81.16 16.52 47.17
C ILE H 205 80.91 15.17 47.81
N VAL H 206 81.60 14.92 48.92
CA VAL H 206 81.65 13.59 49.55
C VAL H 206 81.04 13.68 50.93
N LYS H 207 80.11 12.78 51.24
CA LYS H 207 79.57 12.60 52.57
C LYS H 207 79.53 11.12 52.90
N SER H 208 79.84 10.77 54.14
CA SER H 208 79.98 9.38 54.51
C SER H 208 79.85 9.22 56.02
N PHE H 209 79.77 7.96 56.44
CA PHE H 209 79.73 7.60 57.85
C PHE H 209 80.36 6.22 57.98
N ASN H 210 80.65 5.83 59.22
CA ASN H 210 81.19 4.52 59.52
C ASN H 210 80.24 3.76 60.44
N ARG H 211 79.94 2.52 60.09
CA ARG H 211 79.08 1.68 60.90
C ARG H 211 79.68 1.51 62.29
N ASN H 212 78.80 1.28 63.28
CA ASN H 212 79.15 1.16 64.69
C ASN H 212 79.61 2.49 65.27
N GLU H 213 80.44 3.23 64.53
CA GLU H 213 81.03 4.47 65.01
C GLU H 213 80.03 5.62 64.93
N CYS H 214 79.91 6.37 66.01
CA CYS H 214 79.11 7.60 66.04
C CYS H 214 79.53 8.46 67.23
#